data_7NOT
#
_entry.id   7NOT
#
_cell.length_a   83.400
_cell.length_b   132.000
_cell.length_c   124.550
_cell.angle_alpha   90.000
_cell.angle_beta   97.060
_cell.angle_gamma   90.000
#
_symmetry.space_group_name_H-M   'P 1 21 1'
#
loop_
_entity.id
_entity.type
_entity.pdbx_description
1 polymer 'N-acetyl-gamma-glutamyl-phosphate reductase'
2 non-polymer '(5-methoxy-1H-indol-3-yl)acetic acid'
3 non-polymer 'NADP NICOTINAMIDE-ADENINE-DINUCLEOTIDE PHOSPHATE'
4 water water
#
_entity_poly.entity_id   1
_entity_poly.type   'polypeptide(L)'
_entity_poly.pdbx_seq_one_letter_code
;ATKVAVAGASGYAGGEILRLLLGHPAYADGRLRIGALTAATSAGSTLGEHHPHLTPLAHRVVEPTEAAVLGGHDAVFLAL
PHGHSAVLAQQLSPETLIIDCGADFRLTDAAVWERFYGSSHAGSWPYGLPELPGARDQLRGTRRIAVPGCYPTAALLALF
PALAADLIEPAVTVVAVSGTSGAGRAATTDLLGAEVIGSARAYNIAGVHRHTPEIAQGLRAVTDRDVSVSFTPVLIPASR
GILATCTARTRSPLSQLRAAYEKAYHAEPFIYLMPEGQLPRTGAVIGSNAAHIAVAVDEDAQTFVAIAAIDNLVKGTAGA
AVQSMNLALGWPETDGLSVVGVAP
;
_entity_poly.pdbx_strand_id   A,B,C,D,E,F,G,H
#
loop_
_chem_comp.id
_chem_comp.type
_chem_comp.name
_chem_comp.formula
MYI non-polymer '(5-methoxy-1H-indol-3-yl)acetic acid' 'C11 H11 N O3'
NAP non-polymer 'NADP NICOTINAMIDE-ADENINE-DINUCLEOTIDE PHOSPHATE' 'C21 H28 N7 O17 P3'
#
# COMPACT_ATOMS: atom_id res chain seq x y z
N ALA A 1 -28.70 -45.99 -19.80
CA ALA A 1 -28.64 -45.47 -18.40
C ALA A 1 -27.87 -46.45 -17.54
N THR A 2 -26.62 -46.13 -17.21
CA THR A 2 -25.74 -47.05 -16.46
C THR A 2 -26.01 -46.97 -14.96
N LYS A 3 -26.38 -48.10 -14.36
CA LYS A 3 -26.66 -48.20 -12.90
C LYS A 3 -25.31 -48.29 -12.20
N VAL A 4 -25.15 -47.64 -11.06
CA VAL A 4 -23.82 -47.66 -10.38
C VAL A 4 -23.99 -48.04 -8.93
N ALA A 5 -23.27 -49.06 -8.50
CA ALA A 5 -23.29 -49.45 -7.08
C ALA A 5 -21.97 -49.01 -6.43
N VAL A 6 -21.92 -48.93 -5.12
CA VAL A 6 -20.63 -48.59 -4.46
C VAL A 6 -20.46 -49.55 -3.29
N ALA A 7 -19.48 -50.43 -3.37
CA ALA A 7 -19.17 -51.38 -2.29
C ALA A 7 -18.20 -50.68 -1.34
N GLY A 8 -18.57 -50.54 -0.07
CA GLY A 8 -17.75 -49.78 0.89
C GLY A 8 -18.09 -48.31 0.78
N ALA A 9 -19.36 -48.00 0.57
CA ALA A 9 -19.79 -46.62 0.39
C ALA A 9 -19.70 -45.79 1.66
N SER A 10 -19.32 -46.36 2.79
CA SER A 10 -19.30 -45.63 4.05
C SER A 10 -17.91 -45.11 4.42
N GLY A 11 -16.85 -45.71 3.88
CA GLY A 11 -15.51 -45.20 4.10
C GLY A 11 -15.24 -43.97 3.27
N TYR A 12 -14.02 -43.44 3.45
CA TYR A 12 -13.65 -42.17 2.85
C TYR A 12 -13.67 -42.22 1.33
N ALA A 13 -12.93 -43.19 0.75
CA ALA A 13 -12.92 -43.39 -0.70
C ALA A 13 -14.32 -43.59 -1.25
N GLY A 14 -15.14 -44.37 -0.55
CA GLY A 14 -16.52 -44.56 -0.97
C GLY A 14 -17.29 -43.26 -1.00
N GLY A 15 -17.19 -42.48 0.09
CA GLY A 15 -17.93 -41.21 0.15
C GLY A 15 -17.48 -40.22 -0.92
N GLU A 16 -16.23 -40.32 -1.34
CA GLU A 16 -15.71 -39.38 -2.33
C GLU A 16 -15.98 -39.83 -3.75
N ILE A 17 -16.30 -41.10 -3.96
CA ILE A 17 -16.86 -41.47 -5.25
C ILE A 17 -18.27 -40.87 -5.38
N LEU A 18 -19.05 -40.94 -4.31
CA LEU A 18 -20.43 -40.48 -4.35
C LEU A 18 -20.51 -38.96 -4.55
N ARG A 19 -19.70 -38.22 -3.77
CA ARG A 19 -19.55 -36.78 -4.01
C ARG A 19 -19.31 -36.49 -5.48
N LEU A 20 -18.38 -37.24 -6.09
CA LEU A 20 -18.05 -36.97 -7.49
C LEU A 20 -19.19 -37.36 -8.42
N LEU A 21 -19.84 -38.51 -8.18
CA LEU A 21 -20.98 -38.88 -8.99
C LEU A 21 -22.10 -37.87 -8.83
N LEU A 22 -22.43 -37.53 -7.58
CA LEU A 22 -23.44 -36.54 -7.25
C LEU A 22 -23.32 -35.29 -8.11
N GLY A 23 -22.08 -34.89 -8.43
CA GLY A 23 -21.87 -33.71 -9.25
C GLY A 23 -21.44 -33.95 -10.68
N HIS A 24 -21.50 -35.22 -11.16
CA HIS A 24 -21.16 -35.69 -12.50
C HIS A 24 -22.25 -35.31 -13.49
N PRO A 25 -21.91 -34.86 -14.69
CA PRO A 25 -22.96 -34.40 -15.61
C PRO A 25 -23.92 -35.50 -16.05
N ALA A 26 -23.43 -36.74 -16.21
CA ALA A 26 -24.32 -37.85 -16.56
C ALA A 26 -25.35 -38.12 -15.46
N TYR A 27 -24.98 -37.96 -14.19
CA TYR A 27 -25.96 -38.07 -13.11
C TYR A 27 -27.05 -37.01 -13.21
N ALA A 28 -26.72 -35.84 -13.76
CA ALA A 28 -27.69 -34.76 -13.88
C ALA A 28 -28.68 -35.01 -15.02
N ASP A 29 -28.20 -35.46 -16.18
CA ASP A 29 -29.04 -35.65 -17.36
C ASP A 29 -29.55 -37.09 -17.51
N GLY A 30 -29.58 -37.86 -16.41
CA GLY A 30 -30.23 -39.16 -16.39
C GLY A 30 -29.41 -40.32 -16.90
N ARG A 31 -28.34 -40.07 -17.66
CA ARG A 31 -27.52 -41.17 -18.15
C ARG A 31 -26.99 -42.02 -17.01
N LEU A 32 -26.86 -41.44 -15.80
CA LEU A 32 -26.20 -42.10 -14.69
C LEU A 32 -27.13 -42.11 -13.48
N ARG A 33 -27.28 -43.28 -12.86
CA ARG A 33 -28.05 -43.45 -11.64
C ARG A 33 -27.16 -44.10 -10.60
N ILE A 34 -27.49 -43.87 -9.33
CA ILE A 34 -26.67 -44.34 -8.21
C ILE A 34 -27.46 -45.40 -7.47
N GLY A 35 -27.05 -46.64 -7.66
CA GLY A 35 -27.75 -47.82 -7.12
C GLY A 35 -27.41 -48.15 -5.70
N ALA A 36 -26.93 -49.36 -5.45
CA ALA A 36 -26.68 -49.86 -4.08
C ALA A 36 -25.39 -49.30 -3.47
N LEU A 37 -25.47 -48.95 -2.19
CA LEU A 37 -24.33 -48.47 -1.39
C LEU A 37 -24.15 -49.47 -0.25
N THR A 38 -23.19 -50.39 -0.37
CA THR A 38 -23.04 -51.47 0.62
C THR A 38 -21.89 -51.24 1.60
N ALA A 39 -21.84 -52.02 2.66
CA ALA A 39 -20.75 -51.93 3.65
C ALA A 39 -20.66 -53.25 4.42
N ALA A 40 -19.61 -53.43 5.20
CA ALA A 40 -19.47 -54.68 5.98
C ALA A 40 -20.46 -54.57 7.13
N THR A 41 -20.08 -53.81 8.13
CA THR A 41 -20.98 -53.49 9.27
C THR A 41 -21.67 -52.16 8.92
N SER A 42 -22.49 -51.62 9.82
CA SER A 42 -23.23 -50.36 9.56
C SER A 42 -24.03 -50.52 8.28
N ALA A 43 -24.76 -51.63 8.19
CA ALA A 43 -25.67 -51.94 7.08
C ALA A 43 -27.02 -51.95 7.77
N GLY A 44 -27.98 -51.22 7.23
CA GLY A 44 -29.28 -51.10 7.91
C GLY A 44 -29.39 -49.70 8.41
N SER A 45 -28.28 -48.95 8.30
CA SER A 45 -28.25 -47.54 8.74
C SER A 45 -28.33 -46.62 7.51
N THR A 46 -28.55 -45.32 7.76
CA THR A 46 -28.65 -44.30 6.69
C THR A 46 -27.24 -43.82 6.35
N LEU A 47 -27.03 -43.37 5.12
CA LEU A 47 -25.72 -42.92 4.69
C LEU A 47 -25.31 -41.62 5.36
N GLY A 48 -26.29 -40.78 5.70
CA GLY A 48 -26.03 -39.52 6.38
C GLY A 48 -25.41 -39.69 7.75
N GLU A 49 -25.64 -40.85 8.37
CA GLU A 49 -24.89 -41.20 9.57
C GLU A 49 -23.41 -41.42 9.30
N HIS A 50 -22.99 -41.39 8.05
CA HIS A 50 -21.60 -41.63 7.71
C HIS A 50 -21.01 -40.48 6.92
N HIS A 51 -21.70 -40.05 5.88
CA HIS A 51 -21.25 -38.91 5.09
C HIS A 51 -22.30 -37.80 5.19
N PRO A 52 -22.39 -37.12 6.34
CA PRO A 52 -23.29 -35.96 6.42
C PRO A 52 -22.91 -34.83 5.50
N HIS A 53 -21.85 -34.96 4.71
CA HIS A 53 -21.64 -33.95 3.67
C HIS A 53 -22.47 -34.24 2.42
N LEU A 54 -22.97 -35.46 2.24
CA LEU A 54 -23.70 -35.84 1.03
C LEU A 54 -25.20 -35.86 1.29
N THR A 55 -25.73 -34.70 1.68
CA THR A 55 -27.14 -34.60 2.04
C THR A 55 -28.08 -35.23 1.03
N PRO A 56 -27.91 -35.08 -0.30
CA PRO A 56 -28.87 -35.68 -1.22
C PRO A 56 -29.07 -37.17 -1.01
N LEU A 57 -28.01 -37.89 -0.64
CA LEU A 57 -28.09 -39.33 -0.42
C LEU A 57 -28.34 -39.69 1.04
N ALA A 58 -28.68 -38.72 1.88
CA ALA A 58 -28.70 -38.95 3.31
C ALA A 58 -29.68 -40.05 3.70
N HIS A 59 -30.80 -40.14 2.98
CA HIS A 59 -31.82 -41.12 3.33
C HIS A 59 -31.39 -42.55 2.98
N ARG A 60 -30.54 -42.72 1.95
CA ARG A 60 -30.18 -44.04 1.45
C ARG A 60 -29.84 -45.02 2.56
N VAL A 61 -30.27 -46.26 2.38
CA VAL A 61 -30.06 -47.29 3.39
C VAL A 61 -28.91 -48.16 2.96
N VAL A 62 -27.84 -48.17 3.77
CA VAL A 62 -26.67 -49.00 3.48
C VAL A 62 -27.05 -50.47 3.56
N GLU A 63 -26.62 -51.24 2.56
CA GLU A 63 -26.95 -52.65 2.42
C GLU A 63 -25.72 -53.52 2.66
N PRO A 64 -25.92 -54.83 2.78
CA PRO A 64 -24.77 -55.72 2.88
C PRO A 64 -24.01 -55.79 1.56
N THR A 65 -22.70 -56.04 1.66
CA THR A 65 -21.87 -56.22 0.48
C THR A 65 -21.96 -57.70 0.12
N GLU A 66 -22.79 -58.01 -0.88
CA GLU A 66 -22.95 -59.36 -1.39
C GLU A 66 -23.11 -59.29 -2.90
N ALA A 67 -22.74 -60.39 -3.55
CA ALA A 67 -22.92 -60.46 -4.99
C ALA A 67 -24.39 -60.30 -5.34
N ALA A 68 -25.28 -60.68 -4.42
CA ALA A 68 -26.71 -60.51 -4.63
C ALA A 68 -27.04 -59.05 -4.88
N VAL A 69 -26.78 -58.22 -3.88
CA VAL A 69 -27.08 -56.77 -3.88
C VAL A 69 -26.27 -56.06 -4.96
N LEU A 70 -25.06 -56.55 -5.21
CA LEU A 70 -24.15 -55.90 -6.20
C LEU A 70 -24.52 -56.33 -7.61
N GLY A 71 -25.27 -57.41 -7.74
CA GLY A 71 -25.68 -57.87 -9.08
C GLY A 71 -26.68 -56.93 -9.68
N GLY A 72 -26.66 -56.78 -11.00
CA GLY A 72 -27.63 -55.91 -11.67
C GLY A 72 -27.14 -54.49 -11.76
N HIS A 73 -25.83 -54.32 -11.79
CA HIS A 73 -25.29 -52.95 -11.94
C HIS A 73 -24.39 -52.90 -13.15
N ASP A 74 -24.50 -51.83 -13.92
CA ASP A 74 -23.67 -51.63 -15.13
C ASP A 74 -22.24 -51.40 -14.69
N ALA A 75 -22.04 -50.70 -13.57
CA ALA A 75 -20.70 -50.39 -13.03
C ALA A 75 -20.74 -50.58 -11.53
N VAL A 76 -19.67 -51.12 -10.94
CA VAL A 76 -19.64 -51.35 -9.48
C VAL A 76 -18.33 -50.82 -8.90
N PHE A 77 -18.39 -49.86 -7.99
CA PHE A 77 -17.14 -49.36 -7.38
C PHE A 77 -16.83 -50.21 -6.15
N LEU A 78 -15.64 -50.79 -6.09
CA LEU A 78 -15.23 -51.57 -4.90
C LEU A 78 -14.36 -50.65 -4.04
N ALA A 79 -15.00 -49.82 -3.22
CA ALA A 79 -14.30 -48.82 -2.39
C ALA A 79 -13.92 -49.38 -1.02
N LEU A 80 -13.06 -50.39 -1.03
CA LEU A 80 -12.43 -50.96 0.19
C LEU A 80 -10.92 -50.81 -0.10
N PRO A 81 -10.40 -49.56 -0.25
CA PRO A 81 -9.05 -49.28 -0.75
C PRO A 81 -7.95 -50.01 -0.02
N HIS A 82 -7.03 -50.61 -0.79
CA HIS A 82 -5.89 -51.39 -0.25
C HIS A 82 -6.42 -52.42 0.76
N GLY A 83 -7.34 -53.27 0.33
CA GLY A 83 -7.96 -54.29 1.20
C GLY A 83 -7.96 -55.65 0.56
N HIS A 84 -9.13 -56.06 0.07
CA HIS A 84 -9.45 -57.35 -0.61
C HIS A 84 -10.71 -57.08 -1.45
N SER A 85 -10.88 -57.77 -2.58
CA SER A 85 -12.04 -57.57 -3.49
C SER A 85 -12.03 -58.63 -4.59
N ALA A 86 -11.00 -59.48 -4.61
CA ALA A 86 -10.88 -60.51 -5.67
C ALA A 86 -12.09 -61.43 -5.66
N VAL A 87 -12.54 -61.83 -4.46
CA VAL A 87 -13.68 -62.78 -4.33
C VAL A 87 -14.94 -62.15 -4.90
N LEU A 88 -15.17 -60.89 -4.58
CA LEU A 88 -16.39 -60.20 -5.07
C LEU A 88 -16.35 -60.14 -6.58
N ALA A 89 -15.20 -59.82 -7.15
CA ALA A 89 -15.14 -59.71 -8.62
C ALA A 89 -15.56 -61.01 -9.30
N GLN A 90 -15.34 -62.17 -8.67
CA GLN A 90 -15.67 -63.43 -9.36
C GLN A 90 -17.15 -63.77 -9.21
N GLN A 91 -17.86 -63.10 -8.30
CA GLN A 91 -19.32 -63.35 -8.12
C GLN A 91 -20.12 -62.38 -9.01
N LEU A 92 -19.43 -61.52 -9.75
CA LEU A 92 -20.11 -60.54 -10.61
C LEU A 92 -19.96 -60.98 -12.06
N SER A 93 -20.96 -60.67 -12.89
CA SER A 93 -20.87 -61.09 -14.30
C SER A 93 -19.74 -60.33 -14.96
N PRO A 94 -18.90 -60.96 -15.80
CA PRO A 94 -17.85 -60.26 -16.53
C PRO A 94 -18.22 -59.03 -17.38
N GLU A 95 -19.48 -58.84 -17.75
CA GLU A 95 -19.95 -57.67 -18.55
C GLU A 95 -20.09 -56.45 -17.65
N THR A 96 -20.11 -56.64 -16.34
CA THR A 96 -20.20 -55.54 -15.35
C THR A 96 -18.85 -54.82 -15.31
N LEU A 97 -18.86 -53.50 -15.40
CA LEU A 97 -17.58 -52.77 -15.30
C LEU A 97 -17.23 -52.66 -13.82
N ILE A 98 -16.09 -53.20 -13.40
CA ILE A 98 -15.68 -53.11 -11.97
C ILE A 98 -14.46 -52.21 -11.85
N ILE A 99 -14.52 -51.18 -11.01
CA ILE A 99 -13.39 -50.27 -10.75
C ILE A 99 -12.94 -50.52 -9.32
N ASP A 100 -11.87 -51.29 -9.12
CA ASP A 100 -11.40 -51.63 -7.76
C ASP A 100 -10.45 -50.55 -7.23
N CYS A 101 -10.77 -49.98 -6.07
CA CYS A 101 -9.95 -48.91 -5.46
C CYS A 101 -8.75 -49.49 -4.75
N GLY A 102 -8.87 -50.73 -4.27
CA GLY A 102 -7.81 -51.46 -3.55
C GLY A 102 -6.70 -51.95 -4.45
N ALA A 103 -5.70 -52.59 -3.85
CA ALA A 103 -4.52 -53.00 -4.64
C ALA A 103 -4.58 -54.45 -5.11
N ASP A 104 -5.70 -55.13 -4.95
CA ASP A 104 -5.80 -56.58 -5.33
C ASP A 104 -5.31 -56.83 -6.75
N PHE A 105 -5.71 -55.99 -7.70
CA PHE A 105 -5.37 -56.17 -9.12
C PHE A 105 -4.40 -55.11 -9.64
N ARG A 106 -3.58 -54.47 -8.82
CA ARG A 106 -2.66 -53.50 -9.39
C ARG A 106 -1.35 -54.14 -9.85
N LEU A 107 -0.87 -55.15 -9.15
CA LEU A 107 0.48 -55.63 -9.33
C LEU A 107 0.60 -56.69 -10.43
N THR A 108 1.73 -56.65 -11.13
CA THR A 108 2.00 -57.50 -12.28
C THR A 108 2.99 -58.63 -11.98
N ASP A 109 3.35 -58.81 -10.72
CA ASP A 109 4.35 -59.82 -10.33
C ASP A 109 3.80 -60.54 -9.12
N ALA A 110 3.41 -61.81 -9.30
CA ALA A 110 2.88 -62.56 -8.18
C ALA A 110 3.88 -62.70 -7.05
N ALA A 111 5.17 -62.84 -7.37
CA ALA A 111 6.17 -62.96 -6.31
C ALA A 111 6.24 -61.70 -5.46
N VAL A 112 6.12 -60.53 -6.11
CA VAL A 112 6.16 -59.28 -5.38
C VAL A 112 4.90 -59.11 -4.55
N TRP A 113 3.76 -59.55 -5.08
CA TRP A 113 2.50 -59.48 -4.35
C TRP A 113 2.58 -60.31 -3.08
N GLU A 114 2.95 -61.59 -3.21
CA GLU A 114 3.04 -62.45 -2.04
C GLU A 114 3.99 -61.86 -1.02
N ARG A 115 5.17 -61.42 -1.48
CA ARG A 115 6.17 -60.88 -0.57
C ARG A 115 5.65 -59.69 0.22
N PHE A 116 4.93 -58.79 -0.44
CA PHE A 116 4.51 -57.56 0.21
C PHE A 116 3.12 -57.63 0.83
N TYR A 117 2.32 -58.65 0.52
CA TYR A 117 0.96 -58.72 1.04
C TYR A 117 0.65 -59.98 1.82
N GLY A 118 1.37 -61.07 1.59
CA GLY A 118 1.07 -62.30 2.29
C GLY A 118 -0.18 -63.01 1.80
N SER A 119 -0.59 -62.77 0.56
CA SER A 119 -1.82 -63.31 0.00
C SER A 119 -1.51 -64.01 -1.32
N SER A 120 -2.50 -64.76 -1.83
CA SER A 120 -2.41 -65.29 -3.18
C SER A 120 -2.64 -64.17 -4.18
N HIS A 121 -1.81 -64.11 -5.22
CA HIS A 121 -1.93 -63.02 -6.18
C HIS A 121 -3.16 -63.21 -7.05
N ALA A 122 -4.09 -62.25 -6.98
CA ALA A 122 -5.29 -62.28 -7.79
C ALA A 122 -5.03 -61.99 -9.26
N GLY A 123 -3.89 -61.40 -9.58
CA GLY A 123 -3.66 -61.09 -10.99
C GLY A 123 -3.64 -59.60 -11.20
N SER A 124 -3.95 -59.14 -12.40
CA SER A 124 -3.82 -57.70 -12.67
C SER A 124 -4.86 -57.19 -13.67
N TRP A 125 -5.29 -55.95 -13.48
CA TRP A 125 -6.26 -55.23 -14.36
C TRP A 125 -5.63 -53.92 -14.79
N PRO A 126 -6.15 -53.27 -15.85
CA PRO A 126 -5.64 -51.96 -16.26
C PRO A 126 -5.51 -50.96 -15.11
N TYR A 127 -4.31 -50.43 -14.94
CA TYR A 127 -3.99 -49.46 -13.88
C TYR A 127 -4.70 -48.14 -14.17
N GLY A 128 -5.53 -47.67 -13.26
CA GLY A 128 -6.29 -46.43 -13.47
C GLY A 128 -5.45 -45.17 -13.35
N LEU A 129 -4.39 -45.03 -14.14
CA LEU A 129 -3.56 -43.81 -14.14
C LEU A 129 -3.47 -43.33 -15.57
N PRO A 130 -4.51 -42.67 -16.10
CA PRO A 130 -4.58 -42.26 -17.50
C PRO A 130 -3.38 -41.50 -18.08
N GLU A 131 -2.73 -40.68 -17.28
CA GLU A 131 -1.61 -39.89 -17.84
C GLU A 131 -0.40 -40.79 -18.11
N LEU A 132 -0.31 -41.96 -17.50
CA LEU A 132 0.85 -42.86 -17.69
C LEU A 132 0.92 -43.34 -19.14
N PRO A 133 2.12 -43.49 -19.74
CA PRO A 133 2.25 -43.97 -21.09
C PRO A 133 1.58 -45.33 -21.29
N GLY A 134 0.62 -45.39 -22.21
CA GLY A 134 -0.06 -46.65 -22.52
C GLY A 134 -1.20 -46.93 -21.56
N ALA A 135 -1.24 -46.24 -20.42
CA ALA A 135 -2.32 -46.57 -19.48
C ALA A 135 -3.69 -46.21 -20.07
N ARG A 136 -3.86 -44.98 -20.57
CA ARG A 136 -5.15 -44.48 -21.11
C ARG A 136 -5.71 -45.35 -22.23
N ASP A 137 -4.88 -45.93 -23.08
CA ASP A 137 -5.42 -46.73 -24.21
C ASP A 137 -5.97 -48.07 -23.73
N GLN A 138 -5.49 -48.54 -22.59
CA GLN A 138 -5.94 -49.82 -22.01
C GLN A 138 -7.21 -49.59 -21.20
N LEU A 139 -7.53 -48.34 -20.91
CA LEU A 139 -8.73 -48.01 -20.09
C LEU A 139 -9.93 -47.86 -21.02
N ARG A 140 -9.69 -47.27 -22.19
CA ARG A 140 -10.75 -47.02 -23.19
C ARG A 140 -11.53 -48.31 -23.46
N GLY A 141 -12.76 -48.37 -22.98
CA GLY A 141 -13.64 -49.53 -23.23
C GLY A 141 -13.41 -50.69 -22.30
N THR A 142 -12.53 -50.54 -21.31
CA THR A 142 -12.19 -51.66 -20.39
C THR A 142 -13.36 -52.02 -19.47
N ARG A 143 -13.33 -53.23 -18.94
CA ARG A 143 -14.39 -53.68 -18.02
C ARG A 143 -13.76 -53.98 -16.68
N ARG A 144 -12.45 -53.79 -16.55
CA ARG A 144 -11.76 -54.06 -15.29
C ARG A 144 -10.72 -52.99 -15.07
N ILE A 145 -10.85 -52.23 -13.99
CA ILE A 145 -9.92 -51.15 -13.67
C ILE A 145 -9.35 -51.39 -12.28
N ALA A 146 -8.05 -51.11 -12.12
CA ALA A 146 -7.39 -51.09 -10.81
C ALA A 146 -6.97 -49.65 -10.53
N VAL A 147 -7.62 -49.02 -9.57
CA VAL A 147 -7.25 -47.64 -9.27
C VAL A 147 -5.91 -47.61 -8.55
N PRO A 148 -4.99 -46.72 -8.91
CA PRO A 148 -3.66 -46.69 -8.27
C PRO A 148 -3.72 -46.18 -6.84
N GLY A 149 -2.66 -46.46 -6.08
CA GLY A 149 -2.57 -45.96 -4.71
C GLY A 149 -2.28 -44.46 -4.66
N CYS A 150 -2.72 -43.82 -3.56
CA CYS A 150 -2.56 -42.36 -3.44
C CYS A 150 -1.10 -41.94 -3.62
N TYR A 151 -0.16 -42.57 -2.90
CA TYR A 151 1.24 -42.18 -3.03
C TYR A 151 1.78 -42.40 -4.43
N PRO A 152 1.60 -43.57 -5.08
CA PRO A 152 2.25 -43.75 -6.40
C PRO A 152 1.65 -42.88 -7.47
N THR A 153 0.41 -42.43 -7.32
CA THR A 153 -0.08 -41.42 -8.25
C THR A 153 0.81 -40.20 -8.19
N ALA A 154 1.10 -39.72 -6.97
CA ALA A 154 1.95 -38.55 -6.84
C ALA A 154 3.33 -38.79 -7.41
N ALA A 155 3.97 -39.91 -7.02
CA ALA A 155 5.36 -40.14 -7.37
C ALA A 155 5.54 -40.44 -8.85
N LEU A 156 4.70 -41.32 -9.40
CA LEU A 156 4.73 -41.56 -10.84
C LEU A 156 4.59 -40.26 -11.63
N LEU A 157 3.60 -39.42 -11.27
CA LEU A 157 3.39 -38.18 -12.02
C LEU A 157 4.60 -37.25 -11.90
N ALA A 158 5.23 -37.23 -10.74
CA ALA A 158 6.40 -36.37 -10.55
C ALA A 158 7.58 -36.89 -11.36
N LEU A 159 7.77 -38.20 -11.40
CA LEU A 159 9.05 -38.76 -11.79
C LEU A 159 9.11 -39.29 -13.21
N PHE A 160 8.02 -39.84 -13.76
CA PHE A 160 8.14 -40.58 -15.00
C PHE A 160 8.62 -39.73 -16.19
N PRO A 161 8.25 -38.46 -16.33
CA PRO A 161 8.74 -37.72 -17.50
C PRO A 161 10.26 -37.64 -17.56
N ALA A 162 10.90 -37.21 -16.48
CA ALA A 162 12.35 -37.25 -16.40
C ALA A 162 12.88 -38.65 -16.66
N LEU A 163 12.27 -39.65 -16.02
CA LEU A 163 12.77 -41.01 -16.17
C LEU A 163 12.64 -41.50 -17.62
N ALA A 164 11.52 -41.20 -18.27
CA ALA A 164 11.33 -41.68 -19.63
C ALA A 164 12.29 -41.01 -20.60
N ALA A 165 12.53 -39.72 -20.42
CA ALA A 165 13.48 -39.06 -21.31
C ALA A 165 14.92 -39.46 -21.03
N ASP A 166 15.15 -40.36 -20.07
CA ASP A 166 16.49 -40.80 -19.65
C ASP A 166 17.37 -39.60 -19.34
N LEU A 167 16.81 -38.69 -18.54
CA LEU A 167 17.46 -37.46 -18.10
C LEU A 167 17.82 -37.48 -16.62
N ILE A 168 17.44 -38.52 -15.89
CA ILE A 168 17.81 -38.71 -14.51
C ILE A 168 18.17 -40.17 -14.32
N GLU A 169 18.71 -40.53 -13.16
CA GLU A 169 19.13 -41.93 -12.92
C GLU A 169 17.96 -42.73 -12.36
N PRO A 170 17.92 -44.07 -12.55
CA PRO A 170 16.80 -44.90 -12.11
C PRO A 170 16.71 -45.22 -10.61
N ALA A 171 17.67 -44.77 -9.81
CA ALA A 171 17.56 -44.98 -8.35
C ALA A 171 16.93 -43.70 -7.81
N VAL A 172 15.69 -43.79 -7.36
CA VAL A 172 14.96 -42.57 -6.97
C VAL A 172 14.66 -42.56 -5.47
N THR A 173 14.45 -41.35 -4.96
CA THR A 173 14.13 -41.14 -3.54
C THR A 173 12.82 -40.38 -3.48
N VAL A 174 11.85 -40.89 -2.75
CA VAL A 174 10.58 -40.14 -2.69
C VAL A 174 10.18 -40.03 -1.23
N VAL A 175 9.85 -38.84 -0.79
CA VAL A 175 9.34 -38.67 0.59
C VAL A 175 7.99 -37.97 0.43
N ALA A 176 6.96 -38.52 1.03
CA ALA A 176 5.63 -37.93 0.83
C ALA A 176 4.99 -37.66 2.17
N VAL A 177 4.51 -36.44 2.36
CA VAL A 177 3.74 -36.07 3.58
C VAL A 177 2.29 -36.26 3.18
N SER A 178 1.48 -36.82 4.07
CA SER A 178 0.08 -37.09 3.68
C SER A 178 -0.88 -36.79 4.85
N GLY A 179 -2.11 -36.40 4.55
CA GLY A 179 -3.14 -36.20 5.59
C GLY A 179 -3.68 -37.52 6.10
N THR A 180 -4.48 -37.46 7.16
CA THR A 180 -4.95 -38.70 7.82
C THR A 180 -5.97 -39.51 7.02
N SER A 181 -6.61 -38.92 6.01
CA SER A 181 -7.69 -39.62 5.27
C SER A 181 -7.22 -40.86 4.49
N GLY A 182 -5.95 -40.99 4.17
CA GLY A 182 -5.50 -42.18 3.43
C GLY A 182 -5.52 -43.42 4.29
N ALA A 183 -5.39 -43.24 5.60
CA ALA A 183 -5.36 -44.37 6.56
C ALA A 183 -6.73 -45.04 6.56
N GLY A 184 -7.74 -44.28 6.17
CA GLY A 184 -9.11 -44.81 6.06
C GLY A 184 -9.94 -44.49 7.26
N ARG A 185 -11.17 -45.00 7.28
CA ARG A 185 -12.14 -44.78 8.38
C ARG A 185 -11.91 -45.79 9.49
N ALA A 186 -11.10 -46.82 9.20
CA ALA A 186 -10.71 -47.88 10.15
C ALA A 186 -10.36 -47.22 11.48
N ALA A 187 -11.16 -47.48 12.50
CA ALA A 187 -10.90 -46.87 13.81
C ALA A 187 -9.65 -47.49 14.42
N THR A 188 -8.72 -46.63 14.85
CA THR A 188 -7.50 -47.07 15.53
C THR A 188 -6.97 -45.89 16.32
N THR A 189 -6.30 -46.16 17.43
CA THR A 189 -5.84 -45.07 18.32
C THR A 189 -4.72 -44.25 17.68
N ASP A 190 -3.82 -44.86 16.93
CA ASP A 190 -2.70 -44.04 16.39
C ASP A 190 -3.21 -43.08 15.32
N LEU A 191 -4.51 -43.06 15.09
CA LEU A 191 -5.12 -42.18 14.10
C LEU A 191 -6.15 -41.26 14.73
N LEU A 192 -6.21 -41.20 16.05
CA LEU A 192 -7.11 -40.29 16.73
C LEU A 192 -6.65 -38.85 16.53
N GLY A 193 -7.61 -37.93 16.46
CA GLY A 193 -7.27 -36.52 16.26
C GLY A 193 -6.27 -36.00 17.28
N ALA A 194 -6.52 -36.30 18.56
CA ALA A 194 -5.60 -35.88 19.62
C ALA A 194 -4.18 -36.34 19.32
N GLU A 195 -4.04 -37.51 18.69
CA GLU A 195 -2.73 -38.02 18.33
C GLU A 195 -2.18 -37.24 17.16
N VAL A 196 -2.93 -37.20 16.06
CA VAL A 196 -2.43 -36.69 14.78
C VAL A 196 -2.23 -35.19 14.85
N ILE A 197 -3.10 -34.48 15.57
CA ILE A 197 -2.99 -33.03 15.63
C ILE A 197 -1.71 -32.65 16.34
N GLY A 198 -0.93 -31.77 15.71
CA GLY A 198 0.26 -31.24 16.35
C GLY A 198 1.49 -32.09 16.23
N SER A 199 1.46 -33.12 15.41
CA SER A 199 2.58 -34.04 15.31
C SER A 199 2.74 -34.51 13.88
N ALA A 200 3.96 -34.88 13.53
CA ALA A 200 4.27 -35.58 12.31
C ALA A 200 5.01 -36.87 12.65
N ARG A 201 4.95 -37.84 11.75
CA ARG A 201 5.76 -39.05 11.92
C ARG A 201 5.86 -39.80 10.61
N ALA A 202 7.08 -40.21 10.27
CA ALA A 202 7.27 -41.22 9.24
C ALA A 202 6.80 -42.57 9.78
N TYR A 203 6.11 -43.32 8.94
CA TYR A 203 5.78 -44.70 9.29
C TYR A 203 6.25 -45.63 8.19
N ASN A 204 6.26 -46.93 8.48
CA ASN A 204 6.49 -48.00 7.51
C ASN A 204 7.69 -47.70 6.60
N ILE A 205 8.88 -47.56 7.18
CA ILE A 205 10.01 -46.98 6.46
C ILE A 205 10.97 -48.04 5.93
N ALA A 206 11.89 -47.60 5.08
CA ALA A 206 13.05 -48.40 4.67
C ALA A 206 12.63 -49.63 3.88
N GLY A 207 11.68 -49.46 2.99
CA GLY A 207 11.33 -50.51 2.08
C GLY A 207 10.05 -51.24 2.40
N VAL A 208 9.60 -51.23 3.65
CA VAL A 208 8.45 -52.07 4.01
C VAL A 208 7.11 -51.58 3.46
N HIS A 209 7.01 -50.35 2.95
CA HIS A 209 5.70 -49.84 2.56
C HIS A 209 5.25 -50.44 1.24
N ARG A 210 3.98 -50.89 1.19
CA ARG A 210 3.44 -51.61 0.03
C ARG A 210 3.40 -50.79 -1.26
N HIS A 211 3.48 -49.47 -1.19
CA HIS A 211 3.49 -48.71 -2.44
C HIS A 211 4.86 -48.66 -3.09
N THR A 212 5.90 -49.11 -2.38
CA THR A 212 7.24 -49.15 -2.95
C THR A 212 7.28 -49.94 -4.24
N PRO A 213 6.83 -51.20 -4.30
CA PRO A 213 6.81 -51.85 -5.61
C PRO A 213 5.80 -51.23 -6.56
N GLU A 214 4.73 -50.62 -6.05
CA GLU A 214 3.81 -49.93 -6.94
C GLU A 214 4.49 -48.77 -7.67
N ILE A 215 5.38 -48.06 -6.98
CA ILE A 215 6.17 -47.02 -7.64
C ILE A 215 7.19 -47.64 -8.60
N ALA A 216 7.87 -48.70 -8.17
CA ALA A 216 8.79 -49.38 -9.08
C ALA A 216 8.08 -49.81 -10.35
N GLN A 217 6.93 -50.48 -10.22
CA GLN A 217 6.22 -50.99 -11.38
C GLN A 217 5.93 -49.86 -12.37
N GLY A 218 5.38 -48.75 -11.88
CA GLY A 218 5.05 -47.66 -12.78
C GLY A 218 6.28 -47.09 -13.46
N LEU A 219 7.41 -47.07 -12.78
CA LEU A 219 8.60 -46.51 -13.40
C LEU A 219 9.19 -47.47 -14.43
N ARG A 220 9.34 -48.75 -14.07
CA ARG A 220 9.78 -49.77 -15.03
C ARG A 220 8.92 -49.79 -16.28
N ALA A 221 7.70 -49.28 -16.21
CA ALA A 221 6.86 -49.09 -17.39
C ALA A 221 7.33 -47.97 -18.31
N VAL A 222 8.27 -47.13 -17.87
CA VAL A 222 8.76 -46.03 -18.77
C VAL A 222 10.27 -46.14 -18.92
N THR A 223 10.85 -47.24 -18.47
CA THR A 223 12.31 -47.41 -18.61
C THR A 223 12.64 -48.89 -18.67
N ASP A 224 13.70 -49.26 -19.38
CA ASP A 224 14.07 -50.69 -19.42
C ASP A 224 15.16 -50.94 -18.37
N ARG A 225 15.68 -49.88 -17.75
CA ARG A 225 16.75 -49.99 -16.73
C ARG A 225 16.18 -50.48 -15.39
N ASP A 226 17.05 -50.94 -14.50
CA ASP A 226 16.66 -51.43 -13.14
C ASP A 226 16.45 -50.23 -12.21
N VAL A 227 15.29 -50.18 -11.55
CA VAL A 227 14.83 -49.03 -10.78
C VAL A 227 14.72 -49.42 -9.31
N SER A 228 15.45 -48.73 -8.46
CA SER A 228 15.21 -48.78 -7.03
C SER A 228 14.34 -47.60 -6.61
N VAL A 229 13.67 -47.76 -5.47
CA VAL A 229 12.76 -46.77 -4.91
C VAL A 229 12.97 -46.72 -3.41
N SER A 230 13.45 -45.59 -2.90
CA SER A 230 13.37 -45.35 -1.47
C SER A 230 12.17 -44.47 -1.25
N PHE A 231 11.19 -44.99 -0.53
CA PHE A 231 9.93 -44.33 -0.31
C PHE A 231 9.71 -44.20 1.19
N THR A 232 9.37 -43.00 1.62
CA THR A 232 9.14 -42.74 3.03
C THR A 232 7.83 -41.98 3.13
N PRO A 233 6.83 -42.54 3.78
CA PRO A 233 5.61 -41.78 4.02
C PRO A 233 5.66 -41.09 5.38
N VAL A 234 5.01 -39.94 5.44
CA VAL A 234 5.00 -39.11 6.64
C VAL A 234 3.58 -38.65 6.86
N LEU A 235 3.06 -38.87 8.08
CA LEU A 235 1.76 -38.40 8.52
C LEU A 235 1.82 -36.94 8.98
N ILE A 236 0.77 -36.18 8.71
CA ILE A 236 0.76 -34.76 9.08
C ILE A 236 -0.65 -34.34 9.51
N PRO A 237 -0.78 -33.34 10.37
CA PRO A 237 -2.12 -32.84 10.70
C PRO A 237 -2.76 -32.19 9.49
N ALA A 238 -3.23 -33.01 8.56
CA ALA A 238 -4.16 -32.60 7.51
C ALA A 238 -5.18 -33.70 7.37
N SER A 239 -6.37 -33.35 6.85
CA SER A 239 -7.30 -34.42 6.51
C SER A 239 -7.12 -34.90 5.08
N ARG A 240 -6.68 -34.06 4.16
CA ARG A 240 -6.44 -34.55 2.78
C ARG A 240 -5.15 -33.94 2.25
N GLY A 241 -4.62 -34.54 1.18
CA GLY A 241 -3.44 -33.96 0.53
C GLY A 241 -2.27 -34.90 0.47
N ILE A 242 -1.49 -34.78 -0.59
CA ILE A 242 -0.22 -35.54 -0.73
C ILE A 242 0.82 -34.61 -1.35
N LEU A 243 1.84 -34.24 -0.59
CA LEU A 243 2.96 -33.48 -1.18
C LEU A 243 4.16 -34.42 -1.27
N ALA A 244 4.55 -34.77 -2.47
CA ALA A 244 5.65 -35.72 -2.66
C ALA A 244 6.90 -35.03 -3.17
N THR A 245 7.98 -35.11 -2.39
CA THR A 245 9.31 -34.63 -2.77
C THR A 245 9.98 -35.86 -3.35
N CYS A 246 10.42 -35.78 -4.60
CA CYS A 246 10.96 -36.95 -5.31
C CYS A 246 12.34 -36.58 -5.83
N THR A 247 13.33 -37.43 -5.60
CA THR A 247 14.69 -37.04 -6.05
C THR A 247 15.43 -38.18 -6.75
N ALA A 248 16.29 -37.80 -7.69
CA ALA A 248 17.16 -38.74 -8.42
C ALA A 248 18.39 -37.95 -8.86
N ARG A 249 19.53 -38.61 -8.97
CA ARG A 249 20.75 -37.90 -9.37
C ARG A 249 20.64 -37.56 -10.86
N THR A 250 21.18 -36.43 -11.31
CA THR A 250 21.08 -36.13 -12.74
C THR A 250 22.32 -35.38 -13.23
N ARG A 251 22.48 -35.33 -14.54
CA ARG A 251 23.59 -34.54 -15.13
C ARG A 251 22.96 -33.70 -16.24
N SER A 252 21.65 -33.82 -16.42
CA SER A 252 20.97 -33.06 -17.47
C SER A 252 20.59 -31.65 -16.98
N PRO A 253 20.61 -30.65 -17.85
CA PRO A 253 20.35 -29.28 -17.42
C PRO A 253 18.89 -29.04 -17.11
N LEU A 254 18.66 -28.00 -16.29
CA LEU A 254 17.30 -27.59 -15.98
C LEU A 254 16.43 -27.46 -17.24
N SER A 255 16.98 -26.85 -18.29
CA SER A 255 16.19 -26.61 -19.49
C SER A 255 15.78 -27.92 -20.17
N GLN A 256 16.68 -28.89 -20.20
CA GLN A 256 16.34 -30.18 -20.78
C GLN A 256 15.22 -30.85 -20.00
N LEU A 257 15.24 -30.70 -18.67
CA LEU A 257 14.25 -31.37 -17.85
C LEU A 257 12.89 -30.68 -17.93
N ARG A 258 12.87 -29.35 -17.77
CA ARG A 258 11.61 -28.62 -17.87
C ARG A 258 10.92 -28.86 -19.22
N ALA A 259 11.71 -28.98 -20.29
CA ALA A 259 11.12 -29.24 -21.60
C ALA A 259 10.42 -30.59 -21.63
N ALA A 260 11.09 -31.62 -21.09
CA ALA A 260 10.53 -32.96 -21.01
C ALA A 260 9.17 -32.97 -20.33
N TYR A 261 9.00 -32.17 -19.28
CA TYR A 261 7.75 -32.19 -18.54
C TYR A 261 6.66 -31.41 -19.27
N GLU A 262 7.03 -30.45 -20.12
CA GLU A 262 6.00 -29.78 -20.89
C GLU A 262 5.64 -30.60 -22.12
N LYS A 263 6.61 -31.30 -22.70
CA LYS A 263 6.26 -32.23 -23.77
C LYS A 263 5.28 -33.29 -23.28
N ALA A 264 5.39 -33.70 -22.02
CA ALA A 264 4.54 -34.79 -21.52
C ALA A 264 3.21 -34.33 -20.95
N TYR A 265 3.01 -33.03 -20.73
CA TYR A 265 1.87 -32.58 -19.95
C TYR A 265 1.09 -31.43 -20.56
N HIS A 266 1.55 -30.82 -21.65
CA HIS A 266 0.83 -29.67 -22.19
C HIS A 266 -0.57 -30.05 -22.62
N ALA A 267 -0.75 -31.28 -23.07
CA ALA A 267 -2.07 -31.75 -23.46
C ALA A 267 -2.88 -32.26 -22.28
N GLU A 268 -2.21 -32.81 -21.24
CA GLU A 268 -2.90 -33.44 -20.12
C GLU A 268 -3.62 -32.40 -19.28
N PRO A 269 -4.95 -32.46 -19.15
CA PRO A 269 -5.69 -31.36 -18.54
C PRO A 269 -5.70 -31.38 -17.03
N PHE A 270 -5.30 -32.49 -16.39
CA PHE A 270 -5.26 -32.56 -14.94
C PHE A 270 -3.89 -32.25 -14.34
N ILE A 271 -2.86 -32.13 -15.17
CA ILE A 271 -1.51 -31.83 -14.70
C ILE A 271 -1.22 -30.37 -15.02
N TYR A 272 -1.04 -29.58 -13.98
CA TYR A 272 -0.72 -28.17 -14.10
C TYR A 272 0.73 -27.98 -13.68
N LEU A 273 1.56 -27.51 -14.61
CA LEU A 273 2.95 -27.21 -14.32
C LEU A 273 3.09 -25.84 -13.67
N MET A 274 3.80 -25.77 -12.54
CA MET A 274 3.92 -24.50 -11.85
C MET A 274 4.67 -23.53 -12.74
N PRO A 275 4.23 -22.28 -12.82
CA PRO A 275 5.04 -21.26 -13.48
C PRO A 275 6.41 -21.16 -12.86
N GLU A 276 7.34 -20.57 -13.63
CA GLU A 276 8.72 -20.34 -13.17
C GLU A 276 8.64 -19.55 -11.88
N GLY A 277 9.23 -20.09 -10.83
CA GLY A 277 9.20 -19.41 -9.54
C GLY A 277 8.01 -19.73 -8.66
N GLN A 278 7.34 -20.84 -8.90
CA GLN A 278 6.25 -21.29 -8.06
C GLN A 278 6.46 -22.76 -7.77
N LEU A 279 5.77 -23.24 -6.75
CA LEU A 279 5.92 -24.60 -6.29
C LEU A 279 4.55 -25.14 -5.89
N PRO A 280 4.33 -26.45 -6.01
CA PRO A 280 3.05 -27.02 -5.57
C PRO A 280 2.83 -26.83 -4.08
N ARG A 281 1.57 -26.80 -3.71
CA ARG A 281 1.11 -26.89 -2.34
C ARG A 281 -0.17 -27.69 -2.38
N THR A 282 -0.42 -28.52 -1.36
CA THR A 282 -1.61 -29.34 -1.43
C THR A 282 -2.88 -28.53 -1.25
N GLY A 283 -2.80 -27.41 -0.50
CA GLY A 283 -3.98 -26.58 -0.30
C GLY A 283 -4.62 -26.16 -1.60
N ALA A 284 -3.81 -25.94 -2.63
CA ALA A 284 -4.24 -25.46 -3.93
C ALA A 284 -4.95 -26.50 -4.80
N VAL A 285 -5.00 -27.77 -4.40
CA VAL A 285 -5.65 -28.79 -5.22
C VAL A 285 -6.72 -29.56 -4.48
N ILE A 286 -7.00 -29.22 -3.21
CA ILE A 286 -7.92 -30.02 -2.41
C ILE A 286 -9.29 -30.10 -3.09
N GLY A 287 -9.93 -31.26 -2.99
CA GLY A 287 -11.22 -31.46 -3.64
C GLY A 287 -11.19 -31.43 -5.16
N SER A 288 -10.00 -31.40 -5.76
CA SER A 288 -9.81 -31.32 -7.20
C SER A 288 -9.06 -32.55 -7.72
N ASN A 289 -9.23 -32.81 -9.02
CA ASN A 289 -8.54 -33.91 -9.68
C ASN A 289 -7.15 -33.50 -10.17
N ALA A 290 -6.68 -32.31 -9.78
CA ALA A 290 -5.43 -31.83 -10.32
C ALA A 290 -4.23 -32.47 -9.62
N ALA A 291 -3.13 -32.50 -10.37
CA ALA A 291 -1.80 -32.70 -9.84
C ALA A 291 -1.00 -31.47 -10.20
N HIS A 292 -0.41 -30.84 -9.20
CA HIS A 292 0.36 -29.62 -9.39
C HIS A 292 1.82 -29.98 -9.22
N ILE A 293 2.63 -29.68 -10.24
CA ILE A 293 3.98 -30.24 -10.34
C ILE A 293 4.99 -29.11 -10.59
N ALA A 294 6.16 -29.24 -9.96
CA ALA A 294 7.30 -28.37 -10.24
C ALA A 294 8.54 -29.23 -10.22
N VAL A 295 9.56 -28.80 -10.99
CA VAL A 295 10.83 -29.50 -11.12
C VAL A 295 11.97 -28.50 -10.93
N ALA A 296 13.12 -29.01 -10.49
CA ALA A 296 14.30 -28.18 -10.31
C ALA A 296 15.54 -29.07 -10.33
N VAL A 297 16.71 -28.43 -10.30
CA VAL A 297 17.97 -29.15 -10.26
C VAL A 297 18.83 -28.58 -9.13
N ASP A 298 19.23 -29.42 -8.18
CA ASP A 298 20.25 -29.03 -7.21
C ASP A 298 21.57 -29.34 -7.90
N GLU A 299 22.17 -28.31 -8.50
CA GLU A 299 23.40 -28.52 -9.22
C GLU A 299 24.53 -28.93 -8.28
N ASP A 300 24.59 -28.33 -7.10
CA ASP A 300 25.61 -28.73 -6.14
C ASP A 300 25.49 -30.20 -5.79
N ALA A 301 24.28 -30.67 -5.51
CA ALA A 301 24.05 -32.05 -5.14
C ALA A 301 23.91 -32.98 -6.33
N GLN A 302 23.96 -32.44 -7.55
CA GLN A 302 23.77 -33.23 -8.77
C GLN A 302 22.46 -34.01 -8.70
N THR A 303 21.41 -33.36 -8.21
CA THR A 303 20.15 -34.03 -7.90
C THR A 303 18.97 -33.31 -8.55
N PHE A 304 18.21 -34.08 -9.32
CA PHE A 304 16.88 -33.68 -9.74
C PHE A 304 15.95 -33.65 -8.53
N VAL A 305 15.04 -32.68 -8.50
CA VAL A 305 14.02 -32.57 -7.48
C VAL A 305 12.70 -32.30 -8.17
N ALA A 306 11.70 -33.12 -7.89
CA ALA A 306 10.35 -32.91 -8.41
C ALA A 306 9.40 -32.95 -7.23
N ILE A 307 8.51 -31.96 -7.18
CA ILE A 307 7.48 -31.86 -6.17
C ILE A 307 6.15 -31.95 -6.89
N ALA A 308 5.25 -32.76 -6.37
CA ALA A 308 3.92 -32.92 -6.92
C ALA A 308 2.92 -32.84 -5.79
N ALA A 309 1.80 -32.18 -6.04
CA ALA A 309 0.73 -32.15 -5.06
C ALA A 309 -0.57 -32.63 -5.70
N ILE A 310 -1.32 -33.44 -4.93
CA ILE A 310 -2.59 -34.00 -5.36
C ILE A 310 -3.48 -34.07 -4.14
N ASP A 311 -4.76 -34.26 -4.39
CA ASP A 311 -5.73 -34.56 -3.31
C ASP A 311 -5.66 -36.07 -3.16
N ASN A 312 -5.53 -36.57 -1.94
CA ASN A 312 -5.33 -38.03 -1.77
C ASN A 312 -6.62 -38.82 -1.97
N LEU A 313 -7.77 -38.17 -1.88
CA LEU A 313 -9.06 -38.87 -2.04
C LEU A 313 -9.62 -38.61 -3.44
N VAL A 314 -9.09 -37.62 -4.13
CA VAL A 314 -9.55 -37.34 -5.52
C VAL A 314 -8.56 -37.98 -6.49
N LYS A 315 -7.64 -37.22 -7.06
CA LYS A 315 -6.67 -37.76 -8.04
C LYS A 315 -5.95 -38.98 -7.48
N GLY A 316 -5.96 -39.14 -6.15
CA GLY A 316 -5.31 -40.25 -5.49
C GLY A 316 -6.20 -41.47 -5.30
N THR A 317 -7.52 -41.31 -5.41
CA THR A 317 -8.44 -42.43 -5.25
C THR A 317 -9.70 -42.28 -6.10
N ALA A 318 -10.71 -41.57 -5.55
CA ALA A 318 -12.01 -41.49 -6.21
C ALA A 318 -11.91 -40.79 -7.56
N GLY A 319 -11.11 -39.73 -7.64
CA GLY A 319 -10.91 -39.06 -8.93
C GLY A 319 -10.32 -39.99 -10.00
N ALA A 320 -9.31 -40.78 -9.64
CA ALA A 320 -8.79 -41.74 -10.62
C ALA A 320 -9.86 -42.73 -10.99
N ALA A 321 -10.66 -43.17 -10.01
CA ALA A 321 -11.75 -44.08 -10.31
C ALA A 321 -12.66 -43.49 -11.38
N VAL A 322 -13.16 -42.27 -11.17
CA VAL A 322 -14.16 -41.69 -12.05
C VAL A 322 -13.55 -41.35 -13.40
N GLN A 323 -12.37 -40.72 -13.41
CA GLN A 323 -11.69 -40.39 -14.64
C GLN A 323 -11.54 -41.63 -15.51
N SER A 324 -11.14 -42.74 -14.89
CA SER A 324 -11.00 -43.97 -15.64
C SER A 324 -12.36 -44.52 -16.08
N MET A 325 -13.38 -44.36 -15.22
CA MET A 325 -14.73 -44.81 -15.55
C MET A 325 -15.26 -44.11 -16.79
N ASN A 326 -15.15 -42.78 -16.82
CA ASN A 326 -15.48 -42.02 -18.02
C ASN A 326 -14.88 -42.67 -19.25
N LEU A 327 -13.57 -42.95 -19.21
CA LEU A 327 -12.90 -43.60 -20.33
C LEU A 327 -13.45 -44.98 -20.61
N ALA A 328 -13.78 -45.72 -19.55
CA ALA A 328 -14.29 -47.07 -19.73
C ALA A 328 -15.60 -47.07 -20.50
N LEU A 329 -16.40 -46.00 -20.35
CA LEU A 329 -17.74 -45.92 -20.92
C LEU A 329 -17.81 -45.07 -22.18
N GLY A 330 -16.68 -44.56 -22.64
CA GLY A 330 -16.66 -43.70 -23.79
C GLY A 330 -17.16 -42.30 -23.57
N TRP A 331 -17.22 -41.85 -22.31
CA TRP A 331 -17.59 -40.50 -21.90
C TRP A 331 -16.36 -39.60 -21.94
N PRO A 332 -16.56 -38.28 -22.06
CA PRO A 332 -15.40 -37.37 -22.07
C PRO A 332 -14.62 -37.50 -20.78
N GLU A 333 -13.29 -37.41 -20.90
CA GLU A 333 -12.45 -37.81 -19.78
C GLU A 333 -12.59 -36.88 -18.59
N THR A 334 -12.82 -35.59 -18.85
CA THR A 334 -12.89 -34.58 -17.77
C THR A 334 -14.30 -34.49 -17.18
N ASP A 335 -15.17 -35.44 -17.49
CA ASP A 335 -16.57 -35.37 -17.01
C ASP A 335 -16.65 -35.47 -15.49
N GLY A 336 -17.08 -34.39 -14.84
CA GLY A 336 -17.32 -34.33 -13.38
C GLY A 336 -16.07 -34.14 -12.54
N LEU A 337 -14.94 -33.89 -13.18
CA LEU A 337 -13.65 -33.74 -12.47
C LEU A 337 -13.14 -32.32 -12.67
N SER A 338 -13.09 -31.54 -11.60
CA SER A 338 -12.62 -30.14 -11.72
C SER A 338 -11.12 -30.09 -11.51
N VAL A 339 -10.47 -29.09 -12.11
CA VAL A 339 -9.05 -28.85 -11.86
C VAL A 339 -8.86 -27.73 -10.87
N VAL A 340 -9.95 -27.25 -10.25
CA VAL A 340 -9.98 -26.08 -9.39
C VAL A 340 -10.19 -26.54 -7.95
N GLY A 341 -9.31 -26.10 -7.06
CA GLY A 341 -9.35 -26.52 -5.67
C GLY A 341 -10.19 -25.59 -4.82
N VAL A 342 -10.78 -26.18 -3.77
CA VAL A 342 -11.53 -25.43 -2.77
C VAL A 342 -10.51 -24.98 -1.73
N ALA A 343 -10.07 -23.74 -1.84
CA ALA A 343 -9.06 -23.18 -0.96
C ALA A 343 -9.44 -21.74 -0.65
N PRO A 344 -8.93 -21.17 0.46
CA PRO A 344 -8.09 -21.77 1.50
C PRO A 344 -8.84 -22.79 2.38
N ALA B 1 -24.54 -11.68 -23.15
CA ALA B 1 -23.56 -12.33 -22.25
C ALA B 1 -23.14 -11.33 -21.17
N THR B 2 -23.40 -11.66 -19.91
CA THR B 2 -23.10 -10.76 -18.77
C THR B 2 -21.61 -10.72 -18.45
N LYS B 3 -20.96 -9.58 -18.68
CA LYS B 3 -19.51 -9.42 -18.34
C LYS B 3 -19.44 -9.16 -16.85
N VAL B 4 -18.54 -9.83 -16.13
CA VAL B 4 -18.45 -9.61 -14.65
C VAL B 4 -17.04 -9.17 -14.27
N ALA B 5 -16.94 -8.24 -13.33
CA ALA B 5 -15.64 -7.77 -12.82
C ALA B 5 -15.62 -8.03 -11.33
N VAL B 6 -14.50 -8.54 -10.83
CA VAL B 6 -14.33 -8.75 -9.40
C VAL B 6 -13.29 -7.76 -8.91
N ALA B 7 -13.66 -6.97 -7.91
CA ALA B 7 -12.78 -5.98 -7.31
C ALA B 7 -12.38 -6.46 -5.92
N GLY B 8 -11.10 -6.61 -5.68
CA GLY B 8 -10.60 -7.35 -4.55
C GLY B 8 -10.30 -8.80 -4.89
N ALA B 9 -9.98 -9.08 -6.16
CA ALA B 9 -9.86 -10.44 -6.68
C ALA B 9 -8.76 -11.23 -6.00
N SER B 10 -7.84 -10.56 -5.32
CA SER B 10 -6.68 -11.16 -4.69
C SER B 10 -6.93 -11.63 -3.27
N GLY B 11 -8.10 -11.33 -2.71
CA GLY B 11 -8.42 -11.71 -1.35
C GLY B 11 -9.35 -12.91 -1.28
N TYR B 12 -9.54 -13.39 -0.04
CA TYR B 12 -10.25 -14.65 0.18
C TYR B 12 -11.64 -14.61 -0.41
N ALA B 13 -12.42 -13.56 -0.07
CA ALA B 13 -13.74 -13.36 -0.66
C ALA B 13 -13.64 -13.38 -2.18
N GLY B 14 -12.67 -12.66 -2.74
CA GLY B 14 -12.57 -12.56 -4.17
C GLY B 14 -12.35 -13.89 -4.84
N GLY B 15 -11.38 -14.66 -4.34
CA GLY B 15 -11.07 -15.92 -4.96
C GLY B 15 -12.18 -16.94 -4.79
N GLU B 16 -12.92 -16.87 -3.70
CA GLU B 16 -14.05 -17.78 -3.59
C GLU B 16 -15.17 -17.37 -4.55
N ILE B 17 -15.38 -16.06 -4.74
CA ILE B 17 -16.33 -15.64 -5.77
C ILE B 17 -15.92 -16.24 -7.11
N LEU B 18 -14.63 -16.15 -7.44
CA LEU B 18 -14.14 -16.60 -8.74
C LEU B 18 -14.17 -18.12 -8.87
N ARG B 19 -13.92 -18.86 -7.78
CA ARG B 19 -14.13 -20.30 -7.83
C ARG B 19 -15.55 -20.62 -8.26
N LEU B 20 -16.51 -19.83 -7.79
CA LEU B 20 -17.93 -20.15 -8.02
C LEU B 20 -18.33 -19.87 -9.47
N LEU B 21 -17.98 -18.70 -9.99
CA LEU B 21 -18.27 -18.39 -11.39
C LEU B 21 -17.61 -19.39 -12.32
N LEU B 22 -16.35 -19.78 -12.06
CA LEU B 22 -15.72 -20.80 -12.90
C LEU B 22 -16.57 -22.07 -12.95
N GLY B 23 -17.21 -22.43 -11.84
CA GLY B 23 -18.09 -23.56 -11.83
C GLY B 23 -19.52 -23.28 -12.26
N HIS B 24 -19.82 -22.04 -12.62
CA HIS B 24 -21.19 -21.63 -12.87
C HIS B 24 -21.66 -22.07 -14.26
N PRO B 25 -22.87 -22.61 -14.36
CA PRO B 25 -23.38 -22.99 -15.69
C PRO B 25 -23.41 -21.85 -16.67
N ALA B 26 -23.76 -20.64 -16.23
CA ALA B 26 -23.69 -19.46 -17.08
C ALA B 26 -22.28 -19.17 -17.59
N TYR B 27 -21.24 -19.64 -16.91
CA TYR B 27 -19.89 -19.50 -17.45
C TYR B 27 -19.60 -20.59 -18.47
N ALA B 28 -20.19 -21.76 -18.31
CA ALA B 28 -19.83 -22.88 -19.18
C ALA B 28 -20.41 -22.72 -20.57
N ASP B 29 -21.55 -22.04 -20.71
CA ASP B 29 -22.13 -21.93 -22.04
C ASP B 29 -21.93 -20.56 -22.68
N GLY B 30 -21.57 -19.54 -21.91
CA GLY B 30 -21.20 -18.25 -22.48
C GLY B 30 -22.05 -17.09 -22.06
N ARG B 31 -23.15 -17.29 -21.32
CA ARG B 31 -23.93 -16.13 -20.86
C ARG B 31 -23.18 -15.33 -19.81
N LEU B 32 -22.19 -15.93 -19.15
CA LEU B 32 -21.36 -15.26 -18.15
C LEU B 32 -19.90 -15.25 -18.62
N ARG B 33 -19.25 -14.10 -18.47
CA ARG B 33 -17.85 -13.96 -18.83
C ARG B 33 -17.13 -13.21 -17.72
N ILE B 34 -15.97 -13.74 -17.34
CA ILE B 34 -15.15 -13.17 -16.26
C ILE B 34 -14.24 -12.10 -16.87
N GLY B 35 -14.40 -10.86 -16.41
CA GLY B 35 -13.63 -9.76 -16.94
C GLY B 35 -12.52 -9.28 -16.03
N ALA B 36 -12.45 -7.96 -15.83
CA ALA B 36 -11.34 -7.37 -15.11
C ALA B 36 -11.29 -7.88 -13.66
N LEU B 37 -10.12 -8.32 -13.24
CA LEU B 37 -9.87 -8.74 -11.88
C LEU B 37 -8.89 -7.75 -11.27
N THR B 38 -9.33 -7.02 -10.25
CA THR B 38 -8.53 -5.89 -9.76
C THR B 38 -8.21 -6.06 -8.29
N ALA B 39 -7.16 -5.34 -7.87
CA ALA B 39 -6.74 -5.34 -6.48
C ALA B 39 -6.19 -3.95 -6.15
N ALA B 40 -6.01 -3.71 -4.85
CA ALA B 40 -5.58 -2.40 -4.40
C ALA B 40 -4.08 -2.24 -4.54
N THR B 41 -3.33 -3.31 -4.30
CA THR B 41 -1.87 -3.28 -4.30
C THR B 41 -1.26 -4.32 -5.23
N SER B 42 -2.03 -5.30 -5.67
CA SER B 42 -1.51 -6.44 -6.40
C SER B 42 -1.51 -6.24 -7.90
N ALA B 43 -1.84 -5.03 -8.38
CA ALA B 43 -1.84 -4.77 -9.80
C ALA B 43 -0.51 -5.17 -10.43
N GLY B 44 -0.58 -5.74 -11.63
CA GLY B 44 0.60 -6.21 -12.30
C GLY B 44 1.02 -7.60 -11.94
N SER B 45 0.43 -8.19 -10.89
CA SER B 45 0.61 -9.60 -10.59
C SER B 45 -0.35 -10.45 -11.41
N THR B 46 0.07 -11.68 -11.72
CA THR B 46 -0.85 -12.66 -12.26
C THR B 46 -1.65 -13.30 -11.13
N LEU B 47 -2.89 -13.70 -11.44
CA LEU B 47 -3.80 -14.13 -10.38
C LEU B 47 -3.34 -15.43 -9.72
N GLY B 48 -2.54 -16.24 -10.41
CA GLY B 48 -2.03 -17.45 -9.80
C GLY B 48 -1.19 -17.20 -8.57
N GLU B 49 -0.48 -16.08 -8.54
CA GLU B 49 0.36 -15.78 -7.39
C GLU B 49 -0.46 -15.55 -6.14
N HIS B 50 -1.75 -15.21 -6.30
CA HIS B 50 -2.68 -15.01 -5.19
C HIS B 50 -3.51 -16.25 -4.93
N HIS B 51 -4.13 -16.80 -5.97
CA HIS B 51 -5.01 -17.96 -5.86
C HIS B 51 -4.47 -19.10 -6.72
N PRO B 52 -3.42 -19.79 -6.26
CA PRO B 52 -2.92 -20.94 -7.03
C PRO B 52 -3.97 -22.02 -7.26
N HIS B 53 -5.09 -21.96 -6.59
CA HIS B 53 -6.12 -22.96 -6.74
C HIS B 53 -7.04 -22.67 -7.92
N LEU B 54 -7.15 -21.41 -8.36
CA LEU B 54 -7.88 -21.10 -9.58
C LEU B 54 -6.89 -21.05 -10.76
N THR B 55 -6.36 -22.24 -11.07
CA THR B 55 -5.46 -22.36 -12.21
C THR B 55 -6.05 -21.90 -13.54
N PRO B 56 -7.35 -22.07 -13.84
CA PRO B 56 -7.83 -21.55 -15.13
C PRO B 56 -7.67 -20.06 -15.30
N LEU B 57 -7.64 -19.30 -14.21
CA LEU B 57 -7.46 -17.86 -14.26
C LEU B 57 -6.04 -17.44 -13.93
N ALA B 58 -5.09 -18.38 -13.92
CA ALA B 58 -3.77 -18.11 -13.36
C ALA B 58 -3.03 -17.04 -14.14
N HIS B 59 -3.30 -16.94 -15.44
CA HIS B 59 -2.58 -16.01 -16.30
C HIS B 59 -3.12 -14.57 -16.24
N ARG B 60 -4.34 -14.39 -15.71
CA ARG B 60 -4.95 -13.06 -15.61
C ARG B 60 -4.01 -12.08 -14.93
N VAL B 61 -3.95 -10.86 -15.44
CA VAL B 61 -3.11 -9.82 -14.85
C VAL B 61 -3.99 -8.96 -13.96
N VAL B 62 -3.64 -8.90 -12.70
CA VAL B 62 -4.42 -8.10 -11.72
C VAL B 62 -4.26 -6.63 -12.08
N GLU B 63 -5.39 -5.96 -12.29
CA GLU B 63 -5.38 -4.52 -12.64
C GLU B 63 -5.61 -3.68 -11.39
N PRO B 64 -5.39 -2.36 -11.43
CA PRO B 64 -5.66 -1.51 -10.30
C PRO B 64 -7.17 -1.33 -10.13
N THR B 65 -7.60 -1.07 -8.90
CA THR B 65 -9.04 -0.88 -8.59
C THR B 65 -9.40 0.56 -8.91
N GLU B 66 -9.79 0.82 -10.16
CA GLU B 66 -10.16 2.16 -10.63
C GLU B 66 -11.42 2.07 -11.47
N ALA B 67 -12.24 3.12 -11.46
CA ALA B 67 -13.51 3.15 -12.22
C ALA B 67 -13.30 2.88 -13.72
N ALA B 68 -12.23 3.37 -14.31
CA ALA B 68 -11.98 3.14 -15.74
C ALA B 68 -12.00 1.64 -16.06
N VAL B 69 -11.32 0.83 -15.24
CA VAL B 69 -11.17 -0.64 -15.45
C VAL B 69 -12.48 -1.37 -15.21
N LEU B 70 -13.18 -1.02 -14.13
CA LEU B 70 -14.43 -1.70 -13.71
C LEU B 70 -15.62 -1.30 -14.59
N GLY B 71 -15.51 -0.20 -15.34
CA GLY B 71 -16.58 0.21 -16.24
C GLY B 71 -16.66 -0.74 -17.43
N GLY B 72 -17.85 -0.96 -17.96
CA GLY B 72 -17.95 -1.86 -19.12
C GLY B 72 -18.29 -3.27 -18.70
N HIS B 73 -18.78 -3.43 -17.47
CA HIS B 73 -19.17 -4.76 -16.97
C HIS B 73 -20.61 -4.66 -16.48
N ASP B 74 -21.42 -5.66 -16.79
CA ASP B 74 -22.85 -5.69 -16.41
C ASP B 74 -22.98 -5.91 -14.90
N ALA B 75 -22.17 -6.80 -14.36
CA ALA B 75 -22.17 -7.11 -12.94
C ALA B 75 -20.77 -6.84 -12.41
N VAL B 76 -20.69 -6.29 -11.21
CA VAL B 76 -19.37 -6.01 -10.61
C VAL B 76 -19.42 -6.40 -9.13
N PHE B 77 -18.62 -7.39 -8.72
CA PHE B 77 -18.60 -7.79 -7.30
C PHE B 77 -17.60 -6.91 -6.57
N LEU B 78 -17.90 -6.52 -5.35
CA LEU B 78 -16.95 -5.68 -4.60
C LEU B 78 -16.47 -6.43 -3.38
N ALA B 79 -15.35 -7.14 -3.45
CA ALA B 79 -14.78 -7.82 -2.27
C ALA B 79 -13.67 -6.92 -1.72
N LEU B 80 -13.99 -5.67 -1.46
CA LEU B 80 -12.99 -4.67 -1.02
C LEU B 80 -12.87 -4.70 0.51
N PRO B 81 -11.64 -4.64 1.04
CA PRO B 81 -11.35 -4.60 2.46
C PRO B 81 -12.35 -3.87 3.36
N HIS B 82 -13.13 -4.64 4.12
CA HIS B 82 -14.13 -4.20 5.13
C HIS B 82 -14.69 -2.76 4.96
N GLY B 83 -15.17 -2.36 3.79
CA GLY B 83 -15.76 -1.01 3.73
C GLY B 83 -15.05 -0.06 2.78
N HIS B 84 -15.53 1.19 2.75
CA HIS B 84 -15.05 2.29 1.87
C HIS B 84 -15.33 1.93 0.41
N SER B 85 -16.48 1.33 0.14
CA SER B 85 -16.90 0.92 -1.23
C SER B 85 -17.90 1.91 -1.84
N ALA B 86 -18.55 2.72 -1.01
CA ALA B 86 -19.59 3.66 -1.49
C ALA B 86 -19.06 4.63 -2.55
N VAL B 87 -17.79 5.01 -2.46
CA VAL B 87 -17.14 5.92 -3.46
C VAL B 87 -17.26 5.24 -4.81
N LEU B 88 -16.51 4.16 -4.97
CA LEU B 88 -16.49 3.29 -6.17
C LEU B 88 -17.94 3.04 -6.57
N ALA B 89 -18.79 2.76 -5.58
CA ALA B 89 -20.21 2.44 -5.83
C ALA B 89 -20.89 3.52 -6.66
N GLN B 90 -20.66 4.81 -6.41
CA GLN B 90 -21.40 5.82 -7.19
C GLN B 90 -20.65 6.17 -8.47
N GLN B 91 -19.39 5.71 -8.60
CA GLN B 91 -18.57 6.01 -9.80
C GLN B 91 -18.90 5.05 -10.95
N LEU B 92 -19.66 4.00 -10.67
CA LEU B 92 -20.03 3.05 -11.76
C LEU B 92 -21.41 3.42 -12.29
N SER B 93 -21.82 2.80 -13.40
CA SER B 93 -23.13 3.12 -13.98
C SER B 93 -24.25 2.69 -13.04
N PRO B 94 -25.37 3.41 -12.96
CA PRO B 94 -26.49 3.03 -12.10
C PRO B 94 -27.27 1.82 -12.62
N GLU B 95 -27.10 1.47 -13.89
CA GLU B 95 -27.82 0.29 -14.44
C GLU B 95 -26.93 -0.95 -14.29
N THR B 96 -25.71 -0.76 -13.80
CA THR B 96 -24.70 -1.83 -13.57
C THR B 96 -24.99 -2.52 -12.26
N LEU B 97 -25.16 -3.84 -12.27
CA LEU B 97 -25.47 -4.57 -11.01
C LEU B 97 -24.22 -4.69 -10.16
N ILE B 98 -24.21 -4.11 -8.97
CA ILE B 98 -23.06 -4.24 -8.09
C ILE B 98 -23.47 -5.04 -6.87
N ILE B 99 -22.73 -6.12 -6.59
CA ILE B 99 -22.82 -6.86 -5.35
C ILE B 99 -21.68 -6.42 -4.42
N ASP B 100 -22.02 -5.97 -3.20
CA ASP B 100 -21.03 -5.50 -2.23
C ASP B 100 -20.86 -6.52 -1.09
N CYS B 101 -19.69 -7.17 -1.02
CA CYS B 101 -19.40 -8.03 0.13
C CYS B 101 -19.01 -7.26 1.38
N GLY B 102 -18.52 -6.02 1.23
CA GLY B 102 -18.29 -5.18 2.39
C GLY B 102 -19.56 -4.91 3.17
N ALA B 103 -19.46 -4.12 4.24
CA ALA B 103 -20.63 -3.85 5.05
C ALA B 103 -21.22 -2.46 4.85
N ASP B 104 -20.70 -1.67 3.91
CA ASP B 104 -21.08 -0.24 3.85
C ASP B 104 -22.56 -0.04 3.57
N PHE B 105 -23.23 -1.01 2.93
CA PHE B 105 -24.62 -0.82 2.55
C PHE B 105 -25.57 -1.77 3.27
N ARG B 106 -25.09 -2.47 4.30
CA ARG B 106 -25.94 -3.45 4.99
C ARG B 106 -26.92 -2.78 5.93
N LEU B 107 -26.45 -1.83 6.74
CA LEU B 107 -27.20 -1.36 7.90
C LEU B 107 -28.28 -0.34 7.52
N THR B 108 -29.36 -0.36 8.31
CA THR B 108 -30.56 0.42 8.11
C THR B 108 -30.55 1.73 8.89
N ASP B 109 -30.06 1.71 10.13
CA ASP B 109 -30.12 2.85 11.04
C ASP B 109 -28.78 3.57 11.02
N ALA B 110 -28.77 4.77 10.42
CA ALA B 110 -27.54 5.56 10.39
C ALA B 110 -26.97 5.77 11.78
N ALA B 111 -27.82 5.92 12.80
CA ALA B 111 -27.30 6.14 14.13
C ALA B 111 -26.53 4.93 14.62
N VAL B 112 -27.06 3.74 14.36
CA VAL B 112 -26.40 2.51 14.78
C VAL B 112 -25.13 2.31 13.98
N TRP B 113 -25.13 2.70 12.71
CA TRP B 113 -23.94 2.55 11.87
C TRP B 113 -22.78 3.40 12.38
N GLU B 114 -23.04 4.68 12.65
CA GLU B 114 -21.98 5.55 13.15
C GLU B 114 -21.43 5.05 14.46
N ARG B 115 -22.33 4.56 15.33
CA ARG B 115 -21.91 4.05 16.62
C ARG B 115 -20.90 2.91 16.48
N PHE B 116 -21.12 2.00 15.52
CA PHE B 116 -20.26 0.84 15.37
C PHE B 116 -19.15 1.03 14.36
N TYR B 117 -19.30 1.96 13.41
CA TYR B 117 -18.33 2.10 12.33
C TYR B 117 -17.61 3.45 12.32
N GLY B 118 -17.88 4.35 13.28
CA GLY B 118 -17.15 5.60 13.39
C GLY B 118 -17.13 6.47 12.15
N SER B 119 -18.12 6.27 11.28
CA SER B 119 -18.14 6.91 9.98
C SER B 119 -19.58 7.28 9.65
N SER B 120 -19.73 8.09 8.62
CA SER B 120 -21.04 8.51 8.20
C SER B 120 -21.66 7.41 7.34
N HIS B 121 -22.97 7.26 7.47
CA HIS B 121 -23.70 6.13 6.93
C HIS B 121 -24.05 6.34 5.46
N ALA B 122 -23.74 5.33 4.64
CA ALA B 122 -23.90 5.44 3.20
C ALA B 122 -25.28 5.05 2.70
N GLY B 123 -26.15 4.54 3.55
CA GLY B 123 -27.44 4.04 3.09
C GLY B 123 -27.48 2.53 3.10
N SER B 124 -28.63 2.01 2.66
CA SER B 124 -28.90 0.56 2.71
C SER B 124 -29.34 0.02 1.36
N TRP B 125 -28.75 -1.10 0.97
CA TRP B 125 -29.14 -1.84 -0.25
C TRP B 125 -29.75 -3.15 0.20
N PRO B 126 -30.61 -3.77 -0.63
CA PRO B 126 -31.21 -5.06 -0.33
C PRO B 126 -30.19 -6.09 0.19
N TYR B 127 -30.48 -6.67 1.35
CA TYR B 127 -29.60 -7.66 2.00
C TYR B 127 -29.61 -8.94 1.17
N GLY B 128 -28.44 -9.51 0.93
CA GLY B 128 -28.32 -10.74 0.13
C GLY B 128 -28.51 -12.01 0.92
N LEU B 129 -29.60 -12.14 1.64
CA LEU B 129 -29.88 -13.39 2.37
C LEU B 129 -31.28 -13.83 2.00
N PRO B 130 -31.48 -14.50 0.85
CA PRO B 130 -32.81 -14.92 0.42
C PRO B 130 -33.68 -15.70 1.41
N GLU B 131 -33.09 -16.48 2.30
CA GLU B 131 -33.90 -17.26 3.24
C GLU B 131 -34.63 -16.33 4.21
N LEU B 132 -34.17 -15.09 4.37
CA LEU B 132 -34.89 -14.18 5.26
C LEU B 132 -36.24 -13.81 4.66
N PRO B 133 -37.30 -13.81 5.47
CA PRO B 133 -38.64 -13.54 4.95
C PRO B 133 -38.72 -12.18 4.27
N GLY B 134 -39.32 -12.16 3.07
CA GLY B 134 -39.42 -10.96 2.28
C GLY B 134 -38.13 -10.50 1.63
N ALA B 135 -37.00 -11.15 1.92
CA ALA B 135 -35.72 -10.76 1.34
C ALA B 135 -35.58 -11.21 -0.11
N ARG B 136 -36.02 -12.44 -0.44
CA ARG B 136 -35.93 -12.89 -1.82
C ARG B 136 -36.68 -11.96 -2.75
N ASP B 137 -37.77 -11.37 -2.29
CA ASP B 137 -38.56 -10.54 -3.19
C ASP B 137 -37.83 -9.26 -3.58
N GLN B 138 -37.04 -8.67 -2.67
CA GLN B 138 -36.32 -7.46 -3.05
C GLN B 138 -35.05 -7.75 -3.82
N LEU B 139 -34.69 -9.01 -4.01
CA LEU B 139 -33.47 -9.27 -4.75
C LEU B 139 -33.73 -9.52 -6.23
N ARG B 140 -34.90 -10.07 -6.59
CA ARG B 140 -35.25 -10.29 -7.98
C ARG B 140 -35.18 -8.99 -8.77
N GLY B 141 -34.28 -8.95 -9.75
CA GLY B 141 -34.09 -7.78 -10.59
C GLY B 141 -33.38 -6.62 -9.95
N THR B 142 -32.85 -6.78 -8.74
CA THR B 142 -32.13 -5.70 -8.09
C THR B 142 -30.87 -5.34 -8.88
N ARG B 143 -30.37 -4.13 -8.64
CA ARG B 143 -29.05 -3.73 -9.13
C ARG B 143 -28.17 -3.26 -7.98
N ARG B 144 -28.61 -3.41 -6.75
CA ARG B 144 -27.80 -3.09 -5.59
C ARG B 144 -27.94 -4.25 -4.60
N ILE B 145 -26.84 -4.91 -4.31
CA ILE B 145 -26.84 -6.02 -3.37
C ILE B 145 -25.80 -5.75 -2.31
N ALA B 146 -26.20 -5.87 -1.05
CA ALA B 146 -25.28 -5.97 0.08
C ALA B 146 -25.31 -7.40 0.62
N VAL B 147 -24.16 -8.06 0.60
CA VAL B 147 -24.00 -9.42 1.15
C VAL B 147 -23.91 -9.40 2.68
N PRO B 148 -24.56 -10.33 3.38
CA PRO B 148 -24.47 -10.35 4.84
C PRO B 148 -23.06 -10.62 5.32
N GLY B 149 -22.80 -10.26 6.59
CA GLY B 149 -21.62 -10.74 7.25
C GLY B 149 -21.67 -12.25 7.43
N CYS B 150 -20.49 -12.86 7.62
CA CYS B 150 -20.45 -14.31 7.80
C CYS B 150 -21.22 -14.72 9.05
N TYR B 151 -21.05 -14.00 10.16
CA TYR B 151 -21.73 -14.37 11.39
C TYR B 151 -23.23 -14.16 11.34
N PRO B 152 -23.76 -13.01 10.86
CA PRO B 152 -25.23 -12.86 10.83
C PRO B 152 -25.94 -13.92 9.97
N THR B 153 -25.39 -14.27 8.80
CA THR B 153 -25.97 -15.37 8.03
C THR B 153 -26.31 -16.56 8.92
N ALA B 154 -25.33 -17.00 9.73
CA ALA B 154 -25.54 -18.15 10.61
C ALA B 154 -26.62 -17.87 11.65
N ALA B 155 -26.40 -16.88 12.51
CA ALA B 155 -27.31 -16.64 13.63
C ALA B 155 -28.76 -16.44 13.15
N LEU B 156 -28.94 -15.72 12.04
CA LEU B 156 -30.30 -15.43 11.57
C LEU B 156 -30.99 -16.70 11.07
N LEU B 157 -30.30 -17.54 10.28
CA LEU B 157 -30.87 -18.82 9.90
C LEU B 157 -31.02 -19.75 11.09
N ALA B 158 -30.27 -19.52 12.17
CA ALA B 158 -30.41 -20.35 13.34
C ALA B 158 -31.57 -19.93 14.22
N LEU B 159 -31.89 -18.63 14.24
CA LEU B 159 -32.84 -18.08 15.20
C LEU B 159 -34.14 -17.59 14.59
N PHE B 160 -34.15 -17.06 13.36
CA PHE B 160 -35.31 -16.27 12.92
C PHE B 160 -36.62 -17.05 12.85
N PRO B 161 -36.69 -18.31 12.38
CA PRO B 161 -38.00 -18.96 12.35
C PRO B 161 -38.70 -19.01 13.71
N ALA B 162 -37.95 -19.32 14.77
CA ALA B 162 -38.55 -19.44 16.10
C ALA B 162 -38.97 -18.08 16.63
N LEU B 163 -38.15 -17.05 16.43
CA LEU B 163 -38.57 -15.70 16.80
C LEU B 163 -39.77 -15.25 15.97
N ALA B 164 -39.73 -15.49 14.65
CA ALA B 164 -40.85 -15.15 13.76
C ALA B 164 -42.12 -15.85 14.20
N ALA B 165 -42.04 -17.13 14.55
CA ALA B 165 -43.22 -17.80 15.08
C ALA B 165 -43.58 -17.31 16.47
N ASP B 166 -42.84 -16.34 17.02
CA ASP B 166 -43.05 -15.84 18.37
C ASP B 166 -43.04 -17.00 19.36
N LEU B 167 -42.00 -17.82 19.26
CA LEU B 167 -41.84 -18.93 20.19
C LEU B 167 -40.73 -18.73 21.19
N ILE B 168 -39.74 -17.89 20.89
CA ILE B 168 -38.65 -17.59 21.82
C ILE B 168 -38.75 -16.14 22.30
N GLU B 169 -38.22 -15.91 23.49
CA GLU B 169 -38.09 -14.55 23.98
C GLU B 169 -37.00 -13.82 23.19
N PRO B 170 -37.24 -12.58 22.78
CA PRO B 170 -36.33 -11.91 21.85
C PRO B 170 -35.05 -11.36 22.43
N ALA B 171 -34.59 -11.83 23.58
CA ALA B 171 -33.21 -11.63 24.00
C ALA B 171 -32.45 -12.91 23.65
N VAL B 172 -31.56 -12.83 22.67
CA VAL B 172 -30.88 -13.99 22.14
C VAL B 172 -29.38 -13.92 22.45
N THR B 173 -28.78 -15.09 22.59
CA THR B 173 -27.35 -15.27 22.81
C THR B 173 -26.79 -16.03 21.63
N VAL B 174 -25.58 -15.68 21.21
CA VAL B 174 -24.92 -16.34 20.09
C VAL B 174 -23.46 -16.42 20.47
N VAL B 175 -22.87 -17.61 20.34
CA VAL B 175 -21.47 -17.85 20.58
C VAL B 175 -21.01 -18.71 19.41
N ALA B 176 -20.37 -18.09 18.44
CA ALA B 176 -20.06 -18.74 17.18
C ALA B 176 -18.56 -18.93 17.09
N VAL B 177 -18.13 -20.16 16.77
CA VAL B 177 -16.73 -20.46 16.51
C VAL B 177 -16.48 -20.31 15.01
N SER B 178 -15.30 -19.83 14.63
CA SER B 178 -15.02 -19.56 13.22
C SER B 178 -13.57 -19.84 12.86
N GLY B 179 -13.36 -20.27 11.61
CA GLY B 179 -12.03 -20.40 11.07
C GLY B 179 -11.40 -19.05 10.74
N THR B 180 -10.10 -19.10 10.43
CA THR B 180 -9.32 -17.89 10.27
C THR B 180 -9.62 -17.12 8.99
N SER B 181 -10.18 -17.78 7.97
CA SER B 181 -10.30 -17.12 6.67
C SER B 181 -11.23 -15.93 6.73
N GLY B 182 -12.26 -15.98 7.59
CA GLY B 182 -13.21 -14.90 7.68
C GLY B 182 -12.60 -13.57 8.05
N ALA B 183 -11.44 -13.58 8.71
CA ALA B 183 -10.68 -12.36 8.97
C ALA B 183 -10.03 -11.78 7.73
N GLY B 184 -10.13 -12.46 6.60
CA GLY B 184 -9.54 -11.97 5.38
C GLY B 184 -8.04 -12.21 5.29
N ARG B 185 -7.45 -11.53 4.33
CA ARG B 185 -6.09 -11.83 3.91
C ARG B 185 -5.08 -10.81 4.41
N ALA B 186 -5.50 -9.84 5.22
CA ALA B 186 -4.55 -8.89 5.78
C ALA B 186 -3.67 -9.58 6.81
N ALA B 187 -2.35 -9.43 6.65
CA ALA B 187 -1.40 -10.07 7.54
C ALA B 187 -1.28 -9.27 8.84
N THR B 188 -1.99 -9.72 9.87
CA THR B 188 -1.61 -9.39 11.23
C THR B 188 -0.65 -10.47 11.71
N THR B 189 -0.09 -10.26 12.90
CA THR B 189 0.63 -11.34 13.55
C THR B 189 -0.29 -12.24 14.35
N ASP B 190 -1.54 -11.81 14.62
CA ASP B 190 -2.48 -12.61 15.38
C ASP B 190 -3.16 -13.68 14.55
N LEU B 191 -3.06 -13.62 13.22
CA LEU B 191 -3.62 -14.62 12.34
C LEU B 191 -2.54 -15.54 11.79
N LEU B 192 -1.32 -15.42 12.32
CA LEU B 192 -0.22 -16.26 11.89
C LEU B 192 -0.50 -17.72 12.24
N GLY B 193 -0.17 -18.60 11.29
CA GLY B 193 -0.29 -20.03 11.44
C GLY B 193 0.07 -20.53 12.82
N ALA B 194 1.27 -20.17 13.29
CA ALA B 194 1.74 -20.61 14.59
C ALA B 194 0.79 -20.22 15.71
N GLU B 195 0.13 -19.07 15.57
CA GLU B 195 -0.68 -18.50 16.64
C GLU B 195 -2.10 -19.06 16.71
N VAL B 196 -2.80 -19.17 15.58
CA VAL B 196 -4.15 -19.71 15.62
C VAL B 196 -4.12 -21.23 15.79
N ILE B 197 -3.07 -21.91 15.29
CA ILE B 197 -3.01 -23.36 15.41
C ILE B 197 -2.85 -23.75 16.88
N GLY B 198 -3.74 -24.64 17.33
CA GLY B 198 -3.69 -25.13 18.68
C GLY B 198 -4.26 -24.20 19.72
N SER B 199 -4.93 -23.15 19.30
CA SER B 199 -5.41 -22.14 20.24
C SER B 199 -6.79 -21.70 19.84
N ALA B 200 -7.66 -21.56 20.83
CA ALA B 200 -8.89 -20.82 20.68
C ALA B 200 -8.79 -19.51 21.46
N ARG B 201 -9.63 -18.54 21.10
CA ARG B 201 -9.75 -17.26 21.80
C ARG B 201 -10.98 -16.54 21.30
N ALA B 202 -11.87 -16.16 22.22
CA ALA B 202 -12.92 -15.22 21.90
C ALA B 202 -12.32 -13.85 21.63
N TYR B 203 -12.94 -13.13 20.71
CA TYR B 203 -12.49 -11.77 20.43
C TYR B 203 -13.70 -10.85 20.31
N ASN B 204 -13.47 -9.54 20.38
CA ASN B 204 -14.48 -8.47 20.25
C ASN B 204 -15.74 -8.81 21.03
N ILE B 205 -15.57 -9.18 22.28
CA ILE B 205 -16.70 -9.65 23.13
C ILE B 205 -17.45 -8.48 23.75
N ALA B 206 -18.54 -8.82 24.42
CA ALA B 206 -19.40 -7.88 25.18
C ALA B 206 -19.97 -6.79 24.30
N GLY B 207 -20.37 -7.10 23.08
CA GLY B 207 -21.12 -6.13 22.25
C GLY B 207 -20.30 -5.16 21.44
N VAL B 208 -19.01 -5.39 21.23
CA VAL B 208 -18.20 -4.42 20.45
C VAL B 208 -18.12 -4.85 18.99
N HIS B 209 -18.38 -6.13 18.72
CA HIS B 209 -18.36 -6.66 17.34
C HIS B 209 -19.38 -5.92 16.49
N ARG B 210 -19.04 -5.64 15.24
CA ARG B 210 -19.91 -4.93 14.27
C ARG B 210 -20.96 -5.84 13.63
N HIS B 211 -21.05 -7.10 14.03
CA HIS B 211 -22.06 -8.04 13.51
C HIS B 211 -23.22 -8.08 14.50
N THR B 212 -22.99 -7.68 15.74
CA THR B 212 -24.07 -7.69 16.75
C THR B 212 -25.25 -6.85 16.23
N PRO B 213 -25.04 -5.61 15.72
CA PRO B 213 -26.14 -4.79 15.24
C PRO B 213 -26.79 -5.33 13.98
N GLU B 214 -26.05 -6.09 13.17
CA GLU B 214 -26.52 -6.75 11.93
C GLU B 214 -27.40 -7.94 12.32
N ILE B 215 -27.12 -8.52 13.48
CA ILE B 215 -27.91 -9.67 13.98
C ILE B 215 -29.20 -9.10 14.57
N ALA B 216 -29.12 -8.16 15.50
CA ALA B 216 -30.32 -7.45 15.97
C ALA B 216 -31.22 -7.02 14.81
N GLN B 217 -30.62 -6.49 13.76
CA GLN B 217 -31.41 -5.94 12.67
C GLN B 217 -32.28 -7.03 12.03
N GLY B 218 -31.63 -8.05 11.44
CA GLY B 218 -32.37 -9.13 10.80
C GLY B 218 -33.47 -9.71 11.68
N LEU B 219 -33.19 -9.87 12.97
CA LEU B 219 -34.20 -10.36 13.90
C LEU B 219 -35.29 -9.33 14.13
N ARG B 220 -34.95 -8.04 14.09
CA ARG B 220 -36.00 -7.04 14.22
C ARG B 220 -36.99 -7.13 13.07
N ALA B 221 -36.56 -7.63 11.92
CA ALA B 221 -37.41 -7.72 10.75
C ALA B 221 -38.44 -8.84 10.83
N VAL B 222 -38.50 -9.62 11.91
CA VAL B 222 -39.46 -10.71 11.99
C VAL B 222 -40.27 -10.62 13.29
N THR B 223 -40.16 -9.50 14.00
CA THR B 223 -40.80 -9.44 15.31
C THR B 223 -41.25 -8.02 15.65
N ASP B 224 -42.24 -7.95 16.55
CA ASP B 224 -42.74 -6.69 17.10
C ASP B 224 -41.86 -6.19 18.25
N ARG B 225 -41.39 -7.10 19.11
CA ARG B 225 -40.73 -6.77 20.36
C ARG B 225 -39.31 -6.23 20.10
N ASP B 226 -38.74 -5.62 21.13
CA ASP B 226 -37.36 -5.13 21.10
C ASP B 226 -36.38 -6.27 21.31
N VAL B 227 -35.42 -6.45 20.39
CA VAL B 227 -34.50 -7.58 20.42
C VAL B 227 -33.13 -7.13 20.90
N SER B 228 -32.60 -7.82 21.89
CA SER B 228 -31.23 -7.62 22.34
C SER B 228 -30.42 -8.88 22.02
N VAL B 229 -29.19 -8.67 21.54
CA VAL B 229 -28.32 -9.75 21.08
C VAL B 229 -27.05 -9.71 21.93
N SER B 230 -26.65 -10.88 22.43
CA SER B 230 -25.36 -11.07 23.10
C SER B 230 -24.51 -11.99 22.24
N PHE B 231 -23.56 -11.41 21.52
CA PHE B 231 -22.84 -12.13 20.47
C PHE B 231 -21.37 -12.28 20.86
N THR B 232 -20.91 -13.52 20.95
CA THR B 232 -19.50 -13.82 21.18
C THR B 232 -18.98 -14.61 19.99
N PRO B 233 -17.96 -14.13 19.27
CA PRO B 233 -17.29 -14.96 18.28
C PRO B 233 -16.03 -15.59 18.88
N VAL B 234 -15.55 -16.72 18.33
CA VAL B 234 -14.41 -17.42 18.91
C VAL B 234 -13.57 -18.01 17.80
N LEU B 235 -12.30 -17.62 17.73
CA LEU B 235 -11.42 -18.10 16.69
C LEU B 235 -10.89 -19.48 17.07
N ILE B 236 -10.85 -20.38 16.10
CA ILE B 236 -10.42 -21.76 16.31
C ILE B 236 -9.48 -22.15 15.18
N PRO B 237 -8.60 -23.18 15.42
CA PRO B 237 -7.65 -23.57 14.38
C PRO B 237 -8.33 -24.30 13.23
N ALA B 238 -9.03 -23.52 12.42
CA ALA B 238 -9.66 -24.01 11.20
C ALA B 238 -9.49 -22.96 10.12
N SER B 239 -9.64 -23.40 8.88
CA SER B 239 -9.47 -22.49 7.74
C SER B 239 -10.79 -21.90 7.28
N ARG B 240 -11.83 -22.71 7.16
CA ARG B 240 -13.18 -22.22 6.91
C ARG B 240 -14.12 -22.82 7.93
N GLY B 241 -15.29 -22.21 8.07
CA GLY B 241 -16.33 -22.74 8.93
C GLY B 241 -16.84 -21.71 9.92
N ILE B 242 -18.11 -21.86 10.28
CA ILE B 242 -18.70 -21.12 11.39
C ILE B 242 -19.71 -22.04 12.04
N LEU B 243 -19.60 -22.20 13.35
CA LEU B 243 -20.54 -23.04 14.09
C LEU B 243 -21.17 -22.13 15.14
N ALA B 244 -22.36 -21.65 14.85
CA ALA B 244 -23.04 -20.71 15.73
C ALA B 244 -23.96 -21.44 16.69
N THR B 245 -23.68 -21.34 17.98
CA THR B 245 -24.60 -21.81 19.02
C THR B 245 -25.42 -20.63 19.51
N CYS B 246 -26.74 -20.74 19.38
CA CYS B 246 -27.66 -19.65 19.64
C CYS B 246 -28.67 -20.11 20.66
N THR B 247 -28.81 -19.37 21.75
CA THR B 247 -29.86 -19.67 22.71
C THR B 247 -30.73 -18.44 22.96
N ALA B 248 -31.84 -18.70 23.65
CA ALA B 248 -32.82 -17.74 24.11
C ALA B 248 -33.83 -18.53 24.95
N ARG B 249 -34.48 -17.84 25.88
CA ARG B 249 -35.52 -18.50 26.65
C ARG B 249 -36.72 -18.80 25.76
N THR B 250 -37.41 -19.89 26.07
CA THR B 250 -38.63 -20.23 25.36
C THR B 250 -39.60 -20.91 26.31
N ARG B 251 -40.87 -20.77 25.97
CA ARG B 251 -42.00 -21.32 26.71
C ARG B 251 -42.88 -22.14 25.78
N SER B 252 -42.26 -22.86 24.85
CA SER B 252 -42.94 -23.66 23.86
C SER B 252 -42.50 -25.10 24.03
N PRO B 253 -43.25 -26.04 23.48
CA PRO B 253 -42.74 -27.39 23.37
C PRO B 253 -41.74 -27.49 22.23
N LEU B 254 -40.78 -28.41 22.37
CA LEU B 254 -39.90 -28.69 21.25
C LEU B 254 -40.72 -28.95 19.98
N SER B 255 -41.90 -29.54 20.12
CA SER B 255 -42.69 -29.90 18.94
C SER B 255 -43.05 -28.67 18.13
N GLN B 256 -43.52 -27.60 18.79
CA GLN B 256 -43.88 -26.39 18.05
C GLN B 256 -42.69 -25.77 17.35
N LEU B 257 -41.52 -25.76 18.02
CA LEU B 257 -40.34 -25.17 17.41
C LEU B 257 -39.90 -25.94 16.18
N ARG B 258 -39.79 -27.26 16.29
CA ARG B 258 -39.43 -28.04 15.11
C ARG B 258 -40.48 -27.82 14.00
N ALA B 259 -41.75 -27.78 14.36
CA ALA B 259 -42.78 -27.54 13.36
C ALA B 259 -42.66 -26.16 12.71
N ALA B 260 -42.04 -25.19 13.40
CA ALA B 260 -41.78 -23.90 12.78
C ALA B 260 -40.57 -23.93 11.85
N TYR B 261 -39.56 -24.73 12.19
CA TYR B 261 -38.37 -24.75 11.34
C TYR B 261 -38.61 -25.59 10.10
N GLU B 262 -39.35 -26.69 10.25
CA GLU B 262 -39.77 -27.45 9.09
C GLU B 262 -40.64 -26.59 8.16
N LYS B 263 -41.58 -25.85 8.74
CA LYS B 263 -42.40 -24.94 7.94
C LYS B 263 -41.56 -23.96 7.16
N ALA B 264 -40.54 -23.38 7.80
CA ALA B 264 -39.73 -22.36 7.14
C ALA B 264 -38.80 -22.98 6.09
N TYR B 265 -38.20 -24.13 6.40
CA TYR B 265 -37.03 -24.62 5.68
C TYR B 265 -37.28 -25.81 4.74
N HIS B 266 -38.50 -26.38 4.73
CA HIS B 266 -38.73 -27.51 3.82
C HIS B 266 -38.58 -27.10 2.36
N ALA B 267 -38.81 -25.83 2.03
CA ALA B 267 -38.83 -25.39 0.65
C ALA B 267 -37.57 -24.63 0.22
N GLU B 268 -36.61 -24.42 1.12
CA GLU B 268 -35.43 -23.64 0.78
C GLU B 268 -34.29 -24.57 0.41
N PRO B 269 -33.74 -24.46 -0.80
CA PRO B 269 -32.85 -25.53 -1.28
C PRO B 269 -31.53 -25.62 -0.52
N PHE B 270 -31.05 -24.55 0.08
CA PHE B 270 -29.73 -24.55 0.72
C PHE B 270 -29.79 -24.75 2.23
N ILE B 271 -30.96 -24.77 2.84
CA ILE B 271 -31.09 -24.91 4.28
C ILE B 271 -31.47 -26.35 4.56
N TYR B 272 -30.59 -27.05 5.27
CA TYR B 272 -30.75 -28.45 5.60
C TYR B 272 -31.03 -28.59 7.09
N LEU B 273 -32.27 -28.93 7.44
CA LEU B 273 -32.56 -29.39 8.78
C LEU B 273 -31.92 -30.75 9.00
N MET B 274 -31.48 -31.01 10.29
CA MET B 274 -30.86 -32.30 10.57
C MET B 274 -31.93 -33.31 10.98
N PRO B 275 -31.72 -34.59 10.68
CA PRO B 275 -32.63 -35.62 11.22
C PRO B 275 -32.57 -35.65 12.73
N GLU B 276 -33.74 -35.83 13.35
CA GLU B 276 -33.79 -35.96 14.80
C GLU B 276 -32.78 -37.00 15.25
N GLY B 277 -31.85 -36.57 16.09
CA GLY B 277 -30.70 -37.38 16.46
C GLY B 277 -29.42 -36.99 15.76
N GLN B 278 -29.45 -35.99 14.90
CA GLN B 278 -28.24 -35.50 14.27
C GLN B 278 -28.11 -34.01 14.47
N LEU B 279 -26.88 -33.55 14.60
CA LEU B 279 -26.53 -32.18 14.88
C LEU B 279 -25.53 -31.70 13.83
N PRO B 280 -25.44 -30.39 13.59
CA PRO B 280 -24.65 -29.91 12.46
C PRO B 280 -23.16 -29.98 12.75
N ARG B 281 -22.37 -29.89 11.68
CA ARG B 281 -20.94 -29.82 11.83
C ARG B 281 -20.35 -29.06 10.64
N THR B 282 -19.28 -28.29 10.89
CA THR B 282 -18.76 -27.42 9.83
C THR B 282 -18.11 -28.20 8.70
N GLY B 283 -17.39 -29.26 9.02
CA GLY B 283 -16.71 -30.02 7.98
C GLY B 283 -17.64 -30.61 6.94
N ALA B 284 -18.92 -30.73 7.26
CA ALA B 284 -19.91 -31.25 6.31
C ALA B 284 -20.31 -30.23 5.25
N VAL B 285 -20.30 -28.93 5.57
CA VAL B 285 -20.77 -27.92 4.63
C VAL B 285 -19.63 -27.23 3.88
N ILE B 286 -18.37 -27.53 4.20
CA ILE B 286 -17.25 -26.77 3.64
C ILE B 286 -17.24 -26.92 2.13
N GLY B 287 -17.08 -25.78 1.44
CA GLY B 287 -17.08 -25.76 0.00
C GLY B 287 -18.44 -25.80 -0.63
N SER B 288 -19.51 -25.86 0.16
CA SER B 288 -20.86 -25.79 -0.36
C SER B 288 -21.57 -24.55 0.18
N ASN B 289 -22.68 -24.22 -0.47
CA ASN B 289 -23.52 -23.10 -0.11
C ASN B 289 -24.57 -23.47 0.92
N ALA B 290 -24.43 -24.63 1.55
CA ALA B 290 -25.43 -25.17 2.44
C ALA B 290 -25.30 -24.57 3.84
N ALA B 291 -26.34 -24.81 4.63
CA ALA B 291 -26.37 -24.46 6.04
C ALA B 291 -27.12 -25.58 6.74
N HIS B 292 -26.53 -26.16 7.78
CA HIS B 292 -27.14 -27.25 8.52
C HIS B 292 -27.64 -26.72 9.85
N ILE B 293 -28.93 -26.84 10.08
CA ILE B 293 -29.57 -26.33 11.29
C ILE B 293 -30.08 -27.50 12.09
N ALA B 294 -30.02 -27.39 13.41
CA ALA B 294 -30.71 -28.29 14.31
C ALA B 294 -31.20 -27.47 15.49
N VAL B 295 -32.36 -27.87 16.05
CA VAL B 295 -32.95 -27.20 17.19
C VAL B 295 -33.26 -28.21 18.28
N ALA B 296 -33.20 -27.76 19.53
CA ALA B 296 -33.46 -28.58 20.70
C ALA B 296 -34.01 -27.68 21.81
N VAL B 297 -34.26 -28.26 22.98
CA VAL B 297 -34.79 -27.53 24.14
C VAL B 297 -34.20 -28.13 25.42
N ASP B 298 -33.63 -27.27 26.26
CA ASP B 298 -33.15 -27.65 27.59
C ASP B 298 -34.26 -27.27 28.55
N GLU B 299 -35.13 -28.23 28.88
CA GLU B 299 -36.33 -27.90 29.63
C GLU B 299 -35.99 -27.40 31.04
N ASP B 300 -34.97 -27.97 31.67
CA ASP B 300 -34.62 -27.52 33.01
C ASP B 300 -34.05 -26.11 33.02
N ALA B 301 -33.53 -25.67 31.89
CA ALA B 301 -33.02 -24.31 31.76
C ALA B 301 -34.01 -23.38 31.08
N GLN B 302 -35.17 -23.90 30.66
CA GLN B 302 -36.18 -23.15 29.89
C GLN B 302 -35.52 -22.43 28.71
N THR B 303 -34.67 -23.16 27.99
CA THR B 303 -33.85 -22.57 26.95
C THR B 303 -34.03 -23.32 25.63
N PHE B 304 -34.21 -22.54 24.57
CA PHE B 304 -34.24 -23.03 23.22
C PHE B 304 -32.82 -22.95 22.63
N VAL B 305 -32.42 -23.99 21.89
CA VAL B 305 -31.06 -24.12 21.38
C VAL B 305 -31.14 -24.41 19.88
N ALA B 306 -30.46 -23.58 19.08
CA ALA B 306 -30.39 -23.79 17.64
C ALA B 306 -28.93 -23.78 17.22
N ILE B 307 -28.50 -24.83 16.54
CA ILE B 307 -27.13 -24.97 16.04
C ILE B 307 -27.16 -24.79 14.54
N ALA B 308 -26.26 -23.96 14.01
CA ALA B 308 -26.15 -23.70 12.58
C ALA B 308 -24.70 -23.78 12.12
N ALA B 309 -24.45 -24.57 11.09
CA ALA B 309 -23.13 -24.66 10.49
C ALA B 309 -23.22 -24.15 9.07
N ILE B 310 -22.20 -23.41 8.65
CA ILE B 310 -22.08 -22.92 7.28
C ILE B 310 -20.60 -22.81 6.98
N ASP B 311 -20.27 -22.87 5.69
CA ASP B 311 -18.96 -22.43 5.24
C ASP B 311 -18.92 -20.89 5.20
N ASN B 312 -17.96 -20.31 5.91
CA ASN B 312 -17.88 -18.83 6.06
C ASN B 312 -17.55 -18.15 4.74
N LEU B 313 -16.92 -18.84 3.80
CA LEU B 313 -16.58 -18.19 2.52
C LEU B 313 -17.71 -18.35 1.50
N VAL B 314 -18.53 -19.39 1.60
CA VAL B 314 -19.59 -19.63 0.57
C VAL B 314 -20.91 -18.98 1.00
N LYS B 315 -21.67 -19.65 1.85
CA LYS B 315 -22.99 -19.16 2.35
C LYS B 315 -22.77 -17.89 3.18
N GLY B 316 -21.66 -17.80 3.89
CA GLY B 316 -21.33 -16.61 4.69
C GLY B 316 -20.91 -15.44 3.82
N THR B 317 -20.39 -15.66 2.62
CA THR B 317 -20.00 -14.48 1.81
C THR B 317 -20.14 -14.70 0.29
N ALA B 318 -19.24 -15.45 -0.33
CA ALA B 318 -19.15 -15.51 -1.79
C ALA B 318 -20.27 -16.33 -2.41
N GLY B 319 -20.72 -17.36 -1.70
CA GLY B 319 -21.90 -18.08 -2.17
C GLY B 319 -23.14 -17.21 -2.13
N ALA B 320 -23.34 -16.49 -1.03
CA ALA B 320 -24.46 -15.58 -0.91
C ALA B 320 -24.45 -14.57 -2.05
N ALA B 321 -23.27 -14.00 -2.35
CA ALA B 321 -23.13 -13.08 -3.47
C ALA B 321 -23.59 -13.70 -4.77
N VAL B 322 -23.04 -14.87 -5.11
CA VAL B 322 -23.42 -15.53 -6.36
C VAL B 322 -24.91 -15.87 -6.36
N GLN B 323 -25.42 -16.34 -5.21
CA GLN B 323 -26.83 -16.67 -5.08
C GLN B 323 -27.71 -15.45 -5.35
N SER B 324 -27.35 -14.32 -4.73
CA SER B 324 -28.09 -13.09 -4.99
C SER B 324 -27.91 -12.57 -6.40
N MET B 325 -26.80 -12.91 -7.07
CA MET B 325 -26.61 -12.55 -8.46
C MET B 325 -27.50 -13.35 -9.37
N ASN B 326 -27.75 -14.62 -9.04
CA ASN B 326 -28.70 -15.40 -9.81
C ASN B 326 -30.08 -14.74 -9.80
N LEU B 327 -30.54 -14.30 -8.64
CA LEU B 327 -31.85 -13.67 -8.53
C LEU B 327 -31.87 -12.32 -9.21
N ALA B 328 -30.77 -11.57 -9.06
CA ALA B 328 -30.59 -10.32 -9.78
C ALA B 328 -30.89 -10.49 -11.27
N LEU B 329 -30.29 -11.50 -11.88
CA LEU B 329 -30.30 -11.64 -13.32
C LEU B 329 -31.41 -12.56 -13.83
N GLY B 330 -32.21 -13.12 -12.94
CA GLY B 330 -33.28 -13.98 -13.38
C GLY B 330 -32.84 -15.37 -13.79
N TRP B 331 -31.71 -15.84 -13.29
CA TRP B 331 -31.28 -17.21 -13.49
C TRP B 331 -31.72 -18.06 -12.31
N PRO B 332 -31.73 -19.38 -12.45
CA PRO B 332 -32.19 -20.23 -11.33
C PRO B 332 -31.31 -20.06 -10.09
N GLU B 333 -31.97 -20.06 -8.92
CA GLU B 333 -31.33 -19.66 -7.67
C GLU B 333 -30.16 -20.55 -7.29
N THR B 334 -30.12 -21.79 -7.75
CA THR B 334 -29.09 -22.74 -7.37
C THR B 334 -27.98 -22.88 -8.41
N ASP B 335 -27.98 -22.05 -9.45
CA ASP B 335 -26.97 -22.16 -10.49
C ASP B 335 -25.56 -21.91 -9.95
N GLY B 336 -24.72 -22.92 -10.00
CA GLY B 336 -23.36 -22.77 -9.52
C GLY B 336 -23.15 -22.98 -8.03
N LEU B 337 -24.20 -23.29 -7.26
CA LEU B 337 -24.09 -23.46 -5.82
C LEU B 337 -24.58 -24.86 -5.40
N SER B 338 -23.66 -25.83 -5.33
CA SER B 338 -24.00 -27.13 -4.80
C SER B 338 -24.29 -27.06 -3.31
N VAL B 339 -25.00 -28.08 -2.84
CA VAL B 339 -25.33 -28.25 -1.44
C VAL B 339 -24.48 -29.31 -0.78
N VAL B 340 -23.52 -29.88 -1.52
CA VAL B 340 -22.72 -31.06 -1.16
C VAL B 340 -21.29 -30.60 -0.93
N GLY B 341 -20.82 -30.68 0.30
CA GLY B 341 -19.52 -30.17 0.65
C GLY B 341 -18.41 -31.21 0.60
N VAL B 342 -17.19 -30.71 0.79
CA VAL B 342 -15.97 -31.48 0.60
C VAL B 342 -15.46 -31.88 1.97
N ALA B 343 -15.65 -33.16 2.30
CA ALA B 343 -15.32 -33.74 3.58
C ALA B 343 -14.75 -35.12 3.31
N PRO B 344 -13.91 -35.66 4.21
CA PRO B 344 -13.33 -35.09 5.44
C PRO B 344 -12.30 -33.96 5.20
N ALA C 1 8.85 -41.39 52.78
CA ALA C 1 8.73 -41.86 51.40
C ALA C 1 7.27 -42.00 51.02
N THR C 2 6.92 -41.62 49.79
CA THR C 2 5.54 -41.65 49.30
C THR C 2 5.54 -42.38 47.97
N LYS C 3 4.99 -43.58 47.96
CA LYS C 3 5.00 -44.45 46.79
C LYS C 3 3.65 -44.35 46.09
N VAL C 4 3.66 -44.06 44.78
CA VAL C 4 2.44 -43.67 44.07
C VAL C 4 2.16 -44.61 42.94
N ALA C 5 0.95 -45.11 42.87
CA ALA C 5 0.48 -45.87 41.73
C ALA C 5 -0.46 -45.03 40.84
N VAL C 6 -0.62 -45.49 39.61
CA VAL C 6 -1.53 -44.83 38.70
C VAL C 6 -2.31 -45.92 37.97
N ALA C 7 -3.63 -45.92 38.12
CA ALA C 7 -4.49 -46.92 37.49
C ALA C 7 -5.11 -46.31 36.23
N GLY C 8 -4.83 -46.91 35.09
CA GLY C 8 -5.18 -46.29 33.84
C GLY C 8 -4.07 -45.44 33.29
N ALA C 9 -2.81 -45.83 33.53
CA ALA C 9 -1.67 -45.04 33.09
C ALA C 9 -1.54 -44.95 31.57
N SER C 10 -2.12 -45.89 30.83
CA SER C 10 -1.98 -45.84 29.37
C SER C 10 -2.89 -44.83 28.71
N GLY C 11 -3.79 -44.19 29.46
CA GLY C 11 -4.64 -43.15 28.91
C GLY C 11 -4.12 -41.71 29.10
N TYR C 12 -4.70 -40.81 28.32
CA TYR C 12 -4.30 -39.41 28.33
C TYR C 12 -4.19 -38.84 29.74
N ALA C 13 -5.24 -39.00 30.56
CA ALA C 13 -5.22 -38.52 31.95
C ALA C 13 -4.03 -39.07 32.72
N GLY C 14 -3.76 -40.35 32.52
CA GLY C 14 -2.64 -41.04 33.18
C GLY C 14 -1.31 -40.54 32.65
N GLY C 15 -1.24 -40.28 31.36
CA GLY C 15 0.01 -39.75 30.82
C GLY C 15 0.28 -38.39 31.42
N GLU C 16 -0.74 -37.55 31.48
CA GLU C 16 -0.64 -36.18 32.04
C GLU C 16 -0.28 -36.20 33.51
N ILE C 17 -0.74 -37.20 34.26
CA ILE C 17 -0.39 -37.28 35.71
C ILE C 17 1.09 -37.62 35.83
N LEU C 18 1.58 -38.56 35.01
CA LEU C 18 2.99 -39.02 35.03
C LEU C 18 3.96 -37.94 34.56
N ARG C 19 3.71 -37.26 33.44
CA ARG C 19 4.52 -36.11 33.05
C ARG C 19 4.77 -35.20 34.23
N LEU C 20 3.76 -35.01 35.07
CA LEU C 20 3.84 -34.07 36.17
C LEU C 20 4.46 -34.69 37.40
N LEU C 21 4.20 -35.98 37.63
CA LEU C 21 4.98 -36.69 38.63
C LEU C 21 6.45 -36.68 38.26
N LEU C 22 6.75 -36.76 36.97
CA LEU C 22 8.14 -36.64 36.53
C LEU C 22 8.70 -35.27 36.87
N GLY C 23 7.89 -34.22 36.77
CA GLY C 23 8.41 -32.90 37.01
C GLY C 23 8.28 -32.42 38.43
N HIS C 24 7.68 -33.22 39.29
CA HIS C 24 7.47 -32.82 40.67
C HIS C 24 8.81 -32.73 41.40
N PRO C 25 9.01 -31.71 42.23
CA PRO C 25 10.25 -31.64 43.01
C PRO C 25 10.41 -32.79 44.00
N ALA C 26 9.29 -33.38 44.43
CA ALA C 26 9.33 -34.54 45.31
C ALA C 26 9.88 -35.75 44.57
N TYR C 27 9.77 -35.77 43.25
CA TYR C 27 10.37 -36.85 42.50
C TYR C 27 11.88 -36.67 42.42
N ALA C 28 12.32 -35.48 42.03
CA ALA C 28 13.75 -35.22 41.84
C ALA C 28 14.56 -35.40 43.13
N ASP C 29 13.94 -35.26 44.30
CA ASP C 29 14.64 -35.41 45.57
C ASP C 29 14.21 -36.67 46.32
N GLY C 30 13.42 -37.53 45.69
CA GLY C 30 13.20 -38.86 46.21
C GLY C 30 12.12 -38.99 47.27
N ARG C 31 11.50 -37.87 47.68
CA ARG C 31 10.38 -37.96 48.66
C ARG C 31 9.15 -38.57 47.99
N LEU C 32 9.18 -38.72 46.66
CA LEU C 32 8.09 -39.31 45.85
C LEU C 32 8.67 -40.42 44.99
N ARG C 33 8.03 -41.59 44.97
CA ARG C 33 8.49 -42.70 44.11
C ARG C 33 7.35 -43.12 43.20
N ILE C 34 7.60 -43.33 41.92
CA ILE C 34 6.51 -43.78 41.01
C ILE C 34 6.43 -45.30 41.09
N GLY C 35 5.38 -45.80 41.75
CA GLY C 35 5.17 -47.24 41.94
C GLY C 35 4.52 -47.90 40.75
N ALA C 36 3.36 -48.51 40.96
CA ALA C 36 2.68 -49.29 39.90
C ALA C 36 1.88 -48.41 38.95
N LEU C 37 1.86 -48.81 37.69
CA LEU C 37 1.11 -48.14 36.61
C LEU C 37 0.26 -49.25 35.98
N THR C 38 -1.05 -49.15 36.08
CA THR C 38 -1.89 -50.29 35.61
C THR C 38 -2.85 -49.88 34.50
N ALA C 39 -3.43 -50.88 33.85
CA ALA C 39 -4.40 -50.67 32.75
C ALA C 39 -5.36 -51.85 32.74
N ALA C 40 -5.93 -52.16 31.58
CA ALA C 40 -6.88 -53.28 31.48
C ALA C 40 -6.43 -54.22 30.37
N THR C 41 -6.64 -53.80 29.14
CA THR C 41 -6.31 -54.59 27.94
C THR C 41 -4.82 -54.43 27.65
N SER C 42 -4.27 -53.29 28.03
CA SER C 42 -2.86 -52.99 27.74
C SER C 42 -1.94 -53.40 28.89
N ALA C 43 -2.28 -54.44 29.63
CA ALA C 43 -1.38 -54.91 30.70
C ALA C 43 -0.38 -55.83 30.02
N GLY C 44 0.91 -55.71 30.35
CA GLY C 44 1.92 -56.58 29.73
C GLY C 44 2.67 -55.83 28.65
N SER C 45 2.25 -54.60 28.35
CA SER C 45 2.94 -53.82 27.31
C SER C 45 3.84 -52.79 27.96
N THR C 46 4.77 -52.21 27.21
CA THR C 46 5.65 -51.17 27.78
C THR C 46 4.93 -49.83 27.70
N LEU C 47 5.27 -48.87 28.55
CA LEU C 47 4.54 -47.58 28.55
C LEU C 47 4.91 -46.72 27.35
N GLY C 48 6.08 -46.96 26.74
CA GLY C 48 6.49 -46.19 25.56
C GLY C 48 5.59 -46.49 24.40
N GLU C 49 4.98 -47.66 24.39
CA GLU C 49 4.05 -48.00 23.33
C GLU C 49 2.82 -47.11 23.36
N HIS C 50 2.50 -46.56 24.54
CA HIS C 50 1.36 -45.66 24.74
C HIS C 50 1.79 -44.22 24.90
N HIS C 51 2.75 -43.94 25.79
CA HIS C 51 3.19 -42.58 26.07
C HIS C 51 4.63 -42.38 25.62
N PRO C 52 4.86 -42.28 24.32
CA PRO C 52 6.25 -42.16 23.84
C PRO C 52 6.90 -40.84 24.21
N HIS C 53 6.24 -39.99 24.97
CA HIS C 53 6.84 -38.73 25.42
C HIS C 53 7.37 -38.81 26.85
N LEU C 54 6.93 -39.83 27.59
CA LEU C 54 7.41 -40.11 28.95
C LEU C 54 8.53 -41.13 28.77
N THR C 55 9.67 -40.69 28.24
CA THR C 55 10.85 -41.54 27.92
C THR C 55 11.53 -42.06 29.18
N PRO C 56 11.56 -41.36 30.33
CA PRO C 56 12.14 -41.91 31.53
C PRO C 56 11.46 -43.21 31.98
N LEU C 57 10.15 -43.32 31.81
CA LEU C 57 9.34 -44.49 32.24
C LEU C 57 8.96 -45.40 31.06
N ALA C 58 9.60 -45.26 29.91
CA ALA C 58 9.19 -46.03 28.72
C ALA C 58 9.40 -47.55 28.89
N HIS C 59 10.37 -47.97 29.70
CA HIS C 59 10.71 -49.39 29.93
C HIS C 59 9.75 -50.05 30.91
N ARG C 60 8.93 -49.25 31.60
CA ARG C 60 7.99 -49.77 32.63
C ARG C 60 6.97 -50.72 32.00
N VAL C 61 6.61 -51.78 32.71
CA VAL C 61 5.60 -52.74 32.20
C VAL C 61 4.25 -52.42 32.80
N VAL C 62 3.24 -52.23 31.95
CA VAL C 62 1.87 -51.90 32.43
C VAL C 62 1.31 -53.18 33.06
N GLU C 63 0.98 -53.10 34.35
CA GLU C 63 0.44 -54.24 35.13
C GLU C 63 -1.09 -54.22 35.12
N PRO C 64 -1.78 -55.32 35.49
CA PRO C 64 -3.24 -55.36 35.49
C PRO C 64 -3.79 -54.50 36.62
N THR C 65 -4.98 -53.95 36.46
CA THR C 65 -5.53 -53.10 37.54
C THR C 65 -6.15 -54.00 38.60
N GLU C 66 -5.39 -54.29 39.65
CA GLU C 66 -5.90 -55.19 40.71
C GLU C 66 -5.53 -54.60 42.07
N ALA C 67 -6.38 -54.78 43.05
CA ALA C 67 -6.04 -54.30 44.39
C ALA C 67 -4.72 -54.87 44.86
N ALA C 68 -4.37 -56.07 44.36
CA ALA C 68 -3.13 -56.73 44.77
C ALA C 68 -1.91 -56.02 44.20
N VAL C 69 -2.04 -55.47 42.99
CA VAL C 69 -0.98 -54.65 42.42
C VAL C 69 -0.90 -53.32 43.14
N LEU C 70 -2.06 -52.74 43.50
CA LEU C 70 -2.13 -51.36 43.95
C LEU C 70 -1.99 -51.20 45.46
N GLY C 71 -2.01 -52.29 46.21
CA GLY C 71 -1.68 -52.22 47.62
C GLY C 71 -0.25 -51.75 47.83
N GLY C 72 0.05 -51.43 49.08
CA GLY C 72 1.40 -51.00 49.40
C GLY C 72 1.82 -49.72 48.73
N HIS C 73 0.87 -48.87 48.33
CA HIS C 73 1.17 -47.55 47.83
C HIS C 73 0.54 -46.53 48.76
N ASP C 74 1.26 -45.46 49.03
CA ASP C 74 0.69 -44.41 49.87
C ASP C 74 -0.37 -43.63 49.11
N ALA C 75 -0.13 -43.37 47.83
CA ALA C 75 -1.07 -42.62 47.00
C ALA C 75 -1.42 -43.47 45.79
N VAL C 76 -2.68 -43.33 45.33
CA VAL C 76 -3.21 -44.15 44.25
C VAL C 76 -4.09 -43.28 43.35
N PHE C 77 -3.60 -42.96 42.16
CA PHE C 77 -4.33 -42.17 41.18
C PHE C 77 -5.26 -43.06 40.36
N LEU C 78 -6.50 -42.62 40.23
CA LEU C 78 -7.50 -43.39 39.44
C LEU C 78 -7.84 -42.58 38.20
N ALA C 79 -7.29 -42.98 37.06
CA ALA C 79 -7.53 -42.27 35.79
C ALA C 79 -8.20 -43.23 34.82
N LEU C 80 -9.33 -43.82 35.21
CA LEU C 80 -10.05 -44.75 34.31
C LEU C 80 -11.48 -44.27 34.15
N PRO C 81 -12.33 -44.93 33.33
CA PRO C 81 -13.68 -44.48 33.15
C PRO C 81 -14.49 -44.63 34.45
N HIS C 82 -15.54 -43.84 34.57
CA HIS C 82 -16.38 -43.87 35.78
C HIS C 82 -17.01 -45.25 36.02
N GLY C 83 -17.22 -45.57 37.29
CA GLY C 83 -17.86 -46.84 37.66
C GLY C 83 -16.88 -47.77 38.32
N HIS C 84 -15.58 -47.54 38.13
CA HIS C 84 -14.56 -48.48 38.66
C HIS C 84 -13.96 -47.98 39.98
N SER C 85 -13.99 -46.67 40.21
CA SER C 85 -13.39 -46.17 41.47
C SER C 85 -14.25 -46.62 42.64
N ALA C 86 -15.54 -46.86 42.40
CA ALA C 86 -16.45 -47.34 43.44
C ALA C 86 -15.89 -48.62 44.06
N VAL C 87 -15.82 -49.68 43.26
CA VAL C 87 -15.37 -50.97 43.77
C VAL C 87 -13.91 -50.91 44.19
N LEU C 88 -13.09 -50.17 43.44
CA LEU C 88 -11.65 -50.26 43.60
C LEU C 88 -11.14 -49.55 44.85
N ALA C 89 -11.79 -48.46 45.27
CA ALA C 89 -11.41 -47.78 46.50
C ALA C 89 -11.89 -48.55 47.72
N GLN C 90 -13.03 -49.25 47.57
CA GLN C 90 -13.50 -50.19 48.57
C GLN C 90 -12.50 -51.31 48.84
N GLN C 91 -11.43 -51.44 48.04
CA GLN C 91 -10.46 -52.52 48.18
C GLN C 91 -9.12 -52.07 48.74
N LEU C 92 -8.89 -50.78 48.89
CA LEU C 92 -7.63 -50.27 49.39
C LEU C 92 -7.76 -49.86 50.85
N SER C 93 -6.62 -49.78 51.52
CA SER C 93 -6.63 -49.38 52.91
C SER C 93 -7.29 -48.02 53.08
N PRO C 94 -7.86 -47.74 54.27
CA PRO C 94 -8.48 -46.42 54.48
C PRO C 94 -7.49 -45.28 54.49
N GLU C 95 -6.23 -45.52 54.83
CA GLU C 95 -5.31 -44.42 55.03
C GLU C 95 -4.53 -44.07 53.78
N THR C 96 -4.58 -44.91 52.76
CA THR C 96 -3.96 -44.54 51.49
C THR C 96 -4.77 -43.42 50.82
N LEU C 97 -4.06 -42.46 50.25
CA LEU C 97 -4.71 -41.34 49.56
C LEU C 97 -5.15 -41.76 48.16
N ILE C 98 -6.45 -41.68 47.89
CA ILE C 98 -7.03 -42.07 46.60
C ILE C 98 -7.46 -40.80 45.88
N ILE C 99 -6.93 -40.60 44.68
CA ILE C 99 -7.25 -39.43 43.87
C ILE C 99 -7.93 -39.94 42.61
N ASP C 100 -9.25 -39.80 42.52
CA ASP C 100 -10.03 -40.34 41.41
C ASP C 100 -10.37 -39.23 40.41
N CYS C 101 -9.93 -39.40 39.17
CA CYS C 101 -10.28 -38.45 38.13
C CYS C 101 -11.66 -38.67 37.54
N GLY C 102 -12.26 -39.86 37.76
CA GLY C 102 -13.58 -40.17 37.24
C GLY C 102 -14.65 -39.27 37.82
N ALA C 103 -15.91 -39.52 37.48
CA ALA C 103 -16.96 -38.69 38.04
C ALA C 103 -17.68 -39.35 39.20
N ASP C 104 -17.33 -40.60 39.52
CA ASP C 104 -18.10 -41.40 40.47
C ASP C 104 -18.43 -40.63 41.74
N PHE C 105 -17.44 -39.99 42.35
CA PHE C 105 -17.60 -39.38 43.66
C PHE C 105 -17.77 -37.86 43.61
N ARG C 106 -18.20 -37.31 42.48
CA ARG C 106 -18.30 -35.87 42.30
C ARG C 106 -19.63 -35.31 42.79
N LEU C 107 -20.73 -35.94 42.39
CA LEU C 107 -22.05 -35.40 42.68
C LEU C 107 -22.45 -35.79 44.10
N THR C 108 -23.19 -34.87 44.76
CA THR C 108 -23.69 -35.07 46.11
C THR C 108 -25.14 -35.49 46.13
N ASP C 109 -25.82 -35.37 45.00
CA ASP C 109 -27.24 -35.68 44.84
C ASP C 109 -27.32 -37.03 44.13
N ALA C 110 -27.76 -38.07 44.85
CA ALA C 110 -27.83 -39.41 44.26
C ALA C 110 -28.82 -39.48 43.11
N ALA C 111 -29.94 -38.77 43.19
CA ALA C 111 -30.94 -38.87 42.12
C ALA C 111 -30.48 -38.18 40.85
N VAL C 112 -29.73 -37.08 40.99
CA VAL C 112 -29.11 -36.48 39.81
C VAL C 112 -28.12 -37.45 39.18
N TRP C 113 -27.32 -38.14 40.00
CA TRP C 113 -26.32 -39.07 39.46
C TRP C 113 -26.98 -40.15 38.61
N GLU C 114 -28.06 -40.72 39.11
CA GLU C 114 -28.71 -41.80 38.37
C GLU C 114 -29.33 -41.30 37.08
N ARG C 115 -29.94 -40.10 37.10
CA ARG C 115 -30.56 -39.59 35.88
C ARG C 115 -29.53 -39.39 34.79
N PHE C 116 -28.34 -38.92 35.16
CA PHE C 116 -27.32 -38.58 34.17
C PHE C 116 -26.32 -39.69 33.90
N TYR C 117 -25.89 -40.45 34.92
CA TYR C 117 -24.89 -41.46 34.67
C TYR C 117 -25.46 -42.85 34.48
N GLY C 118 -26.65 -43.13 35.00
CA GLY C 118 -27.31 -44.40 34.74
C GLY C 118 -26.76 -45.54 35.54
N SER C 119 -26.31 -45.29 36.77
CA SER C 119 -25.87 -46.33 37.67
C SER C 119 -26.20 -45.88 39.09
N SER C 120 -25.91 -46.74 40.05
CA SER C 120 -26.08 -46.37 41.44
C SER C 120 -25.04 -45.33 41.83
N HIS C 121 -25.38 -44.51 42.82
CA HIS C 121 -24.51 -43.44 43.29
C HIS C 121 -23.58 -43.92 44.39
N ALA C 122 -22.28 -43.75 44.18
CA ALA C 122 -21.31 -44.20 45.17
C ALA C 122 -21.10 -43.20 46.29
N GLY C 123 -21.67 -42.00 46.24
CA GLY C 123 -21.42 -40.98 47.26
C GLY C 123 -20.52 -39.87 46.75
N SER C 124 -19.96 -39.10 47.69
CA SER C 124 -19.17 -37.92 47.38
C SER C 124 -17.86 -37.89 48.16
N TRP C 125 -16.79 -37.47 47.50
CA TRP C 125 -15.53 -37.14 48.15
C TRP C 125 -15.27 -35.65 48.04
N PRO C 126 -14.34 -35.14 48.85
CA PRO C 126 -13.88 -33.75 48.68
C PRO C 126 -13.59 -33.44 47.22
N TYR C 127 -13.97 -32.24 46.80
CA TYR C 127 -13.93 -31.85 45.39
C TYR C 127 -12.63 -31.12 45.10
N GLY C 128 -11.87 -31.64 44.14
CA GLY C 128 -10.50 -31.21 43.93
C GLY C 128 -10.38 -29.90 43.18
N LEU C 129 -11.16 -28.90 43.61
CA LEU C 129 -11.10 -27.55 43.07
C LEU C 129 -10.70 -26.64 44.22
N PRO C 130 -9.43 -26.58 44.55
CA PRO C 130 -9.02 -25.84 45.76
C PRO C 130 -9.48 -24.39 45.77
N GLU C 131 -9.51 -23.75 44.60
CA GLU C 131 -9.93 -22.36 44.49
C GLU C 131 -11.40 -22.13 44.86
N LEU C 132 -12.23 -23.18 44.91
CA LEU C 132 -13.65 -22.98 45.22
C LEU C 132 -13.81 -22.66 46.71
N PRO C 133 -14.61 -21.65 47.05
CA PRO C 133 -14.82 -21.31 48.46
C PRO C 133 -15.08 -22.53 49.33
N GLY C 134 -14.25 -22.72 50.36
CA GLY C 134 -14.37 -23.85 51.26
C GLY C 134 -13.69 -25.13 50.82
N ALA C 135 -13.35 -25.28 49.54
CA ALA C 135 -12.82 -26.56 49.09
C ALA C 135 -11.41 -26.80 49.61
N ARG C 136 -10.54 -25.79 49.50
CA ARG C 136 -9.16 -25.93 49.94
C ARG C 136 -9.08 -26.46 51.36
N ASP C 137 -9.90 -25.93 52.26
CA ASP C 137 -9.92 -26.42 53.64
C ASP C 137 -10.18 -27.93 53.67
N GLN C 138 -11.05 -28.41 52.79
CA GLN C 138 -11.48 -29.80 52.81
C GLN C 138 -10.49 -30.75 52.18
N LEU C 139 -9.53 -30.23 51.40
CA LEU C 139 -8.50 -31.09 50.81
C LEU C 139 -7.33 -31.28 51.78
N ARG C 140 -7.00 -30.24 52.54
CA ARG C 140 -5.86 -30.26 53.46
C ARG C 140 -5.95 -31.51 54.34
N GLY C 141 -5.04 -32.45 54.13
CA GLY C 141 -4.97 -33.63 54.96
C GLY C 141 -5.91 -34.79 54.64
N THR C 142 -6.84 -34.64 53.69
CA THR C 142 -7.78 -35.73 53.43
C THR C 142 -7.10 -36.91 52.75
N ARG C 143 -7.85 -38.02 52.60
CA ARG C 143 -7.35 -39.21 51.93
C ARG C 143 -8.27 -39.70 50.81
N ARG C 144 -9.30 -38.95 50.45
CA ARG C 144 -10.14 -39.28 49.30
C ARG C 144 -10.42 -37.98 48.54
N ILE C 145 -10.07 -37.98 47.26
CA ILE C 145 -10.25 -36.76 46.41
C ILE C 145 -10.96 -37.11 45.12
N ALA C 146 -11.93 -36.29 44.73
CA ALA C 146 -12.63 -36.38 43.45
C ALA C 146 -12.27 -35.15 42.61
N VAL C 147 -11.57 -35.37 41.50
CA VAL C 147 -11.08 -34.28 40.65
C VAL C 147 -12.28 -33.79 39.86
N PRO C 148 -12.42 -32.49 39.64
CA PRO C 148 -13.53 -32.00 38.82
C PRO C 148 -13.36 -32.38 37.37
N GLY C 149 -14.49 -32.38 36.65
CA GLY C 149 -14.46 -32.55 35.21
C GLY C 149 -13.79 -31.38 34.52
N CYS C 150 -13.41 -31.60 33.27
CA CYS C 150 -12.69 -30.55 32.55
C CYS C 150 -13.59 -29.36 32.24
N TYR C 151 -14.85 -29.58 31.86
CA TYR C 151 -15.75 -28.46 31.62
C TYR C 151 -16.15 -27.76 32.90
N PRO C 152 -16.69 -28.43 33.92
CA PRO C 152 -17.06 -27.71 35.15
C PRO C 152 -15.95 -26.87 35.72
N THR C 153 -14.69 -27.26 35.53
CA THR C 153 -13.61 -26.44 36.05
C THR C 153 -13.59 -25.08 35.38
N ALA C 154 -13.56 -25.06 34.04
CA ALA C 154 -13.42 -23.80 33.34
C ALA C 154 -14.55 -22.86 33.69
N ALA C 155 -15.76 -23.40 33.81
CA ALA C 155 -16.94 -22.58 34.01
C ALA C 155 -17.05 -22.06 35.44
N LEU C 156 -16.91 -22.93 36.44
CA LEU C 156 -17.00 -22.49 37.82
C LEU C 156 -16.01 -21.34 38.10
N LEU C 157 -14.73 -21.55 37.76
CA LEU C 157 -13.76 -20.47 37.87
C LEU C 157 -14.24 -19.21 37.17
N ALA C 158 -14.88 -19.37 36.02
CA ALA C 158 -15.34 -18.21 35.28
C ALA C 158 -16.49 -17.50 36.00
N LEU C 159 -17.42 -18.27 36.57
CA LEU C 159 -18.69 -17.72 37.05
C LEU C 159 -18.78 -17.53 38.56
N PHE C 160 -18.12 -18.35 39.37
CA PHE C 160 -18.44 -18.33 40.79
C PHE C 160 -18.12 -17.01 41.51
N PRO C 161 -17.08 -16.26 41.14
CA PRO C 161 -16.90 -14.94 41.79
C PRO C 161 -18.08 -13.99 41.62
N ALA C 162 -18.74 -13.99 40.45
CA ALA C 162 -19.87 -13.07 40.24
C ALA C 162 -21.14 -13.57 40.93
N LEU C 163 -21.42 -14.87 40.87
CA LEU C 163 -22.68 -15.36 41.49
C LEU C 163 -22.61 -15.33 43.01
N ALA C 164 -21.43 -15.48 43.59
CA ALA C 164 -21.27 -15.45 45.06
C ALA C 164 -21.35 -14.00 45.55
N ALA C 165 -21.00 -13.07 44.68
CA ALA C 165 -21.02 -11.62 44.95
C ALA C 165 -22.41 -11.06 44.70
N ASP C 166 -23.29 -11.88 44.12
CA ASP C 166 -24.70 -11.52 43.82
C ASP C 166 -24.72 -10.40 42.79
N LEU C 167 -23.81 -10.45 41.81
CA LEU C 167 -23.72 -9.38 40.79
C LEU C 167 -24.25 -9.89 39.45
N ILE C 168 -24.71 -11.13 39.39
CA ILE C 168 -25.27 -11.72 38.15
C ILE C 168 -26.47 -12.58 38.52
N GLU C 169 -27.32 -12.88 37.53
CA GLU C 169 -28.53 -13.71 37.79
C GLU C 169 -28.10 -15.17 37.87
N PRO C 170 -28.77 -16.00 38.67
CA PRO C 170 -28.42 -17.41 38.82
C PRO C 170 -28.65 -18.35 37.62
N ALA C 171 -29.29 -17.87 36.57
CA ALA C 171 -29.45 -18.63 35.32
C ALA C 171 -28.25 -18.26 34.46
N VAL C 172 -27.42 -19.24 34.13
CA VAL C 172 -26.19 -19.01 33.39
C VAL C 172 -26.25 -19.83 32.11
N THR C 173 -25.37 -19.48 31.18
CA THR C 173 -25.30 -20.09 29.87
C THR C 173 -23.84 -20.27 29.56
N VAL C 174 -23.43 -21.51 29.29
CA VAL C 174 -22.03 -21.83 29.06
C VAL C 174 -21.93 -22.50 27.70
N VAL C 175 -21.02 -22.00 26.87
CA VAL C 175 -20.73 -22.60 25.58
C VAL C 175 -19.22 -22.76 25.50
N ALA C 176 -18.75 -24.00 25.58
CA ALA C 176 -17.33 -24.27 25.71
C ALA C 176 -16.86 -24.97 24.44
N VAL C 177 -15.65 -24.66 24.02
CA VAL C 177 -15.00 -25.40 22.95
C VAL C 177 -13.84 -26.18 23.54
N SER C 178 -13.69 -27.43 23.11
CA SER C 178 -12.66 -28.29 23.66
C SER C 178 -11.83 -28.88 22.56
N GLY C 179 -10.58 -29.13 22.90
CA GLY C 179 -9.76 -29.99 22.08
C GLY C 179 -10.23 -31.43 22.18
N THR C 180 -9.67 -32.26 21.29
CA THR C 180 -10.14 -33.63 21.16
C THR C 180 -9.77 -34.49 22.35
N SER C 181 -8.60 -34.26 22.95
CA SER C 181 -8.10 -35.16 23.99
C SER C 181 -9.02 -35.24 25.20
N GLY C 182 -10.01 -34.36 25.31
CA GLY C 182 -10.94 -34.46 26.42
C GLY C 182 -11.92 -35.60 26.28
N ALA C 183 -12.01 -36.17 25.09
CA ALA C 183 -12.86 -37.30 24.81
C ALA C 183 -12.23 -38.62 25.25
N GLY C 184 -10.91 -38.65 25.41
CA GLY C 184 -10.23 -39.86 25.81
C GLY C 184 -9.65 -40.61 24.62
N ARG C 185 -8.69 -41.47 24.93
CA ARG C 185 -7.91 -42.23 23.96
C ARG C 185 -8.66 -43.43 23.36
N ALA C 186 -9.87 -43.73 23.81
CA ALA C 186 -10.63 -44.81 23.18
C ALA C 186 -10.89 -44.47 21.71
N ALA C 187 -10.55 -45.42 20.84
CA ALA C 187 -10.62 -45.22 19.39
C ALA C 187 -12.07 -45.32 18.94
N THR C 188 -12.69 -44.15 18.70
CA THR C 188 -14.02 -44.05 18.12
C THR C 188 -13.93 -43.32 16.79
N THR C 189 -14.78 -43.72 15.83
CA THR C 189 -14.73 -43.15 14.48
C THR C 189 -14.81 -41.61 14.52
N ASP C 190 -15.60 -41.05 15.43
CA ASP C 190 -15.86 -39.62 15.35
C ASP C 190 -14.76 -38.77 15.97
N LEU C 191 -13.71 -39.38 16.53
CA LEU C 191 -12.55 -38.66 17.03
C LEU C 191 -11.30 -38.94 16.19
N LEU C 192 -11.49 -39.45 14.98
CA LEU C 192 -10.40 -39.60 14.04
C LEU C 192 -9.93 -38.24 13.54
N GLY C 193 -8.63 -38.14 13.28
CA GLY C 193 -8.07 -36.88 12.83
C GLY C 193 -8.70 -36.35 11.56
N ALA C 194 -9.00 -37.25 10.61
CA ALA C 194 -9.58 -36.84 9.34
C ALA C 194 -10.91 -36.11 9.52
N GLU C 195 -11.62 -36.43 10.61
CA GLU C 195 -12.94 -35.95 11.01
C GLU C 195 -12.90 -34.71 11.90
N VAL C 196 -11.96 -34.58 12.83
CA VAL C 196 -11.97 -33.38 13.67
C VAL C 196 -11.17 -32.25 13.02
N ILE C 197 -10.15 -32.57 12.23
CA ILE C 197 -9.36 -31.52 11.59
C ILE C 197 -10.24 -30.78 10.58
N GLY C 198 -10.18 -29.45 10.62
CA GLY C 198 -11.04 -28.63 9.77
C GLY C 198 -12.52 -28.88 9.98
N SER C 199 -12.97 -29.00 11.22
CA SER C 199 -14.40 -29.21 11.46
C SER C 199 -14.73 -28.99 12.93
N ALA C 200 -15.83 -28.27 13.17
CA ALA C 200 -16.34 -27.98 14.52
C ALA C 200 -17.74 -28.55 14.65
N ARG C 201 -18.07 -29.07 15.82
CA ARG C 201 -19.42 -29.64 16.01
C ARG C 201 -19.76 -29.61 17.49
N ALA C 202 -20.99 -29.24 17.80
CA ALA C 202 -21.50 -29.23 19.19
C ALA C 202 -22.13 -30.60 19.43
N TYR C 203 -22.07 -31.11 20.64
CA TYR C 203 -22.61 -32.45 20.94
C TYR C 203 -23.22 -32.46 22.33
N ASN C 204 -24.08 -33.43 22.62
CA ASN C 204 -24.72 -33.58 23.96
C ASN C 204 -25.35 -32.25 24.36
N ILE C 205 -26.14 -31.65 23.49
CA ILE C 205 -26.73 -30.31 23.79
C ILE C 205 -28.04 -30.44 24.59
N ALA C 206 -28.64 -29.28 24.86
CA ALA C 206 -29.93 -29.10 25.57
C ALA C 206 -29.89 -29.61 27.00
N GLY C 207 -28.72 -29.60 27.64
CA GLY C 207 -28.62 -29.98 29.06
C GLY C 207 -28.52 -31.47 29.30
N VAL C 208 -28.11 -32.26 28.33
CA VAL C 208 -28.02 -33.73 28.56
C VAL C 208 -26.58 -34.12 28.88
N HIS C 209 -25.63 -33.20 28.72
CA HIS C 209 -24.23 -33.52 29.07
C HIS C 209 -24.19 -33.77 30.57
N ARG C 210 -23.37 -34.72 31.02
CA ARG C 210 -23.25 -35.07 32.47
C ARG C 210 -22.58 -33.94 33.28
N HIS C 211 -21.87 -33.03 32.63
CA HIS C 211 -21.21 -31.88 33.28
C HIS C 211 -22.23 -30.78 33.58
N THR C 212 -23.42 -30.81 32.96
CA THR C 212 -24.42 -29.75 33.25
C THR C 212 -24.72 -29.71 34.74
N PRO C 213 -25.06 -30.84 35.39
CA PRO C 213 -25.34 -30.83 36.81
C PRO C 213 -24.11 -30.62 37.69
N GLU C 214 -22.90 -30.82 37.17
CA GLU C 214 -21.67 -30.58 37.95
C GLU C 214 -21.43 -29.08 38.05
N ILE C 215 -21.58 -28.36 36.95
CA ILE C 215 -21.52 -26.91 37.06
C ILE C 215 -22.60 -26.41 38.02
N ALA C 216 -23.83 -26.91 37.86
CA ALA C 216 -24.94 -26.50 38.72
C ALA C 216 -24.60 -26.71 40.17
N GLN C 217 -24.16 -27.93 40.51
CA GLN C 217 -23.78 -28.24 41.89
C GLN C 217 -22.87 -27.17 42.47
N GLY C 218 -21.81 -26.81 41.73
CA GLY C 218 -20.81 -25.92 42.29
C GLY C 218 -21.32 -24.51 42.49
N LEU C 219 -22.10 -23.99 41.53
CA LEU C 219 -22.64 -22.66 41.68
C LEU C 219 -23.63 -22.58 42.84
N ARG C 220 -24.40 -23.64 43.05
CA ARG C 220 -25.29 -23.70 44.21
C ARG C 220 -24.54 -23.69 45.52
N ALA C 221 -23.22 -23.90 45.49
CA ALA C 221 -22.40 -23.80 46.69
C ALA C 221 -21.99 -22.37 47.00
N VAL C 222 -22.32 -21.40 46.15
CA VAL C 222 -22.01 -20.01 46.41
C VAL C 222 -23.26 -19.15 46.56
N THR C 223 -24.44 -19.75 46.54
CA THR C 223 -25.67 -18.99 46.52
C THR C 223 -26.78 -19.81 47.15
N ASP C 224 -27.88 -19.12 47.44
CA ASP C 224 -29.10 -19.73 47.92
C ASP C 224 -30.23 -19.60 46.92
N ARG C 225 -29.95 -19.12 45.71
CA ARG C 225 -30.98 -18.98 44.70
C ARG C 225 -31.15 -20.29 43.92
N ASP C 226 -32.18 -20.32 43.10
CA ASP C 226 -32.35 -21.42 42.15
C ASP C 226 -31.38 -21.19 41.01
N VAL C 227 -30.52 -22.17 40.77
CA VAL C 227 -29.49 -22.10 39.74
C VAL C 227 -29.98 -22.84 38.50
N SER C 228 -29.69 -22.28 37.34
CA SER C 228 -30.07 -22.80 36.05
C SER C 228 -28.80 -22.77 35.19
N VAL C 229 -28.59 -23.81 34.37
CA VAL C 229 -27.34 -23.96 33.63
C VAL C 229 -27.65 -24.49 32.24
N SER C 230 -27.57 -23.62 31.24
CA SER C 230 -27.57 -24.05 29.84
C SER C 230 -26.11 -24.28 29.44
N PHE C 231 -25.71 -25.55 29.35
CA PHE C 231 -24.36 -25.90 28.96
C PHE C 231 -24.36 -26.44 27.54
N THR C 232 -23.39 -25.99 26.76
CA THR C 232 -23.22 -26.46 25.37
C THR C 232 -21.73 -26.62 25.07
N PRO C 233 -21.20 -27.85 25.06
CA PRO C 233 -19.81 -28.09 24.73
C PRO C 233 -19.62 -28.18 23.21
N VAL C 234 -18.51 -27.66 22.69
CA VAL C 234 -18.25 -27.68 21.23
C VAL C 234 -16.87 -28.26 20.99
N LEU C 235 -16.78 -29.24 20.09
CA LEU C 235 -15.51 -29.93 19.73
C LEU C 235 -14.83 -29.16 18.60
N ILE C 236 -13.57 -28.76 18.77
CA ILE C 236 -12.84 -28.02 17.71
C ILE C 236 -11.53 -28.74 17.42
N PRO C 237 -10.89 -28.50 16.25
CA PRO C 237 -9.62 -29.12 15.89
C PRO C 237 -8.40 -28.71 16.71
N ALA C 238 -8.30 -29.24 17.92
CA ALA C 238 -7.16 -29.01 18.83
C ALA C 238 -6.96 -30.29 19.63
N SER C 239 -5.75 -30.53 20.10
CA SER C 239 -5.51 -31.75 20.89
C SER C 239 -5.87 -31.46 22.35
N ARG C 240 -5.46 -30.30 22.84
CA ARG C 240 -5.72 -29.89 24.25
C ARG C 240 -6.32 -28.49 24.26
N GLY C 241 -6.98 -28.13 25.36
CA GLY C 241 -7.45 -26.75 25.51
C GLY C 241 -8.93 -26.63 25.73
N ILE C 242 -9.34 -25.79 26.66
CA ILE C 242 -10.77 -25.53 26.89
C ILE C 242 -10.97 -24.02 26.99
N LEU C 243 -11.74 -23.46 26.06
CA LEU C 243 -12.09 -22.03 26.08
C LEU C 243 -13.58 -21.94 26.35
N ALA C 244 -13.94 -21.49 27.55
CA ALA C 244 -15.31 -21.50 28.01
C ALA C 244 -15.84 -20.07 28.04
N THR C 245 -16.90 -19.82 27.26
CA THR C 245 -17.59 -18.54 27.26
C THR C 245 -18.82 -18.65 28.16
N CYS C 246 -18.99 -17.67 29.03
CA CYS C 246 -19.92 -17.77 30.15
C CYS C 246 -20.71 -16.48 30.23
N THR C 247 -22.01 -16.53 29.96
CA THR C 247 -22.79 -15.32 30.07
C THR C 247 -23.97 -15.53 31.02
N ALA C 248 -24.46 -14.41 31.54
CA ALA C 248 -25.56 -14.39 32.48
C ALA C 248 -26.06 -12.95 32.58
N ARG C 249 -27.36 -12.79 32.79
CA ARG C 249 -27.91 -11.45 32.93
C ARG C 249 -27.34 -10.76 34.15
N THR C 250 -26.96 -9.50 33.98
CA THR C 250 -26.48 -8.65 35.07
C THR C 250 -27.06 -7.25 34.92
N ARG C 251 -27.18 -6.56 36.04
CA ARG C 251 -27.42 -5.13 36.02
C ARG C 251 -26.33 -4.35 36.76
N SER C 252 -25.32 -5.04 37.29
CA SER C 252 -24.25 -4.37 38.00
C SER C 252 -23.24 -3.79 37.02
N PRO C 253 -22.44 -2.82 37.45
CA PRO C 253 -21.45 -2.24 36.53
C PRO C 253 -20.17 -3.06 36.49
N LEU C 254 -19.49 -2.97 35.34
CA LEU C 254 -18.20 -3.64 35.16
C LEU C 254 -17.22 -3.23 36.24
N SER C 255 -17.34 -2.01 36.72
CA SER C 255 -16.59 -1.61 37.90
C SER C 255 -16.74 -2.64 39.00
N GLN C 256 -17.98 -2.91 39.39
CA GLN C 256 -18.27 -3.75 40.54
C GLN C 256 -17.87 -5.20 40.28
N LEU C 257 -18.01 -5.65 39.04
CA LEU C 257 -17.69 -7.04 38.73
C LEU C 257 -16.19 -7.26 38.71
N ARG C 258 -15.47 -6.40 37.97
CA ARG C 258 -14.01 -6.51 37.93
C ARG C 258 -13.43 -6.49 39.33
N ALA C 259 -13.98 -5.63 40.19
CA ALA C 259 -13.57 -5.63 41.60
C ALA C 259 -13.95 -6.92 42.28
N ALA C 260 -15.08 -7.52 41.89
CA ALA C 260 -15.45 -8.79 42.51
C ALA C 260 -14.44 -9.87 42.16
N TYR C 261 -13.87 -9.80 40.95
CA TYR C 261 -12.96 -10.86 40.50
C TYR C 261 -11.56 -10.67 41.06
N GLU C 262 -11.14 -9.43 41.29
CA GLU C 262 -9.82 -9.22 41.87
C GLU C 262 -9.78 -9.70 43.31
N LYS C 263 -10.88 -9.54 44.05
CA LYS C 263 -10.90 -9.94 45.45
C LYS C 263 -10.77 -11.45 45.58
N ALA C 264 -11.55 -12.19 44.80
CA ALA C 264 -11.57 -13.65 44.91
C ALA C 264 -10.27 -14.31 44.45
N TYR C 265 -9.49 -13.64 43.59
CA TYR C 265 -8.39 -14.30 42.91
C TYR C 265 -7.03 -13.64 43.10
N HIS C 266 -6.95 -12.45 43.74
CA HIS C 266 -5.68 -11.75 43.82
C HIS C 266 -4.62 -12.61 44.48
N ALA C 267 -5.02 -13.45 45.44
CA ALA C 267 -4.09 -14.34 46.11
C ALA C 267 -4.09 -15.77 45.54
N GLU C 268 -4.83 -16.04 44.45
CA GLU C 268 -4.76 -17.38 43.87
C GLU C 268 -3.50 -17.51 43.02
N PRO C 269 -2.73 -18.58 43.20
CA PRO C 269 -1.50 -18.73 42.42
C PRO C 269 -1.77 -19.07 40.97
N PHE C 270 -2.87 -19.78 40.68
CA PHE C 270 -3.10 -20.37 39.37
C PHE C 270 -4.06 -19.58 38.50
N ILE C 271 -4.85 -18.68 39.08
CA ILE C 271 -5.82 -17.90 38.33
C ILE C 271 -5.19 -16.57 37.94
N TYR C 272 -5.18 -16.26 36.65
CA TYR C 272 -4.56 -15.05 36.13
C TYR C 272 -5.63 -14.22 35.42
N LEU C 273 -5.99 -13.07 36.02
CA LEU C 273 -6.91 -12.14 35.38
C LEU C 273 -6.17 -11.40 34.29
N MET C 274 -6.77 -11.30 33.11
CA MET C 274 -6.07 -10.61 32.04
C MET C 274 -6.07 -9.11 32.30
N PRO C 275 -5.05 -8.40 31.86
CA PRO C 275 -5.12 -6.93 31.82
C PRO C 275 -6.22 -6.47 30.87
N GLU C 276 -6.71 -5.26 31.11
CA GLU C 276 -7.74 -4.72 30.23
C GLU C 276 -7.23 -4.70 28.79
N GLY C 277 -8.13 -4.96 27.84
CA GLY C 277 -7.75 -5.12 26.45
C GLY C 277 -7.20 -6.49 26.10
N GLN C 278 -6.93 -7.32 27.08
CA GLN C 278 -6.49 -8.68 26.82
C GLN C 278 -7.62 -9.65 27.12
N LEU C 279 -7.53 -10.84 26.52
CA LEU C 279 -8.58 -11.83 26.57
C LEU C 279 -7.95 -13.21 26.53
N PRO C 280 -8.43 -14.15 27.33
CA PRO C 280 -7.77 -15.46 27.41
C PRO C 280 -7.68 -16.15 26.06
N ARG C 281 -6.67 -17.00 25.93
CA ARG C 281 -6.58 -17.85 24.77
C ARG C 281 -6.03 -19.16 25.25
N THR C 282 -6.62 -20.28 24.81
CA THR C 282 -6.16 -21.60 25.27
C THR C 282 -4.68 -21.79 25.02
N GLY C 283 -4.20 -21.41 23.85
CA GLY C 283 -2.82 -21.67 23.50
C GLY C 283 -1.79 -21.18 24.49
N ALA C 284 -2.15 -20.24 25.37
CA ALA C 284 -1.23 -19.66 26.34
C ALA C 284 -1.19 -20.42 27.67
N VAL C 285 -2.07 -21.39 27.87
CA VAL C 285 -2.12 -22.14 29.12
C VAL C 285 -1.75 -23.60 28.91
N ILE C 286 -1.34 -24.01 27.71
CA ILE C 286 -1.12 -25.42 27.43
C ILE C 286 0.06 -25.95 28.24
N GLY C 287 -0.16 -27.07 28.92
CA GLY C 287 0.91 -27.70 29.67
C GLY C 287 1.12 -27.08 31.04
N SER C 288 0.33 -26.07 31.38
CA SER C 288 0.39 -25.42 32.67
C SER C 288 -0.88 -25.71 33.44
N ASN C 289 -0.79 -25.50 34.74
CA ASN C 289 -1.93 -25.65 35.65
C ASN C 289 -2.72 -24.34 35.81
N ALA C 290 -2.53 -23.37 34.93
CA ALA C 290 -3.15 -22.08 35.15
C ALA C 290 -4.50 -21.93 34.39
N ALA C 291 -5.26 -20.93 34.81
CA ALA C 291 -6.51 -20.56 34.17
C ALA C 291 -6.48 -19.06 33.92
N HIS C 292 -6.76 -18.65 32.68
CA HIS C 292 -6.79 -17.24 32.32
C HIS C 292 -8.23 -16.75 32.23
N ILE C 293 -8.52 -15.58 32.82
CA ILE C 293 -9.90 -15.17 33.02
C ILE C 293 -10.09 -13.69 32.73
N ALA C 294 -11.03 -13.37 31.83
CA ALA C 294 -11.40 -12.00 31.49
C ALA C 294 -12.88 -11.84 31.80
N VAL C 295 -13.26 -10.65 32.28
CA VAL C 295 -14.65 -10.35 32.58
C VAL C 295 -15.04 -9.11 31.80
N ALA C 296 -16.29 -9.05 31.36
CA ALA C 296 -16.80 -7.88 30.67
C ALA C 296 -18.30 -7.79 30.91
N VAL C 297 -18.87 -6.71 30.37
CA VAL C 297 -20.27 -6.37 30.59
C VAL C 297 -20.81 -5.83 29.27
N ASP C 298 -21.82 -6.52 28.72
CA ASP C 298 -22.49 -6.14 27.49
C ASP C 298 -23.70 -5.33 27.95
N GLU C 299 -23.51 -4.01 28.12
CA GLU C 299 -24.59 -3.26 28.72
C GLU C 299 -25.74 -3.01 27.77
N ASP C 300 -25.49 -2.99 26.45
CA ASP C 300 -26.60 -3.00 25.50
C ASP C 300 -27.54 -4.18 25.75
N ALA C 301 -27.03 -5.24 26.36
CA ALA C 301 -27.83 -6.47 26.54
C ALA C 301 -27.92 -6.91 28.00
N GLN C 302 -27.51 -6.06 28.94
CA GLN C 302 -27.52 -6.32 30.41
C GLN C 302 -27.03 -7.74 30.65
N THR C 303 -25.94 -8.06 29.97
CA THR C 303 -25.36 -9.40 29.97
C THR C 303 -23.91 -9.34 30.46
N PHE C 304 -23.65 -9.97 31.60
CA PHE C 304 -22.30 -10.27 32.02
C PHE C 304 -21.73 -11.35 31.11
N VAL C 305 -20.43 -11.29 30.86
CA VAL C 305 -19.74 -12.30 30.06
C VAL C 305 -18.33 -12.47 30.60
N ALA C 306 -17.89 -13.72 30.69
CA ALA C 306 -16.61 -14.05 31.29
C ALA C 306 -16.03 -15.27 30.60
N ILE C 307 -14.74 -15.20 30.27
CA ILE C 307 -14.06 -16.23 29.48
C ILE C 307 -12.94 -16.83 30.31
N ALA C 308 -12.86 -18.16 30.32
CA ALA C 308 -11.76 -18.89 30.96
C ALA C 308 -11.07 -19.74 29.91
N ALA C 309 -9.76 -19.77 29.97
CA ALA C 309 -8.97 -20.67 29.13
C ALA C 309 -8.22 -21.57 30.09
N ILE C 310 -8.39 -22.87 29.96
CA ILE C 310 -7.63 -23.83 30.79
C ILE C 310 -7.15 -24.93 29.88
N ASP C 311 -6.07 -25.61 30.25
CA ASP C 311 -5.66 -26.82 29.51
C ASP C 311 -6.51 -27.92 30.13
N ASN C 312 -7.24 -28.67 29.32
CA ASN C 312 -8.15 -29.71 29.84
C ASN C 312 -7.40 -30.88 30.47
N LEU C 313 -6.14 -31.14 30.12
CA LEU C 313 -5.42 -32.29 30.69
C LEU C 313 -4.68 -31.89 31.96
N VAL C 314 -4.44 -30.60 32.17
CA VAL C 314 -3.72 -30.17 33.40
C VAL C 314 -4.72 -29.60 34.38
N LYS C 315 -4.95 -28.29 34.33
CA LYS C 315 -5.92 -27.64 35.26
C LYS C 315 -7.25 -28.37 35.14
N GLY C 316 -7.52 -29.00 34.02
CA GLY C 316 -8.74 -29.75 33.87
C GLY C 316 -8.76 -31.16 34.43
N THR C 317 -7.62 -31.73 34.83
CA THR C 317 -7.63 -33.08 35.39
C THR C 317 -6.40 -33.38 36.22
N ALA C 318 -5.28 -33.59 35.55
CA ALA C 318 -4.09 -34.10 36.21
C ALA C 318 -3.40 -33.02 37.03
N GLY C 319 -3.40 -31.78 36.55
CA GLY C 319 -2.88 -30.70 37.36
C GLY C 319 -3.69 -30.48 38.62
N ALA C 320 -5.00 -30.66 38.51
CA ALA C 320 -5.88 -30.52 39.70
C ALA C 320 -5.68 -31.73 40.62
N ALA C 321 -5.38 -32.90 40.07
CA ALA C 321 -5.12 -34.12 40.85
C ALA C 321 -3.85 -33.95 41.65
N VAL C 322 -2.80 -33.48 41.00
CA VAL C 322 -1.48 -33.21 41.64
C VAL C 322 -1.64 -32.07 42.64
N GLN C 323 -2.29 -30.98 42.28
CA GLN C 323 -2.54 -29.84 43.21
C GLN C 323 -3.27 -30.35 44.45
N SER C 324 -4.30 -31.17 44.27
CA SER C 324 -5.08 -31.77 45.39
C SER C 324 -4.18 -32.71 46.18
N MET C 325 -3.29 -33.42 45.48
CA MET C 325 -2.34 -34.34 46.15
C MET C 325 -1.35 -33.51 46.97
N ASN C 326 -0.94 -32.35 46.48
CA ASN C 326 0.00 -31.54 47.28
C ASN C 326 -0.71 -31.16 48.59
N LEU C 327 -1.98 -30.79 48.50
CA LEU C 327 -2.71 -30.41 49.70
C LEU C 327 -2.92 -31.62 50.63
N ALA C 328 -3.27 -32.77 50.05
CA ALA C 328 -3.54 -33.97 50.85
C ALA C 328 -2.30 -34.41 51.62
N LEU C 329 -1.12 -34.26 51.02
CA LEU C 329 0.14 -34.66 51.62
C LEU C 329 0.81 -33.51 52.31
N GLY C 330 0.24 -32.31 52.23
CA GLY C 330 0.76 -31.18 52.98
C GLY C 330 1.99 -30.53 52.41
N TRP C 331 2.31 -30.79 51.14
CA TRP C 331 3.37 -30.16 50.36
C TRP C 331 2.90 -28.86 49.76
N PRO C 332 3.82 -27.89 49.52
CA PRO C 332 3.44 -26.63 48.89
C PRO C 332 2.47 -26.83 47.73
N GLU C 333 1.42 -26.02 47.67
CA GLU C 333 0.34 -26.34 46.76
C GLU C 333 0.79 -26.38 45.31
N THR C 334 1.85 -25.63 44.97
CA THR C 334 2.26 -25.46 43.58
C THR C 334 3.38 -26.39 43.14
N ASP C 335 3.93 -27.17 44.07
CA ASP C 335 4.92 -28.21 43.77
C ASP C 335 4.51 -28.99 42.53
N GLY C 336 5.40 -29.02 41.55
CA GLY C 336 5.19 -29.70 40.30
C GLY C 336 4.33 -28.97 39.27
N LEU C 337 3.74 -27.82 39.60
CA LEU C 337 2.70 -27.24 38.75
C LEU C 337 3.07 -25.83 38.25
N SER C 338 3.65 -25.75 37.06
CA SER C 338 4.02 -24.46 36.50
C SER C 338 2.79 -23.68 36.04
N VAL C 339 2.93 -22.35 36.03
CA VAL C 339 1.95 -21.47 35.41
C VAL C 339 2.38 -21.03 34.02
N VAL C 340 3.56 -21.44 33.55
CA VAL C 340 4.12 -21.01 32.28
C VAL C 340 3.74 -22.03 31.21
N GLY C 341 2.86 -21.65 30.29
CA GLY C 341 2.39 -22.55 29.27
C GLY C 341 3.28 -22.61 28.06
N VAL C 342 3.18 -23.71 27.31
CA VAL C 342 4.07 -23.96 26.18
C VAL C 342 3.42 -23.43 24.91
N ALA C 343 4.10 -22.51 24.23
CA ALA C 343 3.48 -21.70 23.19
C ALA C 343 4.57 -21.14 22.29
N PRO C 344 4.33 -21.02 20.99
CA PRO C 344 3.19 -21.42 20.16
C PRO C 344 3.06 -22.93 19.88
N ALA D 1 25.33 -14.10 41.00
CA ALA D 1 23.97 -13.83 40.48
C ALA D 1 24.07 -13.54 39.00
N THR D 2 24.07 -14.59 38.18
CA THR D 2 24.19 -14.42 36.72
C THR D 2 22.99 -13.58 36.23
N LYS D 3 23.25 -12.37 35.76
CA LYS D 3 22.20 -11.43 35.26
C LYS D 3 22.12 -11.59 33.76
N VAL D 4 20.98 -12.05 33.26
CA VAL D 4 20.78 -12.37 31.81
C VAL D 4 19.95 -11.31 31.09
N ALA D 5 20.36 -10.98 29.86
CA ALA D 5 19.61 -10.09 28.96
C ALA D 5 19.12 -10.93 27.78
N VAL D 6 18.03 -10.51 27.14
CA VAL D 6 17.51 -11.23 25.94
C VAL D 6 17.14 -10.20 24.89
N ALA D 7 17.97 -10.06 23.85
CA ALA D 7 17.68 -9.15 22.72
C ALA D 7 16.79 -9.89 21.73
N GLY D 8 15.61 -9.34 21.44
CA GLY D 8 14.64 -9.97 20.55
C GLY D 8 13.65 -10.76 21.38
N ALA D 9 13.44 -10.35 22.62
CA ALA D 9 12.55 -11.00 23.61
C ALA D 9 11.14 -11.24 23.09
N SER D 10 10.59 -10.34 22.27
CA SER D 10 9.24 -10.43 21.68
C SER D 10 9.16 -11.42 20.51
N GLY D 11 10.23 -12.11 20.14
CA GLY D 11 10.21 -13.09 19.05
C GLY D 11 9.85 -14.46 19.54
N TYR D 12 9.85 -15.45 18.67
CA TYR D 12 9.49 -16.83 19.07
C TYR D 12 10.63 -17.43 19.88
N ALA D 13 11.84 -17.27 19.38
CA ALA D 13 13.06 -17.78 20.04
C ALA D 13 13.31 -17.03 21.34
N GLY D 14 12.97 -15.74 21.38
CA GLY D 14 13.11 -14.90 22.57
C GLY D 14 12.20 -15.36 23.69
N GLY D 15 10.93 -15.56 23.38
CA GLY D 15 10.00 -16.09 24.37
C GLY D 15 10.31 -17.52 24.77
N GLU D 16 10.86 -18.33 23.86
CA GLU D 16 11.17 -19.70 24.24
C GLU D 16 12.39 -19.74 25.13
N ILE D 17 13.34 -18.85 24.91
CA ILE D 17 14.45 -18.73 25.84
C ILE D 17 13.93 -18.32 27.21
N LEU D 18 13.03 -17.33 27.24
CA LEU D 18 12.52 -16.80 28.49
C LEU D 18 11.68 -17.85 29.21
N ARG D 19 10.82 -18.58 28.48
CA ARG D 19 10.09 -19.68 29.07
C ARG D 19 11.04 -20.63 29.77
N LEU D 20 12.14 -20.97 29.10
CA LEU D 20 13.05 -21.95 29.64
C LEU D 20 13.77 -21.39 30.87
N LEU D 21 14.23 -20.14 30.78
CA LEU D 21 14.88 -19.51 31.93
C LEU D 21 13.98 -19.55 33.16
N LEU D 22 12.69 -19.25 32.96
CA LEU D 22 11.74 -19.28 34.07
C LEU D 22 11.67 -20.64 34.75
N GLY D 23 12.04 -21.72 34.07
CA GLY D 23 12.04 -23.03 34.71
C GLY D 23 13.41 -23.56 35.09
N HIS D 24 14.44 -22.76 34.91
CA HIS D 24 15.79 -23.20 35.22
C HIS D 24 15.98 -23.24 36.74
N PRO D 25 16.55 -24.31 37.30
CA PRO D 25 16.80 -24.34 38.74
C PRO D 25 17.62 -23.17 39.25
N ALA D 26 18.44 -22.54 38.40
CA ALA D 26 19.16 -21.35 38.83
C ALA D 26 18.22 -20.19 39.07
N TYR D 27 17.32 -19.92 38.12
CA TYR D 27 16.33 -18.87 38.34
C TYR D 27 15.59 -19.09 39.65
N ALA D 28 15.38 -20.34 40.04
CA ALA D 28 14.55 -20.64 41.18
C ALA D 28 15.26 -20.37 42.50
N ASP D 29 16.56 -20.65 42.58
CA ASP D 29 17.30 -20.29 43.79
C ASP D 29 18.10 -19.01 43.59
N GLY D 30 17.76 -18.22 42.57
CA GLY D 30 18.34 -16.91 42.41
C GLY D 30 19.78 -16.85 41.93
N ARG D 31 20.43 -17.97 41.59
CA ARG D 31 21.74 -17.79 40.96
C ARG D 31 21.63 -17.17 39.57
N LEU D 32 20.40 -17.05 39.09
CA LEU D 32 20.10 -16.43 37.77
C LEU D 32 18.92 -15.47 37.92
N ARG D 33 19.03 -14.28 37.31
CA ARG D 33 17.92 -13.32 37.31
C ARG D 33 17.69 -12.92 35.86
N ILE D 34 16.46 -12.61 35.49
CA ILE D 34 16.11 -12.17 34.11
C ILE D 34 16.24 -10.65 34.04
N GLY D 35 17.12 -10.14 33.18
CA GLY D 35 17.35 -8.71 33.07
C GLY D 35 16.63 -8.04 31.93
N ALA D 36 17.36 -7.25 31.15
CA ALA D 36 16.76 -6.49 30.07
C ALA D 36 16.11 -7.42 29.05
N LEU D 37 14.98 -6.99 28.50
CA LEU D 37 14.25 -7.73 27.48
C LEU D 37 14.01 -6.73 26.35
N THR D 38 14.80 -6.86 25.29
CA THR D 38 14.83 -5.81 24.25
C THR D 38 14.27 -6.24 22.89
N ALA D 39 13.84 -5.26 22.10
CA ALA D 39 13.25 -5.54 20.79
C ALA D 39 13.51 -4.38 19.85
N ALA D 40 12.69 -4.21 18.82
CA ALA D 40 12.87 -3.12 17.87
C ALA D 40 11.76 -2.11 18.02
N THR D 41 10.71 -2.25 17.20
CA THR D 41 9.57 -1.30 17.20
C THR D 41 8.60 -1.65 18.31
N SER D 42 8.75 -2.80 18.95
CA SER D 42 7.84 -3.21 20.04
C SER D 42 8.43 -2.83 21.39
N ALA D 43 9.41 -1.95 21.42
CA ALA D 43 9.97 -1.43 22.67
C ALA D 43 8.98 -0.41 23.23
N GLY D 44 8.77 -0.43 24.54
CA GLY D 44 7.77 0.45 25.15
C GLY D 44 6.54 -0.36 25.48
N SER D 45 6.34 -1.47 24.75
CA SER D 45 5.19 -2.31 25.07
C SER D 45 5.53 -3.27 26.21
N THR D 46 4.50 -3.96 26.69
CA THR D 46 4.69 -4.97 27.72
C THR D 46 4.86 -6.34 27.08
N LEU D 47 5.53 -7.22 27.83
CA LEU D 47 5.87 -8.54 27.30
C LEU D 47 4.62 -9.41 27.15
N GLY D 48 3.67 -9.29 28.09
CA GLY D 48 2.41 -10.01 27.96
C GLY D 48 1.68 -9.71 26.66
N GLU D 49 1.87 -8.51 26.10
CA GLU D 49 1.30 -8.21 24.80
C GLU D 49 1.89 -9.06 23.69
N HIS D 50 2.98 -9.77 23.95
CA HIS D 50 3.59 -10.63 22.95
C HIS D 50 3.57 -12.10 23.34
N HIS D 51 3.87 -12.43 24.60
CA HIS D 51 3.95 -13.80 25.07
C HIS D 51 2.97 -13.98 26.22
N PRO D 52 1.68 -14.23 25.94
CA PRO D 52 0.70 -14.36 27.03
C PRO D 52 0.87 -15.62 27.84
N HIS D 53 1.71 -16.56 27.40
CA HIS D 53 2.02 -17.70 28.27
C HIS D 53 3.04 -17.34 29.33
N LEU D 54 3.83 -16.27 29.14
CA LEU D 54 4.87 -15.90 30.07
C LEU D 54 4.34 -14.89 31.08
N THR D 55 3.31 -15.31 31.80
CA THR D 55 2.66 -14.43 32.77
C THR D 55 3.61 -13.92 33.86
N PRO D 56 4.57 -14.71 34.38
CA PRO D 56 5.50 -14.14 35.36
C PRO D 56 6.28 -12.93 34.85
N LEU D 57 6.54 -12.83 33.56
CA LEU D 57 7.23 -11.66 33.02
C LEU D 57 6.31 -10.79 32.17
N ALA D 58 4.99 -10.85 32.40
CA ALA D 58 4.08 -10.15 31.49
C ALA D 58 4.10 -8.64 31.72
N HIS D 59 4.32 -8.22 32.97
CA HIS D 59 4.41 -6.81 33.33
C HIS D 59 5.64 -6.14 32.76
N ARG D 60 6.63 -6.90 32.35
CA ARG D 60 7.90 -6.32 31.89
C ARG D 60 7.68 -5.44 30.68
N VAL D 61 8.37 -4.30 30.67
CA VAL D 61 8.42 -3.43 29.52
C VAL D 61 9.65 -3.80 28.73
N VAL D 62 9.49 -3.93 27.42
CA VAL D 62 10.61 -4.32 26.58
C VAL D 62 11.30 -3.03 26.13
N GLU D 63 12.60 -2.97 26.32
CA GLU D 63 13.39 -1.78 26.03
C GLU D 63 13.99 -1.90 24.64
N PRO D 64 14.56 -0.84 24.10
CA PRO D 64 15.28 -0.97 22.83
C PRO D 64 16.58 -1.74 22.97
N THR D 65 17.07 -2.23 21.83
CA THR D 65 18.25 -3.08 21.78
C THR D 65 19.48 -2.21 21.63
N GLU D 66 19.93 -1.64 22.74
CA GLU D 66 21.06 -0.73 22.71
C GLU D 66 22.11 -1.17 23.71
N ALA D 67 23.37 -0.82 23.39
CA ALA D 67 24.50 -1.21 24.22
C ALA D 67 24.32 -0.77 25.67
N ALA D 68 23.85 0.46 25.87
CA ALA D 68 23.60 0.96 27.22
C ALA D 68 22.61 0.05 27.96
N VAL D 69 21.57 -0.38 27.26
CA VAL D 69 20.57 -1.28 27.83
C VAL D 69 21.19 -2.65 28.14
N LEU D 70 21.84 -3.24 27.13
CA LEU D 70 22.33 -4.61 27.27
C LEU D 70 23.46 -4.73 28.29
N GLY D 71 24.30 -3.69 28.40
CA GLY D 71 25.44 -3.68 29.30
C GLY D 71 25.13 -4.05 30.73
N GLY D 72 26.14 -4.50 31.45
CA GLY D 72 25.94 -4.90 32.82
C GLY D 72 25.13 -6.14 33.00
N HIS D 73 25.02 -6.98 31.95
CA HIS D 73 24.44 -8.31 32.06
C HIS D 73 25.52 -9.36 31.79
N ASP D 74 25.65 -10.33 32.70
CA ASP D 74 26.68 -11.36 32.59
C ASP D 74 26.47 -12.21 31.34
N ALA D 75 25.23 -12.57 31.04
CA ALA D 75 24.89 -13.32 29.85
C ALA D 75 23.90 -12.55 28.98
N VAL D 76 24.14 -12.51 27.67
CA VAL D 76 23.19 -11.93 26.74
C VAL D 76 22.82 -12.97 25.68
N PHE D 77 21.53 -13.26 25.57
CA PHE D 77 21.02 -14.04 24.44
C PHE D 77 20.57 -13.12 23.32
N LEU D 78 21.09 -13.33 22.12
CA LEU D 78 20.71 -12.56 20.93
C LEU D 78 19.79 -13.40 20.07
N ALA D 79 18.52 -13.01 20.02
CA ALA D 79 17.57 -13.72 19.16
C ALA D 79 17.04 -12.76 18.09
N LEU D 80 17.92 -12.15 17.32
CA LEU D 80 17.56 -11.23 16.27
C LEU D 80 17.75 -11.89 14.92
N PRO D 81 17.28 -11.27 13.85
CA PRO D 81 17.72 -11.68 12.51
C PRO D 81 19.21 -11.39 12.32
N HIS D 82 19.80 -12.08 11.36
CA HIS D 82 21.23 -11.95 11.18
C HIS D 82 21.60 -10.54 10.74
N GLY D 83 22.89 -10.30 10.67
CA GLY D 83 23.38 -8.97 10.47
C GLY D 83 23.28 -8.05 11.68
N HIS D 84 23.03 -8.59 12.88
CA HIS D 84 23.03 -7.71 14.03
C HIS D 84 24.07 -8.05 15.08
N SER D 85 24.29 -9.33 15.36
CA SER D 85 25.18 -9.69 16.46
C SER D 85 26.63 -9.30 16.20
N ALA D 86 27.01 -9.24 14.92
CA ALA D 86 28.39 -8.94 14.56
C ALA D 86 28.91 -7.67 15.23
N VAL D 87 28.11 -6.60 15.21
CA VAL D 87 28.52 -5.33 15.81
C VAL D 87 28.15 -5.25 17.28
N LEU D 88 27.01 -5.82 17.66
CA LEU D 88 26.58 -5.86 19.07
C LEU D 88 27.63 -6.51 19.97
N ALA D 89 28.51 -7.34 19.41
CA ALA D 89 29.40 -8.17 20.22
C ALA D 89 30.63 -7.41 20.70
N GLN D 90 31.32 -6.73 19.78
CA GLN D 90 32.41 -5.86 20.21
C GLN D 90 31.90 -4.68 21.04
N GLN D 91 30.61 -4.34 20.89
CA GLN D 91 30.02 -3.26 21.67
C GLN D 91 29.82 -3.66 23.14
N LEU D 92 29.29 -4.85 23.37
CA LEU D 92 29.24 -5.36 24.73
C LEU D 92 30.65 -5.59 25.26
N SER D 93 30.74 -5.85 26.57
CA SER D 93 32.02 -6.16 27.19
C SER D 93 32.50 -7.56 26.80
N PRO D 94 33.83 -7.75 26.69
CA PRO D 94 34.34 -9.07 26.24
C PRO D 94 34.08 -10.21 27.20
N GLU D 95 33.81 -9.95 28.47
CA GLU D 95 33.62 -11.01 29.44
C GLU D 95 32.16 -11.48 29.55
N THR D 96 31.24 -10.85 28.83
CA THR D 96 29.86 -11.28 28.88
C THR D 96 29.67 -12.48 27.97
N LEU D 97 28.85 -13.40 28.42
CA LEU D 97 28.54 -14.57 27.63
C LEU D 97 27.49 -14.23 26.57
N ILE D 98 27.87 -14.25 25.30
CA ILE D 98 26.97 -13.91 24.20
C ILE D 98 26.55 -15.18 23.48
N ILE D 99 25.27 -15.31 23.21
CA ILE D 99 24.75 -16.51 22.59
C ILE D 99 23.79 -16.06 21.49
N ASP D 100 24.24 -16.16 20.24
CA ASP D 100 23.48 -15.71 19.08
C ASP D 100 22.62 -16.87 18.56
N CYS D 101 21.30 -16.71 18.65
CA CYS D 101 20.44 -17.67 17.98
C CYS D 101 20.55 -17.57 16.47
N GLY D 102 20.97 -16.44 15.96
CA GLY D 102 21.09 -16.20 14.55
C GLY D 102 22.26 -16.94 13.92
N ALA D 103 22.51 -16.60 12.67
CA ALA D 103 23.46 -17.33 11.85
C ALA D 103 24.78 -16.64 11.66
N ASP D 104 24.86 -15.32 11.93
CA ASP D 104 26.03 -14.49 11.65
C ASP D 104 27.36 -15.18 11.97
N PHE D 105 27.43 -15.98 13.04
CA PHE D 105 28.69 -16.62 13.40
C PHE D 105 28.65 -18.15 13.28
N ARG D 106 27.74 -18.70 12.46
CA ARG D 106 27.61 -20.15 12.39
C ARG D 106 28.64 -20.76 11.47
N LEU D 107 28.83 -20.17 10.31
CA LEU D 107 29.59 -20.73 9.21
C LEU D 107 31.05 -20.32 9.27
N THR D 108 31.89 -21.13 8.63
CA THR D 108 33.33 -21.03 8.72
C THR D 108 34.01 -20.85 7.37
N ASP D 109 33.25 -20.68 6.28
CA ASP D 109 33.84 -20.38 4.99
C ASP D 109 33.17 -19.12 4.44
N ALA D 110 33.99 -18.12 4.09
CA ALA D 110 33.46 -16.81 3.71
C ALA D 110 32.77 -16.85 2.35
N ALA D 111 33.31 -17.64 1.41
CA ALA D 111 32.67 -17.79 0.11
C ALA D 111 31.26 -18.32 0.25
N VAL D 112 31.07 -19.27 1.17
CA VAL D 112 29.76 -19.85 1.38
C VAL D 112 28.83 -18.87 2.06
N TRP D 113 29.31 -18.14 3.07
CA TRP D 113 28.42 -17.17 3.72
C TRP D 113 27.94 -16.13 2.71
N GLU D 114 28.84 -15.61 1.87
CA GLU D 114 28.41 -14.64 0.87
C GLU D 114 27.43 -15.26 -0.11
N ARG D 115 27.75 -16.47 -0.60
CA ARG D 115 26.94 -17.11 -1.63
C ARG D 115 25.49 -17.30 -1.21
N PHE D 116 25.20 -17.35 0.10
CA PHE D 116 23.85 -17.65 0.60
C PHE D 116 23.22 -16.54 1.42
N TYR D 117 23.98 -15.59 1.94
CA TYR D 117 23.41 -14.59 2.84
C TYR D 117 23.50 -13.18 2.31
N GLY D 118 24.29 -12.94 1.25
CA GLY D 118 24.36 -11.64 0.65
C GLY D 118 25.04 -10.58 1.48
N SER D 119 25.67 -10.94 2.57
CA SER D 119 26.36 -9.98 3.39
C SER D 119 27.78 -10.45 3.60
N SER D 120 28.59 -9.58 4.19
CA SER D 120 29.95 -9.94 4.57
C SER D 120 29.94 -11.03 5.63
N HIS D 121 30.87 -11.98 5.49
CA HIS D 121 31.08 -12.97 6.54
C HIS D 121 31.53 -12.27 7.82
N ALA D 122 30.95 -12.66 8.95
CA ALA D 122 31.39 -12.11 10.22
C ALA D 122 32.52 -12.91 10.86
N GLY D 123 32.84 -14.09 10.35
CA GLY D 123 33.72 -14.98 11.08
C GLY D 123 32.92 -16.08 11.76
N SER D 124 33.45 -16.66 12.83
CA SER D 124 32.90 -17.89 13.36
C SER D 124 32.98 -17.91 14.88
N TRP D 125 31.92 -18.41 15.53
CA TRP D 125 31.92 -18.73 16.94
C TRP D 125 31.74 -20.23 17.15
N PRO D 126 32.15 -20.77 18.33
CA PRO D 126 31.71 -22.11 18.74
C PRO D 126 30.24 -22.38 18.46
N TYR D 127 30.00 -23.57 17.91
CA TYR D 127 28.68 -24.03 17.46
C TYR D 127 27.91 -24.70 18.61
N GLY D 128 26.64 -24.32 18.78
CA GLY D 128 25.87 -24.80 19.91
C GLY D 128 25.28 -26.20 19.86
N LEU D 129 25.99 -27.18 19.29
CA LEU D 129 25.47 -28.55 19.15
C LEU D 129 26.33 -29.49 19.98
N PRO D 130 26.14 -29.48 21.30
CA PRO D 130 27.10 -30.20 22.16
C PRO D 130 27.31 -31.65 21.77
N GLU D 131 26.27 -32.31 21.25
CA GLU D 131 26.37 -33.70 20.83
C GLU D 131 27.33 -33.91 19.67
N LEU D 132 27.61 -32.87 18.87
CA LEU D 132 28.57 -33.03 17.78
C LEU D 132 29.97 -33.29 18.34
N PRO D 133 30.73 -34.19 17.71
CA PRO D 133 32.08 -34.50 18.19
C PRO D 133 32.92 -33.25 18.42
N GLY D 134 33.53 -33.18 19.62
CA GLY D 134 34.41 -32.09 19.99
C GLY D 134 33.72 -30.81 20.40
N ALA D 135 32.39 -30.76 20.32
CA ALA D 135 31.68 -29.51 20.60
C ALA D 135 31.66 -29.18 22.08
N ARG D 136 31.46 -30.17 22.93
CA ARG D 136 31.30 -29.89 24.35
C ARG D 136 32.52 -29.19 24.92
N ASP D 137 33.71 -29.68 24.60
CA ASP D 137 34.93 -29.05 25.12
C ASP D 137 35.08 -27.63 24.61
N GLN D 138 34.61 -27.36 23.40
CA GLN D 138 34.70 -25.99 22.90
C GLN D 138 33.69 -25.09 23.58
N LEU D 139 32.58 -25.66 24.06
CA LEU D 139 31.58 -24.84 24.73
C LEU D 139 31.93 -24.58 26.18
N ARG D 140 32.53 -25.57 26.84
CA ARG D 140 32.90 -25.39 28.24
C ARG D 140 33.77 -24.15 28.37
N GLY D 141 33.21 -23.11 28.96
CA GLY D 141 33.98 -21.90 29.23
C GLY D 141 34.21 -20.96 28.07
N THR D 142 33.56 -21.15 26.93
CA THR D 142 33.63 -20.07 25.96
C THR D 142 32.69 -18.94 26.37
N ARG D 143 32.90 -17.77 25.77
CA ARG D 143 32.00 -16.66 26.00
C ARG D 143 31.35 -16.19 24.70
N ARG D 144 31.38 -17.02 23.65
CA ARG D 144 30.78 -16.69 22.36
C ARG D 144 30.29 -17.98 21.73
N ILE D 145 29.00 -18.07 21.45
CA ILE D 145 28.40 -19.29 20.90
C ILE D 145 27.45 -18.92 19.78
N ALA D 146 27.57 -19.60 18.65
CA ALA D 146 26.56 -19.53 17.60
C ALA D 146 25.67 -20.76 17.72
N VAL D 147 24.36 -20.56 17.75
CA VAL D 147 23.43 -21.68 17.94
C VAL D 147 23.07 -22.23 16.56
N PRO D 148 22.95 -23.54 16.40
CA PRO D 148 22.53 -24.11 15.11
C PRO D 148 21.13 -23.67 14.72
N GLY D 149 20.88 -23.67 13.40
CA GLY D 149 19.51 -23.61 12.93
C GLY D 149 18.74 -24.89 13.25
N CYS D 150 17.41 -24.77 13.24
CA CYS D 150 16.57 -25.90 13.60
C CYS D 150 16.87 -27.13 12.70
N TYR D 151 16.81 -26.95 11.38
CA TYR D 151 17.01 -28.09 10.48
C TYR D 151 18.40 -28.69 10.59
N PRO D 152 19.50 -27.91 10.61
CA PRO D 152 20.81 -28.56 10.75
C PRO D 152 20.90 -29.41 11.99
N THR D 153 20.32 -28.95 13.10
CA THR D 153 20.31 -29.78 14.30
C THR D 153 19.70 -31.14 14.02
N ALA D 154 18.56 -31.18 13.33
CA ALA D 154 17.92 -32.46 13.05
C ALA D 154 18.80 -33.32 12.14
N ALA D 155 19.13 -32.78 10.95
CA ALA D 155 19.92 -33.54 9.98
C ALA D 155 21.20 -34.08 10.59
N LEU D 156 21.98 -33.21 11.23
CA LEU D 156 23.24 -33.63 11.81
C LEU D 156 23.03 -34.73 12.85
N LEU D 157 22.07 -34.54 13.75
CA LEU D 157 21.88 -35.54 14.79
C LEU D 157 21.47 -36.87 14.18
N ALA D 158 20.82 -36.86 13.02
CA ALA D 158 20.35 -38.09 12.42
C ALA D 158 21.41 -38.77 11.58
N LEU D 159 22.35 -38.03 11.00
CA LEU D 159 23.24 -38.61 10.00
C LEU D 159 24.64 -38.89 10.52
N PHE D 160 25.19 -38.00 11.34
CA PHE D 160 26.62 -38.00 11.54
C PHE D 160 27.17 -39.29 12.17
N PRO D 161 26.51 -40.00 13.10
CA PRO D 161 27.13 -41.25 13.60
C PRO D 161 27.46 -42.24 12.48
N ALA D 162 26.55 -42.47 11.53
CA ALA D 162 26.86 -43.39 10.43
C ALA D 162 27.83 -42.80 9.42
N LEU D 163 27.97 -41.47 9.39
CA LEU D 163 28.98 -40.92 8.50
C LEU D 163 30.35 -40.86 9.18
N ALA D 164 30.38 -40.60 10.49
CA ALA D 164 31.65 -40.68 11.19
C ALA D 164 32.12 -42.11 11.33
N ALA D 165 31.25 -43.09 11.10
CA ALA D 165 31.65 -44.49 11.11
C ALA D 165 32.12 -44.96 9.74
N ASP D 166 31.97 -44.12 8.71
CA ASP D 166 32.25 -44.50 7.33
C ASP D 166 31.35 -45.66 6.91
N LEU D 167 30.10 -45.64 7.34
CA LEU D 167 29.16 -46.70 7.03
C LEU D 167 28.14 -46.33 5.96
N ILE D 168 28.04 -45.05 5.64
CA ILE D 168 27.13 -44.59 4.57
C ILE D 168 27.94 -43.78 3.56
N GLU D 169 27.34 -43.38 2.47
CA GLU D 169 28.13 -42.60 1.50
C GLU D 169 27.92 -41.12 1.78
N PRO D 170 28.83 -40.21 1.43
CA PRO D 170 28.67 -38.81 1.73
C PRO D 170 27.78 -37.96 0.81
N ALA D 171 26.80 -38.59 0.17
CA ALA D 171 25.79 -37.91 -0.67
C ALA D 171 24.45 -38.21 -0.01
N VAL D 172 24.13 -37.39 0.97
CA VAL D 172 22.89 -37.56 1.78
C VAL D 172 21.81 -36.67 1.18
N THR D 173 20.57 -37.11 1.40
CA THR D 173 19.36 -36.36 1.02
C THR D 173 18.58 -36.18 2.31
N VAL D 174 17.98 -35.01 2.50
CA VAL D 174 17.20 -34.80 3.74
C VAL D 174 15.90 -34.12 3.33
N VAL D 175 14.78 -34.69 3.75
CA VAL D 175 13.47 -34.04 3.53
C VAL D 175 12.89 -33.88 4.92
N ALA D 176 12.92 -32.65 5.41
CA ALA D 176 12.44 -32.37 6.76
C ALA D 176 11.14 -31.60 6.69
N VAL D 177 10.14 -32.04 7.45
CA VAL D 177 8.90 -31.29 7.60
C VAL D 177 9.00 -30.49 8.87
N SER D 178 8.31 -29.35 8.90
CA SER D 178 8.47 -28.43 10.02
C SER D 178 7.18 -27.66 10.24
N GLY D 179 6.94 -27.33 11.50
CA GLY D 179 5.88 -26.42 11.84
C GLY D 179 6.14 -25.01 11.37
N THR D 180 5.16 -24.16 11.63
CA THR D 180 5.18 -22.78 11.15
C THR D 180 6.08 -21.87 11.95
N SER D 181 6.25 -22.13 13.25
CA SER D 181 6.92 -21.19 14.14
C SER D 181 8.36 -20.94 13.73
N GLY D 182 9.02 -21.90 13.08
CA GLY D 182 10.38 -21.66 12.64
C GLY D 182 10.49 -20.47 11.71
N ALA D 183 9.42 -20.15 10.99
CA ALA D 183 9.38 -18.97 10.14
C ALA D 183 9.40 -17.68 10.95
N GLY D 184 9.07 -17.74 12.23
CA GLY D 184 9.14 -16.58 13.08
C GLY D 184 7.91 -15.68 12.99
N ARG D 185 7.88 -14.70 13.88
CA ARG D 185 6.70 -13.90 14.11
C ARG D 185 6.45 -12.82 13.06
N ALA D 186 7.35 -12.61 12.12
CA ALA D 186 7.14 -11.57 11.12
C ALA D 186 5.97 -11.95 10.20
N ALA D 187 5.05 -11.01 10.05
CA ALA D 187 3.73 -11.27 9.47
C ALA D 187 3.80 -11.32 7.95
N THR D 188 4.34 -12.42 7.44
CA THR D 188 4.16 -12.77 6.03
C THR D 188 2.72 -13.25 5.77
N THR D 189 2.29 -13.18 4.51
CA THR D 189 0.91 -13.57 4.21
C THR D 189 0.76 -15.04 3.85
N ASP D 190 1.83 -15.71 3.43
CA ASP D 190 1.78 -17.15 3.23
C ASP D 190 2.08 -17.92 4.50
N LEU D 191 2.14 -17.22 5.62
CA LEU D 191 2.18 -17.81 6.96
C LEU D 191 0.91 -17.52 7.73
N LEU D 192 -0.09 -16.91 7.10
CA LEU D 192 -1.42 -16.79 7.70
C LEU D 192 -2.03 -18.16 7.90
N GLY D 193 -2.67 -18.36 9.05
CA GLY D 193 -3.25 -19.65 9.38
C GLY D 193 -4.19 -20.18 8.32
N ALA D 194 -4.90 -19.30 7.62
CA ALA D 194 -5.85 -19.74 6.61
C ALA D 194 -5.16 -20.43 5.44
N GLU D 195 -3.97 -19.96 5.07
CA GLU D 195 -3.18 -20.56 4.01
C GLU D 195 -2.28 -21.69 4.50
N VAL D 196 -2.08 -21.82 5.82
CA VAL D 196 -1.25 -22.90 6.35
C VAL D 196 -2.08 -24.13 6.71
N ILE D 197 -3.21 -23.94 7.39
CA ILE D 197 -4.09 -25.05 7.76
C ILE D 197 -4.50 -25.81 6.50
N GLY D 198 -4.44 -27.14 6.57
CA GLY D 198 -4.90 -27.97 5.48
C GLY D 198 -4.09 -27.87 4.21
N SER D 199 -2.82 -27.55 4.33
CA SER D 199 -1.94 -27.42 3.17
C SER D 199 -0.52 -27.77 3.60
N ALA D 200 0.19 -28.49 2.73
CA ALA D 200 1.61 -28.68 2.84
C ALA D 200 2.28 -28.20 1.56
N ARG D 201 3.50 -27.66 1.71
CA ARG D 201 4.25 -27.18 0.56
C ARG D 201 5.74 -27.14 0.89
N ALA D 202 6.55 -27.45 -0.13
CA ALA D 202 8.00 -27.35 -0.06
C ALA D 202 8.48 -26.00 -0.61
N TYR D 203 9.46 -25.40 0.07
CA TYR D 203 10.02 -24.11 -0.30
C TYR D 203 11.53 -24.23 -0.43
N ASN D 204 12.14 -23.22 -1.04
CA ASN D 204 13.61 -23.08 -1.07
C ASN D 204 14.30 -24.38 -1.46
N ILE D 205 13.79 -24.97 -2.54
CA ILE D 205 14.15 -26.31 -2.95
C ILE D 205 15.34 -26.25 -3.91
N ALA D 206 15.88 -27.43 -4.27
CA ALA D 206 17.05 -27.55 -5.13
C ALA D 206 18.28 -26.92 -4.50
N GLY D 207 18.36 -26.94 -3.17
CA GLY D 207 19.58 -26.55 -2.52
C GLY D 207 19.91 -25.08 -2.58
N VAL D 208 18.88 -24.20 -2.59
CA VAL D 208 19.09 -22.77 -2.36
C VAL D 208 18.89 -22.39 -0.90
N HIS D 209 18.44 -23.31 -0.06
CA HIS D 209 18.11 -22.98 1.31
C HIS D 209 19.37 -22.87 2.13
N ARG D 210 19.49 -21.77 2.90
CA ARG D 210 20.69 -21.44 3.68
C ARG D 210 21.12 -22.55 4.63
N HIS D 211 20.28 -23.54 4.89
CA HIS D 211 20.71 -24.59 5.80
C HIS D 211 21.52 -25.66 5.10
N THR D 212 21.42 -25.74 3.79
CA THR D 212 22.12 -26.77 3.06
C THR D 212 23.62 -26.71 3.36
N PRO D 213 24.31 -25.56 3.18
CA PRO D 213 25.74 -25.55 3.47
C PRO D 213 26.07 -25.72 4.95
N GLU D 214 25.16 -25.31 5.83
CA GLU D 214 25.34 -25.53 7.27
C GLU D 214 25.37 -27.03 7.60
N ILE D 215 24.45 -27.81 7.02
CA ILE D 215 24.52 -29.26 7.15
C ILE D 215 25.79 -29.79 6.51
N ALA D 216 26.04 -29.40 5.26
CA ALA D 216 27.28 -29.77 4.59
C ALA D 216 28.47 -29.50 5.49
N GLN D 217 28.50 -28.31 6.12
CA GLN D 217 29.60 -27.94 7.00
C GLN D 217 29.67 -28.89 8.20
N GLY D 218 28.54 -29.14 8.86
CA GLY D 218 28.55 -29.99 10.03
C GLY D 218 29.01 -31.40 9.70
N LEU D 219 28.52 -31.95 8.57
CA LEU D 219 28.89 -33.30 8.18
C LEU D 219 30.35 -33.40 7.76
N ARG D 220 30.91 -32.33 7.19
CA ARG D 220 32.32 -32.36 6.81
C ARG D 220 33.24 -32.45 8.01
N ALA D 221 32.77 -32.11 9.21
CA ALA D 221 33.62 -32.19 10.38
C ALA D 221 33.83 -33.62 10.89
N VAL D 222 33.08 -34.60 10.39
CA VAL D 222 33.25 -35.97 10.86
C VAL D 222 33.70 -36.90 9.73
N THR D 223 34.06 -36.36 8.57
CA THR D 223 34.53 -37.21 7.48
C THR D 223 35.50 -36.43 6.61
N ASP D 224 36.52 -37.14 6.11
CA ASP D 224 37.45 -36.63 5.13
C ASP D 224 36.92 -36.74 3.70
N ARG D 225 35.72 -37.29 3.53
CA ARG D 225 35.17 -37.47 2.20
C ARG D 225 34.51 -36.18 1.71
N ASP D 226 34.28 -36.11 0.40
CA ASP D 226 33.55 -34.99 -0.21
C ASP D 226 32.05 -35.21 0.01
N VAL D 227 31.43 -34.33 0.83
CA VAL D 227 30.02 -34.46 1.18
C VAL D 227 29.17 -33.58 0.26
N SER D 228 28.03 -34.14 -0.18
CA SER D 228 26.99 -33.43 -0.92
C SER D 228 25.66 -33.59 -0.19
N VAL D 229 24.82 -32.56 -0.29
CA VAL D 229 23.58 -32.48 0.48
C VAL D 229 22.48 -32.08 -0.48
N SER D 230 21.48 -32.94 -0.64
CA SER D 230 20.21 -32.51 -1.19
C SER D 230 19.29 -32.27 -0.01
N PHE D 231 18.86 -31.01 0.19
CA PHE D 231 18.03 -30.66 1.33
C PHE D 231 16.72 -30.02 0.89
N THR D 232 15.63 -30.46 1.50
CA THR D 232 14.29 -30.00 1.13
C THR D 232 13.45 -29.79 2.39
N PRO D 233 13.11 -28.54 2.71
CA PRO D 233 12.16 -28.28 3.80
C PRO D 233 10.74 -28.22 3.28
N VAL D 234 9.83 -28.77 4.07
CA VAL D 234 8.42 -28.84 3.71
C VAL D 234 7.62 -28.36 4.91
N LEU D 235 6.93 -27.24 4.75
CA LEU D 235 6.12 -26.69 5.80
C LEU D 235 4.76 -27.41 5.89
N ILE D 236 4.27 -27.58 7.10
CA ILE D 236 3.08 -28.41 7.36
C ILE D 236 2.22 -27.72 8.39
N PRO D 237 0.93 -28.10 8.45
CA PRO D 237 0.02 -27.42 9.39
C PRO D 237 0.30 -27.73 10.85
N ALA D 238 1.37 -27.15 11.40
CA ALA D 238 1.73 -27.42 12.78
C ALA D 238 2.46 -26.21 13.31
N SER D 239 2.29 -25.95 14.60
CA SER D 239 2.95 -24.79 15.18
C SER D 239 4.39 -25.11 15.56
N ARG D 240 4.66 -26.32 16.02
CA ARG D 240 6.01 -26.72 16.38
C ARG D 240 6.34 -28.03 15.67
N GLY D 241 7.57 -28.50 15.84
CA GLY D 241 8.01 -29.82 15.44
C GLY D 241 8.88 -29.80 14.19
N ILE D 242 9.80 -30.77 14.11
CA ILE D 242 10.57 -31.03 12.90
C ILE D 242 10.79 -32.53 12.77
N LEU D 243 10.25 -33.13 11.71
CA LEU D 243 10.54 -34.51 11.36
C LEU D 243 11.48 -34.48 10.17
N ALA D 244 12.70 -34.99 10.36
CA ALA D 244 13.72 -34.97 9.32
C ALA D 244 13.96 -36.40 8.84
N THR D 245 13.64 -36.65 7.59
CA THR D 245 13.96 -37.93 6.98
C THR D 245 15.25 -37.73 6.20
N CYS D 246 16.23 -38.58 6.50
CA CYS D 246 17.54 -38.48 5.90
C CYS D 246 17.92 -39.87 5.42
N THR D 247 18.37 -39.95 4.19
CA THR D 247 18.64 -41.20 3.52
C THR D 247 20.01 -41.08 2.89
N ALA D 248 20.69 -42.22 2.75
CA ALA D 248 22.01 -42.23 2.13
C ALA D 248 22.32 -43.65 1.67
N ARG D 249 23.13 -43.77 0.63
CA ARG D 249 23.47 -45.10 0.13
C ARG D 249 24.38 -45.80 1.14
N THR D 250 24.09 -47.05 1.44
CA THR D 250 24.95 -47.82 2.33
C THR D 250 24.88 -49.26 1.88
N ARG D 251 25.98 -49.99 2.15
CA ARG D 251 25.99 -51.45 2.05
C ARG D 251 26.46 -52.05 3.35
N SER D 252 26.29 -51.29 4.48
CA SER D 252 26.63 -51.89 5.75
C SER D 252 25.43 -52.61 6.33
N PRO D 253 25.67 -53.67 7.09
CA PRO D 253 24.57 -54.30 7.80
C PRO D 253 23.88 -53.28 8.70
N LEU D 254 22.58 -53.50 8.90
CA LEU D 254 21.85 -52.72 9.89
C LEU D 254 22.52 -52.81 11.25
N SER D 255 23.02 -54.01 11.60
CA SER D 255 23.54 -54.22 12.94
C SER D 255 24.68 -53.27 13.25
N GLN D 256 25.58 -53.09 12.30
CA GLN D 256 26.75 -52.25 12.53
C GLN D 256 26.34 -50.79 12.60
N LEU D 257 25.39 -50.39 11.75
CA LEU D 257 24.84 -49.04 11.80
C LEU D 257 24.13 -48.79 13.12
N ARG D 258 23.31 -49.75 13.56
CA ARG D 258 22.64 -49.61 14.84
C ARG D 258 23.65 -49.48 15.97
N ALA D 259 24.70 -50.31 15.94
CA ALA D 259 25.75 -50.22 16.93
C ALA D 259 26.39 -48.83 16.93
N ALA D 260 26.65 -48.28 15.74
CA ALA D 260 27.33 -47.00 15.69
C ALA D 260 26.48 -45.88 16.29
N TYR D 261 25.15 -46.01 16.27
CA TYR D 261 24.29 -45.01 16.89
C TYR D 261 24.14 -45.21 18.39
N GLU D 262 24.16 -46.47 18.85
CA GLU D 262 24.14 -46.71 20.28
C GLU D 262 25.45 -46.30 20.93
N LYS D 263 26.59 -46.61 20.31
CA LYS D 263 27.87 -46.10 20.79
C LYS D 263 27.87 -44.57 20.81
N ALA D 264 27.27 -43.95 19.80
CA ALA D 264 27.29 -42.51 19.67
C ALA D 264 26.41 -41.83 20.70
N TYR D 265 25.32 -42.48 21.11
CA TYR D 265 24.26 -41.77 21.80
C TYR D 265 23.85 -42.36 23.14
N HIS D 266 24.45 -43.46 23.58
CA HIS D 266 23.96 -44.08 24.81
C HIS D 266 24.10 -43.13 25.99
N ALA D 267 25.21 -42.41 26.09
CA ALA D 267 25.43 -41.54 27.24
C ALA D 267 24.88 -40.11 27.06
N GLU D 268 24.17 -39.84 25.97
CA GLU D 268 23.76 -38.48 25.64
C GLU D 268 22.43 -38.13 26.29
N PRO D 269 22.36 -37.11 27.14
CA PRO D 269 21.14 -36.89 27.92
C PRO D 269 19.89 -36.60 27.09
N PHE D 270 19.99 -35.86 25.98
CA PHE D 270 18.81 -35.41 25.24
C PHE D 270 18.58 -36.18 23.96
N ILE D 271 19.34 -37.25 23.71
CA ILE D 271 19.20 -38.06 22.52
C ILE D 271 18.65 -39.41 22.92
N TYR D 272 17.47 -39.74 22.40
CA TYR D 272 16.77 -40.97 22.72
C TYR D 272 16.55 -41.72 21.43
N LEU D 273 17.29 -42.80 21.21
CA LEU D 273 17.06 -43.61 20.03
C LEU D 273 16.06 -44.71 20.35
N MET D 274 14.92 -44.68 19.64
CA MET D 274 13.71 -45.50 19.78
C MET D 274 14.01 -46.99 19.95
N PRO D 275 13.18 -47.70 20.70
CA PRO D 275 13.21 -49.16 20.65
C PRO D 275 12.95 -49.68 19.25
N GLU D 276 13.36 -50.92 19.02
CA GLU D 276 13.15 -51.50 17.69
C GLU D 276 11.66 -51.64 17.44
N GLY D 277 11.23 -51.17 16.28
CA GLY D 277 9.82 -51.16 15.94
C GLY D 277 9.09 -49.89 16.30
N GLN D 278 9.70 -48.96 17.01
CA GLN D 278 9.11 -47.65 17.21
C GLN D 278 9.79 -46.61 16.33
N LEU D 279 9.07 -45.54 16.05
CA LEU D 279 9.60 -44.51 15.18
C LEU D 279 9.36 -43.15 15.81
N PRO D 280 10.25 -42.20 15.58
CA PRO D 280 10.05 -40.88 16.17
C PRO D 280 8.75 -40.25 15.68
N ARG D 281 8.18 -39.40 16.53
CA ARG D 281 7.13 -38.47 16.17
C ARG D 281 7.43 -37.14 16.85
N THR D 282 7.03 -36.05 16.20
CA THR D 282 7.31 -34.71 16.76
C THR D 282 6.54 -34.49 18.05
N GLY D 283 5.26 -34.82 18.07
CA GLY D 283 4.50 -34.64 19.28
C GLY D 283 5.14 -35.23 20.51
N ALA D 284 6.04 -36.19 20.35
CA ALA D 284 6.63 -36.81 21.53
C ALA D 284 7.65 -35.90 22.21
N VAL D 285 8.23 -34.95 21.48
CA VAL D 285 9.35 -34.16 21.97
C VAL D 285 8.95 -32.73 22.28
N ILE D 286 7.74 -32.32 21.89
CA ILE D 286 7.38 -30.92 21.90
C ILE D 286 7.50 -30.37 23.31
N GLY D 287 7.83 -29.08 23.41
CA GLY D 287 8.13 -28.48 24.68
C GLY D 287 9.41 -28.94 25.36
N SER D 288 10.12 -29.91 24.79
CA SER D 288 11.26 -30.54 25.44
C SER D 288 12.49 -30.47 24.56
N ASN D 289 13.65 -30.69 25.19
CA ASN D 289 14.95 -30.56 24.56
C ASN D 289 15.45 -31.87 23.94
N ALA D 290 14.59 -32.89 23.88
CA ALA D 290 14.95 -34.19 23.37
C ALA D 290 15.05 -34.21 21.84
N ALA D 291 15.81 -35.19 21.34
CA ALA D 291 15.77 -35.66 19.96
C ALA D 291 15.54 -37.16 19.97
N HIS D 292 14.44 -37.59 19.36
CA HIS D 292 14.10 -39.00 19.23
C HIS D 292 14.52 -39.46 17.85
N ILE D 293 15.32 -40.54 17.78
CA ILE D 293 16.01 -40.91 16.55
C ILE D 293 15.80 -42.40 16.26
N ALA D 294 15.64 -42.72 14.97
CA ALA D 294 15.52 -44.10 14.52
C ALA D 294 16.29 -44.27 13.21
N VAL D 295 16.85 -45.47 13.04
CA VAL D 295 17.63 -45.80 11.86
C VAL D 295 17.14 -47.13 11.32
N ALA D 296 17.31 -47.33 10.01
CA ALA D 296 16.87 -48.53 9.33
C ALA D 296 17.61 -48.62 8.00
N VAL D 297 17.51 -49.79 7.38
CA VAL D 297 18.20 -50.05 6.12
C VAL D 297 17.18 -50.55 5.10
N ASP D 298 17.18 -49.93 3.92
CA ASP D 298 16.28 -50.26 2.83
C ASP D 298 17.10 -51.16 1.92
N GLU D 299 17.13 -52.45 2.26
CA GLU D 299 18.07 -53.36 1.64
C GLU D 299 17.95 -53.32 0.12
N ASP D 300 16.72 -53.29 -0.40
CA ASP D 300 16.54 -53.29 -1.84
C ASP D 300 17.23 -52.09 -2.48
N ALA D 301 16.84 -50.87 -2.07
CA ALA D 301 17.44 -49.67 -2.62
C ALA D 301 18.84 -49.36 -2.08
N GLN D 302 19.42 -50.24 -1.25
CA GLN D 302 20.76 -50.06 -0.66
C GLN D 302 20.90 -48.68 -0.01
N THR D 303 20.01 -48.42 0.94
CA THR D 303 19.84 -47.07 1.45
C THR D 303 19.61 -47.13 2.94
N PHE D 304 20.45 -46.41 3.66
CA PHE D 304 20.27 -46.13 5.07
C PHE D 304 19.18 -45.07 5.22
N VAL D 305 18.41 -45.17 6.30
CA VAL D 305 17.33 -44.23 6.58
C VAL D 305 17.41 -43.86 8.06
N ALA D 306 17.51 -42.56 8.34
CA ALA D 306 17.49 -42.04 9.70
C ALA D 306 16.37 -41.04 9.77
N ILE D 307 15.53 -41.19 10.80
CA ILE D 307 14.41 -40.31 11.09
C ILE D 307 14.72 -39.58 12.39
N ALA D 308 14.37 -38.30 12.47
CA ALA D 308 14.71 -37.50 13.64
C ALA D 308 13.58 -36.54 13.98
N ALA D 309 13.27 -36.45 15.26
CA ALA D 309 12.23 -35.57 15.74
C ALA D 309 12.80 -34.66 16.84
N ILE D 310 12.62 -33.36 16.67
CA ILE D 310 13.08 -32.35 17.66
C ILE D 310 12.03 -31.26 17.73
N ASP D 311 11.92 -30.61 18.85
CA ASP D 311 11.03 -29.44 18.89
C ASP D 311 11.84 -28.38 18.15
N ASN D 312 11.24 -27.64 17.24
CA ASN D 312 12.08 -26.66 16.51
C ASN D 312 12.41 -25.46 17.39
N LEU D 313 11.64 -25.21 18.45
CA LEU D 313 11.93 -24.04 19.31
C LEU D 313 12.77 -24.42 20.52
N VAL D 314 12.70 -25.66 20.96
CA VAL D 314 13.56 -26.00 22.12
C VAL D 314 14.91 -26.47 21.62
N LYS D 315 15.05 -27.75 21.26
CA LYS D 315 16.33 -28.35 20.79
C LYS D 315 16.91 -27.68 19.54
N GLY D 316 16.10 -27.06 18.69
CA GLY D 316 16.61 -26.37 17.49
C GLY D 316 17.00 -24.94 17.77
N THR D 317 16.49 -24.32 18.83
CA THR D 317 16.89 -22.91 19.11
C THR D 317 17.15 -22.62 20.60
N ALA D 318 16.13 -22.46 21.41
CA ALA D 318 16.29 -22.02 22.82
C ALA D 318 16.80 -23.10 23.76
N GLY D 319 16.52 -24.36 23.49
CA GLY D 319 17.03 -25.43 24.35
C GLY D 319 18.51 -25.55 24.15
N ALA D 320 18.93 -25.53 22.90
CA ALA D 320 20.37 -25.61 22.54
C ALA D 320 21.06 -24.39 23.13
N ALA D 321 20.41 -23.24 23.01
CA ALA D 321 20.93 -21.97 23.54
C ALA D 321 21.11 -22.13 25.03
N VAL D 322 20.05 -22.51 25.73
CA VAL D 322 20.18 -22.70 27.17
C VAL D 322 21.12 -23.87 27.48
N GLN D 323 21.10 -24.92 26.66
CA GLN D 323 22.01 -26.02 26.91
C GLN D 323 23.45 -25.55 26.83
N SER D 324 23.77 -24.72 25.84
CA SER D 324 25.12 -24.19 25.74
C SER D 324 25.39 -23.14 26.81
N MET D 325 24.36 -22.45 27.31
CA MET D 325 24.63 -21.51 28.40
C MET D 325 25.02 -22.26 29.66
N ASN D 326 24.35 -23.37 29.93
CA ASN D 326 24.75 -24.24 31.03
C ASN D 326 26.22 -24.63 30.92
N LEU D 327 26.68 -24.99 29.72
CA LEU D 327 28.05 -25.44 29.54
C LEU D 327 29.03 -24.28 29.70
N ALA D 328 28.71 -23.14 29.10
CA ALA D 328 29.57 -21.97 29.18
C ALA D 328 29.72 -21.45 30.60
N LEU D 329 28.75 -21.72 31.47
CA LEU D 329 28.87 -21.28 32.85
C LEU D 329 29.35 -22.39 33.77
N GLY D 330 29.51 -23.61 33.26
CA GLY D 330 29.90 -24.71 34.12
C GLY D 330 28.83 -25.21 35.07
N TRP D 331 27.59 -25.06 34.71
CA TRP D 331 26.37 -25.56 35.32
C TRP D 331 26.02 -26.93 34.75
N PRO D 332 25.35 -27.78 35.53
CA PRO D 332 24.93 -29.10 35.02
C PRO D 332 24.20 -28.96 33.69
N GLU D 333 24.65 -29.72 32.68
CA GLU D 333 24.24 -29.44 31.32
C GLU D 333 22.73 -29.53 31.14
N THR D 334 22.05 -30.39 31.89
CA THR D 334 20.62 -30.59 31.70
C THR D 334 19.76 -29.62 32.48
N ASP D 335 20.35 -28.66 33.18
CA ASP D 335 19.60 -27.80 34.09
C ASP D 335 18.54 -26.99 33.35
N GLY D 336 17.29 -27.14 33.77
CA GLY D 336 16.18 -26.47 33.12
C GLY D 336 15.73 -27.10 31.80
N LEU D 337 16.27 -28.26 31.44
CA LEU D 337 16.07 -28.85 30.14
C LEU D 337 15.48 -30.24 30.30
N SER D 338 14.20 -30.38 29.94
CA SER D 338 13.47 -31.60 30.19
C SER D 338 13.45 -32.46 28.96
N VAL D 339 13.53 -33.79 29.17
CA VAL D 339 13.39 -34.72 28.06
C VAL D 339 11.96 -35.20 27.89
N VAL D 340 11.00 -34.67 28.65
CA VAL D 340 9.64 -35.19 28.69
C VAL D 340 8.77 -34.26 27.86
N GLY D 341 8.24 -34.79 26.76
CA GLY D 341 7.43 -33.98 25.89
C GLY D 341 6.08 -33.69 26.47
N VAL D 342 5.46 -32.63 25.96
CA VAL D 342 4.08 -32.26 26.30
C VAL D 342 3.20 -32.86 25.22
N ALA D 343 2.47 -33.90 25.58
CA ALA D 343 1.70 -34.74 24.67
C ALA D 343 0.48 -35.27 25.40
N PRO D 344 -0.64 -35.47 24.70
CA PRO D 344 -0.85 -35.28 23.25
C PRO D 344 -1.05 -33.81 22.83
N ALA E 1 -17.26 17.93 -50.00
CA ALA E 1 -16.66 18.40 -48.72
C ALA E 1 -16.09 17.21 -47.97
N THR E 2 -15.18 17.46 -47.03
CA THR E 2 -14.54 16.39 -46.24
C THR E 2 -15.03 16.45 -44.80
N LYS E 3 -15.84 15.48 -44.40
CA LYS E 3 -16.42 15.38 -43.03
C LYS E 3 -15.37 14.75 -42.11
N VAL E 4 -15.15 15.33 -40.94
CA VAL E 4 -14.07 14.83 -40.06
C VAL E 4 -14.61 14.57 -38.66
N ALA E 5 -14.39 13.37 -38.14
CA ALA E 5 -14.84 13.06 -36.77
C ALA E 5 -13.62 13.08 -35.87
N VAL E 6 -13.84 13.34 -34.58
CA VAL E 6 -12.71 13.30 -33.62
C VAL E 6 -13.15 12.44 -32.44
N ALA E 7 -12.54 11.27 -32.31
CA ALA E 7 -12.79 10.37 -31.18
C ALA E 7 -11.74 10.65 -30.14
N GLY E 8 -12.16 11.03 -28.95
CA GLY E 8 -11.29 11.65 -27.98
C GLY E 8 -11.44 13.17 -27.89
N ALA E 9 -12.60 13.71 -28.26
CA ALA E 9 -12.77 15.16 -28.33
C ALA E 9 -12.47 15.83 -27.00
N SER E 10 -12.90 15.23 -25.90
CA SER E 10 -12.73 15.81 -24.57
C SER E 10 -11.27 15.92 -24.14
N GLY E 11 -10.35 15.13 -24.70
CA GLY E 11 -9.00 15.07 -24.16
C GLY E 11 -8.18 16.27 -24.58
N TYR E 12 -6.92 16.28 -24.16
CA TYR E 12 -6.02 17.32 -24.64
C TYR E 12 -5.76 17.17 -26.14
N ALA E 13 -5.20 16.03 -26.54
CA ALA E 13 -4.90 15.79 -27.95
C ALA E 13 -6.09 16.06 -28.87
N GLY E 14 -7.30 15.70 -28.46
CA GLY E 14 -8.46 16.03 -29.26
C GLY E 14 -8.74 17.52 -29.29
N GLY E 15 -8.50 18.21 -28.17
CA GLY E 15 -8.72 19.65 -28.14
C GLY E 15 -7.78 20.40 -29.08
N GLU E 16 -6.54 19.93 -29.20
CA GLU E 16 -5.61 20.65 -30.07
C GLU E 16 -5.82 20.32 -31.54
N ILE E 17 -6.23 19.08 -31.88
CA ILE E 17 -6.67 18.83 -33.25
C ILE E 17 -7.84 19.76 -33.61
N LEU E 18 -8.78 19.93 -32.70
CA LEU E 18 -9.93 20.78 -32.97
C LEU E 18 -9.54 22.23 -33.10
N ARG E 19 -8.60 22.71 -32.26
CA ARG E 19 -8.11 24.06 -32.44
C ARG E 19 -7.53 24.24 -33.85
N LEU E 20 -6.81 23.22 -34.35
CA LEU E 20 -6.14 23.39 -35.64
C LEU E 20 -7.13 23.33 -36.80
N LEU E 21 -8.11 22.42 -36.74
CA LEU E 21 -9.15 22.39 -37.77
C LEU E 21 -9.92 23.71 -37.81
N LEU E 22 -10.32 24.23 -36.63
CA LEU E 22 -11.07 25.49 -36.60
C LEU E 22 -10.34 26.62 -37.32
N GLY E 23 -9.02 26.54 -37.45
CA GLY E 23 -8.24 27.52 -38.15
C GLY E 23 -7.64 27.06 -39.45
N HIS E 24 -8.02 25.93 -39.93
CA HIS E 24 -7.50 25.41 -41.16
C HIS E 24 -8.18 26.09 -42.35
N PRO E 25 -7.43 26.38 -43.43
CA PRO E 25 -8.06 27.04 -44.59
C PRO E 25 -9.28 26.30 -45.11
N ALA E 26 -9.19 24.97 -45.24
CA ALA E 26 -10.30 24.21 -45.80
C ALA E 26 -11.53 24.35 -44.92
N TYR E 27 -11.35 24.56 -43.62
CA TYR E 27 -12.50 24.84 -42.79
C TYR E 27 -13.10 26.22 -43.12
N ALA E 28 -12.24 27.17 -43.45
CA ALA E 28 -12.72 28.51 -43.75
C ALA E 28 -13.55 28.53 -45.03
N ASP E 29 -13.13 27.81 -46.06
CA ASP E 29 -13.91 27.74 -47.29
C ASP E 29 -14.81 26.52 -47.32
N GLY E 30 -14.96 25.85 -46.18
CA GLY E 30 -15.94 24.81 -46.08
C GLY E 30 -15.67 23.55 -46.87
N ARG E 31 -14.47 23.37 -47.44
CA ARG E 31 -14.11 22.05 -47.97
C ARG E 31 -13.92 21.02 -46.88
N LEU E 32 -14.04 21.42 -45.60
CA LEU E 32 -13.86 20.55 -44.44
C LEU E 32 -14.91 20.89 -43.39
N ARG E 33 -15.69 19.89 -42.97
CA ARG E 33 -16.72 20.03 -41.96
C ARG E 33 -16.31 19.26 -40.71
N ILE E 34 -16.60 19.82 -39.55
CA ILE E 34 -16.26 19.16 -38.29
C ILE E 34 -17.46 18.33 -37.87
N GLY E 35 -17.36 17.01 -38.00
CA GLY E 35 -18.45 16.13 -37.67
C GLY E 35 -18.45 15.70 -36.23
N ALA E 36 -18.69 14.41 -36.00
CA ALA E 36 -18.94 13.88 -34.66
C ALA E 36 -17.72 14.04 -33.75
N LEU E 37 -17.99 14.49 -32.53
CA LEU E 37 -16.96 14.63 -31.49
C LEU E 37 -17.34 13.62 -30.40
N THR E 38 -16.53 12.60 -30.23
CA THR E 38 -16.89 11.48 -29.33
C THR E 38 -15.96 11.38 -28.12
N ALA E 39 -16.41 10.67 -27.09
CA ALA E 39 -15.63 10.43 -25.87
C ALA E 39 -16.25 9.26 -25.09
N ALA E 40 -15.58 8.81 -24.05
CA ALA E 40 -16.11 7.77 -23.15
C ALA E 40 -16.50 8.50 -21.88
N THR E 41 -17.68 8.22 -21.31
CA THR E 41 -18.23 8.86 -20.07
C THR E 41 -18.70 10.32 -20.26
N SER E 42 -17.94 11.18 -20.94
CA SER E 42 -18.27 12.61 -21.20
C SER E 42 -19.41 12.74 -22.22
N ALA E 43 -19.67 11.69 -22.99
CA ALA E 43 -20.75 11.67 -23.99
C ALA E 43 -22.06 12.13 -23.35
N GLY E 44 -22.70 13.13 -23.93
CA GLY E 44 -23.95 13.67 -23.39
C GLY E 44 -23.77 15.10 -22.97
N SER E 45 -22.52 15.49 -22.75
CA SER E 45 -22.18 16.85 -22.30
C SER E 45 -21.80 17.72 -23.49
N THR E 46 -21.56 19.01 -23.23
CA THR E 46 -21.14 19.92 -24.31
C THR E 46 -19.62 19.99 -24.31
N LEU E 47 -19.04 20.40 -25.43
CA LEU E 47 -17.59 20.48 -25.55
C LEU E 47 -17.02 21.60 -24.69
N GLY E 48 -17.75 22.72 -24.60
CA GLY E 48 -17.37 23.81 -23.73
C GLY E 48 -17.09 23.40 -22.29
N GLU E 49 -17.83 22.42 -21.76
CA GLU E 49 -17.51 21.91 -20.43
C GLU E 49 -16.10 21.37 -20.36
N HIS E 50 -15.53 20.94 -21.49
CA HIS E 50 -14.16 20.45 -21.50
C HIS E 50 -13.17 21.40 -22.13
N HIS E 51 -13.56 22.16 -23.14
CA HIS E 51 -12.63 23.05 -23.82
C HIS E 51 -13.20 24.47 -23.81
N PRO E 52 -13.02 25.19 -22.70
CA PRO E 52 -13.45 26.59 -22.64
C PRO E 52 -12.72 27.52 -23.62
N HIS E 53 -11.64 27.07 -24.26
CA HIS E 53 -10.92 27.89 -25.24
C HIS E 53 -11.41 27.68 -26.67
N LEU E 54 -12.28 26.69 -26.90
CA LEU E 54 -12.81 26.42 -28.23
C LEU E 54 -14.26 26.87 -28.30
N THR E 55 -14.47 28.16 -28.02
CA THR E 55 -15.82 28.72 -28.00
C THR E 55 -16.60 28.51 -29.30
N PRO E 56 -16.00 28.49 -30.49
CA PRO E 56 -16.82 28.16 -31.67
C PRO E 56 -17.51 26.82 -31.55
N LEU E 57 -16.93 25.88 -30.80
CA LEU E 57 -17.47 24.53 -30.74
C LEU E 57 -18.11 24.20 -29.39
N ALA E 58 -18.06 25.12 -28.45
CA ALA E 58 -18.57 24.88 -27.08
C ALA E 58 -19.97 24.26 -27.03
N HIS E 59 -20.84 24.59 -27.97
CA HIS E 59 -22.25 24.13 -27.98
C HIS E 59 -22.38 22.68 -28.46
N ARG E 60 -21.34 22.11 -29.05
CA ARG E 60 -21.38 20.74 -29.58
C ARG E 60 -21.62 19.72 -28.46
N VAL E 61 -22.48 18.75 -28.73
CA VAL E 61 -22.76 17.69 -27.74
C VAL E 61 -21.81 16.52 -28.00
N VAL E 62 -21.06 16.11 -27.00
CA VAL E 62 -20.06 15.01 -27.11
C VAL E 62 -20.82 13.69 -27.23
N GLU E 63 -20.48 12.87 -28.20
CA GLU E 63 -21.22 11.60 -28.37
C GLU E 63 -20.35 10.41 -27.98
N PRO E 64 -20.91 9.20 -27.99
CA PRO E 64 -20.17 8.00 -27.65
C PRO E 64 -19.21 7.51 -28.75
N THR E 65 -17.99 7.21 -28.38
CA THR E 65 -17.03 6.69 -29.38
C THR E 65 -17.60 5.38 -29.88
N GLU E 66 -18.29 5.38 -31.02
CA GLU E 66 -18.90 4.13 -31.53
C GLU E 66 -18.80 4.08 -33.04
N ALA E 67 -18.76 2.87 -33.60
CA ALA E 67 -18.68 2.68 -35.07
C ALA E 67 -19.83 3.42 -35.73
N ALA E 68 -21.04 3.27 -35.22
CA ALA E 68 -22.19 3.97 -35.83
C ALA E 68 -21.93 5.47 -35.89
N VAL E 69 -21.41 6.04 -34.81
CA VAL E 69 -21.22 7.51 -34.72
C VAL E 69 -20.03 8.01 -35.53
N LEU E 70 -18.99 7.19 -35.70
CA LEU E 70 -17.79 7.65 -36.38
C LEU E 70 -17.90 7.50 -37.88
N GLY E 71 -18.50 6.39 -38.34
CA GLY E 71 -18.73 6.21 -39.77
C GLY E 71 -19.56 7.32 -40.37
N GLY E 72 -19.44 7.44 -41.69
CA GLY E 72 -19.99 8.58 -42.39
C GLY E 72 -19.03 9.75 -42.45
N HIS E 73 -17.78 9.55 -42.08
CA HIS E 73 -16.79 10.61 -42.06
C HIS E 73 -15.64 10.21 -42.96
N ASP E 74 -15.18 11.16 -43.76
CA ASP E 74 -14.05 10.89 -44.63
C ASP E 74 -12.79 10.71 -43.80
N ALA E 75 -12.66 11.54 -42.78
CA ALA E 75 -11.45 11.48 -41.94
C ALA E 75 -11.84 11.30 -40.49
N VAL E 76 -11.25 10.32 -39.80
CA VAL E 76 -11.56 10.14 -38.36
C VAL E 76 -10.28 10.31 -37.57
N PHE E 77 -10.25 11.22 -36.61
CA PHE E 77 -9.05 11.39 -35.77
C PHE E 77 -9.25 10.59 -34.49
N LEU E 78 -8.40 9.60 -34.24
CA LEU E 78 -8.49 8.79 -33.01
C LEU E 78 -7.52 9.37 -32.00
N ALA E 79 -8.03 10.04 -30.97
CA ALA E 79 -7.15 10.65 -29.95
C ALA E 79 -7.46 9.97 -28.62
N LEU E 80 -7.23 8.65 -28.56
CA LEU E 80 -7.55 7.87 -27.35
C LEU E 80 -6.25 7.31 -26.76
N PRO E 81 -6.37 6.48 -25.72
CA PRO E 81 -5.25 5.70 -25.19
C PRO E 81 -5.07 4.47 -26.09
N HIS E 82 -3.93 3.81 -25.99
CA HIS E 82 -3.57 2.69 -26.90
C HIS E 82 -4.37 1.39 -26.75
N GLY E 83 -5.70 1.41 -26.82
CA GLY E 83 -6.35 0.09 -26.66
C GLY E 83 -7.56 -0.10 -27.53
N HIS E 84 -8.02 1.00 -28.12
CA HIS E 84 -9.28 0.97 -28.88
C HIS E 84 -9.01 1.14 -30.37
N SER E 85 -7.94 1.87 -30.70
CA SER E 85 -7.53 2.18 -32.09
C SER E 85 -7.66 0.95 -32.99
N ALA E 86 -6.90 -0.10 -32.70
CA ALA E 86 -6.91 -1.35 -33.50
C ALA E 86 -8.34 -1.83 -33.71
N VAL E 87 -9.10 -2.02 -32.63
CA VAL E 87 -10.51 -2.52 -32.74
C VAL E 87 -11.36 -1.52 -33.51
N LEU E 88 -11.37 -0.26 -33.08
CA LEU E 88 -12.16 0.84 -33.69
C LEU E 88 -11.90 0.90 -35.20
N ALA E 89 -10.64 0.83 -35.60
CA ALA E 89 -10.22 0.92 -37.02
C ALA E 89 -10.72 -0.26 -37.85
N GLN E 90 -11.06 -1.39 -37.23
CA GLN E 90 -11.56 -2.59 -37.95
C GLN E 90 -13.06 -2.46 -38.27
N GLN E 91 -13.72 -1.39 -37.85
CA GLN E 91 -15.16 -1.21 -38.14
C GLN E 91 -15.36 -0.06 -39.13
N LEU E 92 -14.30 0.63 -39.56
CA LEU E 92 -14.56 1.67 -40.54
C LEU E 92 -14.03 1.23 -41.90
N SER E 93 -14.49 1.93 -42.92
CA SER E 93 -14.08 1.58 -44.28
C SER E 93 -12.59 1.85 -44.46
N PRO E 94 -11.92 1.09 -45.33
CA PRO E 94 -10.53 1.44 -45.68
C PRO E 94 -10.41 2.79 -46.34
N GLU E 95 -11.46 3.24 -47.02
CA GLU E 95 -11.44 4.56 -47.65
C GLU E 95 -11.47 5.68 -46.61
N THR E 96 -12.04 5.43 -45.44
CA THR E 96 -11.98 6.39 -44.36
C THR E 96 -10.54 6.66 -43.94
N LEU E 97 -10.16 7.94 -43.91
CA LEU E 97 -8.83 8.33 -43.47
C LEU E 97 -8.80 8.29 -41.96
N ILE E 98 -7.96 7.43 -41.39
CA ILE E 98 -7.92 7.23 -39.95
C ILE E 98 -6.54 7.63 -39.48
N ILE E 99 -6.48 8.64 -38.61
CA ILE E 99 -5.23 9.17 -38.09
C ILE E 99 -5.24 8.90 -36.60
N ASP E 100 -4.33 8.02 -36.15
CA ASP E 100 -4.31 7.57 -34.75
C ASP E 100 -3.16 8.27 -34.01
N CYS E 101 -3.51 9.17 -33.09
CA CYS E 101 -2.48 9.75 -32.23
C CYS E 101 -1.91 8.75 -31.24
N GLY E 102 -2.52 7.56 -31.12
CA GLY E 102 -2.05 6.56 -30.18
C GLY E 102 -0.91 5.71 -30.73
N ALA E 103 -0.41 4.85 -29.85
CA ALA E 103 0.77 4.04 -30.14
C ALA E 103 0.46 2.74 -30.88
N ASP E 104 -0.82 2.33 -30.94
CA ASP E 104 -1.18 0.99 -31.42
C ASP E 104 -0.46 0.61 -32.70
N PHE E 105 -0.45 1.53 -33.66
CA PHE E 105 0.06 1.23 -34.98
C PHE E 105 1.43 1.85 -35.23
N ARG E 106 2.19 2.15 -34.17
CA ARG E 106 3.50 2.80 -34.32
C ARG E 106 4.64 1.82 -34.57
N LEU E 107 4.70 0.72 -33.83
CA LEU E 107 5.89 -0.09 -33.83
C LEU E 107 5.84 -1.11 -34.96
N THR E 108 7.01 -1.37 -35.54
CA THR E 108 7.19 -2.26 -36.68
C THR E 108 7.78 -3.61 -36.27
N ASP E 109 8.09 -3.80 -34.99
CA ASP E 109 8.67 -5.02 -34.44
C ASP E 109 7.66 -5.59 -33.45
N ALA E 110 7.14 -6.78 -33.75
CA ALA E 110 6.06 -7.32 -32.91
C ALA E 110 6.54 -7.67 -31.51
N ALA E 111 7.77 -8.20 -31.37
CA ALA E 111 8.25 -8.59 -30.05
C ALA E 111 8.46 -7.37 -29.17
N VAL E 112 9.09 -6.33 -29.71
CA VAL E 112 9.34 -5.11 -28.95
C VAL E 112 8.03 -4.56 -28.39
N TRP E 113 6.96 -4.59 -29.17
CA TRP E 113 5.70 -4.02 -28.70
C TRP E 113 5.15 -4.80 -27.52
N GLU E 114 5.16 -6.13 -27.60
CA GLU E 114 4.68 -6.93 -26.48
C GLU E 114 5.57 -6.77 -25.26
N ARG E 115 6.88 -6.60 -25.47
CA ARG E 115 7.77 -6.36 -24.35
C ARG E 115 7.45 -5.04 -23.65
N PHE E 116 6.91 -4.07 -24.39
CA PHE E 116 6.73 -2.75 -23.82
C PHE E 116 5.28 -2.40 -23.54
N TYR E 117 4.32 -3.00 -24.25
CA TYR E 117 2.93 -2.72 -23.98
C TYR E 117 2.17 -3.92 -23.43
N GLY E 118 2.74 -5.13 -23.49
CA GLY E 118 2.12 -6.31 -22.92
C GLY E 118 0.79 -6.64 -23.56
N SER E 119 0.78 -6.63 -24.89
CA SER E 119 -0.43 -6.74 -25.66
C SER E 119 -0.04 -7.37 -26.99
N SER E 120 -0.98 -7.99 -27.65
CA SER E 120 -0.67 -8.47 -28.99
C SER E 120 -0.53 -7.28 -29.94
N HIS E 121 0.51 -7.32 -30.75
CA HIS E 121 0.83 -6.27 -31.70
C HIS E 121 -0.25 -6.15 -32.76
N ALA E 122 -0.87 -4.96 -32.85
CA ALA E 122 -1.91 -4.68 -33.84
C ALA E 122 -1.37 -4.56 -35.27
N GLY E 123 -0.11 -4.18 -35.40
CA GLY E 123 0.54 -3.96 -36.69
C GLY E 123 1.18 -2.61 -36.69
N SER E 124 1.31 -1.99 -37.85
CA SER E 124 1.93 -0.65 -37.91
C SER E 124 1.38 0.08 -39.13
N TRP E 125 1.13 1.38 -38.96
CA TRP E 125 0.65 2.23 -40.08
C TRP E 125 1.78 3.18 -40.47
N PRO E 126 1.67 3.92 -41.57
CA PRO E 126 2.69 4.88 -41.93
C PRO E 126 2.84 5.90 -40.79
N TYR E 127 4.07 6.16 -40.38
CA TYR E 127 4.43 7.07 -39.26
C TYR E 127 4.26 8.53 -39.66
N GLY E 128 3.38 9.25 -38.96
CA GLY E 128 3.07 10.66 -39.25
C GLY E 128 4.11 11.68 -38.82
N LEU E 129 5.33 11.53 -39.31
CA LEU E 129 6.46 12.44 -39.03
C LEU E 129 7.09 12.70 -40.39
N PRO E 130 6.50 13.56 -41.24
CA PRO E 130 6.99 13.82 -42.58
C PRO E 130 8.48 14.14 -42.77
N GLU E 131 9.09 14.81 -41.81
CA GLU E 131 10.51 15.21 -41.90
C GLU E 131 11.42 13.98 -41.96
N LEU E 132 10.93 12.77 -41.71
CA LEU E 132 11.88 11.67 -41.76
C LEU E 132 12.07 11.20 -43.20
N PRO E 133 13.30 10.88 -43.60
CA PRO E 133 13.55 10.59 -45.01
C PRO E 133 12.60 9.54 -45.56
N GLY E 134 11.94 9.87 -46.66
CA GLY E 134 11.01 8.97 -47.33
C GLY E 134 9.64 8.89 -46.71
N ALA E 135 9.46 9.43 -45.51
CA ALA E 135 8.16 9.37 -44.84
C ALA E 135 7.09 10.10 -45.66
N ARG E 136 7.48 11.18 -46.30
CA ARG E 136 6.51 12.02 -47.00
C ARG E 136 5.89 11.26 -48.16
N ASP E 137 6.66 10.37 -48.77
CA ASP E 137 6.19 9.56 -49.89
C ASP E 137 5.33 8.40 -49.44
N GLN E 138 5.33 8.12 -48.15
CA GLN E 138 4.53 6.99 -47.64
C GLN E 138 3.20 7.50 -47.13
N LEU E 139 3.15 8.77 -46.76
CA LEU E 139 1.94 9.41 -46.18
C LEU E 139 1.07 9.98 -47.29
N ARG E 140 1.66 10.40 -48.39
CA ARG E 140 0.83 11.02 -49.44
C ARG E 140 -0.12 9.99 -50.01
N GLY E 141 -1.41 10.26 -49.96
CA GLY E 141 -2.43 9.36 -50.51
C GLY E 141 -2.84 8.26 -49.57
N THR E 142 -2.26 8.19 -48.38
CA THR E 142 -2.57 7.09 -47.44
C THR E 142 -3.87 7.37 -46.68
N ARG E 143 -4.49 6.30 -46.19
CA ARG E 143 -5.75 6.39 -45.42
C ARG E 143 -5.54 5.81 -44.04
N ARG E 144 -4.29 5.60 -43.65
CA ARG E 144 -3.91 5.07 -42.33
C ARG E 144 -2.64 5.77 -41.86
N ILE E 145 -2.72 6.53 -40.77
CA ILE E 145 -1.54 7.24 -40.22
C ILE E 145 -1.36 6.83 -38.77
N ALA E 146 -0.12 6.66 -38.35
CA ALA E 146 0.20 6.44 -36.93
C ALA E 146 0.98 7.68 -36.54
N VAL E 147 0.40 8.55 -35.72
CA VAL E 147 1.11 9.79 -35.31
C VAL E 147 2.19 9.38 -34.31
N PRO E 148 3.41 9.95 -34.35
CA PRO E 148 4.45 9.61 -33.40
C PRO E 148 4.23 10.14 -31.98
N GLY E 149 5.05 9.68 -31.04
CA GLY E 149 4.95 10.15 -29.66
C GLY E 149 5.59 11.52 -29.55
N CYS E 150 5.22 12.30 -28.56
CA CYS E 150 5.79 13.67 -28.43
C CYS E 150 7.30 13.58 -28.22
N TYR E 151 7.75 12.64 -27.40
CA TYR E 151 9.19 12.53 -27.07
C TYR E 151 10.00 12.03 -28.26
N PRO E 152 9.60 10.96 -28.96
CA PRO E 152 10.33 10.51 -30.11
C PRO E 152 10.49 11.62 -31.14
N THR E 153 9.41 12.36 -31.44
CA THR E 153 9.50 13.46 -32.44
C THR E 153 10.63 14.44 -32.13
N ALA E 154 10.82 14.84 -30.87
CA ALA E 154 11.90 15.79 -30.58
C ALA E 154 13.26 15.12 -30.71
N ALA E 155 13.42 13.94 -30.12
CA ALA E 155 14.72 13.26 -30.18
C ALA E 155 15.11 12.95 -31.62
N LEU E 156 14.16 12.53 -32.45
CA LEU E 156 14.45 12.15 -33.82
C LEU E 156 14.86 13.36 -34.64
N LEU E 157 14.12 14.47 -34.50
CA LEU E 157 14.50 15.66 -35.25
C LEU E 157 15.84 16.17 -34.80
N ALA E 158 16.20 15.95 -33.55
CA ALA E 158 17.50 16.39 -33.05
C ALA E 158 18.65 15.53 -33.52
N LEU E 159 18.43 14.25 -33.82
CA LEU E 159 19.53 13.31 -34.01
C LEU E 159 19.66 12.70 -35.38
N PHE E 160 18.59 12.61 -36.16
CA PHE E 160 18.65 11.77 -37.34
C PHE E 160 19.57 12.35 -38.42
N PRO E 161 19.61 13.66 -38.65
CA PRO E 161 20.56 14.15 -39.66
C PRO E 161 21.99 13.75 -39.34
N ALA E 162 22.41 13.94 -38.10
CA ALA E 162 23.78 13.62 -37.68
C ALA E 162 24.04 12.12 -37.81
N LEU E 163 23.09 11.29 -37.40
CA LEU E 163 23.36 9.83 -37.46
C LEU E 163 23.22 9.33 -38.89
N ALA E 164 22.40 9.98 -39.70
CA ALA E 164 22.18 9.57 -41.11
C ALA E 164 23.45 9.79 -41.93
N ALA E 165 24.21 10.82 -41.60
CA ALA E 165 25.50 11.13 -42.26
C ALA E 165 26.66 10.49 -41.50
N ASP E 166 26.37 9.58 -40.58
CA ASP E 166 27.35 8.84 -39.75
C ASP E 166 28.40 9.80 -39.21
N LEU E 167 27.93 10.86 -38.55
CA LEU E 167 28.81 11.90 -37.97
C LEU E 167 28.89 11.72 -36.46
N ILE E 168 28.00 10.91 -35.91
CA ILE E 168 28.02 10.61 -34.45
C ILE E 168 28.00 9.10 -34.28
N GLU E 169 28.20 8.63 -33.05
CA GLU E 169 28.07 7.19 -32.95
C GLU E 169 26.64 6.81 -32.62
N PRO E 170 26.24 5.59 -32.95
CA PRO E 170 24.83 5.22 -32.86
C PRO E 170 24.33 4.87 -31.48
N ALA E 171 25.08 5.19 -30.42
CA ALA E 171 24.58 5.01 -29.07
C ALA E 171 24.33 6.41 -28.54
N VAL E 172 23.07 6.78 -28.43
CA VAL E 172 22.66 8.14 -28.18
C VAL E 172 22.01 8.21 -26.81
N THR E 173 21.97 9.43 -26.26
CA THR E 173 21.48 9.66 -24.91
C THR E 173 20.57 10.87 -24.91
N VAL E 174 19.37 10.72 -24.35
CA VAL E 174 18.33 11.72 -24.46
C VAL E 174 17.76 12.01 -23.07
N VAL E 175 17.77 13.28 -22.69
CA VAL E 175 17.19 13.75 -21.44
C VAL E 175 16.19 14.83 -21.85
N ALA E 176 14.94 14.46 -21.99
CA ALA E 176 13.93 15.41 -22.41
C ALA E 176 13.16 15.87 -21.20
N VAL E 177 12.94 17.18 -21.11
CA VAL E 177 12.02 17.73 -20.13
C VAL E 177 10.76 18.13 -20.87
N SER E 178 9.64 17.98 -20.18
CA SER E 178 8.34 18.03 -20.81
C SER E 178 7.37 18.74 -19.89
N GLY E 179 6.33 19.32 -20.50
CA GLY E 179 5.24 19.84 -19.73
C GLY E 179 4.28 18.74 -19.31
N THR E 180 3.35 19.12 -18.44
CA THR E 180 2.40 18.21 -17.85
C THR E 180 1.26 17.79 -18.78
N SER E 181 1.05 18.47 -19.91
CA SER E 181 -0.08 18.08 -20.74
C SER E 181 0.21 16.82 -21.54
N GLY E 182 1.48 16.40 -21.62
CA GLY E 182 1.78 15.15 -22.28
C GLY E 182 1.11 13.95 -21.62
N ALA E 183 0.82 14.04 -20.32
CA ALA E 183 0.26 12.91 -19.59
C ALA E 183 -1.24 12.80 -19.73
N GLY E 184 -1.81 13.57 -20.66
CA GLY E 184 -3.24 13.67 -20.86
C GLY E 184 -3.95 14.19 -19.62
N ARG E 185 -5.23 13.85 -19.56
CA ARG E 185 -6.17 14.46 -18.63
C ARG E 185 -6.68 13.48 -17.58
N ALA E 186 -6.05 12.32 -17.46
CA ALA E 186 -6.38 11.42 -16.37
C ALA E 186 -6.05 12.08 -15.05
N ALA E 187 -7.08 12.23 -14.20
CA ALA E 187 -6.89 12.84 -12.90
C ALA E 187 -6.09 11.92 -11.97
N THR E 188 -4.76 12.08 -11.95
CA THR E 188 -3.89 11.31 -11.05
C THR E 188 -3.25 12.26 -10.06
N THR E 189 -3.04 11.78 -8.82
CA THR E 189 -2.55 12.67 -7.79
C THR E 189 -1.18 13.24 -8.14
N ASP E 190 -0.36 12.50 -8.86
CA ASP E 190 1.00 12.96 -9.10
C ASP E 190 1.09 13.91 -10.28
N LEU E 191 -0.04 14.41 -10.76
CA LEU E 191 -0.05 15.48 -11.75
C LEU E 191 -0.86 16.67 -11.29
N LEU E 192 -1.20 16.72 -10.00
CA LEU E 192 -1.89 17.86 -9.42
C LEU E 192 -1.02 19.11 -9.45
N GLY E 193 -1.68 20.26 -9.54
CA GLY E 193 -1.01 21.54 -9.49
C GLY E 193 0.05 21.59 -8.41
N ALA E 194 -0.37 21.45 -7.16
CA ALA E 194 0.55 21.57 -6.04
C ALA E 194 1.75 20.66 -6.20
N GLU E 195 1.54 19.46 -6.75
CA GLU E 195 2.62 18.51 -6.89
C GLU E 195 3.60 18.93 -7.99
N VAL E 196 3.12 19.22 -9.19
CA VAL E 196 4.09 19.57 -10.28
C VAL E 196 4.56 21.01 -10.17
N ILE E 197 3.80 21.91 -9.56
CA ILE E 197 4.29 23.30 -9.47
C ILE E 197 5.42 23.34 -8.44
N GLY E 198 6.58 23.87 -8.83
CA GLY E 198 7.73 24.01 -7.91
C GLY E 198 8.56 22.76 -7.79
N SER E 199 8.38 21.83 -8.70
CA SER E 199 9.13 20.57 -8.57
C SER E 199 9.53 20.05 -9.94
N ALA E 200 10.52 19.17 -9.98
CA ALA E 200 11.00 18.52 -11.20
C ALA E 200 11.34 17.09 -10.84
N ARG E 201 11.05 16.13 -11.70
CA ARG E 201 11.37 14.75 -11.39
C ARG E 201 11.44 13.94 -12.67
N ALA E 202 12.49 13.15 -12.77
CA ALA E 202 12.61 12.21 -13.89
C ALA E 202 11.69 11.03 -13.57
N TYR E 203 11.15 10.42 -14.60
CA TYR E 203 10.23 9.28 -14.43
C TYR E 203 10.57 8.23 -15.49
N ASN E 204 10.13 6.99 -15.28
CA ASN E 204 10.33 5.85 -16.20
C ASN E 204 11.76 5.79 -16.74
N ILE E 205 12.74 5.84 -15.86
CA ILE E 205 14.18 5.89 -16.24
C ILE E 205 14.69 4.49 -16.57
N ALA E 206 15.91 4.43 -17.09
CA ALA E 206 16.60 3.16 -17.43
C ALA E 206 15.82 2.31 -18.42
N GLY E 207 15.40 2.94 -19.52
CA GLY E 207 14.80 2.27 -20.69
C GLY E 207 13.52 1.53 -20.47
N VAL E 208 12.74 1.92 -19.48
CA VAL E 208 11.43 1.26 -19.26
C VAL E 208 10.36 2.08 -19.96
N HIS E 209 10.68 3.32 -20.35
CA HIS E 209 9.70 4.20 -21.04
C HIS E 209 9.39 3.63 -22.41
N ARG E 210 8.11 3.52 -22.75
CA ARG E 210 7.70 2.93 -24.02
C ARG E 210 8.23 3.75 -25.19
N HIS E 211 8.82 4.89 -24.95
CA HIS E 211 9.27 5.67 -26.08
C HIS E 211 10.70 5.35 -26.49
N THR E 212 11.51 4.78 -25.59
CA THR E 212 12.84 4.30 -25.96
C THR E 212 12.76 3.50 -27.25
N PRO E 213 12.03 2.37 -27.31
CA PRO E 213 12.03 1.58 -28.55
C PRO E 213 11.56 2.36 -29.76
N GLU E 214 10.65 3.33 -29.56
CA GLU E 214 10.15 4.12 -30.66
C GLU E 214 11.21 5.08 -31.19
N ILE E 215 12.11 5.53 -30.31
CA ILE E 215 13.22 6.36 -30.75
C ILE E 215 14.24 5.52 -31.50
N ALA E 216 14.59 4.37 -30.92
CA ALA E 216 15.48 3.42 -31.58
C ALA E 216 14.99 3.10 -32.98
N GLN E 217 13.71 2.72 -33.09
CA GLN E 217 13.13 2.37 -34.38
C GLN E 217 13.36 3.49 -35.40
N GLY E 218 12.89 4.69 -35.10
CA GLY E 218 13.19 5.85 -35.90
C GLY E 218 14.66 5.99 -36.28
N LEU E 219 15.54 6.13 -35.28
CA LEU E 219 16.97 6.21 -35.58
C LEU E 219 17.44 5.05 -36.45
N ARG E 220 16.87 3.85 -36.24
CA ARG E 220 17.29 2.71 -37.04
C ARG E 220 16.95 2.89 -38.51
N ALA E 221 15.98 3.75 -38.83
CA ALA E 221 15.59 3.95 -40.22
C ALA E 221 16.65 4.67 -41.03
N VAL E 222 17.68 5.22 -40.38
CA VAL E 222 18.68 6.05 -41.10
C VAL E 222 20.09 5.50 -40.88
N THR E 223 20.23 4.33 -40.29
CA THR E 223 21.59 3.79 -40.10
C THR E 223 21.53 2.27 -40.05
N ASP E 224 22.56 1.62 -40.58
CA ASP E 224 22.62 0.14 -40.56
C ASP E 224 23.30 -0.30 -39.26
N ARG E 225 23.89 0.64 -38.54
CA ARG E 225 24.61 0.40 -37.27
C ARG E 225 23.58 0.10 -36.16
N ASP E 226 23.92 -0.82 -35.26
CA ASP E 226 23.02 -1.20 -34.14
C ASP E 226 22.84 0.03 -33.27
N VAL E 227 21.59 0.31 -32.88
CA VAL E 227 21.29 1.57 -32.13
C VAL E 227 20.99 1.30 -30.66
N SER E 228 21.73 1.98 -29.79
CA SER E 228 21.45 2.05 -28.37
C SER E 228 20.82 3.40 -28.05
N VAL E 229 19.85 3.42 -27.15
CA VAL E 229 19.14 4.64 -26.77
C VAL E 229 19.01 4.67 -25.24
N SER E 230 19.74 5.56 -24.59
CA SER E 230 19.46 5.87 -23.20
C SER E 230 18.53 7.08 -23.16
N PHE E 231 17.36 6.91 -22.55
CA PHE E 231 16.30 7.90 -22.61
C PHE E 231 15.79 8.17 -21.21
N THR E 232 15.71 9.45 -20.87
CA THR E 232 15.40 9.91 -19.52
C THR E 232 14.43 11.08 -19.63
N PRO E 233 13.15 10.84 -19.42
CA PRO E 233 12.19 11.93 -19.44
C PRO E 233 12.19 12.64 -18.10
N VAL E 234 12.00 13.95 -18.13
CA VAL E 234 11.90 14.73 -16.91
C VAL E 234 10.64 15.56 -16.99
N LEU E 235 9.82 15.50 -15.94
CA LEU E 235 8.63 16.33 -15.82
C LEU E 235 8.95 17.63 -15.07
N ILE E 236 8.39 18.74 -15.54
CA ILE E 236 8.74 20.08 -15.03
C ILE E 236 7.50 20.95 -15.01
N PRO E 237 7.53 22.08 -14.25
CA PRO E 237 6.31 22.88 -14.06
C PRO E 237 5.99 23.78 -15.24
N ALA E 238 5.23 23.25 -16.19
CA ALA E 238 4.82 23.94 -17.40
C ALA E 238 3.81 23.04 -18.10
N SER E 239 2.89 23.66 -18.84
CA SER E 239 1.77 22.95 -19.44
C SER E 239 2.13 22.33 -20.79
N ARG E 240 2.99 22.99 -21.54
CA ARG E 240 3.37 22.47 -22.86
C ARG E 240 4.85 22.65 -23.07
N GLY E 241 5.40 21.89 -24.00
CA GLY E 241 6.77 22.10 -24.43
C GLY E 241 7.65 20.91 -24.12
N ILE E 242 8.50 20.54 -25.06
CA ILE E 242 9.51 19.51 -24.86
C ILE E 242 10.86 20.07 -25.24
N LEU E 243 11.83 19.95 -24.35
CA LEU E 243 13.21 20.33 -24.64
C LEU E 243 14.05 19.07 -24.55
N ALA E 244 14.51 18.61 -25.70
CA ALA E 244 15.24 17.36 -25.80
C ALA E 244 16.73 17.69 -25.86
N THR E 245 17.46 17.32 -24.82
CA THR E 245 18.91 17.34 -24.87
C THR E 245 19.38 15.99 -25.36
N CYS E 246 20.01 15.98 -26.52
CA CYS E 246 20.37 14.75 -27.21
C CYS E 246 21.86 14.74 -27.44
N THR E 247 22.53 13.66 -26.99
CA THR E 247 23.97 13.56 -26.99
C THR E 247 24.43 12.23 -27.58
N ALA E 248 25.60 12.28 -28.22
CA ALA E 248 26.24 11.08 -28.71
C ALA E 248 27.71 11.40 -28.94
N ARG E 249 28.56 10.38 -28.79
CA ARG E 249 29.98 10.54 -29.07
C ARG E 249 30.18 10.84 -30.53
N THR E 250 31.12 11.74 -30.80
CA THR E 250 31.50 12.10 -32.16
C THR E 250 32.97 12.46 -32.19
N ARG E 251 33.55 12.37 -33.38
CA ARG E 251 34.85 12.96 -33.64
C ARG E 251 34.88 13.74 -34.95
N SER E 252 33.73 14.07 -35.49
CA SER E 252 33.64 14.92 -36.66
C SER E 252 33.63 16.39 -36.25
N PRO E 253 34.13 17.29 -37.10
CA PRO E 253 34.13 18.71 -36.73
C PRO E 253 32.72 19.30 -36.71
N LEU E 254 32.52 20.29 -35.85
CA LEU E 254 31.24 21.00 -35.79
C LEU E 254 30.79 21.49 -37.16
N SER E 255 31.72 22.02 -37.94
CA SER E 255 31.40 22.52 -39.27
C SER E 255 30.77 21.43 -40.13
N GLN E 256 31.32 20.22 -40.07
CA GLN E 256 30.80 19.14 -40.91
C GLN E 256 29.41 18.72 -40.45
N LEU E 257 29.12 18.88 -39.16
CA LEU E 257 27.84 18.54 -38.56
C LEU E 257 26.81 19.63 -38.78
N ARG E 258 27.18 20.87 -38.43
CA ARG E 258 26.37 22.03 -38.80
C ARG E 258 25.93 21.90 -40.25
N ALA E 259 26.87 21.55 -41.14
CA ALA E 259 26.53 21.49 -42.55
C ALA E 259 25.49 20.42 -42.85
N ALA E 260 25.53 19.30 -42.13
CA ALA E 260 24.58 18.24 -42.42
C ALA E 260 23.18 18.59 -41.94
N TYR E 261 23.09 19.44 -40.91
CA TYR E 261 21.79 19.83 -40.39
C TYR E 261 21.12 20.90 -41.23
N GLU E 262 21.88 21.79 -41.85
CA GLU E 262 21.27 22.75 -42.76
C GLU E 262 20.85 22.10 -44.06
N LYS E 263 21.50 21.01 -44.45
CA LYS E 263 21.14 20.38 -45.71
C LYS E 263 19.88 19.52 -45.58
N ALA E 264 19.71 18.85 -44.44
CA ALA E 264 18.46 18.12 -44.21
C ALA E 264 17.27 19.05 -43.94
N TYR E 265 17.53 20.28 -43.50
CA TYR E 265 16.47 21.10 -42.95
C TYR E 265 16.31 22.47 -43.59
N HIS E 266 17.09 22.80 -44.63
CA HIS E 266 16.93 24.12 -45.23
C HIS E 266 15.57 24.24 -45.92
N ALA E 267 15.06 23.15 -46.49
CA ALA E 267 13.77 23.20 -47.15
C ALA E 267 12.67 22.53 -46.32
N GLU E 268 12.84 22.50 -45.00
CA GLU E 268 11.80 21.95 -44.15
C GLU E 268 11.08 23.12 -43.52
N PRO E 269 9.81 23.34 -43.85
CA PRO E 269 9.14 24.56 -43.39
C PRO E 269 8.97 24.61 -41.90
N PHE E 270 8.74 23.48 -41.24
CA PHE E 270 8.53 23.51 -39.79
C PHE E 270 9.81 23.35 -39.00
N ILE E 271 10.95 23.11 -39.64
CA ILE E 271 12.21 22.94 -38.93
C ILE E 271 13.10 24.17 -39.13
N TYR E 272 13.52 24.74 -38.01
CA TYR E 272 14.28 25.97 -37.97
C TYR E 272 15.59 25.70 -37.22
N LEU E 273 16.70 25.67 -37.94
CA LEU E 273 17.98 25.71 -37.26
C LEU E 273 18.23 27.08 -36.66
N MET E 274 18.73 27.11 -35.44
CA MET E 274 19.04 28.39 -34.84
C MET E 274 20.25 28.99 -35.55
N PRO E 275 20.27 30.31 -35.74
CA PRO E 275 21.54 31.00 -35.95
C PRO E 275 22.58 30.53 -34.95
N GLU E 276 23.83 30.42 -35.41
CA GLU E 276 24.92 30.21 -34.49
C GLU E 276 24.86 31.28 -33.39
N GLY E 277 25.11 30.84 -32.14
CA GLY E 277 25.01 31.71 -30.98
C GLY E 277 23.72 31.58 -30.21
N GLN E 278 22.68 31.06 -30.83
CA GLN E 278 21.38 30.97 -30.21
C GLN E 278 21.05 29.53 -29.89
N LEU E 279 20.17 29.37 -28.90
CA LEU E 279 19.71 28.08 -28.44
C LEU E 279 18.19 28.03 -28.41
N PRO E 280 17.60 26.88 -28.76
CA PRO E 280 16.14 26.74 -28.68
C PRO E 280 15.65 27.06 -27.28
N ARG E 281 14.37 27.44 -27.21
CA ARG E 281 13.68 27.57 -25.94
C ARG E 281 12.23 27.27 -26.22
N THR E 282 11.60 26.40 -25.41
CA THR E 282 10.25 25.95 -25.72
C THR E 282 9.27 27.09 -25.78
N GLY E 283 9.51 28.13 -24.96
CA GLY E 283 8.62 29.28 -24.96
C GLY E 283 8.42 29.83 -26.35
N ALA E 284 9.46 29.76 -27.19
CA ALA E 284 9.36 30.29 -28.53
C ALA E 284 8.42 29.48 -29.41
N VAL E 285 8.29 28.17 -29.20
CA VAL E 285 7.58 27.33 -30.18
C VAL E 285 6.14 26.98 -29.75
N ILE E 286 5.66 27.53 -28.64
CA ILE E 286 4.36 27.11 -28.12
C ILE E 286 3.23 27.57 -29.03
N GLY E 287 2.27 26.67 -29.26
CA GLY E 287 1.16 26.96 -30.13
C GLY E 287 1.48 26.88 -31.60
N SER E 288 2.73 26.59 -31.95
CA SER E 288 3.17 26.48 -33.33
C SER E 288 3.55 25.04 -33.63
N ASN E 289 3.77 24.75 -34.92
CA ASN E 289 4.14 23.43 -35.38
C ASN E 289 5.65 23.30 -35.65
N ALA E 290 6.43 24.28 -35.20
CA ALA E 290 7.82 24.30 -35.57
C ALA E 290 8.65 23.53 -34.55
N ALA E 291 9.85 23.14 -34.99
CA ALA E 291 10.86 22.58 -34.12
C ALA E 291 12.12 23.42 -34.25
N HIS E 292 12.54 24.03 -33.14
CA HIS E 292 13.79 24.79 -33.11
C HIS E 292 14.92 23.87 -32.66
N ILE E 293 15.97 23.79 -33.48
CA ILE E 293 17.02 22.81 -33.32
C ILE E 293 18.36 23.51 -33.37
N ALA E 294 19.33 23.03 -32.59
CA ALA E 294 20.67 23.58 -32.61
C ALA E 294 21.66 22.48 -32.25
N VAL E 295 22.86 22.55 -32.83
CA VAL E 295 23.90 21.57 -32.56
C VAL E 295 25.21 22.24 -32.14
N ALA E 296 26.05 21.47 -31.45
CA ALA E 296 27.30 21.92 -30.87
C ALA E 296 28.14 20.69 -30.55
N VAL E 297 29.45 20.89 -30.42
CA VAL E 297 30.36 19.78 -30.13
C VAL E 297 31.23 20.14 -28.93
N ASP E 298 31.10 19.37 -27.84
CA ASP E 298 31.99 19.48 -26.69
C ASP E 298 33.27 18.76 -27.07
N GLU E 299 34.27 19.53 -27.53
CA GLU E 299 35.50 18.92 -27.99
C GLU E 299 36.16 18.09 -26.88
N ASP E 300 36.27 18.65 -25.68
CA ASP E 300 36.99 17.93 -24.63
C ASP E 300 36.27 16.69 -24.14
N ALA E 301 35.00 16.50 -24.48
CA ALA E 301 34.31 15.29 -24.11
C ALA E 301 34.09 14.35 -25.29
N GLN E 302 34.49 14.74 -26.51
CA GLN E 302 34.14 14.02 -27.74
C GLN E 302 32.65 13.68 -27.75
N THR E 303 31.84 14.73 -27.68
CA THR E 303 30.39 14.62 -27.62
C THR E 303 29.76 15.68 -28.51
N PHE E 304 28.73 15.25 -29.25
CA PHE E 304 27.88 16.10 -30.06
C PHE E 304 26.60 16.35 -29.26
N VAL E 305 26.19 17.62 -29.14
CA VAL E 305 24.96 17.98 -28.44
C VAL E 305 24.01 18.63 -29.44
N ALA E 306 22.85 18.00 -29.65
CA ALA E 306 21.73 18.60 -30.38
C ALA E 306 20.62 18.88 -29.38
N ILE E 307 19.87 19.94 -29.63
CA ILE E 307 18.82 20.38 -28.73
C ILE E 307 17.59 20.67 -29.58
N ALA E 308 16.44 20.16 -29.14
CA ALA E 308 15.22 20.27 -29.90
C ALA E 308 14.12 20.76 -28.98
N ALA E 309 13.44 21.85 -29.39
CA ALA E 309 12.24 22.32 -28.72
C ALA E 309 11.01 22.14 -29.64
N ILE E 310 10.01 21.45 -29.14
CA ILE E 310 8.74 21.33 -29.92
C ILE E 310 7.58 21.59 -28.96
N ASP E 311 6.44 21.98 -29.51
CA ASP E 311 5.26 22.06 -28.63
C ASP E 311 4.77 20.63 -28.57
N ASN E 312 4.54 20.07 -27.39
CA ASN E 312 4.19 18.63 -27.34
C ASN E 312 2.80 18.34 -27.91
N LEU E 313 1.89 19.30 -27.88
CA LEU E 313 0.51 19.09 -28.35
C LEU E 313 0.40 19.32 -29.86
N VAL E 314 1.31 20.11 -30.42
CA VAL E 314 1.33 20.42 -31.86
C VAL E 314 2.33 19.50 -32.57
N LYS E 315 3.57 19.92 -32.70
CA LYS E 315 4.61 19.13 -33.41
C LYS E 315 4.66 17.68 -32.89
N GLY E 316 4.43 17.47 -31.59
CA GLY E 316 4.42 16.14 -30.97
C GLY E 316 3.10 15.39 -31.12
N THR E 317 1.97 16.04 -31.41
CA THR E 317 0.70 15.27 -31.52
C THR E 317 -0.26 15.80 -32.60
N ALA E 318 -1.02 16.86 -32.29
CA ALA E 318 -2.08 17.38 -33.17
C ALA E 318 -1.52 18.05 -34.42
N GLY E 319 -0.41 18.75 -34.30
CA GLY E 319 0.17 19.41 -35.49
C GLY E 319 0.67 18.39 -36.46
N ALA E 320 1.27 17.32 -35.95
CA ALA E 320 1.77 16.25 -36.84
C ALA E 320 0.58 15.56 -37.51
N ALA E 321 -0.46 15.28 -36.75
CA ALA E 321 -1.65 14.61 -37.29
C ALA E 321 -2.27 15.45 -38.40
N VAL E 322 -2.56 16.72 -38.14
CA VAL E 322 -3.12 17.60 -39.16
C VAL E 322 -2.16 17.79 -40.32
N GLN E 323 -0.87 17.94 -40.04
CA GLN E 323 0.13 17.93 -41.11
C GLN E 323 0.09 16.62 -41.91
N SER E 324 -0.04 15.48 -41.24
CA SER E 324 -0.13 14.24 -42.01
C SER E 324 -1.48 14.14 -42.69
N MET E 325 -2.54 14.66 -42.07
CA MET E 325 -3.82 14.71 -42.73
C MET E 325 -3.73 15.46 -44.07
N ASN E 326 -2.87 16.50 -44.13
CA ASN E 326 -2.74 17.31 -45.33
C ASN E 326 -2.17 16.47 -46.47
N LEU E 327 -1.02 15.83 -46.22
CA LEU E 327 -0.38 15.00 -47.23
C LEU E 327 -1.27 13.84 -47.67
N ALA E 328 -2.09 13.30 -46.75
CA ALA E 328 -2.96 12.20 -47.09
C ALA E 328 -3.98 12.60 -48.12
N LEU E 329 -4.58 13.79 -47.94
CA LEU E 329 -5.67 14.27 -48.76
C LEU E 329 -5.17 14.92 -50.05
N GLY E 330 -3.89 15.27 -50.11
CA GLY E 330 -3.33 15.96 -51.23
C GLY E 330 -3.25 17.46 -51.08
N TRP E 331 -3.57 18.00 -49.90
CA TRP E 331 -3.56 19.43 -49.62
C TRP E 331 -2.14 19.92 -49.28
N PRO E 332 -1.86 21.21 -49.49
CA PRO E 332 -0.54 21.72 -49.16
C PRO E 332 -0.22 21.43 -47.70
N GLU E 333 0.99 20.92 -47.46
CA GLU E 333 1.29 20.32 -46.17
C GLU E 333 1.19 21.35 -45.04
N THR E 334 1.46 22.62 -45.32
CA THR E 334 1.52 23.62 -44.26
C THR E 334 0.17 24.25 -43.95
N ASP E 335 -0.90 23.83 -44.62
CA ASP E 335 -2.24 24.38 -44.41
C ASP E 335 -2.66 24.31 -42.95
N GLY E 336 -2.98 25.48 -42.39
CA GLY E 336 -3.44 25.56 -41.01
C GLY E 336 -2.37 25.35 -39.94
N LEU E 337 -1.08 25.38 -40.28
CA LEU E 337 -0.02 25.09 -39.31
C LEU E 337 1.02 26.21 -39.32
N SER E 338 0.98 27.10 -38.33
CA SER E 338 1.94 28.21 -38.27
C SER E 338 3.25 27.79 -37.61
N VAL E 339 4.34 28.40 -38.06
CA VAL E 339 5.62 28.29 -37.35
C VAL E 339 5.80 29.32 -36.25
N VAL E 340 4.93 30.34 -36.16
CA VAL E 340 5.10 31.45 -35.23
C VAL E 340 4.51 31.05 -33.87
N GLY E 341 5.36 30.88 -32.86
CA GLY E 341 4.89 30.55 -31.53
C GLY E 341 4.24 31.73 -30.83
N VAL E 342 3.52 31.42 -29.75
CA VAL E 342 2.88 32.42 -28.89
C VAL E 342 3.75 32.73 -27.67
N ALA E 343 4.94 33.24 -27.88
CA ALA E 343 5.69 33.72 -26.74
C ALA E 343 5.35 35.17 -26.44
N PRO E 344 5.52 35.65 -25.21
CA PRO E 344 6.00 34.94 -24.02
C PRO E 344 4.86 34.23 -23.31
N ALA F 1 -1.88 48.80 -50.89
CA ALA F 1 -0.68 48.28 -50.21
C ALA F 1 -0.37 49.13 -48.99
N THR F 2 -0.49 48.57 -47.80
CA THR F 2 -0.24 49.35 -46.56
C THR F 2 1.11 48.95 -45.96
N LYS F 3 2.06 49.88 -45.97
CA LYS F 3 3.43 49.68 -45.41
C LYS F 3 3.34 50.05 -43.94
N VAL F 4 3.62 49.09 -43.06
CA VAL F 4 3.49 49.32 -41.60
C VAL F 4 4.85 49.27 -40.95
N ALA F 5 5.07 50.16 -39.99
CA ALA F 5 6.30 50.21 -39.17
C ALA F 5 5.91 49.93 -37.72
N VAL F 6 6.83 49.36 -36.94
CA VAL F 6 6.57 49.06 -35.53
C VAL F 6 7.76 49.53 -34.70
N ALA F 7 7.56 50.57 -33.89
CA ALA F 7 8.55 51.06 -32.94
C ALA F 7 8.31 50.39 -31.59
N GLY F 8 9.40 50.10 -30.88
CA GLY F 8 9.29 49.19 -29.76
C GLY F 8 9.11 47.76 -30.19
N ALA F 9 9.60 47.42 -31.38
CA ALA F 9 9.47 46.07 -31.91
C ALA F 9 10.12 45.02 -31.02
N SER F 10 11.05 45.41 -30.14
CA SER F 10 11.76 44.44 -29.32
C SER F 10 10.99 44.03 -28.07
N GLY F 11 10.06 44.85 -27.59
CA GLY F 11 9.33 44.53 -26.38
C GLY F 11 8.17 43.54 -26.61
N TYR F 12 7.55 43.14 -25.50
CA TYR F 12 6.50 42.12 -25.55
C TYR F 12 5.33 42.55 -26.42
N ALA F 13 4.86 43.80 -26.22
CA ALA F 13 3.76 44.32 -27.01
C ALA F 13 4.10 44.33 -28.49
N GLY F 14 5.26 44.90 -28.83
CA GLY F 14 5.65 44.98 -30.22
C GLY F 14 5.68 43.62 -30.89
N GLY F 15 6.37 42.66 -30.26
CA GLY F 15 6.45 41.32 -30.82
C GLY F 15 5.11 40.62 -30.92
N GLU F 16 4.14 41.00 -30.09
CA GLU F 16 2.81 40.43 -30.26
C GLU F 16 2.13 41.02 -31.48
N ILE F 17 2.22 42.34 -31.68
CA ILE F 17 1.73 42.95 -32.91
C ILE F 17 2.29 42.20 -34.11
N LEU F 18 3.59 41.89 -34.09
CA LEU F 18 4.18 41.28 -35.27
C LEU F 18 3.66 39.88 -35.49
N ARG F 19 3.37 39.15 -34.41
CA ARG F 19 2.78 37.83 -34.57
C ARG F 19 1.39 37.92 -35.22
N LEU F 20 0.62 38.94 -34.84
CA LEU F 20 -0.69 39.17 -35.44
C LEU F 20 -0.59 39.56 -36.92
N LEU F 21 0.16 40.63 -37.19
CA LEU F 21 0.45 40.99 -38.57
C LEU F 21 0.85 39.78 -39.41
N LEU F 22 1.80 38.99 -38.90
CA LEU F 22 2.30 37.86 -39.68
C LEU F 22 1.20 36.84 -39.98
N GLY F 23 0.17 36.78 -39.14
CA GLY F 23 -0.99 35.94 -39.42
C GLY F 23 -2.19 36.66 -40.00
N HIS F 24 -2.08 37.96 -40.27
CA HIS F 24 -3.18 38.75 -40.82
C HIS F 24 -3.43 38.35 -42.27
N PRO F 25 -4.70 38.24 -42.69
CA PRO F 25 -4.99 37.98 -44.10
C PRO F 25 -4.50 39.08 -45.06
N ALA F 26 -4.52 40.34 -44.62
CA ALA F 26 -3.93 41.42 -45.42
C ALA F 26 -2.43 41.23 -45.61
N TYR F 27 -1.73 40.65 -44.64
CA TYR F 27 -0.32 40.33 -44.87
C TYR F 27 -0.15 39.16 -45.81
N ALA F 28 -1.08 38.20 -45.78
CA ALA F 28 -0.96 37.01 -46.64
C ALA F 28 -1.08 37.37 -48.12
N ASP F 29 -2.01 38.27 -48.48
CA ASP F 29 -2.19 38.65 -49.88
C ASP F 29 -1.56 40.01 -50.23
N GLY F 30 -0.54 40.45 -49.49
CA GLY F 30 0.24 41.61 -49.90
C GLY F 30 -0.31 42.99 -49.56
N ARG F 31 -1.61 43.15 -49.24
CA ARG F 31 -2.10 44.51 -49.00
C ARG F 31 -1.43 45.15 -47.78
N LEU F 32 -0.75 44.38 -46.96
CA LEU F 32 -0.06 44.90 -45.78
C LEU F 32 1.37 44.36 -45.78
N ARG F 33 2.34 45.25 -45.72
CA ARG F 33 3.74 44.89 -45.74
C ARG F 33 4.39 45.36 -44.44
N ILE F 34 5.16 44.50 -43.80
CA ILE F 34 5.78 44.85 -42.53
C ILE F 34 7.05 45.62 -42.85
N GLY F 35 7.06 46.91 -42.53
CA GLY F 35 8.17 47.76 -42.91
C GLY F 35 9.28 47.78 -41.88
N ALA F 36 9.59 48.97 -41.38
CA ALA F 36 10.69 49.11 -40.45
C ALA F 36 10.27 48.68 -39.05
N LEU F 37 11.23 48.11 -38.33
CA LEU F 37 11.04 47.64 -36.94
C LEU F 37 12.08 48.40 -36.14
N THR F 38 11.68 49.24 -35.22
CA THR F 38 12.74 50.00 -34.53
C THR F 38 12.79 49.63 -33.06
N ALA F 39 13.85 50.09 -32.42
CA ALA F 39 14.09 49.91 -30.98
C ALA F 39 14.94 51.11 -30.57
N ALA F 40 14.72 51.62 -29.37
CA ALA F 40 15.53 52.77 -28.93
C ALA F 40 16.98 52.34 -28.78
N THR F 41 17.22 51.25 -28.06
CA THR F 41 18.62 50.87 -27.80
C THR F 41 18.88 49.39 -28.05
N SER F 42 18.96 48.99 -29.32
CA SER F 42 19.37 47.62 -29.75
C SER F 42 19.56 47.59 -31.26
N ALA F 43 19.64 48.76 -31.90
CA ALA F 43 19.78 48.84 -33.36
C ALA F 43 21.01 48.07 -33.84
N GLY F 44 20.88 47.37 -34.96
CA GLY F 44 21.99 46.60 -35.52
C GLY F 44 21.78 45.14 -35.25
N SER F 45 21.00 44.83 -34.23
CA SER F 45 20.75 43.43 -33.85
C SER F 45 19.67 42.86 -34.74
N THR F 46 19.59 41.53 -34.82
CA THR F 46 18.52 40.91 -35.62
C THR F 46 17.30 40.75 -34.73
N LEU F 47 16.13 40.73 -35.32
CA LEU F 47 14.91 40.53 -34.54
C LEU F 47 14.93 39.18 -33.83
N GLY F 48 15.53 38.17 -34.45
CA GLY F 48 15.59 36.85 -33.84
C GLY F 48 16.23 36.83 -32.46
N GLU F 49 17.21 37.71 -32.24
CA GLU F 49 17.83 37.78 -30.93
C GLU F 49 16.86 38.24 -29.86
N HIS F 50 15.86 39.04 -30.22
CA HIS F 50 14.89 39.50 -29.25
C HIS F 50 13.64 38.61 -29.20
N HIS F 51 13.08 38.24 -30.35
CA HIS F 51 11.82 37.50 -30.42
C HIS F 51 12.04 36.19 -31.17
N PRO F 52 12.60 35.19 -30.50
CA PRO F 52 12.83 33.90 -31.17
C PRO F 52 11.57 33.22 -31.71
N HIS F 53 10.37 33.63 -31.27
CA HIS F 53 9.14 33.07 -31.80
C HIS F 53 8.69 33.68 -33.13
N LEU F 54 9.42 34.66 -33.67
CA LEU F 54 8.99 35.26 -34.94
C LEU F 54 9.97 34.89 -36.04
N THR F 55 10.23 33.58 -36.16
CA THR F 55 11.25 33.13 -37.09
C THR F 55 11.04 33.60 -38.52
N PRO F 56 9.82 33.81 -39.04
CA PRO F 56 9.73 34.38 -40.38
C PRO F 56 10.27 35.80 -40.45
N LEU F 57 10.43 36.48 -39.31
CA LEU F 57 11.05 37.81 -39.28
C LEU F 57 12.42 37.83 -38.63
N ALA F 58 13.03 36.66 -38.37
CA ALA F 58 14.25 36.61 -37.56
C ALA F 58 15.36 37.49 -38.15
N HIS F 59 15.52 37.45 -39.48
CA HIS F 59 16.60 38.16 -40.15
C HIS F 59 16.46 39.69 -40.11
N ARG F 60 15.26 40.23 -39.88
CA ARG F 60 15.09 41.68 -39.88
C ARG F 60 16.05 42.34 -38.91
N VAL F 61 16.48 43.54 -39.25
CA VAL F 61 17.52 44.25 -38.50
C VAL F 61 16.89 45.44 -37.79
N VAL F 62 17.11 45.53 -36.48
CA VAL F 62 16.43 46.53 -35.65
C VAL F 62 17.10 47.89 -35.85
N GLU F 63 16.36 48.82 -36.39
CA GLU F 63 16.84 50.17 -36.57
C GLU F 63 16.47 51.01 -35.37
N PRO F 64 17.11 52.15 -35.18
CA PRO F 64 16.75 53.00 -34.04
C PRO F 64 15.45 53.76 -34.29
N THR F 65 14.71 53.97 -33.21
CA THR F 65 13.45 54.70 -33.27
C THR F 65 13.68 56.17 -33.56
N GLU F 66 13.72 56.57 -34.83
CA GLU F 66 13.80 57.96 -35.24
C GLU F 66 12.73 58.27 -36.26
N ALA F 67 12.12 59.44 -36.13
CA ALA F 67 11.13 59.90 -37.10
C ALA F 67 11.61 59.71 -38.55
N ALA F 68 12.91 59.87 -38.78
CA ALA F 68 13.46 59.57 -40.09
C ALA F 68 13.00 58.20 -40.58
N VAL F 69 13.23 57.17 -39.77
CA VAL F 69 12.95 55.82 -40.26
C VAL F 69 11.46 55.50 -40.26
N LEU F 70 10.65 56.18 -39.45
CA LEU F 70 9.25 55.84 -39.36
C LEU F 70 8.40 56.52 -40.41
N GLY F 71 8.90 57.59 -41.01
CA GLY F 71 8.20 58.22 -42.13
C GLY F 71 8.22 57.34 -43.36
N GLY F 72 7.41 57.72 -44.34
CA GLY F 72 7.25 56.84 -45.48
C GLY F 72 6.55 55.55 -45.14
N HIS F 73 5.71 55.58 -44.11
CA HIS F 73 4.94 54.41 -43.71
C HIS F 73 3.48 54.79 -43.65
N ASP F 74 2.64 53.94 -44.23
CA ASP F 74 1.20 54.21 -44.21
C ASP F 74 0.64 54.10 -42.80
N ALA F 75 1.18 53.19 -42.00
CA ALA F 75 0.67 53.02 -40.63
C ALA F 75 1.86 52.83 -39.72
N VAL F 76 1.86 53.47 -38.56
CA VAL F 76 2.99 53.30 -37.60
C VAL F 76 2.46 52.90 -36.23
N PHE F 77 3.02 51.83 -35.69
CA PHE F 77 2.62 51.32 -34.35
C PHE F 77 3.70 51.68 -33.35
N LEU F 78 3.38 52.49 -32.36
CA LEU F 78 4.36 52.77 -31.30
C LEU F 78 4.05 51.74 -30.22
N ALA F 79 4.62 50.55 -30.34
CA ALA F 79 4.36 49.43 -29.41
C ALA F 79 5.18 49.57 -28.12
N LEU F 80 4.84 50.58 -27.34
CA LEU F 80 5.51 50.94 -26.08
C LEU F 80 4.40 51.22 -25.09
N PRO F 81 3.91 50.24 -24.32
CA PRO F 81 2.81 50.46 -23.39
C PRO F 81 3.11 51.52 -22.31
N HIS F 82 4.38 51.66 -21.90
CA HIS F 82 4.81 52.67 -20.92
C HIS F 82 5.80 53.61 -21.60
N GLY F 83 5.42 54.26 -22.71
CA GLY F 83 6.42 55.02 -23.47
C GLY F 83 6.34 56.54 -23.54
N HIS F 84 5.14 57.13 -23.55
CA HIS F 84 4.97 58.61 -23.71
C HIS F 84 5.56 59.07 -25.04
N SER F 85 4.83 58.88 -26.12
CA SER F 85 5.29 59.18 -27.51
C SER F 85 4.83 60.54 -28.02
N ALA F 86 4.29 61.41 -27.16
CA ALA F 86 3.77 62.73 -27.58
C ALA F 86 4.75 63.49 -28.48
N VAL F 87 6.04 63.53 -28.11
CA VAL F 87 7.05 64.25 -28.92
C VAL F 87 7.30 63.50 -30.22
N LEU F 88 7.53 62.20 -30.16
CA LEU F 88 7.81 61.42 -31.38
C LEU F 88 6.60 61.47 -32.29
N ALA F 89 5.41 61.36 -31.72
CA ALA F 89 4.18 61.35 -32.54
C ALA F 89 4.09 62.60 -33.39
N GLN F 90 4.47 63.77 -32.85
CA GLN F 90 4.41 65.08 -33.56
C GLN F 90 5.37 65.20 -34.76
N GLN F 91 6.32 64.29 -34.91
CA GLN F 91 7.26 64.27 -36.05
C GLN F 91 6.65 63.44 -37.17
N LEU F 92 5.51 62.80 -36.94
CA LEU F 92 4.96 61.91 -37.99
C LEU F 92 3.88 62.64 -38.78
N SER F 93 3.58 62.14 -39.97
CA SER F 93 2.61 62.79 -40.88
C SER F 93 1.22 62.79 -40.26
N PRO F 94 0.41 63.80 -40.59
CA PRO F 94 -0.98 63.85 -40.18
C PRO F 94 -1.83 62.80 -40.89
N GLU F 95 -1.40 62.28 -42.04
CA GLU F 95 -2.13 61.24 -42.79
C GLU F 95 -1.53 59.86 -42.49
N THR F 96 -0.52 59.78 -41.63
CA THR F 96 0.04 58.46 -41.29
C THR F 96 -0.84 57.84 -40.21
N LEU F 97 -1.19 56.56 -40.32
CA LEU F 97 -2.01 55.99 -39.22
C LEU F 97 -1.08 55.75 -38.05
N ILE F 98 -1.40 56.35 -36.90
CA ILE F 98 -0.59 56.22 -35.71
C ILE F 98 -1.37 55.47 -34.66
N ILE F 99 -0.87 54.30 -34.29
CA ILE F 99 -1.50 53.50 -33.26
C ILE F 99 -0.52 53.37 -32.12
N ASP F 100 -0.63 54.29 -31.15
CA ASP F 100 0.25 54.31 -29.98
C ASP F 100 -0.29 53.42 -28.87
N CYS F 101 0.47 52.40 -28.49
CA CYS F 101 0.11 51.54 -27.38
C CYS F 101 0.36 52.21 -26.03
N GLY F 102 1.11 53.31 -26.02
CA GLY F 102 1.35 54.06 -24.81
C GLY F 102 0.13 54.87 -24.42
N ALA F 103 0.31 55.69 -23.39
CA ALA F 103 -0.83 56.33 -22.75
C ALA F 103 -0.88 57.85 -22.85
N ASP F 104 -0.05 58.49 -23.69
CA ASP F 104 -0.02 59.95 -23.70
C ASP F 104 -1.34 60.52 -24.20
N PHE F 105 -1.90 59.94 -25.25
CA PHE F 105 -3.15 60.46 -25.78
C PHE F 105 -4.37 59.71 -25.24
N ARG F 106 -4.20 58.98 -24.12
CA ARG F 106 -5.27 58.13 -23.61
C ARG F 106 -6.37 58.95 -22.92
N LEU F 107 -5.99 59.87 -22.02
CA LEU F 107 -6.94 60.59 -21.17
C LEU F 107 -7.40 61.91 -21.79
N THR F 108 -8.57 62.38 -21.32
CA THR F 108 -9.30 63.53 -21.88
C THR F 108 -9.51 64.66 -20.88
N ASP F 109 -8.65 64.80 -19.87
CA ASP F 109 -8.80 65.85 -18.86
C ASP F 109 -7.39 66.24 -18.40
N ALA F 110 -7.02 67.50 -18.58
CA ALA F 110 -5.66 67.90 -18.29
C ALA F 110 -5.35 67.75 -16.81
N ALA F 111 -6.28 68.19 -15.95
CA ALA F 111 -6.07 68.09 -14.51
C ALA F 111 -5.76 66.66 -14.10
N VAL F 112 -6.67 65.75 -14.42
CA VAL F 112 -6.49 64.34 -14.07
C VAL F 112 -5.17 63.83 -14.61
N TRP F 113 -4.85 64.18 -15.85
CA TRP F 113 -3.59 63.73 -16.43
C TRP F 113 -2.42 64.27 -15.64
N GLU F 114 -2.39 65.57 -15.42
CA GLU F 114 -1.27 66.15 -14.68
C GLU F 114 -1.19 65.55 -13.30
N ARG F 115 -2.35 65.32 -12.67
CA ARG F 115 -2.36 64.73 -11.34
C ARG F 115 -1.63 63.41 -11.30
N PHE F 116 -1.99 62.48 -12.19
CA PHE F 116 -1.47 61.11 -12.11
C PHE F 116 -0.16 60.93 -12.87
N TYR F 117 0.04 61.67 -13.95
CA TYR F 117 1.20 61.48 -14.78
C TYR F 117 2.26 62.57 -14.62
N GLY F 118 1.88 63.74 -14.13
CA GLY F 118 2.85 64.77 -13.77
C GLY F 118 3.63 65.32 -14.94
N SER F 119 3.00 65.45 -16.10
CA SER F 119 3.60 66.06 -17.29
C SER F 119 2.53 66.82 -18.05
N SER F 120 2.95 67.63 -19.00
CA SER F 120 1.98 68.33 -19.83
C SER F 120 1.03 67.34 -20.46
N HIS F 121 -0.27 67.58 -20.36
CA HIS F 121 -1.22 66.78 -21.11
C HIS F 121 -1.05 67.08 -22.58
N ALA F 122 -1.08 66.02 -23.39
CA ALA F 122 -0.80 66.16 -24.81
C ALA F 122 -2.06 66.17 -25.66
N GLY F 123 -3.23 66.02 -25.06
CA GLY F 123 -4.46 65.86 -25.83
C GLY F 123 -4.93 64.42 -25.79
N SER F 124 -5.85 64.09 -26.70
CA SER F 124 -6.43 62.75 -26.69
C SER F 124 -6.84 62.30 -28.09
N TRP F 125 -6.55 61.03 -28.40
CA TRP F 125 -6.90 60.34 -29.63
C TRP F 125 -8.04 59.39 -29.39
N PRO F 126 -8.73 58.95 -30.46
CA PRO F 126 -9.77 57.91 -30.32
C PRO F 126 -9.34 56.67 -29.54
N TYR F 127 -10.06 56.39 -28.46
CA TYR F 127 -9.80 55.26 -27.57
C TYR F 127 -9.98 53.93 -28.32
N GLY F 128 -8.97 53.08 -28.24
CA GLY F 128 -8.95 51.89 -29.06
C GLY F 128 -9.76 50.72 -28.56
N LEU F 129 -10.86 50.97 -27.86
CA LEU F 129 -11.73 49.92 -27.31
C LEU F 129 -13.07 49.86 -28.04
N PRO F 130 -13.16 49.17 -29.19
CA PRO F 130 -14.37 49.26 -30.02
C PRO F 130 -15.68 48.97 -29.31
N GLU F 131 -15.69 48.08 -28.33
CA GLU F 131 -16.91 47.61 -27.68
C GLU F 131 -17.54 48.65 -26.78
N LEU F 132 -16.82 49.72 -26.42
CA LEU F 132 -17.44 50.82 -25.68
C LEU F 132 -18.53 51.46 -26.52
N PRO F 133 -19.62 51.88 -25.92
CA PRO F 133 -20.58 52.72 -26.63
C PRO F 133 -19.94 53.84 -27.44
N GLY F 134 -20.12 53.78 -28.76
CA GLY F 134 -19.69 54.80 -29.71
C GLY F 134 -18.20 54.92 -29.95
N ALA F 135 -17.38 54.09 -29.30
CA ALA F 135 -15.96 54.06 -29.62
C ALA F 135 -15.70 53.55 -31.02
N ARG F 136 -16.57 52.70 -31.54
CA ARG F 136 -16.40 52.22 -32.91
C ARG F 136 -16.56 53.35 -33.92
N ASP F 137 -17.60 54.17 -33.75
CA ASP F 137 -17.86 55.22 -34.73
C ASP F 137 -16.67 56.17 -34.86
N GLN F 138 -15.88 56.30 -33.81
CA GLN F 138 -14.72 57.17 -33.84
C GLN F 138 -13.49 56.51 -34.44
N LEU F 139 -13.42 55.18 -34.39
CA LEU F 139 -12.29 54.46 -34.97
C LEU F 139 -12.38 54.33 -36.48
N ARG F 140 -13.59 54.34 -37.04
CA ARG F 140 -13.72 54.18 -38.48
C ARG F 140 -12.99 55.32 -39.17
N GLY F 141 -12.07 54.95 -40.06
CA GLY F 141 -11.30 55.91 -40.83
C GLY F 141 -10.47 56.92 -40.08
N THR F 142 -10.27 56.78 -38.77
CA THR F 142 -9.33 57.66 -38.06
C THR F 142 -7.91 57.47 -38.58
N ARG F 143 -7.06 58.44 -38.27
CA ARG F 143 -5.62 58.25 -38.44
C ARG F 143 -4.88 58.35 -37.10
N ARG F 144 -5.61 58.42 -35.99
CA ARG F 144 -5.05 58.50 -34.65
C ARG F 144 -5.78 57.50 -33.76
N ILE F 145 -5.05 56.71 -33.00
CA ILE F 145 -5.68 55.71 -32.11
C ILE F 145 -4.85 55.58 -30.84
N ALA F 146 -5.48 55.75 -29.69
CA ALA F 146 -4.77 55.52 -28.42
C ALA F 146 -5.32 54.23 -27.83
N VAL F 147 -4.51 53.17 -27.85
CA VAL F 147 -4.87 51.83 -27.32
C VAL F 147 -5.07 51.92 -25.81
N PRO F 148 -6.11 51.32 -25.23
CA PRO F 148 -6.32 51.33 -23.79
C PRO F 148 -5.30 50.54 -22.98
N GLY F 149 -5.34 50.70 -21.67
CA GLY F 149 -4.44 49.92 -20.81
C GLY F 149 -4.98 48.52 -20.67
N CYS F 150 -4.15 47.55 -20.34
CA CYS F 150 -4.68 46.18 -20.20
C CYS F 150 -5.71 46.09 -19.07
N TYR F 151 -5.50 46.81 -17.97
CA TYR F 151 -6.42 46.79 -16.81
C TYR F 151 -7.76 47.42 -17.18
N PRO F 152 -7.86 48.67 -17.66
CA PRO F 152 -9.14 49.23 -18.09
C PRO F 152 -9.97 48.35 -19.04
N THR F 153 -9.33 47.67 -19.98
CA THR F 153 -10.01 46.78 -20.95
C THR F 153 -10.77 45.67 -20.22
N ALA F 154 -10.26 45.15 -19.11
CA ALA F 154 -11.00 44.07 -18.43
C ALA F 154 -12.06 44.68 -17.53
N ALA F 155 -11.69 45.69 -16.76
CA ALA F 155 -12.65 46.38 -15.88
C ALA F 155 -13.77 46.99 -16.71
N LEU F 156 -13.46 47.71 -17.79
CA LEU F 156 -14.54 48.32 -18.59
C LEU F 156 -15.39 47.25 -19.27
N LEU F 157 -14.80 46.19 -19.80
CA LEU F 157 -15.64 45.17 -20.47
C LEU F 157 -16.47 44.43 -19.41
N ALA F 158 -15.99 44.39 -18.18
CA ALA F 158 -16.75 43.71 -17.13
C ALA F 158 -17.90 44.57 -16.64
N LEU F 159 -17.70 45.88 -16.51
CA LEU F 159 -18.60 46.73 -15.74
C LEU F 159 -19.63 47.51 -16.55
N PHE F 160 -19.33 47.92 -17.80
CA PHE F 160 -20.16 48.98 -18.38
C PHE F 160 -21.59 48.55 -18.80
N PRO F 161 -21.85 47.33 -19.29
CA PRO F 161 -23.25 46.98 -19.59
C PRO F 161 -24.18 47.14 -18.41
N ALA F 162 -23.68 46.93 -17.19
CA ALA F 162 -24.50 47.08 -15.99
C ALA F 162 -24.67 48.54 -15.62
N LEU F 163 -23.56 49.29 -15.62
CA LEU F 163 -23.61 50.70 -15.28
C LEU F 163 -24.44 51.47 -16.30
N ALA F 164 -24.20 51.26 -17.59
CA ALA F 164 -25.01 51.93 -18.60
C ALA F 164 -26.48 51.55 -18.54
N ALA F 165 -26.88 50.59 -17.71
CA ALA F 165 -28.30 50.32 -17.52
C ALA F 165 -28.81 50.77 -16.16
N ASP F 166 -27.93 51.25 -15.28
CA ASP F 166 -28.29 51.66 -13.92
C ASP F 166 -28.78 50.47 -13.11
N LEU F 167 -28.10 49.34 -13.24
CA LEU F 167 -28.36 48.17 -12.41
C LEU F 167 -27.31 47.96 -11.34
N ILE F 168 -26.27 48.81 -11.29
CA ILE F 168 -25.30 48.86 -10.20
C ILE F 168 -25.04 50.31 -9.81
N GLU F 169 -24.62 50.52 -8.56
CA GLU F 169 -24.13 51.80 -8.11
C GLU F 169 -22.89 52.19 -8.90
N PRO F 170 -22.60 53.50 -9.03
CA PRO F 170 -21.42 53.92 -9.78
C PRO F 170 -20.14 53.92 -8.95
N ALA F 171 -20.18 53.29 -7.78
CA ALA F 171 -18.98 53.00 -7.00
C ALA F 171 -18.59 51.55 -7.24
N VAL F 172 -17.41 51.35 -7.83
CA VAL F 172 -16.93 50.02 -8.21
C VAL F 172 -15.63 49.70 -7.48
N THR F 173 -15.48 48.42 -7.11
CA THR F 173 -14.20 47.84 -6.68
C THR F 173 -13.73 46.85 -7.73
N VAL F 174 -12.48 47.01 -8.16
CA VAL F 174 -11.83 46.07 -9.05
C VAL F 174 -10.57 45.57 -8.35
N VAL F 175 -10.45 44.26 -8.24
CA VAL F 175 -9.19 43.61 -7.93
C VAL F 175 -8.92 42.70 -9.12
N ALA F 176 -7.78 42.88 -9.76
CA ALA F 176 -7.44 42.12 -10.95
C ALA F 176 -6.04 41.53 -10.83
N VAL F 177 -5.92 40.23 -11.18
CA VAL F 177 -4.63 39.54 -11.21
C VAL F 177 -4.02 39.76 -12.57
N SER F 178 -2.70 39.78 -12.66
CA SER F 178 -2.06 39.88 -13.97
C SER F 178 -0.80 39.04 -14.01
N GLY F 179 -0.48 38.58 -15.22
CA GLY F 179 0.84 38.10 -15.53
C GLY F 179 1.88 39.22 -15.50
N THR F 180 3.10 38.84 -15.84
CA THR F 180 4.23 39.75 -15.73
C THR F 180 4.61 40.40 -17.05
N SER F 181 4.11 39.88 -18.18
CA SER F 181 4.41 40.52 -19.45
C SER F 181 3.77 41.90 -19.54
N GLY F 182 2.68 42.13 -18.82
CA GLY F 182 2.03 43.42 -18.89
C GLY F 182 2.80 44.53 -18.22
N ALA F 183 3.68 44.19 -17.29
CA ALA F 183 4.57 45.15 -16.66
C ALA F 183 5.83 45.40 -17.49
N GLY F 184 5.87 44.90 -18.72
CA GLY F 184 6.91 45.26 -19.66
C GLY F 184 8.14 44.37 -19.61
N ARG F 185 9.00 44.56 -20.62
CA ARG F 185 10.28 43.88 -20.71
C ARG F 185 11.45 44.68 -20.14
N ALA F 186 11.17 45.77 -19.41
CA ALA F 186 12.23 46.51 -18.73
C ALA F 186 12.76 45.68 -17.56
N ALA F 187 13.99 45.20 -17.69
CA ALA F 187 14.61 44.32 -16.70
C ALA F 187 14.76 44.98 -15.33
N THR F 188 13.91 44.58 -14.38
CA THR F 188 14.03 44.94 -12.97
C THR F 188 14.15 43.67 -12.13
N THR F 189 14.63 43.83 -10.90
CA THR F 189 14.73 42.63 -10.05
C THR F 189 13.36 42.18 -9.57
N ASP F 190 12.45 43.12 -9.32
CA ASP F 190 11.10 42.77 -8.88
C ASP F 190 10.39 41.83 -9.86
N LEU F 191 10.85 41.77 -11.11
CA LEU F 191 10.19 40.97 -12.12
C LEU F 191 11.03 39.78 -12.55
N LEU F 192 12.10 39.47 -11.84
CA LEU F 192 12.89 38.31 -12.20
C LEU F 192 12.09 37.04 -11.91
N GLY F 193 12.42 35.99 -12.64
CA GLY F 193 11.72 34.72 -12.49
C GLY F 193 11.64 34.24 -11.06
N ALA F 194 12.76 34.31 -10.33
CA ALA F 194 12.80 33.77 -8.97
C ALA F 194 11.92 34.58 -8.03
N GLU F 195 11.81 35.89 -8.27
CA GLU F 195 11.00 36.74 -7.40
C GLU F 195 9.51 36.48 -7.59
N VAL F 196 9.03 36.45 -8.83
CA VAL F 196 7.59 36.34 -8.96
C VAL F 196 7.15 34.89 -8.83
N ILE F 197 7.94 33.94 -9.34
CA ILE F 197 7.56 32.52 -9.28
C ILE F 197 7.28 32.13 -7.84
N GLY F 198 6.13 31.49 -7.64
CA GLY F 198 5.72 31.09 -6.30
C GLY F 198 5.37 32.23 -5.39
N SER F 199 4.77 33.30 -5.92
CA SER F 199 4.50 34.48 -5.12
C SER F 199 3.49 35.36 -5.83
N ALA F 200 2.55 35.89 -5.05
CA ALA F 200 1.62 36.94 -5.46
C ALA F 200 1.85 38.16 -4.61
N ARG F 201 1.83 39.35 -5.23
CA ARG F 201 1.80 40.59 -4.47
C ARG F 201 0.92 41.63 -5.13
N ALA F 202 0.17 42.33 -4.30
CA ALA F 202 -0.49 43.56 -4.71
C ALA F 202 0.53 44.69 -4.84
N TYR F 203 0.25 45.59 -5.76
CA TYR F 203 1.14 46.69 -6.04
C TYR F 203 0.32 47.91 -6.42
N ASN F 204 0.92 49.09 -6.24
CA ASN F 204 0.30 50.36 -6.63
C ASN F 204 -1.09 50.50 -6.08
N ILE F 205 -1.27 50.07 -4.84
CA ILE F 205 -2.61 49.96 -4.26
C ILE F 205 -3.15 51.35 -3.97
N ALA F 206 -4.43 51.38 -3.64
CA ALA F 206 -5.06 52.44 -2.87
C ALA F 206 -5.36 53.69 -3.70
N GLY F 207 -5.37 53.60 -5.03
CA GLY F 207 -5.74 54.71 -5.89
C GLY F 207 -4.57 55.32 -6.64
N VAL F 208 -3.34 54.91 -6.33
CA VAL F 208 -2.16 55.48 -6.95
C VAL F 208 -1.86 54.89 -8.31
N HIS F 209 -2.46 53.76 -8.66
CA HIS F 209 -2.19 53.18 -9.96
C HIS F 209 -2.80 54.04 -11.06
N ARG F 210 -2.00 54.37 -12.08
CA ARG F 210 -2.45 55.31 -13.10
C ARG F 210 -3.57 54.78 -13.97
N HIS F 211 -3.87 53.48 -13.92
CA HIS F 211 -5.03 53.01 -14.67
C HIS F 211 -6.36 53.32 -13.98
N THR F 212 -6.34 53.73 -12.70
CA THR F 212 -7.62 53.98 -12.05
C THR F 212 -8.32 55.19 -12.70
N PRO F 213 -7.64 56.29 -13.03
CA PRO F 213 -8.37 57.35 -13.76
C PRO F 213 -8.89 56.90 -15.15
N GLU F 214 -8.24 55.93 -15.79
CA GLU F 214 -8.64 55.47 -17.11
C GLU F 214 -9.93 54.64 -17.05
N ILE F 215 -10.05 53.79 -16.03
CA ILE F 215 -11.28 53.04 -15.81
C ILE F 215 -12.42 54.01 -15.55
N ALA F 216 -12.19 54.95 -14.64
CA ALA F 216 -13.22 55.91 -14.28
C ALA F 216 -13.65 56.73 -15.49
N GLN F 217 -12.68 57.20 -16.28
CA GLN F 217 -12.99 57.91 -17.53
C GLN F 217 -13.86 57.08 -18.44
N GLY F 218 -13.44 55.83 -18.73
CA GLY F 218 -14.24 54.93 -19.54
C GLY F 218 -15.65 54.75 -19.01
N LEU F 219 -15.78 54.49 -17.71
CA LEU F 219 -17.08 54.26 -17.13
C LEU F 219 -17.95 55.52 -17.16
N ARG F 220 -17.34 56.71 -17.00
CA ARG F 220 -18.11 57.96 -17.09
C ARG F 220 -18.70 58.16 -18.47
N ALA F 221 -18.24 57.40 -19.47
CA ALA F 221 -18.78 57.52 -20.82
C ALA F 221 -20.18 56.90 -20.96
N VAL F 222 -20.58 56.04 -20.03
CA VAL F 222 -21.85 55.34 -20.11
C VAL F 222 -22.77 55.68 -18.94
N THR F 223 -22.37 56.63 -18.10
CA THR F 223 -23.16 57.12 -16.99
C THR F 223 -22.96 58.62 -16.86
N ASP F 224 -23.92 59.26 -16.20
CA ASP F 224 -23.78 60.65 -15.83
C ASP F 224 -23.75 60.81 -14.33
N ARG F 225 -23.79 59.72 -13.58
CA ARG F 225 -23.45 59.78 -12.18
C ARG F 225 -21.94 59.92 -12.04
N ASP F 226 -21.51 60.44 -10.88
CA ASP F 226 -20.09 60.54 -10.62
C ASP F 226 -19.52 59.16 -10.34
N VAL F 227 -18.41 58.84 -10.97
CA VAL F 227 -17.82 57.52 -10.88
C VAL F 227 -16.69 57.53 -9.87
N SER F 228 -16.55 56.44 -9.13
CA SER F 228 -15.37 56.23 -8.32
C SER F 228 -14.94 54.77 -8.45
N VAL F 229 -13.64 54.54 -8.33
CA VAL F 229 -13.04 53.24 -8.61
C VAL F 229 -12.00 52.92 -7.54
N SER F 230 -12.21 51.83 -6.81
CA SER F 230 -11.18 51.16 -6.02
C SER F 230 -10.51 50.12 -6.91
N PHE F 231 -9.27 50.35 -7.28
CA PHE F 231 -8.55 49.45 -8.17
C PHE F 231 -7.33 48.88 -7.46
N THR F 232 -7.21 47.55 -7.47
CA THR F 232 -6.08 46.86 -6.86
C THR F 232 -5.54 45.84 -7.85
N PRO F 233 -4.38 46.05 -8.43
CA PRO F 233 -3.73 45.01 -9.23
C PRO F 233 -2.88 44.06 -8.39
N VAL F 234 -2.86 42.80 -8.80
CA VAL F 234 -2.10 41.75 -8.12
C VAL F 234 -1.30 40.98 -9.16
N LEU F 235 0.03 41.01 -9.03
CA LEU F 235 0.90 40.22 -9.88
C LEU F 235 0.93 38.77 -9.42
N ILE F 236 0.89 37.84 -10.36
CA ILE F 236 0.89 36.41 -10.02
C ILE F 236 1.82 35.68 -10.98
N PRO F 237 2.26 34.46 -10.63
CA PRO F 237 3.22 33.76 -11.49
C PRO F 237 2.58 33.31 -12.79
N ALA F 238 2.73 34.13 -13.83
CA ALA F 238 2.13 33.87 -15.14
C ALA F 238 2.65 34.95 -16.07
N SER F 239 2.62 34.67 -17.37
CA SER F 239 3.16 35.66 -18.30
C SER F 239 2.07 36.43 -19.02
N ARG F 240 1.08 35.73 -19.55
CA ARG F 240 -0.09 36.36 -20.12
C ARG F 240 -1.27 36.18 -19.18
N GLY F 241 -2.28 37.04 -19.38
CA GLY F 241 -3.55 36.83 -18.71
C GLY F 241 -3.85 37.92 -17.70
N ILE F 242 -5.13 38.29 -17.64
CA ILE F 242 -5.67 39.17 -16.62
C ILE F 242 -7.04 38.64 -16.25
N LEU F 243 -7.25 38.35 -14.97
CA LEU F 243 -8.58 38.04 -14.48
C LEU F 243 -9.05 39.18 -13.58
N ALA F 244 -10.14 39.84 -13.96
CA ALA F 244 -10.67 40.99 -13.24
C ALA F 244 -11.95 40.64 -12.52
N THR F 245 -11.94 40.81 -11.20
CA THR F 245 -13.15 40.78 -10.39
C THR F 245 -13.61 42.21 -10.15
N CYS F 246 -14.84 42.50 -10.55
CA CYS F 246 -15.38 43.85 -10.44
C CYS F 246 -16.73 43.75 -9.75
N THR F 247 -16.94 44.59 -8.75
CA THR F 247 -18.14 44.53 -7.93
C THR F 247 -18.69 45.94 -7.72
N ALA F 248 -19.98 45.99 -7.38
CA ALA F 248 -20.61 47.21 -6.89
C ALA F 248 -21.93 46.84 -6.21
N ARG F 249 -22.41 47.82 -5.46
CA ARG F 249 -23.67 47.67 -4.71
C ARG F 249 -24.77 47.70 -5.77
N THR F 250 -25.73 46.80 -5.65
CA THR F 250 -26.85 46.73 -6.61
C THR F 250 -28.14 46.43 -5.85
N ARG F 251 -29.27 46.76 -6.44
CA ARG F 251 -30.59 46.44 -5.85
C ARG F 251 -31.41 45.70 -6.92
N SER F 252 -30.85 45.53 -8.12
CA SER F 252 -31.51 44.88 -9.28
C SER F 252 -31.32 43.37 -9.23
N PRO F 253 -32.19 42.59 -9.90
CA PRO F 253 -32.10 41.14 -9.91
C PRO F 253 -31.14 40.63 -10.98
N LEU F 254 -30.55 39.46 -10.73
CA LEU F 254 -29.60 38.82 -11.66
C LEU F 254 -30.22 38.74 -13.06
N SER F 255 -31.50 38.39 -13.17
CA SER F 255 -32.19 38.32 -14.48
C SER F 255 -31.98 39.58 -15.30
N GLN F 256 -32.20 40.74 -14.71
CA GLN F 256 -32.06 42.02 -15.43
C GLN F 256 -30.59 42.27 -15.76
N LEU F 257 -29.69 41.83 -14.89
CA LEU F 257 -28.27 42.02 -15.11
C LEU F 257 -27.74 41.12 -16.23
N ARG F 258 -28.21 39.87 -16.26
CA ARG F 258 -27.82 38.98 -17.37
C ARG F 258 -28.45 39.57 -18.64
N ALA F 259 -29.70 40.00 -18.56
CA ALA F 259 -30.37 40.57 -19.74
C ALA F 259 -29.57 41.70 -20.34
N ALA F 260 -29.07 42.60 -19.49
CA ALA F 260 -28.26 43.71 -19.96
C ALA F 260 -27.04 43.23 -20.72
N TYR F 261 -26.32 42.26 -20.14
CA TYR F 261 -25.09 41.77 -20.75
C TYR F 261 -25.37 41.04 -22.04
N GLU F 262 -26.43 40.22 -22.07
CA GLU F 262 -26.84 39.64 -23.34
C GLU F 262 -27.04 40.74 -24.37
N LYS F 263 -27.82 41.77 -24.03
CA LYS F 263 -28.15 42.80 -25.00
C LYS F 263 -26.90 43.53 -25.47
N ALA F 264 -25.97 43.81 -24.56
CA ALA F 264 -24.84 44.65 -24.94
C ALA F 264 -23.83 43.88 -25.80
N TYR F 265 -23.76 42.55 -25.64
CA TYR F 265 -22.65 41.75 -26.18
C TYR F 265 -23.06 40.70 -27.21
N HIS F 266 -24.34 40.41 -27.36
CA HIS F 266 -24.69 39.29 -28.22
C HIS F 266 -24.31 39.52 -29.69
N ALA F 267 -24.01 40.75 -30.09
CA ALA F 267 -23.52 41.00 -31.43
C ALA F 267 -22.04 41.38 -31.45
N GLU F 268 -21.37 41.37 -30.30
CA GLU F 268 -19.95 41.71 -30.22
C GLU F 268 -19.13 40.44 -30.41
N PRO F 269 -18.27 40.37 -31.44
CA PRO F 269 -17.63 39.09 -31.81
C PRO F 269 -16.51 38.63 -30.90
N PHE F 270 -16.04 39.45 -29.94
CA PHE F 270 -14.93 39.05 -29.10
C PHE F 270 -15.31 38.82 -27.66
N ILE F 271 -16.55 39.11 -27.29
CA ILE F 271 -16.99 39.05 -25.90
C ILE F 271 -17.91 37.85 -25.78
N TYR F 272 -17.44 36.83 -25.06
CA TYR F 272 -18.16 35.58 -24.85
C TYR F 272 -18.74 35.64 -23.45
N LEU F 273 -20.06 35.72 -23.35
CA LEU F 273 -20.72 35.54 -22.06
C LEU F 273 -20.72 34.06 -21.68
N MET F 274 -20.18 33.71 -20.51
CA MET F 274 -20.19 32.31 -20.14
C MET F 274 -21.63 31.84 -19.94
N PRO F 275 -21.96 30.62 -20.38
CA PRO F 275 -23.25 30.05 -20.01
C PRO F 275 -23.38 30.03 -18.49
N GLU F 276 -24.60 30.12 -17.99
CA GLU F 276 -24.79 30.12 -16.55
C GLU F 276 -24.11 28.91 -15.92
N GLY F 277 -23.54 29.10 -14.74
CA GLY F 277 -22.78 28.03 -14.12
C GLY F 277 -21.43 27.74 -14.75
N GLN F 278 -20.96 28.59 -15.64
CA GLN F 278 -19.58 28.55 -16.11
C GLN F 278 -18.93 29.89 -15.80
N LEU F 279 -17.60 29.85 -15.59
CA LEU F 279 -16.80 30.99 -15.16
C LEU F 279 -15.58 31.13 -16.05
N PRO F 280 -15.13 32.34 -16.34
CA PRO F 280 -13.98 32.50 -17.22
C PRO F 280 -12.69 32.10 -16.51
N ARG F 281 -11.66 31.84 -17.32
CA ARG F 281 -10.33 31.53 -16.84
C ARG F 281 -9.33 32.07 -17.86
N THR F 282 -8.26 32.72 -17.37
CA THR F 282 -7.36 33.37 -18.31
C THR F 282 -6.77 32.36 -19.27
N GLY F 283 -6.51 31.14 -18.78
CA GLY F 283 -6.01 30.10 -19.65
C GLY F 283 -6.86 29.90 -20.90
N ALA F 284 -8.18 30.02 -20.78
CA ALA F 284 -9.03 29.82 -21.95
C ALA F 284 -8.84 30.88 -23.06
N VAL F 285 -8.32 32.08 -22.76
CA VAL F 285 -8.25 33.16 -23.76
C VAL F 285 -6.84 33.46 -24.22
N ILE F 286 -5.84 32.76 -23.71
CA ILE F 286 -4.46 33.13 -23.99
C ILE F 286 -4.15 33.00 -25.47
N GLY F 287 -3.52 34.01 -26.02
CA GLY F 287 -3.18 34.03 -27.43
C GLY F 287 -4.29 34.45 -28.36
N SER F 288 -5.45 34.84 -27.83
CA SER F 288 -6.57 35.24 -28.66
C SER F 288 -7.02 36.62 -28.23
N ASN F 289 -7.91 37.19 -29.01
CA ASN F 289 -8.46 38.51 -28.72
C ASN F 289 -9.77 38.44 -27.92
N ALA F 290 -10.11 37.28 -27.39
CA ALA F 290 -11.38 37.15 -26.70
C ALA F 290 -11.33 37.73 -25.29
N ALA F 291 -12.49 38.22 -24.85
CA ALA F 291 -12.79 38.44 -23.45
C ALA F 291 -13.89 37.48 -23.03
N HIS F 292 -13.72 36.83 -21.89
CA HIS F 292 -14.71 35.91 -21.34
C HIS F 292 -15.28 36.54 -20.08
N ILE F 293 -16.59 36.79 -20.08
CA ILE F 293 -17.27 37.51 -19.00
C ILE F 293 -18.27 36.57 -18.32
N ALA F 294 -18.37 36.66 -17.00
CA ALA F 294 -19.49 36.12 -16.25
C ALA F 294 -19.96 37.17 -15.26
N VAL F 295 -21.25 37.09 -14.89
CA VAL F 295 -21.84 37.95 -13.86
C VAL F 295 -22.71 37.08 -12.96
N ALA F 296 -22.80 37.49 -11.71
CA ALA F 296 -23.56 36.81 -10.67
C ALA F 296 -24.07 37.90 -9.74
N VAL F 297 -24.83 37.54 -8.71
CA VAL F 297 -25.25 38.52 -7.71
C VAL F 297 -25.16 37.94 -6.30
N ASP F 298 -24.25 38.47 -5.49
CA ASP F 298 -24.18 38.17 -4.06
C ASP F 298 -25.39 38.76 -3.36
N GLU F 299 -26.44 37.96 -3.18
CA GLU F 299 -27.68 38.48 -2.62
C GLU F 299 -27.46 39.01 -1.20
N ASP F 300 -26.91 38.19 -0.32
CA ASP F 300 -26.78 38.62 1.07
C ASP F 300 -25.85 39.81 1.20
N ALA F 301 -24.89 39.95 0.31
CA ALA F 301 -24.10 41.17 0.29
C ALA F 301 -24.72 42.27 -0.60
N GLN F 302 -25.82 42.00 -1.31
CA GLN F 302 -26.41 43.00 -2.22
C GLN F 302 -25.37 43.52 -3.20
N THR F 303 -24.63 42.60 -3.82
CA THR F 303 -23.44 42.96 -4.57
C THR F 303 -23.40 42.26 -5.93
N PHE F 304 -23.25 43.06 -6.97
CA PHE F 304 -22.99 42.58 -8.30
C PHE F 304 -21.55 42.13 -8.40
N VAL F 305 -21.31 41.05 -9.14
CA VAL F 305 -19.96 40.54 -9.34
C VAL F 305 -19.78 40.28 -10.82
N ALA F 306 -18.72 40.85 -11.40
CA ALA F 306 -18.35 40.57 -12.77
C ALA F 306 -16.96 39.97 -12.78
N ILE F 307 -16.78 38.96 -13.61
CA ILE F 307 -15.50 38.31 -13.81
C ILE F 307 -15.18 38.44 -15.29
N ALA F 308 -13.93 38.76 -15.60
CA ALA F 308 -13.51 38.99 -16.97
C ALA F 308 -12.08 38.48 -17.09
N ALA F 309 -11.88 37.56 -18.01
CA ALA F 309 -10.54 37.13 -18.36
C ALA F 309 -10.25 37.69 -19.75
N ILE F 310 -9.03 38.17 -19.94
CA ILE F 310 -8.54 38.64 -21.26
C ILE F 310 -7.06 38.27 -21.39
N ASP F 311 -6.54 38.21 -22.60
CA ASP F 311 -5.08 38.05 -22.78
C ASP F 311 -4.61 39.49 -22.82
N ASN F 312 -3.80 39.92 -21.85
CA ASN F 312 -3.32 41.32 -21.72
C ASN F 312 -2.43 41.75 -22.89
N LEU F 313 -1.79 40.82 -23.59
CA LEU F 313 -0.90 41.16 -24.72
C LEU F 313 -1.77 41.29 -25.97
N VAL F 314 -2.90 40.59 -26.01
CA VAL F 314 -3.78 40.60 -27.21
C VAL F 314 -4.93 41.60 -27.04
N LYS F 315 -5.95 41.25 -26.26
CA LYS F 315 -7.14 42.11 -26.06
C LYS F 315 -6.73 43.36 -25.28
N GLY F 316 -5.73 43.26 -24.42
CA GLY F 316 -5.27 44.43 -23.69
C GLY F 316 -4.28 45.27 -24.47
N THR F 317 -3.54 44.71 -25.44
CA THR F 317 -2.54 45.54 -26.15
C THR F 317 -2.53 45.38 -27.66
N ALA F 318 -1.88 44.34 -28.16
CA ALA F 318 -1.67 44.11 -29.60
C ALA F 318 -2.95 43.86 -30.38
N GLY F 319 -3.91 43.11 -29.84
CA GLY F 319 -5.13 42.79 -30.60
C GLY F 319 -6.06 43.96 -30.65
N ALA F 320 -6.06 44.80 -29.62
CA ALA F 320 -6.89 46.01 -29.64
C ALA F 320 -6.29 46.92 -30.71
N ALA F 321 -4.95 47.00 -30.75
CA ALA F 321 -4.21 47.80 -31.74
C ALA F 321 -4.60 47.33 -33.14
N VAL F 322 -4.43 46.04 -33.44
CA VAL F 322 -4.77 45.49 -34.75
C VAL F 322 -6.26 45.64 -35.03
N GLN F 323 -7.10 45.41 -34.00
CA GLN F 323 -8.54 45.56 -34.16
C GLN F 323 -8.90 46.97 -34.60
N SER F 324 -8.47 47.98 -33.81
CA SER F 324 -8.65 49.36 -34.22
C SER F 324 -7.98 49.67 -35.55
N MET F 325 -6.87 49.01 -35.86
CA MET F 325 -6.23 49.21 -37.16
C MET F 325 -7.17 48.78 -38.27
N ASN F 326 -7.85 47.64 -38.08
CA ASN F 326 -8.79 47.15 -39.08
C ASN F 326 -9.91 48.16 -39.30
N LEU F 327 -10.50 48.66 -38.21
CA LEU F 327 -11.55 49.67 -38.34
C LEU F 327 -11.05 50.92 -39.06
N ALA F 328 -9.82 51.35 -38.78
CA ALA F 328 -9.33 52.61 -39.33
C ALA F 328 -9.08 52.52 -40.83
N LEU F 329 -8.61 51.37 -41.32
CA LEU F 329 -8.36 51.18 -42.75
C LEU F 329 -9.56 50.68 -43.52
N GLY F 330 -10.67 50.41 -42.85
CA GLY F 330 -11.84 49.92 -43.55
C GLY F 330 -11.87 48.43 -43.73
N TRP F 331 -11.00 47.71 -43.05
CA TRP F 331 -10.91 46.27 -43.15
C TRP F 331 -11.91 45.61 -42.20
N PRO F 332 -12.31 44.37 -42.49
CA PRO F 332 -13.19 43.64 -41.55
C PRO F 332 -12.59 43.61 -40.15
N GLU F 333 -13.40 43.97 -39.16
CA GLU F 333 -12.88 44.27 -37.83
C GLU F 333 -12.19 43.07 -37.17
N THR F 334 -12.60 41.84 -37.51
CA THR F 334 -12.03 40.65 -36.90
C THR F 334 -10.89 40.03 -37.72
N ASP F 335 -10.41 40.71 -38.77
CA ASP F 335 -9.32 40.18 -39.60
C ASP F 335 -8.09 39.90 -38.76
N GLY F 336 -7.60 38.66 -38.83
CA GLY F 336 -6.37 38.31 -38.16
C GLY F 336 -6.50 38.11 -36.66
N LEU F 337 -7.72 38.11 -36.12
CA LEU F 337 -7.94 38.08 -34.69
C LEU F 337 -8.83 36.89 -34.35
N SER F 338 -8.25 35.87 -33.72
CA SER F 338 -9.02 34.69 -33.35
C SER F 338 -9.67 34.89 -31.99
N VAL F 339 -10.81 34.23 -31.81
CA VAL F 339 -11.42 34.13 -30.49
C VAL F 339 -11.07 32.81 -29.80
N VAL F 340 -10.15 32.02 -30.38
CA VAL F 340 -9.78 30.70 -29.88
C VAL F 340 -8.40 30.73 -29.25
N GLY F 341 -8.31 30.34 -27.97
CA GLY F 341 -7.04 30.41 -27.28
C GLY F 341 -6.18 29.14 -27.39
N VAL F 342 -4.90 29.28 -27.12
CA VAL F 342 -3.94 28.17 -27.11
C VAL F 342 -3.94 27.60 -25.69
N ALA F 343 -4.67 26.52 -25.48
CA ALA F 343 -4.78 25.95 -24.15
C ALA F 343 -4.67 24.44 -24.25
N PRO F 344 -4.25 23.76 -23.17
CA PRO F 344 -3.83 24.17 -21.83
C PRO F 344 -2.49 24.90 -21.78
N ALA G 1 5.04 13.00 29.02
CA ALA G 1 5.01 12.42 27.66
C ALA G 1 3.67 12.70 26.98
N THR G 2 3.71 13.20 25.74
CA THR G 2 2.52 13.56 24.99
C THR G 2 2.53 12.85 23.65
N LYS G 3 1.54 11.99 23.42
CA LYS G 3 1.50 11.14 22.23
C LYS G 3 0.45 11.67 21.27
N VAL G 4 0.84 11.80 20.01
CA VAL G 4 0.08 12.53 19.00
C VAL G 4 -0.25 11.58 17.86
N ALA G 5 -1.54 11.44 17.56
CA ALA G 5 -1.97 10.79 16.34
C ALA G 5 -2.38 11.83 15.30
N VAL G 6 -2.20 11.51 14.03
CA VAL G 6 -2.70 12.37 12.96
C VAL G 6 -3.54 11.54 12.00
N ALA G 7 -4.82 11.87 11.91
CA ALA G 7 -5.75 11.19 11.00
C ALA G 7 -5.89 12.02 9.73
N GLY G 8 -5.69 11.37 8.58
CA GLY G 8 -5.47 12.09 7.34
C GLY G 8 -4.02 12.44 7.10
N ALA G 9 -3.09 11.60 7.60
CA ALA G 9 -1.67 11.85 7.47
C ALA G 9 -1.21 11.96 6.01
N SER G 10 -1.94 11.35 5.08
CA SER G 10 -1.58 11.39 3.67
C SER G 10 -1.97 12.71 2.98
N GLY G 11 -2.92 13.46 3.53
CA GLY G 11 -3.35 14.70 2.92
C GLY G 11 -2.36 15.84 3.11
N TYR G 12 -2.68 16.96 2.47
CA TYR G 12 -1.81 18.13 2.56
C TYR G 12 -1.71 18.64 3.99
N ALA G 13 -2.86 18.76 4.67
CA ALA G 13 -2.85 19.20 6.06
C ALA G 13 -2.06 18.24 6.93
N GLY G 14 -2.34 16.94 6.79
CA GLY G 14 -1.63 15.95 7.58
C GLY G 14 -0.14 16.02 7.36
N GLY G 15 0.27 16.10 6.09
CA GLY G 15 1.68 16.25 5.79
C GLY G 15 2.29 17.48 6.42
N GLU G 16 1.56 18.59 6.40
CA GLU G 16 2.13 19.83 6.89
C GLU G 16 2.13 19.90 8.41
N ILE G 17 1.14 19.31 9.07
CA ILE G 17 1.24 19.12 10.52
C ILE G 17 2.50 18.33 10.86
N LEU G 18 2.72 17.22 10.15
CA LEU G 18 3.83 16.34 10.52
C LEU G 18 5.16 17.01 10.27
N ARG G 19 5.25 17.84 9.23
CA ARG G 19 6.49 18.60 9.02
C ARG G 19 6.76 19.52 10.19
N LEU G 20 5.70 20.11 10.76
CA LEU G 20 5.84 20.97 11.92
C LEU G 20 6.21 20.18 13.16
N LEU G 21 5.47 19.10 13.45
CA LEU G 21 5.81 18.23 14.58
C LEU G 21 7.26 17.75 14.49
N LEU G 22 7.67 17.28 13.33
CA LEU G 22 9.05 16.83 13.15
C LEU G 22 10.09 17.90 13.47
N GLY G 23 9.67 19.18 13.60
CA GLY G 23 10.60 20.24 13.89
C GLY G 23 10.33 20.86 15.24
N HIS G 24 9.31 20.37 15.94
CA HIS G 24 8.93 20.95 17.22
C HIS G 24 9.98 20.59 18.29
N PRO G 25 10.32 21.53 19.18
CA PRO G 25 11.28 21.20 20.24
C PRO G 25 10.81 20.06 21.13
N ALA G 26 9.50 19.90 21.33
CA ALA G 26 9.02 18.81 22.17
C ALA G 26 9.25 17.46 21.52
N TYR G 27 9.15 17.41 20.19
CA TYR G 27 9.62 16.24 19.48
C TYR G 27 11.07 15.96 19.84
N ALA G 28 11.91 17.00 19.77
CA ALA G 28 13.34 16.81 19.93
C ALA G 28 13.66 16.27 21.33
N ASP G 29 13.24 17.00 22.36
CA ASP G 29 13.46 16.54 23.73
C ASP G 29 12.52 15.42 24.14
N GLY G 30 11.76 14.83 23.22
CA GLY G 30 10.99 13.67 23.56
C GLY G 30 9.71 13.91 24.32
N ARG G 31 9.34 15.16 24.61
CA ARG G 31 8.05 15.37 25.27
C ARG G 31 6.90 15.05 24.33
N LEU G 32 7.15 15.11 23.03
CA LEU G 32 6.16 14.83 22.00
C LEU G 32 6.61 13.62 21.19
N ARG G 33 5.74 12.64 21.04
CA ARG G 33 6.00 11.50 20.18
C ARG G 33 4.95 11.42 19.09
N ILE G 34 5.36 10.99 17.90
CA ILE G 34 4.47 10.89 16.74
C ILE G 34 3.94 9.45 16.69
N GLY G 35 2.68 9.31 17.10
CA GLY G 35 2.02 8.00 17.16
C GLY G 35 1.40 7.57 15.85
N ALA G 36 0.15 7.12 15.89
CA ALA G 36 -0.53 6.60 14.70
C ALA G 36 -0.81 7.71 13.68
N LEU G 37 -0.54 7.41 12.41
CA LEU G 37 -0.85 8.30 11.27
C LEU G 37 -1.89 7.54 10.46
N THR G 38 -3.11 8.05 10.35
CA THR G 38 -4.14 7.29 9.63
C THR G 38 -4.70 8.02 8.42
N ALA G 39 -5.35 7.25 7.56
CA ALA G 39 -5.97 7.70 6.31
C ALA G 39 -6.92 6.58 5.84
N ALA G 40 -7.94 6.93 5.08
CA ALA G 40 -8.99 5.99 4.60
C ALA G 40 -8.45 4.91 3.66
N THR G 41 -8.37 5.21 2.38
CA THR G 41 -7.97 4.24 1.32
C THR G 41 -6.48 3.94 1.35
N SER G 42 -5.64 4.90 1.73
CA SER G 42 -4.17 4.76 1.69
C SER G 42 -3.56 3.88 2.78
N ALA G 43 -4.37 3.32 3.69
CA ALA G 43 -3.89 2.46 4.77
C ALA G 43 -3.14 1.26 4.20
N GLY G 44 -1.98 0.95 4.78
CA GLY G 44 -1.18 -0.18 4.30
C GLY G 44 0.04 0.28 3.56
N SER G 45 0.13 1.57 3.27
CA SER G 45 1.30 2.06 2.53
C SER G 45 2.18 2.89 3.46
N THR G 46 3.38 3.22 3.00
CA THR G 46 4.35 4.00 3.77
C THR G 46 4.08 5.48 3.54
N LEU G 47 4.37 6.32 4.52
CA LEU G 47 4.13 7.76 4.32
C LEU G 47 5.04 8.27 3.21
N GLY G 48 6.17 7.59 2.96
CA GLY G 48 7.06 8.10 1.94
C GLY G 48 6.39 8.15 0.59
N GLU G 49 5.47 7.22 0.34
CA GLU G 49 4.77 7.24 -0.94
C GLU G 49 3.88 8.47 -1.06
N HIS G 50 3.46 9.04 0.07
CA HIS G 50 2.63 10.23 0.10
C HIS G 50 3.41 11.51 0.34
N HIS G 51 4.36 11.51 1.29
CA HIS G 51 5.10 12.70 1.68
C HIS G 51 6.58 12.40 1.52
N PRO G 52 7.08 12.37 0.28
CA PRO G 52 8.50 12.09 0.06
C PRO G 52 9.43 13.12 0.67
N HIS G 53 8.93 14.27 1.11
CA HIS G 53 9.79 15.22 1.79
C HIS G 53 9.96 14.90 3.27
N LEU G 54 8.97 14.26 3.89
CA LEU G 54 9.00 13.89 5.30
C LEU G 54 9.77 12.59 5.51
N THR G 55 11.01 12.57 5.03
CA THR G 55 11.81 11.33 5.07
C THR G 55 11.95 10.70 6.46
N PRO G 56 12.13 11.44 7.57
CA PRO G 56 12.26 10.77 8.88
C PRO G 56 11.06 9.93 9.29
N LEU G 57 9.91 10.10 8.64
CA LEU G 57 8.72 9.31 8.91
C LEU G 57 8.30 8.48 7.71
N ALA G 58 9.22 8.32 6.77
CA ALA G 58 8.92 7.66 5.48
C ALA G 58 8.63 6.18 5.63
N HIS G 59 9.24 5.52 6.60
CA HIS G 59 9.11 4.06 6.83
C HIS G 59 7.79 3.75 7.54
N ARG G 60 7.14 4.75 8.11
CA ARG G 60 5.86 4.58 8.85
C ARG G 60 4.80 3.97 7.96
N VAL G 61 3.97 3.10 8.52
CA VAL G 61 2.89 2.48 7.72
C VAL G 61 1.61 3.21 8.07
N VAL G 62 0.82 3.57 7.07
CA VAL G 62 -0.44 4.31 7.31
C VAL G 62 -1.49 3.29 7.74
N GLU G 63 -2.22 3.59 8.81
CA GLU G 63 -3.25 2.68 9.32
C GLU G 63 -4.63 3.22 8.98
N PRO G 64 -5.71 2.46 9.18
CA PRO G 64 -7.04 2.91 8.91
C PRO G 64 -7.42 3.91 10.01
N THR G 65 -8.26 4.89 9.70
CA THR G 65 -8.63 5.83 10.78
C THR G 65 -9.81 5.25 11.55
N GLU G 66 -9.56 4.76 12.76
CA GLU G 66 -10.66 4.34 13.63
C GLU G 66 -10.32 4.54 15.09
N ALA G 67 -11.36 4.43 15.91
CA ALA G 67 -11.25 4.61 17.35
C ALA G 67 -10.11 3.80 17.93
N ALA G 68 -10.06 2.51 17.57
CA ALA G 68 -9.01 1.61 18.05
C ALA G 68 -7.63 2.22 17.88
N VAL G 69 -7.27 2.54 16.63
CA VAL G 69 -5.89 2.93 16.34
C VAL G 69 -5.56 4.28 16.97
N LEU G 70 -6.52 5.21 17.02
CA LEU G 70 -6.26 6.53 17.57
C LEU G 70 -6.33 6.54 19.09
N GLY G 71 -7.01 5.57 19.70
CA GLY G 71 -7.19 5.58 21.14
C GLY G 71 -5.86 5.54 21.88
N GLY G 72 -5.90 5.99 23.13
CA GLY G 72 -4.68 6.02 23.91
C GLY G 72 -3.63 6.95 23.35
N HIS G 73 -4.03 7.91 22.53
CA HIS G 73 -3.20 9.06 22.18
C HIS G 73 -3.67 10.28 22.95
N ASP G 74 -2.73 11.11 23.40
CA ASP G 74 -3.12 12.32 24.12
C ASP G 74 -3.73 13.35 23.17
N ALA G 75 -3.02 13.69 22.11
CA ALA G 75 -3.47 14.66 21.13
C ALA G 75 -3.76 13.94 19.83
N VAL G 76 -4.98 14.10 19.32
CA VAL G 76 -5.32 13.57 17.99
C VAL G 76 -5.61 14.75 17.07
N PHE G 77 -4.89 14.81 15.95
CA PHE G 77 -5.15 15.80 14.91
C PHE G 77 -6.07 15.21 13.85
N LEU G 78 -7.19 15.87 13.61
CA LEU G 78 -8.10 15.47 12.54
C LEU G 78 -7.79 16.32 11.30
N ALA G 79 -7.12 15.71 10.32
CA ALA G 79 -6.91 16.40 9.05
C ALA G 79 -7.72 15.74 7.94
N LEU G 80 -9.06 15.78 8.07
CA LEU G 80 -9.99 15.10 7.17
C LEU G 80 -10.91 16.11 6.49
N PRO G 81 -11.67 15.69 5.47
CA PRO G 81 -12.84 16.47 5.03
C PRO G 81 -13.87 16.59 6.15
N HIS G 82 -14.88 17.42 5.92
CA HIS G 82 -15.83 17.62 6.99
C HIS G 82 -16.76 16.42 7.12
N GLY G 83 -17.73 16.54 8.01
CA GLY G 83 -18.56 15.39 8.32
C GLY G 83 -17.94 14.37 9.24
N HIS G 84 -16.71 13.96 8.97
CA HIS G 84 -16.17 12.80 9.68
C HIS G 84 -15.42 13.17 10.95
N SER G 85 -15.20 14.46 11.21
CA SER G 85 -14.62 14.82 12.49
C SER G 85 -15.66 14.73 13.61
N ALA G 86 -16.91 15.02 13.29
CA ALA G 86 -17.97 14.86 14.28
C ALA G 86 -18.03 13.42 14.79
N VAL G 87 -18.33 12.49 13.89
CA VAL G 87 -18.51 11.09 14.28
C VAL G 87 -17.28 10.57 15.03
N LEU G 88 -16.11 10.72 14.42
CA LEU G 88 -14.89 10.16 15.03
C LEU G 88 -14.65 10.73 16.42
N ALA G 89 -15.02 11.99 16.65
CA ALA G 89 -14.66 12.61 17.91
C ALA G 89 -15.57 12.20 19.05
N GLN G 90 -16.84 11.88 18.76
CA GLN G 90 -17.73 11.40 19.81
C GLN G 90 -17.20 10.14 20.46
N GLN G 91 -16.22 9.48 19.83
CA GLN G 91 -15.74 8.19 20.26
C GLN G 91 -14.44 8.25 21.03
N LEU G 92 -13.72 9.35 20.97
CA LEU G 92 -12.48 9.49 21.71
C LEU G 92 -12.76 10.09 23.08
N SER G 93 -11.83 9.84 24.01
CA SER G 93 -12.01 10.25 25.40
C SER G 93 -12.31 11.75 25.48
N PRO G 94 -13.13 12.18 26.44
CA PRO G 94 -13.31 13.63 26.67
C PRO G 94 -12.02 14.34 27.04
N GLU G 95 -10.99 13.61 27.44
CA GLU G 95 -9.69 14.17 27.80
C GLU G 95 -8.73 14.29 26.62
N THR G 96 -8.95 13.48 25.59
CA THR G 96 -8.07 13.50 24.41
C THR G 96 -8.16 14.88 23.77
N LEU G 97 -7.05 15.59 23.68
CA LEU G 97 -7.04 16.93 23.04
C LEU G 97 -7.27 16.72 21.55
N ILE G 98 -8.48 16.96 21.07
CA ILE G 98 -8.77 16.69 19.63
C ILE G 98 -8.72 18.00 18.86
N ILE G 99 -7.83 18.08 17.87
CA ILE G 99 -7.73 19.31 17.04
C ILE G 99 -8.17 18.96 15.62
N ASP G 100 -9.24 19.60 15.17
CA ASP G 100 -9.85 19.31 13.86
C ASP G 100 -9.58 20.45 12.89
N CYS G 101 -9.01 20.12 11.75
CA CYS G 101 -8.80 21.09 10.69
C CYS G 101 -10.07 21.32 9.88
N GLY G 102 -10.92 20.31 9.76
CA GLY G 102 -12.20 20.48 9.07
C GLY G 102 -13.04 21.56 9.70
N ALA G 103 -14.11 21.93 8.99
CA ALA G 103 -15.00 22.99 9.42
C ALA G 103 -16.12 22.52 10.34
N ASP G 104 -16.12 21.24 10.74
CA ASP G 104 -17.31 20.65 11.38
C ASP G 104 -17.71 21.42 12.62
N PHE G 105 -16.75 21.91 13.39
CA PHE G 105 -17.00 22.62 14.65
C PHE G 105 -16.64 24.10 14.56
N ARG G 106 -16.59 24.65 13.34
CA ARG G 106 -16.13 26.02 13.15
C ARG G 106 -17.21 27.05 13.45
N LEU G 107 -18.44 26.80 13.03
CA LEU G 107 -19.49 27.81 13.08
C LEU G 107 -20.31 27.68 14.35
N THR G 108 -21.06 28.75 14.66
CA THR G 108 -21.79 28.81 15.91
C THR G 108 -23.30 28.97 15.74
N ASP G 109 -23.78 29.00 14.50
CA ASP G 109 -25.21 29.08 14.17
C ASP G 109 -25.58 27.82 13.39
N ALA G 110 -26.41 26.96 13.98
CA ALA G 110 -26.79 25.73 13.30
C ALA G 110 -27.54 26.01 12.00
N ALA G 111 -28.31 27.10 11.93
CA ALA G 111 -29.06 27.40 10.72
C ALA G 111 -28.12 27.80 9.59
N VAL G 112 -27.09 28.59 9.92
CA VAL G 112 -26.12 29.02 8.93
C VAL G 112 -25.38 27.81 8.38
N TRP G 113 -24.86 26.96 9.27
CA TRP G 113 -24.17 25.76 8.81
C TRP G 113 -25.06 24.93 7.90
N GLU G 114 -26.32 24.74 8.29
CA GLU G 114 -27.22 23.95 7.46
C GLU G 114 -27.34 24.57 6.07
N ARG G 115 -27.34 25.90 5.99
CA ARG G 115 -27.54 26.55 4.70
C ARG G 115 -26.32 26.44 3.80
N PHE G 116 -25.12 26.42 4.36
CA PHE G 116 -23.92 26.31 3.53
C PHE G 116 -23.32 24.92 3.48
N TYR G 117 -23.70 23.99 4.35
CA TYR G 117 -23.05 22.69 4.29
C TYR G 117 -23.99 21.53 4.01
N GLY G 118 -25.30 21.74 4.06
CA GLY G 118 -26.25 20.69 3.73
C GLY G 118 -26.24 19.52 4.69
N SER G 119 -25.88 19.77 5.95
CA SER G 119 -25.72 18.71 6.94
C SER G 119 -26.21 19.23 8.28
N SER G 120 -26.36 18.32 9.23
CA SER G 120 -26.70 18.69 10.59
C SER G 120 -25.48 19.30 11.27
N HIS G 121 -25.67 20.47 11.88
CA HIS G 121 -24.60 21.12 12.62
C HIS G 121 -24.17 20.27 13.82
N ALA G 122 -22.87 19.99 13.92
CA ALA G 122 -22.34 19.26 15.07
C ALA G 122 -22.33 20.10 16.34
N GLY G 123 -22.04 21.39 16.21
CA GLY G 123 -21.77 22.29 17.30
C GLY G 123 -20.53 23.10 16.99
N SER G 124 -19.97 23.72 18.02
CA SER G 124 -18.84 24.63 17.85
C SER G 124 -17.82 24.43 18.98
N TRP G 125 -16.54 24.41 18.61
CA TRP G 125 -15.41 24.39 19.51
C TRP G 125 -14.69 25.73 19.49
N PRO G 126 -13.69 25.93 20.35
CA PRO G 126 -12.91 27.17 20.28
C PRO G 126 -12.18 27.31 18.95
N TYR G 127 -12.20 28.52 18.41
CA TYR G 127 -11.57 28.84 17.14
C TYR G 127 -10.06 28.95 17.31
N GLY G 128 -9.33 28.17 16.53
CA GLY G 128 -7.88 28.15 16.62
C GLY G 128 -7.18 29.28 15.89
N LEU G 129 -7.75 30.50 15.96
CA LEU G 129 -7.08 31.68 15.44
C LEU G 129 -6.71 32.58 16.62
N PRO G 130 -5.57 32.32 17.27
CA PRO G 130 -5.32 32.93 18.59
C PRO G 130 -5.29 34.45 18.59
N GLU G 131 -4.85 35.06 17.48
CA GLU G 131 -4.73 36.51 17.39
C GLU G 131 -6.08 37.22 17.55
N LEU G 132 -7.18 36.54 17.25
CA LEU G 132 -8.50 37.11 17.43
C LEU G 132 -8.73 37.52 18.88
N PRO G 133 -9.32 38.69 19.14
CA PRO G 133 -9.60 39.09 20.51
C PRO G 133 -10.39 38.02 21.25
N GLY G 134 -9.95 37.69 22.46
CA GLY G 134 -10.63 36.72 23.27
C GLY G 134 -10.32 35.27 22.96
N ALA G 135 -9.71 34.98 21.81
CA ALA G 135 -9.50 33.59 21.36
C ALA G 135 -8.41 32.89 22.16
N ARG G 136 -7.24 33.52 22.26
CA ARG G 136 -6.11 32.95 22.98
C ARG G 136 -6.52 32.43 24.36
N ASP G 137 -7.37 33.19 25.06
CA ASP G 137 -7.74 32.79 26.41
C ASP G 137 -8.56 31.51 26.44
N GLN G 138 -9.48 31.34 25.47
CA GLN G 138 -10.23 30.09 25.44
C GLN G 138 -9.35 28.91 25.07
N LEU G 139 -8.31 29.14 24.28
CA LEU G 139 -7.47 28.03 23.84
C LEU G 139 -6.57 27.52 24.97
N ARG G 140 -6.31 28.33 25.98
CA ARG G 140 -5.49 27.90 27.10
C ARG G 140 -6.17 26.73 27.81
N GLY G 141 -5.46 25.61 27.91
CA GLY G 141 -5.92 24.40 28.58
C GLY G 141 -7.23 23.82 28.08
N THR G 142 -7.52 23.87 26.78
CA THR G 142 -8.78 23.28 26.25
C THR G 142 -8.46 21.91 25.64
N ARG G 143 -9.50 21.12 25.36
CA ARG G 143 -9.30 19.74 24.82
C ARG G 143 -9.90 19.63 23.44
N ARG G 144 -10.57 20.68 22.97
CA ARG G 144 -11.18 20.67 21.62
C ARG G 144 -10.82 21.96 20.88
N ILE G 145 -10.29 21.85 19.67
CA ILE G 145 -9.99 23.08 18.90
C ILE G 145 -10.56 22.93 17.49
N ALA G 146 -11.23 23.96 17.00
CA ALA G 146 -11.71 23.95 15.61
C ALA G 146 -10.78 24.86 14.82
N VAL G 147 -9.82 24.29 14.11
CA VAL G 147 -8.84 25.10 13.34
C VAL G 147 -9.57 25.96 12.30
N PRO G 148 -9.17 27.22 12.09
CA PRO G 148 -9.80 28.05 11.07
C PRO G 148 -9.49 27.66 9.62
N GLY G 149 -10.21 28.25 8.67
CA GLY G 149 -10.00 27.98 7.25
C GLY G 149 -8.95 28.89 6.69
N CYS G 150 -8.24 28.46 5.65
CA CYS G 150 -7.17 29.26 5.06
C CYS G 150 -7.64 30.70 4.77
N TYR G 151 -8.79 30.86 4.09
CA TYR G 151 -9.21 32.20 3.68
C TYR G 151 -9.73 33.03 4.85
N PRO G 152 -10.62 32.53 5.71
CA PRO G 152 -10.98 33.31 6.91
C PRO G 152 -9.77 33.81 7.66
N THR G 153 -8.74 32.99 7.77
CA THR G 153 -7.57 33.39 8.54
C THR G 153 -6.95 34.64 7.95
N ALA G 154 -6.67 34.65 6.64
CA ALA G 154 -6.01 35.81 6.05
C ALA G 154 -6.94 37.01 6.07
N ALA G 155 -8.22 36.79 5.82
CA ALA G 155 -9.15 37.89 5.77
C ALA G 155 -9.38 38.49 7.15
N LEU G 156 -9.52 37.64 8.17
CA LEU G 156 -9.81 38.16 9.51
C LEU G 156 -8.65 38.98 10.03
N LEU G 157 -7.42 38.50 9.84
CA LEU G 157 -6.26 39.28 10.27
C LEU G 157 -6.07 40.53 9.43
N ALA G 158 -6.64 40.61 8.24
CA ALA G 158 -6.56 41.84 7.48
C ALA G 158 -7.54 42.90 7.94
N LEU G 159 -8.62 42.54 8.64
CA LEU G 159 -9.77 43.43 8.74
C LEU G 159 -10.27 43.66 10.17
N PHE G 160 -10.09 42.65 11.03
CA PHE G 160 -10.72 42.74 12.35
C PHE G 160 -10.25 43.93 13.17
N PRO G 161 -8.97 44.37 13.14
CA PRO G 161 -8.59 45.54 13.95
C PRO G 161 -9.37 46.79 13.56
N ALA G 162 -9.45 47.10 12.26
CA ALA G 162 -10.19 48.28 11.82
C ALA G 162 -11.65 48.18 12.18
N LEU G 163 -12.23 46.99 12.06
CA LEU G 163 -13.65 46.84 12.33
C LEU G 163 -13.95 46.89 13.82
N ALA G 164 -13.07 46.28 14.64
CA ALA G 164 -13.20 46.38 16.10
C ALA G 164 -13.08 47.83 16.56
N ALA G 165 -12.11 48.56 16.02
CA ALA G 165 -11.90 49.97 16.34
C ALA G 165 -12.98 50.88 15.80
N ASP G 166 -13.94 50.36 15.05
CA ASP G 166 -15.06 51.16 14.55
C ASP G 166 -14.60 52.22 13.54
N LEU G 167 -13.57 51.92 12.76
CA LEU G 167 -13.05 52.86 11.78
C LEU G 167 -13.49 52.56 10.36
N ILE G 168 -14.13 51.42 10.11
CA ILE G 168 -14.69 51.09 8.81
C ILE G 168 -16.19 50.83 8.96
N GLU G 169 -16.88 50.57 7.85
CA GLU G 169 -18.27 50.14 7.95
C GLU G 169 -18.33 48.62 7.88
N PRO G 170 -19.41 47.99 8.45
CA PRO G 170 -19.47 46.52 8.57
C PRO G 170 -19.93 45.85 7.28
N ALA G 171 -19.36 46.27 6.16
CA ALA G 171 -19.61 45.65 4.87
C ALA G 171 -18.26 45.63 4.18
N VAL G 172 -17.75 44.43 3.96
CA VAL G 172 -16.40 44.25 3.51
C VAL G 172 -16.43 43.50 2.20
N THR G 173 -15.41 43.73 1.40
CA THR G 173 -15.18 42.99 0.17
C THR G 173 -13.82 42.33 0.27
N VAL G 174 -13.76 41.02 0.01
CA VAL G 174 -12.50 40.29 0.06
C VAL G 174 -12.29 39.59 -1.25
N VAL G 175 -11.19 39.89 -1.92
CA VAL G 175 -10.74 39.11 -3.05
C VAL G 175 -9.40 38.53 -2.67
N ALA G 176 -9.23 37.22 -2.87
CA ALA G 176 -8.05 36.54 -2.37
C ALA G 176 -7.61 35.53 -3.41
N VAL G 177 -6.36 35.58 -3.78
CA VAL G 177 -5.79 34.61 -4.71
C VAL G 177 -5.06 33.56 -3.90
N SER G 178 -5.18 32.30 -4.31
CA SER G 178 -4.73 31.18 -3.51
C SER G 178 -3.88 30.23 -4.34
N GLY G 179 -2.96 29.54 -3.63
CA GLY G 179 -2.26 28.43 -4.22
C GLY G 179 -3.11 27.17 -4.25
N THR G 180 -2.70 26.21 -5.08
CA THR G 180 -3.54 25.05 -5.33
C THR G 180 -3.55 24.04 -4.19
N SER G 181 -2.62 24.12 -3.23
CA SER G 181 -2.64 23.15 -2.14
C SER G 181 -3.90 23.26 -1.30
N GLY G 182 -4.47 24.47 -1.18
CA GLY G 182 -5.71 24.68 -0.44
C GLY G 182 -6.87 23.86 -0.95
N ALA G 183 -6.83 23.47 -2.21
CA ALA G 183 -7.92 22.68 -2.77
C ALA G 183 -7.80 21.21 -2.41
N GLY G 184 -6.71 20.80 -1.76
CA GLY G 184 -6.57 19.45 -1.27
C GLY G 184 -5.93 18.51 -2.27
N ARG G 185 -5.87 17.24 -1.90
CA ARG G 185 -5.19 16.22 -2.73
C ARG G 185 -6.17 15.36 -3.53
N ALA G 186 -7.45 15.36 -3.19
CA ALA G 186 -8.43 14.61 -3.97
C ALA G 186 -8.30 14.97 -5.45
N ALA G 187 -7.97 13.96 -6.27
CA ALA G 187 -7.69 14.17 -7.69
C ALA G 187 -8.90 14.71 -8.44
N THR G 188 -8.76 15.92 -9.00
CA THR G 188 -9.78 16.56 -9.83
C THR G 188 -9.15 16.92 -11.17
N THR G 189 -9.92 16.79 -12.25
CA THR G 189 -9.40 17.17 -13.55
C THR G 189 -8.99 18.64 -13.60
N ASP G 190 -9.79 19.53 -13.03
CA ASP G 190 -9.47 20.95 -13.15
C ASP G 190 -8.54 21.44 -12.04
N LEU G 191 -7.81 20.53 -11.41
CA LEU G 191 -6.63 20.87 -10.63
C LEU G 191 -5.39 20.15 -11.15
N LEU G 192 -5.45 19.64 -12.38
CA LEU G 192 -4.24 19.18 -13.03
C LEU G 192 -3.28 20.36 -13.23
N GLY G 193 -1.99 20.06 -13.17
CA GLY G 193 -1.00 21.08 -13.47
C GLY G 193 -1.21 21.78 -14.81
N ALA G 194 -1.60 21.03 -15.87
CA ALA G 194 -1.81 21.72 -17.14
C ALA G 194 -2.96 22.71 -17.06
N GLU G 195 -3.97 22.39 -16.24
CA GLU G 195 -5.15 23.24 -16.08
C GLU G 195 -4.83 24.50 -15.30
N VAL G 196 -4.02 24.37 -14.25
CA VAL G 196 -3.79 25.51 -13.36
C VAL G 196 -2.57 26.31 -13.78
N ILE G 197 -1.60 25.68 -14.43
CA ILE G 197 -0.38 26.38 -14.82
C ILE G 197 -0.72 27.37 -15.91
N GLY G 198 -0.45 28.64 -15.65
CA GLY G 198 -0.69 29.69 -16.60
C GLY G 198 -2.13 30.15 -16.70
N SER G 199 -2.97 29.84 -15.70
CA SER G 199 -4.36 30.26 -15.74
C SER G 199 -4.80 30.72 -14.36
N ALA G 200 -5.41 31.90 -14.30
CA ALA G 200 -6.16 32.29 -13.14
C ALA G 200 -7.63 32.14 -13.47
N ARG G 201 -8.44 31.90 -12.43
CA ARG G 201 -9.88 31.79 -12.54
C ARG G 201 -10.45 31.95 -11.13
N ALA G 202 -11.63 32.57 -11.06
CA ALA G 202 -12.38 32.60 -9.80
C ALA G 202 -13.38 31.44 -9.76
N TYR G 203 -13.89 31.17 -8.56
CA TYR G 203 -14.80 30.05 -8.34
C TYR G 203 -15.61 30.37 -7.09
N ASN G 204 -16.81 29.80 -6.99
CA ASN G 204 -17.63 29.98 -5.79
C ASN G 204 -17.86 31.47 -5.52
N ILE G 205 -18.08 32.20 -6.56
CA ILE G 205 -18.17 33.63 -6.44
C ILE G 205 -19.55 34.02 -5.95
N ALA G 206 -19.64 35.26 -5.47
CA ALA G 206 -20.92 35.89 -5.17
C ALA G 206 -21.66 35.17 -4.04
N GLY G 207 -20.92 34.79 -3.00
CA GLY G 207 -21.57 34.38 -1.76
C GLY G 207 -21.98 32.92 -1.70
N VAL G 208 -21.41 32.06 -2.55
CA VAL G 208 -21.65 30.64 -2.45
C VAL G 208 -20.48 29.88 -1.85
N HIS G 209 -19.36 30.55 -1.56
CA HIS G 209 -18.23 29.89 -0.92
C HIS G 209 -18.48 29.72 0.57
N ARG G 210 -18.44 28.48 1.06
CA ARG G 210 -18.66 28.17 2.48
C ARG G 210 -17.80 29.00 3.46
N HIS G 211 -16.76 29.66 2.95
CA HIS G 211 -15.94 30.49 3.82
C HIS G 211 -16.54 31.88 4.05
N THR G 212 -17.51 32.30 3.21
CA THR G 212 -18.14 33.61 3.40
C THR G 212 -18.72 33.77 4.80
N PRO G 213 -19.65 32.93 5.27
CA PRO G 213 -20.14 33.10 6.65
C PRO G 213 -19.07 32.94 7.72
N GLU G 214 -17.96 32.26 7.44
CA GLU G 214 -16.93 32.11 8.47
C GLU G 214 -16.15 33.41 8.64
N ILE G 215 -15.91 34.13 7.55
CA ILE G 215 -15.41 35.50 7.65
C ILE G 215 -16.39 36.38 8.40
N ALA G 216 -17.69 36.21 8.12
CA ALA G 216 -18.71 36.99 8.81
C ALA G 216 -18.60 36.80 10.32
N GLN G 217 -18.89 35.59 10.79
CA GLN G 217 -18.78 35.23 12.21
C GLN G 217 -17.58 35.87 12.89
N GLY G 218 -16.39 35.72 12.31
CA GLY G 218 -15.20 36.26 12.92
C GLY G 218 -15.33 37.76 13.11
N LEU G 219 -15.77 38.44 12.06
CA LEU G 219 -15.93 39.89 12.10
C LEU G 219 -17.02 40.32 13.07
N ARG G 220 -18.17 39.64 13.08
CA ARG G 220 -19.25 40.02 14.00
C ARG G 220 -18.87 39.78 15.44
N ALA G 221 -17.90 38.91 15.67
CA ALA G 221 -17.38 38.73 17.02
C ALA G 221 -16.74 40.01 17.58
N VAL G 222 -16.59 41.04 16.77
CA VAL G 222 -15.94 42.29 17.27
C VAL G 222 -16.86 43.49 17.02
N THR G 223 -18.16 43.26 16.83
CA THR G 223 -19.11 44.36 16.59
C THR G 223 -20.52 43.87 16.93
N ASP G 224 -21.45 44.79 17.11
CA ASP G 224 -22.84 44.44 17.51
C ASP G 224 -23.77 44.45 16.31
N ARG G 225 -23.25 44.73 15.12
CA ARG G 225 -24.13 44.81 13.93
C ARG G 225 -23.91 43.60 13.02
N ASP G 226 -24.85 43.39 12.11
CA ASP G 226 -24.64 42.27 11.17
C ASP G 226 -23.55 42.78 10.22
N VAL G 227 -22.56 41.94 9.93
CA VAL G 227 -21.45 42.34 9.04
C VAL G 227 -21.67 41.67 7.69
N SER G 228 -21.53 42.44 6.61
CA SER G 228 -21.75 41.93 5.24
C SER G 228 -20.39 41.55 4.65
N VAL G 229 -20.34 40.44 3.92
CA VAL G 229 -19.06 39.98 3.33
C VAL G 229 -19.27 39.52 1.89
N SER G 230 -18.66 40.21 0.94
CA SER G 230 -18.58 39.72 -0.42
C SER G 230 -17.18 39.18 -0.55
N PHE G 231 -17.07 37.86 -0.75
CA PHE G 231 -15.75 37.20 -0.83
C PHE G 231 -15.64 36.44 -2.14
N THR G 232 -14.55 36.67 -2.85
CA THR G 232 -14.31 35.98 -4.12
C THR G 232 -12.94 35.34 -4.04
N PRO G 233 -12.83 34.01 -4.21
CA PRO G 233 -11.58 33.30 -4.19
C PRO G 233 -11.06 33.18 -5.62
N VAL G 234 -9.75 33.27 -5.81
CA VAL G 234 -9.12 33.16 -7.15
C VAL G 234 -7.99 32.14 -7.07
N LEU G 235 -7.99 31.20 -7.99
CA LEU G 235 -6.98 30.13 -8.07
C LEU G 235 -5.84 30.62 -8.97
N ILE G 236 -4.60 30.53 -8.52
CA ILE G 236 -3.48 31.03 -9.36
C ILE G 236 -2.43 29.93 -9.47
N PRO G 237 -1.52 29.99 -10.45
CA PRO G 237 -0.49 28.98 -10.61
C PRO G 237 0.50 29.04 -9.45
N ALA G 238 0.18 28.36 -8.37
CA ALA G 238 1.01 28.37 -7.15
C ALA G 238 0.61 27.17 -6.32
N SER G 239 1.54 26.58 -5.58
CA SER G 239 1.17 25.41 -4.76
C SER G 239 0.70 25.89 -3.40
N ARG G 240 1.32 26.93 -2.90
CA ARG G 240 0.96 27.49 -1.57
C ARG G 240 0.79 29.00 -1.70
N GLY G 241 0.14 29.63 -0.73
CA GLY G 241 0.08 31.10 -0.79
C GLY G 241 -1.31 31.66 -0.81
N ILE G 242 -1.55 32.67 0.01
CA ILE G 242 -2.87 33.33 0.01
C ILE G 242 -2.66 34.83 0.19
N LEU G 243 -2.70 35.58 -0.90
CA LEU G 243 -2.67 37.04 -0.87
C LEU G 243 -4.11 37.52 -0.91
N ALA G 244 -4.57 38.11 0.19
CA ALA G 244 -5.94 38.58 0.34
C ALA G 244 -5.96 40.10 0.27
N THR G 245 -6.80 40.63 -0.62
CA THR G 245 -7.11 42.05 -0.72
C THR G 245 -8.50 42.28 -0.13
N CYS G 246 -8.58 43.12 0.88
CA CYS G 246 -9.82 43.36 1.59
C CYS G 246 -10.06 44.85 1.56
N THR G 247 -11.31 45.23 1.32
CA THR G 247 -11.67 46.62 1.21
C THR G 247 -12.98 46.82 1.95
N ALA G 248 -13.22 48.05 2.38
CA ALA G 248 -14.43 48.47 3.11
C ALA G 248 -14.51 49.99 3.03
N ARG G 249 -15.71 50.56 3.13
CA ARG G 249 -15.84 52.04 3.04
C ARG G 249 -15.43 52.66 4.36
N THR G 250 -14.64 53.73 4.31
CA THR G 250 -14.22 54.37 5.57
C THR G 250 -14.29 55.88 5.42
N ARG G 251 -14.10 56.59 6.51
CA ARG G 251 -14.05 58.07 6.53
C ARG G 251 -13.05 58.46 7.62
N SER G 252 -12.15 57.54 7.96
CA SER G 252 -11.14 57.71 9.02
C SER G 252 -9.80 57.98 8.38
N PRO G 253 -8.89 58.72 9.05
CA PRO G 253 -7.58 59.02 8.51
C PRO G 253 -6.69 57.77 8.48
N LEU G 254 -5.71 57.77 7.58
CA LEU G 254 -4.77 56.66 7.46
C LEU G 254 -3.97 56.48 8.74
N SER G 255 -3.60 57.59 9.40
CA SER G 255 -2.79 57.48 10.59
C SER G 255 -3.55 56.77 11.70
N GLN G 256 -4.81 57.11 11.88
CA GLN G 256 -5.63 56.46 12.90
C GLN G 256 -5.81 54.97 12.62
N LEU G 257 -5.83 54.57 11.34
CA LEU G 257 -5.94 53.15 11.02
C LEU G 257 -4.62 52.43 11.27
N ARG G 258 -3.53 52.93 10.68
CA ARG G 258 -2.18 52.48 10.99
C ARG G 258 -2.04 52.25 12.49
N ALA G 259 -2.46 53.26 13.26
CA ALA G 259 -2.49 53.15 14.71
C ALA G 259 -3.18 51.87 15.14
N ALA G 260 -4.49 51.78 14.89
CA ALA G 260 -5.33 50.64 15.31
C ALA G 260 -4.69 49.30 15.00
N TYR G 261 -3.95 49.20 13.89
CA TYR G 261 -3.32 47.94 13.47
C TYR G 261 -2.01 47.72 14.23
N GLU G 262 -1.27 48.79 14.49
CA GLU G 262 -0.02 48.71 15.27
C GLU G 262 -0.39 48.33 16.69
N LYS G 263 -1.40 48.98 17.27
CA LYS G 263 -1.81 48.66 18.66
C LYS G 263 -2.31 47.23 18.81
N ALA G 264 -2.90 46.67 17.75
CA ALA G 264 -3.48 45.31 17.82
C ALA G 264 -2.44 44.22 17.50
N TYR G 265 -1.39 44.54 16.76
CA TYR G 265 -0.43 43.49 16.36
C TYR G 265 0.96 43.73 16.98
N HIS G 266 1.07 44.72 17.85
CA HIS G 266 2.37 45.10 18.46
C HIS G 266 2.95 44.02 19.38
N ALA G 267 2.11 43.15 19.94
CA ALA G 267 2.62 42.07 20.81
C ALA G 267 2.11 40.74 20.28
N GLU G 268 2.09 40.59 18.96
CA GLU G 268 1.68 39.33 18.31
C GLU G 268 2.88 38.85 17.51
N PRO G 269 3.53 37.78 17.96
CA PRO G 269 4.72 37.25 17.32
C PRO G 269 4.62 36.94 15.83
N PHE G 270 3.50 36.40 15.37
CA PHE G 270 3.39 35.95 13.96
C PHE G 270 2.97 37.09 13.04
N ILE G 271 2.07 37.97 13.48
CA ILE G 271 1.63 39.09 12.59
C ILE G 271 2.76 40.09 12.37
N TYR G 272 2.98 40.47 11.11
CA TYR G 272 4.02 41.44 10.75
C TYR G 272 3.45 42.58 9.91
N LEU G 273 3.45 43.79 10.47
CA LEU G 273 3.09 44.97 9.68
C LEU G 273 4.25 45.36 8.79
N MET G 274 3.96 45.65 7.52
CA MET G 274 5.00 46.08 6.62
C MET G 274 5.44 47.50 6.96
N PRO G 275 6.70 47.81 6.77
CA PRO G 275 7.11 49.22 6.78
C PRO G 275 6.29 50.01 5.77
N GLU G 276 6.19 51.32 5.94
CA GLU G 276 5.51 52.14 4.95
C GLU G 276 6.29 52.08 3.64
N GLY G 277 5.56 51.97 2.52
CA GLY G 277 6.21 51.79 1.24
C GLY G 277 6.52 50.35 0.88
N GLN G 278 6.01 49.39 1.65
CA GLN G 278 6.23 47.97 1.36
C GLN G 278 4.89 47.23 1.42
N LEU G 279 4.83 46.13 0.69
CA LEU G 279 3.54 45.49 0.56
C LEU G 279 3.75 43.99 0.71
N PRO G 280 2.81 43.30 1.34
CA PRO G 280 2.97 41.86 1.54
C PRO G 280 3.11 41.14 0.22
N ARG G 281 3.76 39.99 0.29
CA ARG G 281 3.88 39.11 -0.86
C ARG G 281 3.93 37.68 -0.33
N THR G 282 3.13 36.80 -0.91
CA THR G 282 3.06 35.43 -0.38
C THR G 282 4.42 34.76 -0.32
N GLY G 283 5.36 35.18 -1.17
CA GLY G 283 6.66 34.54 -1.20
C GLY G 283 7.44 34.65 0.10
N ALA G 284 7.25 35.73 0.85
CA ALA G 284 8.03 35.95 2.07
C ALA G 284 7.52 35.13 3.26
N VAL G 285 6.29 34.62 3.20
CA VAL G 285 5.71 33.89 4.32
C VAL G 285 5.69 32.38 4.11
N ILE G 286 6.23 31.87 3.02
CA ILE G 286 6.04 30.47 2.69
C ILE G 286 6.94 29.61 3.56
N GLY G 287 6.34 28.61 4.21
CA GLY G 287 7.04 27.80 5.18
C GLY G 287 7.09 28.38 6.58
N SER G 288 6.35 29.46 6.84
CA SER G 288 6.33 30.10 8.15
C SER G 288 4.89 30.28 8.60
N ASN G 289 4.73 30.43 9.91
CA ASN G 289 3.45 30.74 10.54
C ASN G 289 3.12 32.25 10.53
N ALA G 290 3.80 33.05 9.73
CA ALA G 290 3.67 34.51 9.74
C ALA G 290 2.53 34.99 8.84
N ALA G 291 2.09 36.22 9.11
CA ALA G 291 1.09 36.91 8.30
C ALA G 291 1.57 38.32 8.06
N HIS G 292 1.75 38.69 6.79
CA HIS G 292 2.25 40.02 6.43
C HIS G 292 1.07 40.87 6.02
N ILE G 293 0.94 42.04 6.62
CA ILE G 293 -0.27 42.84 6.52
C ILE G 293 0.13 44.27 6.21
N ALA G 294 -0.54 44.86 5.22
CA ALA G 294 -0.36 46.28 4.92
C ALA G 294 -1.74 46.87 4.78
N VAL G 295 -1.87 48.13 5.17
CA VAL G 295 -3.13 48.85 5.03
C VAL G 295 -2.86 50.18 4.35
N ALA G 296 -3.91 50.73 3.74
CA ALA G 296 -3.84 52.01 3.08
C ALA G 296 -5.26 52.53 2.96
N VAL G 297 -5.39 53.81 2.60
CA VAL G 297 -6.69 54.39 2.33
C VAL G 297 -6.74 54.92 0.89
N ASP G 298 -7.82 54.58 0.19
CA ASP G 298 -8.16 55.13 -1.13
C ASP G 298 -9.10 56.32 -0.90
N GLU G 299 -8.54 57.51 -0.75
CA GLU G 299 -9.34 58.66 -0.35
C GLU G 299 -10.32 59.09 -1.44
N ASP G 300 -9.92 59.00 -2.71
CA ASP G 300 -10.88 59.30 -3.77
C ASP G 300 -12.05 58.32 -3.75
N ALA G 301 -11.81 57.10 -3.28
CA ALA G 301 -12.82 56.05 -3.25
C ALA G 301 -13.43 55.87 -1.87
N GLN G 302 -12.92 56.58 -0.86
CA GLN G 302 -13.36 56.40 0.52
C GLN G 302 -13.28 54.94 0.94
N THR G 303 -12.21 54.27 0.49
CA THR G 303 -12.05 52.84 0.69
C THR G 303 -10.79 52.54 1.48
N PHE G 304 -10.96 51.75 2.55
CA PHE G 304 -9.84 51.18 3.28
C PHE G 304 -9.36 49.94 2.54
N VAL G 305 -8.05 49.86 2.28
CA VAL G 305 -7.42 48.70 1.65
C VAL G 305 -6.53 48.01 2.68
N ALA G 306 -6.70 46.71 2.84
CA ALA G 306 -5.85 45.93 3.71
C ALA G 306 -5.44 44.68 2.95
N ILE G 307 -4.14 44.46 2.83
CA ILE G 307 -3.60 43.32 2.12
C ILE G 307 -2.93 42.42 3.14
N ALA G 308 -3.06 41.10 2.94
CA ALA G 308 -2.62 40.12 3.92
C ALA G 308 -2.09 38.92 3.17
N ALA G 309 -0.93 38.44 3.59
CA ALA G 309 -0.28 37.31 2.96
C ALA G 309 -0.04 36.27 4.04
N ILE G 310 -0.57 35.07 3.83
CA ILE G 310 -0.27 33.90 4.67
C ILE G 310 0.05 32.71 3.77
N ASP G 311 0.73 31.74 4.35
CA ASP G 311 0.84 30.40 3.78
C ASP G 311 -0.42 29.64 4.18
N ASN G 312 -1.20 29.19 3.18
CA ASN G 312 -2.46 28.53 3.52
C ASN G 312 -2.22 27.23 4.28
N LEU G 313 -1.11 26.57 4.01
CA LEU G 313 -0.80 25.36 4.76
C LEU G 313 -0.25 25.64 6.16
N VAL G 314 0.30 26.83 6.43
CA VAL G 314 0.80 27.07 7.77
C VAL G 314 -0.19 27.89 8.60
N LYS G 315 -0.09 29.22 8.59
CA LYS G 315 -0.99 29.98 9.46
C LYS G 315 -2.45 29.83 9.03
N GLY G 316 -2.72 29.31 7.83
CA GLY G 316 -4.08 28.99 7.47
C GLY G 316 -4.58 27.63 7.96
N THR G 317 -3.67 26.70 8.31
CA THR G 317 -4.06 25.37 8.79
C THR G 317 -3.12 24.73 9.80
N ALA G 318 -2.01 24.17 9.32
CA ALA G 318 -1.18 23.35 10.20
C ALA G 318 -0.42 24.19 11.21
N GLY G 319 0.02 25.38 10.80
CA GLY G 319 0.63 26.30 11.75
C GLY G 319 -0.35 26.72 12.85
N ALA G 320 -1.59 27.06 12.47
CA ALA G 320 -2.59 27.32 13.48
C ALA G 320 -2.81 26.08 14.35
N ALA G 321 -2.91 24.90 13.72
CA ALA G 321 -3.14 23.69 14.49
C ALA G 321 -2.08 23.51 15.57
N VAL G 322 -0.80 23.71 15.21
CA VAL G 322 0.25 23.44 16.19
C VAL G 322 0.36 24.58 17.21
N GLN G 323 0.23 25.82 16.73
CA GLN G 323 0.19 26.97 17.62
C GLN G 323 -0.91 26.81 18.68
N SER G 324 -2.09 26.35 18.28
CA SER G 324 -3.17 26.13 19.25
C SER G 324 -2.89 24.92 20.13
N MET G 325 -2.19 23.92 19.59
CA MET G 325 -1.77 22.79 20.39
C MET G 325 -0.93 23.27 21.58
N ASN G 326 0.15 23.99 21.28
CA ASN G 326 1.00 24.55 22.32
C ASN G 326 0.18 25.27 23.40
N LEU G 327 -0.77 26.12 22.98
CA LEU G 327 -1.58 26.85 23.96
C LEU G 327 -2.32 25.91 24.90
N ALA G 328 -3.00 24.91 24.33
CA ALA G 328 -3.82 24.00 25.12
C ALA G 328 -2.97 23.05 25.96
N LEU G 329 -1.78 22.72 25.47
CA LEU G 329 -0.84 21.89 26.22
C LEU G 329 -0.01 22.69 27.20
N GLY G 330 -0.26 24.00 27.30
CA GLY G 330 0.55 24.87 28.14
C GLY G 330 2.00 24.93 27.73
N TRP G 331 2.27 24.92 26.45
CA TRP G 331 3.62 25.07 25.97
C TRP G 331 3.79 26.46 25.37
N PRO G 332 5.03 27.00 25.34
CA PRO G 332 5.26 28.27 24.65
C PRO G 332 4.56 28.34 23.30
N GLU G 333 3.70 29.34 23.12
CA GLU G 333 2.86 29.40 21.92
C GLU G 333 3.66 29.29 20.63
N THR G 334 4.91 29.76 20.64
CA THR G 334 5.74 29.85 19.45
C THR G 334 6.57 28.59 19.19
N ASP G 335 6.42 27.53 20.01
CA ASP G 335 7.20 26.32 19.78
C ASP G 335 6.82 25.69 18.42
N GLY G 336 7.83 25.47 17.57
CA GLY G 336 7.67 24.87 16.27
C GLY G 336 7.33 25.82 15.13
N LEU G 337 7.13 27.09 15.42
CA LEU G 337 6.49 28.03 14.49
C LEU G 337 7.41 29.19 14.17
N SER G 338 8.29 29.03 13.19
CA SER G 338 9.13 30.12 12.71
C SER G 338 8.30 31.19 11.99
N VAL G 339 8.83 32.42 11.99
CA VAL G 339 8.26 33.48 11.17
C VAL G 339 9.10 33.77 9.94
N VAL G 340 10.14 32.98 9.69
CA VAL G 340 11.10 33.19 8.62
C VAL G 340 10.75 32.27 7.46
N GLY G 341 10.17 32.84 6.39
CA GLY G 341 9.75 32.04 5.26
C GLY G 341 10.86 31.78 4.25
N VAL G 342 10.66 30.74 3.46
CA VAL G 342 11.68 30.27 2.53
C VAL G 342 11.45 30.98 1.20
N ALA G 343 12.25 31.99 0.91
CA ALA G 343 12.19 32.67 -0.38
C ALA G 343 13.57 32.77 -1.00
N PRO G 344 13.68 32.82 -2.34
CA PRO G 344 12.63 32.83 -3.37
C PRO G 344 12.13 31.44 -3.73
N ALA H 1 31.70 32.80 21.45
CA ALA H 1 30.49 33.47 20.93
C ALA H 1 30.79 34.03 19.53
N THR H 2 30.94 33.13 18.58
CA THR H 2 31.26 33.47 17.17
C THR H 2 30.40 34.61 16.65
N LYS H 3 31.03 35.71 16.26
CA LYS H 3 30.33 36.86 15.64
C LYS H 3 30.25 36.56 14.15
N VAL H 4 29.08 36.63 13.53
CA VAL H 4 29.06 36.29 12.07
C VAL H 4 28.68 37.50 11.24
N ALA H 5 29.46 37.74 10.19
CA ALA H 5 29.23 38.84 9.24
C ALA H 5 29.00 38.20 7.88
N VAL H 6 28.12 38.76 7.07
CA VAL H 6 27.84 38.21 5.71
C VAL H 6 28.06 39.31 4.69
N ALA H 7 28.94 39.07 3.74
CA ALA H 7 29.22 40.03 2.68
C ALA H 7 28.48 39.60 1.42
N GLY H 8 27.67 40.50 0.88
CA GLY H 8 26.84 40.17 -0.26
C GLY H 8 25.56 39.56 0.27
N ALA H 9 25.08 40.13 1.39
CA ALA H 9 23.87 39.69 2.04
C ALA H 9 22.62 40.15 1.33
N SER H 10 22.76 40.97 0.29
CA SER H 10 21.63 41.39 -0.52
C SER H 10 21.21 40.28 -1.50
N GLY H 11 22.15 39.39 -1.87
CA GLY H 11 21.95 38.41 -2.91
C GLY H 11 21.10 37.24 -2.45
N TYR H 12 20.95 36.28 -3.35
CA TYR H 12 20.17 35.09 -3.01
C TYR H 12 20.94 34.20 -2.06
N ALA H 13 22.22 33.97 -2.34
CA ALA H 13 23.03 33.15 -1.44
C ALA H 13 23.10 33.77 -0.05
N GLY H 14 23.45 35.07 0.01
CA GLY H 14 23.60 35.70 1.32
C GLY H 14 22.31 35.74 2.11
N GLY H 15 21.19 35.96 1.43
CA GLY H 15 19.90 35.83 2.08
C GLY H 15 19.61 34.42 2.56
N GLU H 16 20.12 33.41 1.85
CA GLU H 16 19.79 32.04 2.25
C GLU H 16 20.66 31.59 3.41
N ILE H 17 21.88 32.11 3.51
CA ILE H 17 22.73 31.86 4.67
C ILE H 17 22.09 32.41 5.94
N LEU H 18 21.58 33.64 5.86
CA LEU H 18 20.97 34.30 7.02
C LEU H 18 19.74 33.56 7.51
N ARG H 19 18.91 33.05 6.59
CA ARG H 19 17.73 32.29 7.02
C ARG H 19 18.15 31.11 7.86
N LEU H 20 19.22 30.42 7.44
CA LEU H 20 19.72 29.27 8.18
C LEU H 20 20.29 29.68 9.53
N LEU H 21 21.20 30.67 9.53
CA LEU H 21 21.71 31.26 10.77
C LEU H 21 20.57 31.71 11.70
N LEU H 22 19.52 32.30 11.12
CA LEU H 22 18.42 32.77 11.93
C LEU H 22 17.72 31.66 12.70
N GLY H 23 17.89 30.39 12.29
CA GLY H 23 17.22 29.29 12.94
C GLY H 23 18.20 28.24 13.40
N HIS H 24 19.47 28.62 13.42
CA HIS H 24 20.52 27.76 13.95
C HIS H 24 20.42 27.72 15.48
N PRO H 25 20.69 26.56 16.09
CA PRO H 25 20.53 26.46 17.56
C PRO H 25 21.53 27.29 18.33
N ALA H 26 22.66 27.66 17.70
CA ALA H 26 23.65 28.48 18.39
C ALA H 26 23.25 29.94 18.37
N TYR H 27 22.57 30.36 17.30
CA TYR H 27 21.91 31.65 17.31
C TYR H 27 20.88 31.70 18.41
N ALA H 28 20.24 30.56 18.68
CA ALA H 28 19.15 30.52 19.65
C ALA H 28 19.66 30.72 21.07
N ASP H 29 20.73 30.00 21.46
CA ASP H 29 21.25 30.10 22.82
C ASP H 29 22.27 31.21 22.99
N GLY H 30 22.68 31.88 21.92
CA GLY H 30 23.59 32.99 22.01
C GLY H 30 25.04 32.70 21.66
N ARG H 31 25.37 31.46 21.29
CA ARG H 31 26.74 31.15 20.88
C ARG H 31 27.08 31.77 19.53
N LEU H 32 26.07 32.05 18.71
CA LEU H 32 26.25 32.71 17.41
C LEU H 32 25.51 34.04 17.42
N ARG H 33 26.18 35.10 16.98
CA ARG H 33 25.57 36.42 16.83
C ARG H 33 25.74 36.87 15.39
N ILE H 34 24.69 37.46 14.84
CA ILE H 34 24.70 37.91 13.44
C ILE H 34 25.12 39.37 13.45
N GLY H 35 26.22 39.66 12.78
CA GLY H 35 26.80 40.99 12.79
C GLY H 35 26.63 41.69 11.47
N ALA H 36 27.74 42.08 10.85
CA ALA H 36 27.71 42.95 9.70
C ALA H 36 27.02 42.30 8.52
N LEU H 37 26.20 43.09 7.84
CA LEU H 37 25.52 42.69 6.59
C LEU H 37 25.94 43.71 5.54
N THR H 38 26.83 43.32 4.65
CA THR H 38 27.41 44.27 3.67
C THR H 38 27.13 43.88 2.22
N ALA H 39 26.89 44.89 1.40
CA ALA H 39 26.64 44.68 -0.04
C ALA H 39 27.59 45.59 -0.82
N ALA H 40 27.00 46.46 -1.63
CA ALA H 40 27.77 47.39 -2.47
C ALA H 40 26.86 48.55 -2.80
N THR H 41 26.15 48.43 -3.91
CA THR H 41 25.23 49.50 -4.36
C THR H 41 24.09 49.64 -3.36
N SER H 42 23.58 48.51 -2.86
CA SER H 42 22.38 48.52 -1.98
C SER H 42 22.74 48.61 -0.50
N ALA H 43 23.72 49.42 -0.15
CA ALA H 43 24.12 49.66 1.25
C ALA H 43 23.56 51.02 1.61
N GLY H 44 23.14 51.19 2.86
CA GLY H 44 22.48 52.41 3.32
C GLY H 44 21.01 52.10 3.45
N SER H 45 20.60 51.10 2.67
CA SER H 45 19.23 50.56 2.70
C SER H 45 19.18 49.46 3.77
N THR H 46 18.00 48.92 3.96
CA THR H 46 17.75 47.92 4.99
C THR H 46 17.45 46.55 4.38
N LEU H 47 17.66 45.51 5.20
CA LEU H 47 17.55 44.15 4.68
C LEU H 47 16.13 43.81 4.26
N GLY H 48 15.14 44.40 4.94
CA GLY H 48 13.76 44.17 4.56
C GLY H 48 13.50 44.47 3.11
N GLU H 49 14.23 45.42 2.54
CA GLU H 49 13.95 45.82 1.16
C GLU H 49 14.51 44.86 0.13
N HIS H 50 15.37 43.94 0.54
CA HIS H 50 15.91 42.90 -0.33
C HIS H 50 15.33 41.54 -0.03
N HIS H 51 15.11 41.25 1.24
CA HIS H 51 14.64 39.94 1.70
C HIS H 51 13.51 40.16 2.67
N PRO H 52 12.32 40.51 2.18
CA PRO H 52 11.20 40.70 3.09
C PRO H 52 10.82 39.44 3.86
N HIS H 53 11.40 38.28 3.55
CA HIS H 53 11.07 37.11 4.36
C HIS H 53 11.81 37.09 5.68
N LEU H 54 13.03 37.65 5.76
CA LEU H 54 13.85 37.61 6.97
C LEU H 54 13.46 38.78 7.88
N THR H 55 12.26 38.69 8.43
CA THR H 55 11.72 39.80 9.18
C THR H 55 12.48 40.07 10.47
N PRO H 56 13.03 39.08 11.17
CA PRO H 56 13.83 39.42 12.37
C PRO H 56 14.99 40.36 12.08
N LEU H 57 15.46 40.42 10.84
CA LEU H 57 16.56 41.26 10.42
C LEU H 57 16.12 42.41 9.54
N ALA H 58 14.81 42.60 9.34
CA ALA H 58 14.32 43.55 8.36
C ALA H 58 14.83 44.97 8.64
N HIS H 59 15.09 45.30 9.90
CA HIS H 59 15.49 46.66 10.22
C HIS H 59 16.99 46.90 10.01
N ARG H 60 17.80 45.85 9.90
CA ARG H 60 19.24 46.03 9.79
C ARG H 60 19.62 46.81 8.54
N VAL H 61 20.67 47.59 8.65
CA VAL H 61 21.14 48.44 7.56
C VAL H 61 22.29 47.74 6.87
N VAL H 62 22.24 47.69 5.55
CA VAL H 62 23.36 47.15 4.78
C VAL H 62 24.49 48.17 4.77
N GLU H 63 25.71 47.67 5.00
CA GLU H 63 26.92 48.45 5.00
C GLU H 63 27.75 48.08 3.79
N PRO H 64 28.81 48.83 3.49
CA PRO H 64 29.66 48.48 2.35
C PRO H 64 30.58 47.31 2.66
N THR H 65 31.06 46.69 1.58
CA THR H 65 31.88 45.49 1.67
C THR H 65 33.35 45.87 1.84
N GLU H 66 33.68 46.32 3.06
CA GLU H 66 35.00 46.84 3.39
C GLU H 66 35.58 46.08 4.58
N ALA H 67 36.84 45.66 4.46
CA ALA H 67 37.46 44.84 5.51
C ALA H 67 37.39 45.56 6.86
N ALA H 68 37.41 46.89 6.84
CA ALA H 68 37.25 47.67 8.05
C ALA H 68 35.90 47.47 8.73
N VAL H 69 34.94 46.84 8.05
CA VAL H 69 33.63 46.54 8.61
C VAL H 69 33.47 45.06 8.90
N LEU H 70 33.89 44.21 7.95
CA LEU H 70 33.92 42.78 8.16
C LEU H 70 34.92 42.39 9.23
N GLY H 71 35.81 43.31 9.59
CA GLY H 71 36.72 43.06 10.69
C GLY H 71 35.97 42.98 12.00
N GLY H 72 36.54 42.26 12.95
CA GLY H 72 35.92 42.08 14.24
C GLY H 72 34.90 40.97 14.31
N HIS H 73 34.89 40.06 13.33
CA HIS H 73 33.97 38.94 13.29
C HIS H 73 34.76 37.65 13.20
N ASP H 74 34.29 36.62 13.91
CA ASP H 74 35.01 35.35 13.97
C ASP H 74 34.83 34.55 12.69
N ALA H 75 33.63 34.54 12.13
CA ALA H 75 33.37 33.93 10.84
C ALA H 75 32.86 34.99 9.86
N VAL H 76 33.40 35.01 8.65
CA VAL H 76 32.94 35.91 7.61
C VAL H 76 32.49 35.07 6.42
N PHE H 77 31.27 35.33 5.93
CA PHE H 77 30.72 34.67 4.75
C PHE H 77 30.80 35.58 3.53
N LEU H 78 31.40 35.10 2.44
CA LEU H 78 31.46 35.84 1.18
C LEU H 78 30.47 35.25 0.19
N ALA H 79 29.42 36.01 -0.11
CA ALA H 79 28.40 35.64 -1.11
C ALA H 79 28.46 36.64 -2.26
N LEU H 80 29.55 36.58 -2.99
CA LEU H 80 29.94 37.60 -3.95
C LEU H 80 30.21 36.96 -5.29
N PRO H 81 30.22 37.76 -6.36
CA PRO H 81 30.74 37.25 -7.64
C PRO H 81 32.20 36.89 -7.50
N HIS H 82 32.65 35.94 -8.33
CA HIS H 82 34.05 35.58 -8.32
C HIS H 82 34.92 36.82 -8.57
N GLY H 83 36.16 36.76 -8.07
CA GLY H 83 37.12 37.86 -8.26
C GLY H 83 37.19 38.82 -7.11
N HIS H 84 36.43 38.60 -6.04
CA HIS H 84 36.50 39.58 -4.92
C HIS H 84 37.00 38.90 -3.65
N SER H 85 36.92 37.57 -3.59
CA SER H 85 37.29 36.77 -2.40
C SER H 85 38.79 36.84 -2.11
N ALA H 86 39.64 36.62 -3.09
CA ALA H 86 41.10 36.66 -2.85
C ALA H 86 41.51 37.99 -2.23
N VAL H 87 41.13 39.08 -2.88
CA VAL H 87 41.46 40.46 -2.41
C VAL H 87 40.92 40.65 -0.99
N LEU H 88 39.69 40.22 -0.72
CA LEU H 88 39.06 40.39 0.61
C LEU H 88 39.67 39.44 1.64
N ALA H 89 40.28 38.35 1.20
CA ALA H 89 40.91 37.39 2.12
C ALA H 89 42.20 38.00 2.65
N GLN H 90 42.85 38.80 1.80
CA GLN H 90 44.14 39.48 2.10
C GLN H 90 43.94 40.57 3.16
N GLN H 91 42.73 41.15 3.24
CA GLN H 91 42.50 42.24 4.22
C GLN H 91 41.81 41.72 5.46
N LEU H 92 41.66 40.40 5.62
CA LEU H 92 41.04 39.85 6.84
C LEU H 92 42.06 38.98 7.55
N SER H 93 41.87 38.76 8.85
CA SER H 93 42.85 38.04 9.66
C SER H 93 42.94 36.58 9.24
N PRO H 94 44.15 36.01 9.18
CA PRO H 94 44.29 34.59 8.86
C PRO H 94 43.60 33.68 9.84
N GLU H 95 43.13 34.21 10.97
CA GLU H 95 42.43 33.41 11.96
C GLU H 95 40.92 33.49 11.84
N THR H 96 40.39 34.52 11.16
CA THR H 96 38.96 34.59 10.91
C THR H 96 38.55 33.45 9.99
N LEU H 97 37.54 32.68 10.42
CA LEU H 97 36.97 31.66 9.55
C LEU H 97 36.29 32.29 8.35
N ILE H 98 36.89 32.14 7.17
CA ILE H 98 36.34 32.70 5.94
C ILE H 98 35.75 31.56 5.10
N ILE H 99 34.44 31.65 4.87
CA ILE H 99 33.69 30.68 4.03
C ILE H 99 33.24 31.44 2.78
N ASP H 100 33.70 31.01 1.60
CA ASP H 100 33.39 31.74 0.35
C ASP H 100 32.51 30.89 -0.57
N CYS H 101 31.53 31.55 -1.18
CA CYS H 101 30.53 30.91 -2.06
C CYS H 101 30.91 31.05 -3.53
N GLY H 102 31.96 31.80 -3.84
CA GLY H 102 32.40 31.96 -5.25
C GLY H 102 33.28 30.81 -5.72
N ALA H 103 33.82 30.92 -6.93
CA ALA H 103 34.68 29.86 -7.47
C ALA H 103 36.15 30.23 -7.31
N ASP H 104 36.42 31.41 -6.77
CA ASP H 104 37.78 31.97 -6.57
C ASP H 104 38.74 30.90 -6.07
N PHE H 105 38.39 30.22 -4.98
CA PHE H 105 39.30 29.19 -4.42
C PHE H 105 38.71 27.79 -4.52
N ARG H 106 38.18 27.37 -5.67
CA ARG H 106 37.62 26.01 -5.72
C ARG H 106 38.50 25.10 -6.57
N LEU H 107 39.05 25.65 -7.64
CA LEU H 107 39.81 24.86 -8.59
C LEU H 107 41.24 24.65 -8.11
N THR H 108 41.74 23.43 -8.28
CA THR H 108 43.10 23.10 -7.89
C THR H 108 44.11 23.18 -9.04
N ASP H 109 43.68 23.48 -10.26
CA ASP H 109 44.56 23.57 -11.41
C ASP H 109 44.53 24.99 -11.96
N ALA H 110 45.68 25.64 -11.98
CA ALA H 110 45.72 27.05 -12.36
C ALA H 110 45.32 27.23 -13.82
N ALA H 111 45.80 26.35 -14.70
CA ALA H 111 45.61 26.58 -16.13
C ALA H 111 44.14 26.50 -16.50
N VAL H 112 43.40 25.59 -15.88
CA VAL H 112 41.98 25.49 -16.19
C VAL H 112 41.22 26.67 -15.60
N TRP H 113 41.58 27.11 -14.38
CA TRP H 113 40.94 28.33 -13.87
C TRP H 113 41.02 29.44 -14.89
N GLU H 114 42.24 29.74 -15.34
CA GLU H 114 42.46 30.77 -16.33
C GLU H 114 41.64 30.53 -17.60
N ARG H 115 41.40 29.27 -17.96
CA ARG H 115 40.72 28.98 -19.22
C ARG H 115 39.24 29.36 -19.15
N PHE H 116 38.50 28.79 -18.19
CA PHE H 116 37.07 29.03 -18.08
C PHE H 116 36.73 30.37 -17.45
N TYR H 117 37.68 31.05 -16.81
CA TYR H 117 37.41 32.34 -16.18
C TYR H 117 38.23 33.50 -16.74
N GLY H 118 39.53 33.30 -16.98
CA GLY H 118 40.39 34.36 -17.50
C GLY H 118 40.90 35.31 -16.43
N SER H 119 41.60 34.78 -15.43
CA SER H 119 42.21 35.59 -14.39
C SER H 119 43.36 34.80 -13.77
N SER H 120 44.06 35.43 -12.85
CA SER H 120 45.02 34.68 -12.06
C SER H 120 44.27 33.69 -11.19
N HIS H 121 44.79 32.47 -11.11
CA HIS H 121 44.20 31.47 -10.24
C HIS H 121 44.56 31.77 -8.80
N ALA H 122 43.59 32.29 -8.03
CA ALA H 122 43.87 32.73 -6.67
C ALA H 122 44.46 31.61 -5.81
N GLY H 123 43.99 30.39 -6.00
CA GLY H 123 44.55 29.30 -5.19
C GLY H 123 43.50 28.27 -4.85
N SER H 124 43.77 27.45 -3.83
CA SER H 124 42.83 26.36 -3.47
C SER H 124 42.56 26.39 -1.96
N TRP H 125 41.29 26.28 -1.60
CA TRP H 125 40.84 26.19 -0.19
C TRP H 125 40.09 24.87 -0.02
N PRO H 126 39.95 24.32 1.20
CA PRO H 126 39.21 23.07 1.39
C PRO H 126 37.81 23.19 0.79
N TYR H 127 37.48 22.25 -0.10
CA TYR H 127 36.19 22.21 -0.83
C TYR H 127 35.09 21.82 0.15
N GLY H 128 34.05 22.64 0.29
CA GLY H 128 32.93 22.41 1.24
C GLY H 128 31.94 21.34 0.83
N LEU H 129 32.39 20.12 0.58
CA LEU H 129 31.53 18.97 0.23
C LEU H 129 31.86 17.87 1.21
N PRO H 130 31.35 17.92 2.46
CA PRO H 130 31.69 16.96 3.49
C PRO H 130 31.42 15.50 3.13
N GLU H 131 30.46 15.22 2.24
CA GLU H 131 30.16 13.81 1.86
C GLU H 131 31.24 13.28 0.93
N LEU H 132 31.96 14.16 0.23
CA LEU H 132 33.06 13.70 -0.66
C LEU H 132 34.08 12.94 0.19
N PRO H 133 34.60 11.79 -0.25
CA PRO H 133 35.53 11.00 0.53
C PRO H 133 36.73 11.81 1.05
N GLY H 134 36.95 11.74 2.36
CA GLY H 134 38.07 12.42 3.04
C GLY H 134 37.96 13.92 3.00
N ALA H 135 36.94 14.47 2.34
CA ALA H 135 36.83 15.93 2.30
C ALA H 135 36.42 16.48 3.66
N ARG H 136 35.57 15.75 4.38
CA ARG H 136 35.17 16.17 5.72
C ARG H 136 36.39 16.38 6.61
N ASP H 137 37.32 15.42 6.62
CA ASP H 137 38.54 15.54 7.41
C ASP H 137 39.23 16.87 7.20
N GLN H 138 39.18 17.42 5.99
CA GLN H 138 39.86 18.67 5.68
C GLN H 138 39.09 19.90 6.14
N LEU H 139 37.86 19.74 6.61
CA LEU H 139 37.08 20.88 7.06
C LEU H 139 36.99 20.97 8.58
N ARG H 140 37.27 19.90 9.29
CA ARG H 140 37.25 19.97 10.73
C ARG H 140 38.23 21.05 11.16
N GLY H 141 37.75 22.03 11.92
CA GLY H 141 38.59 23.06 12.50
C GLY H 141 39.30 23.99 11.52
N THR H 142 39.12 23.84 10.22
CA THR H 142 39.78 24.74 9.27
C THR H 142 39.26 26.17 9.42
N ARG H 143 39.96 27.10 8.76
CA ARG H 143 39.53 28.49 8.71
C ARG H 143 39.25 29.01 7.31
N ARG H 144 39.55 28.24 6.26
CA ARG H 144 39.27 28.62 4.88
C ARG H 144 38.45 27.53 4.22
N ILE H 145 37.34 27.93 3.57
CA ILE H 145 36.39 27.00 2.98
C ILE H 145 35.99 27.54 1.60
N ALA H 146 36.01 26.67 0.59
CA ALA H 146 35.45 27.01 -0.72
C ALA H 146 34.25 26.13 -0.94
N VAL H 147 33.05 26.73 -0.96
CA VAL H 147 31.80 25.98 -1.05
C VAL H 147 31.64 25.53 -2.50
N PRO H 148 31.09 24.35 -2.77
CA PRO H 148 30.94 23.91 -4.16
C PRO H 148 29.82 24.66 -4.87
N GLY H 149 29.87 24.65 -6.19
CA GLY H 149 28.77 25.20 -6.98
C GLY H 149 27.51 24.36 -6.83
N CYS H 150 26.37 25.01 -7.11
CA CYS H 150 25.10 24.29 -6.99
C CYS H 150 25.06 23.06 -7.91
N TYR H 151 25.44 23.20 -9.19
CA TYR H 151 25.41 22.05 -10.10
C TYR H 151 26.41 20.98 -9.70
N PRO H 152 27.72 21.27 -9.53
CA PRO H 152 28.67 20.21 -9.13
C PRO H 152 28.26 19.44 -7.89
N THR H 153 27.55 20.09 -6.96
CA THR H 153 27.12 19.36 -5.77
C THR H 153 26.19 18.21 -6.14
N ALA H 154 25.20 18.46 -7.02
CA ALA H 154 24.27 17.41 -7.40
C ALA H 154 24.94 16.31 -8.19
N ALA H 155 25.87 16.68 -9.07
CA ALA H 155 26.48 15.71 -9.98
C ALA H 155 27.45 14.78 -9.24
N LEU H 156 28.35 15.36 -8.44
CA LEU H 156 29.32 14.57 -7.71
C LEU H 156 28.63 13.56 -6.80
N LEU H 157 27.65 14.03 -6.03
CA LEU H 157 26.91 13.14 -5.17
C LEU H 157 26.37 11.94 -5.94
N ALA H 158 25.73 12.19 -7.09
CA ALA H 158 25.15 11.13 -7.89
C ALA H 158 26.18 10.20 -8.50
N LEU H 159 27.42 10.67 -8.71
CA LEU H 159 28.39 9.98 -9.54
C LEU H 159 29.57 9.39 -8.78
N PHE H 160 30.06 10.05 -7.72
CA PHE H 160 31.32 9.61 -7.15
C PHE H 160 31.28 8.19 -6.62
N PRO H 161 30.28 7.76 -5.86
CA PRO H 161 30.35 6.38 -5.33
C PRO H 161 30.49 5.33 -6.42
N ALA H 162 29.88 5.52 -7.58
CA ALA H 162 29.94 4.49 -8.61
C ALA H 162 31.26 4.54 -9.35
N LEU H 163 31.77 5.75 -9.56
CA LEU H 163 33.09 5.86 -10.18
C LEU H 163 34.18 5.43 -9.21
N ALA H 164 34.12 5.92 -7.97
CA ALA H 164 35.11 5.55 -6.97
C ALA H 164 35.17 4.04 -6.78
N ALA H 165 34.02 3.36 -6.83
CA ALA H 165 33.99 1.90 -6.81
C ALA H 165 34.48 1.29 -8.10
N ASP H 166 34.88 2.14 -9.04
CA ASP H 166 35.23 1.75 -10.40
C ASP H 166 34.17 0.82 -10.99
N LEU H 167 32.90 1.20 -10.83
CA LEU H 167 31.78 0.44 -11.39
C LEU H 167 31.16 1.11 -12.62
N ILE H 168 31.62 2.30 -12.98
CA ILE H 168 31.23 2.93 -14.22
C ILE H 168 32.51 3.42 -14.89
N GLU H 169 32.40 3.70 -16.18
CA GLU H 169 33.48 4.31 -16.95
C GLU H 169 33.55 5.80 -16.64
N PRO H 170 34.70 6.45 -16.83
CA PRO H 170 34.87 7.84 -16.40
C PRO H 170 34.39 8.90 -17.36
N ALA H 171 33.77 8.54 -18.49
CA ALA H 171 33.08 9.49 -19.35
C ALA H 171 31.64 9.60 -18.86
N VAL H 172 31.31 10.72 -18.22
CA VAL H 172 29.99 10.93 -17.65
C VAL H 172 29.22 11.93 -18.51
N THR H 173 27.89 11.85 -18.41
CA THR H 173 27.00 12.79 -19.07
C THR H 173 26.03 13.26 -18.01
N VAL H 174 25.97 14.58 -17.82
CA VAL H 174 25.09 15.21 -16.86
C VAL H 174 24.22 16.19 -17.64
N VAL H 175 22.91 15.99 -17.56
CA VAL H 175 21.91 16.96 -17.97
C VAL H 175 21.12 17.32 -16.72
N ALA H 176 21.33 18.51 -16.21
CA ALA H 176 20.75 18.90 -14.93
C ALA H 176 19.83 20.08 -15.17
N VAL H 177 18.60 19.97 -14.70
CA VAL H 177 17.64 21.06 -14.81
C VAL H 177 17.70 21.87 -13.52
N SER H 178 17.54 23.18 -13.62
CA SER H 178 17.60 24.01 -12.44
C SER H 178 16.64 25.19 -12.55
N GLY H 179 16.11 25.61 -11.42
CA GLY H 179 15.36 26.83 -11.33
C GLY H 179 16.25 28.04 -11.57
N THR H 180 15.65 29.22 -11.33
CA THR H 180 16.25 30.50 -11.73
C THR H 180 17.00 31.22 -10.62
N SER H 181 16.88 30.81 -9.37
CA SER H 181 17.65 31.53 -8.35
C SER H 181 19.15 31.33 -8.54
N GLY H 182 19.55 30.17 -9.10
CA GLY H 182 20.97 29.89 -9.25
C GLY H 182 21.68 30.87 -10.15
N ALA H 183 21.01 31.33 -11.20
CA ALA H 183 21.62 32.35 -12.04
C ALA H 183 21.94 33.61 -11.25
N GLY H 184 21.16 33.91 -10.22
CA GLY H 184 21.47 35.06 -9.37
C GLY H 184 20.39 36.12 -9.26
N ARG H 185 20.79 37.35 -8.94
CA ARG H 185 19.82 38.39 -8.63
C ARG H 185 19.96 39.63 -9.52
N ALA H 186 20.97 39.67 -10.39
CA ALA H 186 21.07 40.73 -11.37
C ALA H 186 19.93 40.66 -12.37
N ALA H 187 19.32 41.82 -12.65
CA ALA H 187 18.25 41.87 -13.64
C ALA H 187 18.85 41.73 -15.03
N THR H 188 18.61 40.59 -15.68
CA THR H 188 18.89 40.44 -17.09
C THR H 188 17.63 39.93 -17.77
N THR H 189 17.37 40.42 -18.98
CA THR H 189 16.07 40.14 -19.57
C THR H 189 15.85 38.68 -19.90
N ASP H 190 16.90 37.85 -19.90
CA ASP H 190 16.70 36.42 -20.10
C ASP H 190 16.10 35.74 -18.89
N LEU H 191 16.19 36.38 -17.72
CA LEU H 191 15.71 35.80 -16.48
C LEU H 191 14.45 36.45 -15.97
N LEU H 192 13.81 37.29 -16.77
CA LEU H 192 12.55 37.89 -16.35
C LEU H 192 11.46 36.84 -16.31
N GLY H 193 10.49 37.02 -15.40
CA GLY H 193 9.46 36.01 -15.22
C GLY H 193 8.74 35.62 -16.51
N ALA H 194 8.24 36.61 -17.23
CA ALA H 194 7.50 36.38 -18.50
C ALA H 194 8.26 35.45 -19.44
N GLU H 195 9.59 35.55 -19.46
CA GLU H 195 10.47 34.78 -20.36
C GLU H 195 10.78 33.39 -19.80
N VAL H 196 10.91 33.28 -18.49
CA VAL H 196 11.22 31.98 -17.90
C VAL H 196 9.97 31.21 -17.51
N ILE H 197 8.81 31.85 -17.45
CA ILE H 197 7.56 31.19 -17.11
C ILE H 197 7.00 30.53 -18.36
N GLY H 198 6.62 29.26 -18.24
CA GLY H 198 6.16 28.49 -19.38
C GLY H 198 7.23 28.05 -20.36
N SER H 199 8.50 28.38 -20.12
CA SER H 199 9.55 28.13 -21.08
C SER H 199 10.68 27.35 -20.42
N ALA H 200 11.33 26.49 -21.19
CA ALA H 200 12.51 25.74 -20.75
C ALA H 200 13.57 25.83 -21.85
N ARG H 201 14.82 26.13 -21.45
CA ARG H 201 15.91 26.29 -22.41
C ARG H 201 17.20 25.81 -21.79
N ALA H 202 18.07 25.23 -22.62
CA ALA H 202 19.42 24.90 -22.21
C ALA H 202 20.36 26.06 -22.57
N TYR H 203 21.40 26.24 -21.76
CA TYR H 203 22.37 27.33 -21.89
C TYR H 203 23.78 26.80 -21.64
N ASN H 204 24.77 27.49 -22.20
CA ASN H 204 26.19 27.18 -22.02
C ASN H 204 26.45 25.71 -22.32
N ILE H 205 26.14 25.31 -23.54
CA ILE H 205 26.15 23.90 -23.82
C ILE H 205 27.48 23.46 -24.41
N ALA H 206 27.64 22.14 -24.60
CA ALA H 206 28.85 21.54 -25.16
C ALA H 206 30.10 21.90 -24.36
N GLY H 207 29.97 21.98 -23.04
CA GLY H 207 31.15 22.06 -22.20
C GLY H 207 31.79 23.42 -22.07
N VAL H 208 31.01 24.50 -22.13
CA VAL H 208 31.54 25.83 -21.84
C VAL H 208 31.05 26.37 -20.51
N HIS H 209 30.07 25.71 -19.87
CA HIS H 209 29.72 26.09 -18.51
C HIS H 209 30.93 25.87 -17.63
N ARG H 210 31.33 26.93 -16.91
CA ARG H 210 32.48 26.85 -16.00
C ARG H 210 32.37 25.69 -15.00
N HIS H 211 31.17 25.21 -14.70
CA HIS H 211 31.02 24.09 -13.78
C HIS H 211 31.45 22.75 -14.37
N THR H 212 31.75 22.66 -15.65
CA THR H 212 32.21 21.38 -16.18
C THR H 212 33.56 20.96 -15.59
N PRO H 213 34.58 21.83 -15.52
CA PRO H 213 35.79 21.42 -14.81
C PRO H 213 35.52 21.05 -13.37
N GLU H 214 34.65 21.82 -12.69
CA GLU H 214 34.42 21.63 -11.26
C GLU H 214 33.86 20.23 -10.97
N ILE H 215 32.92 19.75 -11.79
CA ILE H 215 32.49 18.36 -11.71
C ILE H 215 33.65 17.42 -12.01
N ALA H 216 34.43 17.75 -13.04
CA ALA H 216 35.52 16.87 -13.45
C ALA H 216 36.58 16.77 -12.36
N GLN H 217 36.91 17.89 -11.72
CA GLN H 217 37.92 17.90 -10.68
C GLN H 217 37.54 16.94 -9.55
N GLY H 218 36.31 17.07 -9.05
CA GLY H 218 35.87 16.23 -7.95
C GLY H 218 35.82 14.75 -8.30
N LEU H 219 35.53 14.42 -9.56
CA LEU H 219 35.50 13.02 -9.96
C LEU H 219 36.90 12.45 -10.11
N ARG H 220 37.82 13.28 -10.58
CA ARG H 220 39.24 12.85 -10.69
C ARG H 220 39.74 12.58 -9.27
N ALA H 221 39.03 13.05 -8.25
CA ALA H 221 39.45 12.88 -6.85
C ALA H 221 39.10 11.49 -6.33
N VAL H 222 38.32 10.70 -7.06
CA VAL H 222 37.98 9.35 -6.57
C VAL H 222 38.42 8.29 -7.56
N THR H 223 39.26 8.64 -8.55
CA THR H 223 39.66 7.61 -9.54
C THR H 223 40.99 7.99 -10.19
N ASP H 224 41.76 6.97 -10.60
CA ASP H 224 43.09 7.16 -11.24
C ASP H 224 42.91 7.31 -12.76
N ARG H 225 41.75 6.91 -13.27
CA ARG H 225 41.49 7.00 -14.72
C ARG H 225 41.17 8.44 -15.09
N ASP H 226 41.38 8.79 -16.37
CA ASP H 226 41.11 10.16 -16.88
C ASP H 226 39.60 10.36 -16.95
N VAL H 227 39.11 11.44 -16.37
CA VAL H 227 37.65 11.70 -16.29
C VAL H 227 37.21 12.77 -17.28
N SER H 228 36.27 12.44 -18.16
CA SER H 228 35.71 13.42 -19.11
C SER H 228 34.28 13.71 -18.65
N VAL H 229 33.82 14.95 -18.81
CA VAL H 229 32.47 15.29 -18.28
C VAL H 229 31.69 16.14 -19.28
N SER H 230 30.69 15.54 -19.93
CA SER H 230 29.74 16.30 -20.75
C SER H 230 28.61 16.80 -19.85
N PHE H 231 28.43 18.12 -19.81
CA PHE H 231 27.42 18.71 -18.90
C PHE H 231 26.46 19.62 -19.67
N THR H 232 25.18 19.58 -19.31
CA THR H 232 24.17 20.45 -19.94
C THR H 232 23.23 21.01 -18.88
N PRO H 233 23.30 22.31 -18.54
CA PRO H 233 22.35 22.87 -17.62
C PRO H 233 21.08 23.21 -18.41
N VAL H 234 19.91 23.06 -17.81
CA VAL H 234 18.63 23.41 -18.49
C VAL H 234 17.81 24.26 -17.51
N LEU H 235 17.39 25.44 -17.93
CA LEU H 235 16.61 26.34 -17.06
C LEU H 235 15.13 26.00 -17.19
N ILE H 236 14.42 25.88 -16.08
CA ILE H 236 12.97 25.57 -16.12
C ILE H 236 12.24 26.60 -15.27
N PRO H 237 10.92 26.77 -15.41
CA PRO H 237 10.17 27.71 -14.61
C PRO H 237 10.12 27.35 -13.12
N ALA H 238 11.19 27.62 -12.38
CA ALA H 238 11.22 27.35 -10.93
C ALA H 238 12.28 28.25 -10.30
N SER H 239 12.12 28.59 -9.04
CA SER H 239 13.10 29.51 -8.42
C SER H 239 14.16 28.72 -7.68
N ARG H 240 13.85 27.51 -7.28
CA ARG H 240 14.85 26.70 -6.53
C ARG H 240 14.78 25.26 -7.04
N GLY H 241 15.90 24.54 -6.98
CA GLY H 241 15.89 23.12 -7.35
C GLY H 241 16.84 22.73 -8.46
N ILE H 242 17.51 21.60 -8.28
CA ILE H 242 18.35 20.98 -9.30
C ILE H 242 18.00 19.50 -9.38
N LEU H 243 17.79 19.01 -10.60
CA LEU H 243 17.47 17.61 -10.86
C LEU H 243 18.55 17.14 -11.83
N ALA H 244 19.62 16.61 -11.27
CA ALA H 244 20.76 16.19 -12.05
C ALA H 244 20.49 14.78 -12.53
N THR H 245 20.26 14.64 -13.82
CA THR H 245 20.27 13.33 -14.45
C THR H 245 21.67 13.01 -14.90
N CYS H 246 22.20 11.88 -14.45
CA CYS H 246 23.60 11.53 -14.63
C CYS H 246 23.69 10.12 -15.19
N THR H 247 24.49 9.97 -16.24
CA THR H 247 24.59 8.68 -16.93
C THR H 247 26.04 8.44 -17.30
N ALA H 248 26.38 7.16 -17.40
CA ALA H 248 27.67 6.68 -17.89
C ALA H 248 27.52 5.20 -18.19
N ARG H 249 28.50 4.64 -18.88
CA ARG H 249 28.43 3.26 -19.33
C ARG H 249 28.91 2.33 -18.24
N THR H 250 28.22 1.20 -18.08
CA THR H 250 28.60 0.26 -17.05
C THR H 250 28.35 -1.16 -17.50
N ARG H 251 29.09 -2.07 -16.86
CA ARG H 251 28.95 -3.50 -17.08
C ARG H 251 28.71 -4.27 -15.79
N SER H 252 28.57 -3.58 -14.65
CA SER H 252 28.24 -4.06 -13.30
C SER H 252 26.73 -4.20 -13.14
N PRO H 253 26.29 -5.22 -12.41
CA PRO H 253 24.86 -5.34 -12.09
C PRO H 253 24.39 -4.21 -11.18
N LEU H 254 23.11 -3.86 -11.34
CA LEU H 254 22.50 -2.88 -10.46
C LEU H 254 22.70 -3.25 -8.99
N SER H 255 22.44 -4.52 -8.65
CA SER H 255 22.56 -4.97 -7.27
C SER H 255 23.93 -4.60 -6.70
N GLN H 256 24.98 -4.79 -7.49
CA GLN H 256 26.32 -4.41 -7.08
C GLN H 256 26.49 -2.90 -7.04
N LEU H 257 25.96 -2.21 -8.05
CA LEU H 257 25.99 -0.75 -8.05
C LEU H 257 25.15 -0.17 -6.92
N ARG H 258 23.98 -0.75 -6.65
CA ARG H 258 23.21 -0.31 -5.49
C ARG H 258 24.02 -0.48 -4.19
N ALA H 259 24.81 -1.55 -4.08
CA ALA H 259 25.58 -1.80 -2.86
C ALA H 259 26.51 -0.64 -2.52
N ALA H 260 27.21 -0.09 -3.52
CA ALA H 260 28.19 0.96 -3.27
C ALA H 260 27.56 2.27 -2.82
N TYR H 261 26.27 2.49 -3.13
CA TYR H 261 25.66 3.75 -2.76
C TYR H 261 25.20 3.73 -1.31
N GLU H 262 24.65 2.60 -0.85
CA GLU H 262 24.43 2.48 0.58
C GLU H 262 25.74 2.35 1.32
N LYS H 263 26.74 1.71 0.69
CA LYS H 263 28.07 1.67 1.28
C LYS H 263 28.64 3.06 1.47
N ALA H 264 28.19 4.02 0.65
CA ALA H 264 28.72 5.38 0.70
C ALA H 264 27.84 6.34 1.46
N TYR H 265 26.59 6.00 1.74
CA TYR H 265 25.62 6.98 2.21
C TYR H 265 24.80 6.53 3.41
N HIS H 266 25.14 5.40 4.05
CA HIS H 266 24.36 4.94 5.21
C HIS H 266 24.69 5.75 6.46
N ALA H 267 25.93 6.20 6.62
CA ALA H 267 26.28 7.04 7.75
C ALA H 267 26.30 8.51 7.37
N GLU H 268 25.56 8.89 6.31
CA GLU H 268 25.60 10.25 5.81
C GLU H 268 24.28 10.97 6.08
N PRO H 269 24.24 11.92 7.02
CA PRO H 269 22.93 12.42 7.50
C PRO H 269 22.09 13.15 6.44
N PHE H 270 22.72 13.73 5.41
CA PHE H 270 22.01 14.54 4.43
C PHE H 270 21.78 13.84 3.10
N ILE H 271 22.22 12.60 2.92
CA ILE H 271 21.99 11.85 1.68
C ILE H 271 20.93 10.77 1.93
N TYR H 272 19.85 10.84 1.16
CA TYR H 272 18.72 9.92 1.27
C TYR H 272 18.64 9.12 -0.01
N LEU H 273 18.95 7.82 0.06
CA LEU H 273 18.69 6.94 -1.07
C LEU H 273 17.20 6.63 -1.14
N MET H 274 16.60 6.82 -2.32
CA MET H 274 15.17 6.55 -2.47
C MET H 274 14.89 5.05 -2.33
N PRO H 275 13.82 4.67 -1.62
CA PRO H 275 13.47 3.25 -1.56
C PRO H 275 13.11 2.72 -2.93
N GLU H 276 13.40 1.44 -3.15
CA GLU H 276 13.21 0.80 -4.45
C GLU H 276 11.87 1.18 -5.05
N GLY H 277 11.91 1.72 -6.27
CA GLY H 277 10.71 2.16 -6.93
C GLY H 277 10.27 3.58 -6.64
N GLN H 278 11.03 4.36 -5.88
CA GLN H 278 10.76 5.77 -5.67
C GLN H 278 11.86 6.59 -6.30
N LEU H 279 11.50 7.74 -6.86
CA LEU H 279 12.47 8.58 -7.55
C LEU H 279 12.55 9.96 -6.94
N PRO H 280 13.70 10.61 -7.05
CA PRO H 280 13.87 11.95 -6.46
C PRO H 280 13.04 13.00 -7.18
N ARG H 281 12.63 14.01 -6.43
CA ARG H 281 12.01 15.21 -6.98
C ARG H 281 12.51 16.43 -6.23
N THR H 282 12.75 17.52 -6.97
CA THR H 282 13.21 18.74 -6.33
C THR H 282 12.21 19.27 -5.32
N GLY H 283 10.93 18.96 -5.50
CA GLY H 283 9.94 19.39 -4.53
C GLY H 283 10.25 18.90 -3.12
N ALA H 284 10.58 17.60 -2.99
CA ALA H 284 10.76 16.98 -1.68
C ALA H 284 11.94 17.58 -0.89
N VAL H 285 13.00 18.02 -1.58
CA VAL H 285 14.21 18.53 -0.93
C VAL H 285 14.20 20.05 -0.76
N ILE H 286 13.12 20.74 -1.10
CA ILE H 286 13.20 22.20 -1.17
C ILE H 286 13.23 22.78 0.24
N GLY H 287 14.12 23.75 0.45
CA GLY H 287 14.32 24.29 1.77
C GLY H 287 14.95 23.34 2.76
N SER H 288 15.71 22.36 2.28
CA SER H 288 16.36 21.37 3.13
C SER H 288 17.80 21.17 2.68
N ASN H 289 18.63 20.70 3.60
CA ASN H 289 20.01 20.39 3.25
C ASN H 289 20.17 19.03 2.63
N ALA H 290 19.04 18.38 2.38
CA ALA H 290 18.99 17.00 1.89
C ALA H 290 19.38 16.90 0.43
N ALA H 291 19.74 15.69 0.03
CA ALA H 291 20.05 15.30 -1.36
C ALA H 291 19.34 13.97 -1.58
N HIS H 292 18.37 13.92 -2.48
CA HIS H 292 17.62 12.66 -2.74
C HIS H 292 18.28 11.96 -3.91
N ILE H 293 18.55 10.66 -3.82
CA ILE H 293 19.29 9.97 -4.90
C ILE H 293 18.71 8.59 -5.22
N ALA H 294 18.53 8.29 -6.50
CA ALA H 294 18.19 6.97 -7.00
C ALA H 294 19.16 6.61 -8.12
N VAL H 295 19.43 5.31 -8.27
CA VAL H 295 20.34 4.83 -9.31
C VAL H 295 19.61 3.71 -10.02
N ALA H 296 20.08 3.40 -11.22
CA ALA H 296 19.45 2.33 -12.00
C ALA H 296 20.42 1.92 -13.10
N VAL H 297 20.02 0.89 -13.85
CA VAL H 297 20.85 0.37 -14.93
C VAL H 297 19.97 0.11 -16.15
N ASP H 298 20.27 0.79 -17.25
CA ASP H 298 19.60 0.55 -18.53
C ASP H 298 20.43 -0.49 -19.27
N GLU H 299 20.13 -1.75 -19.03
CA GLU H 299 20.95 -2.87 -19.58
C GLU H 299 21.08 -2.79 -21.10
N ASP H 300 19.99 -2.63 -21.83
CA ASP H 300 20.04 -2.55 -23.32
C ASP H 300 21.02 -1.49 -23.78
N ALA H 301 21.02 -0.31 -23.14
CA ALA H 301 21.97 0.76 -23.49
C ALA H 301 23.26 0.57 -22.69
N GLN H 302 23.28 -0.36 -21.73
CA GLN H 302 24.46 -0.65 -20.89
C GLN H 302 24.92 0.67 -20.28
N THR H 303 23.99 1.37 -19.66
CA THR H 303 24.32 2.69 -19.08
C THR H 303 23.79 2.76 -17.66
N PHE H 304 24.65 3.24 -16.79
CA PHE H 304 24.29 3.55 -15.43
C PHE H 304 23.62 4.91 -15.43
N VAL H 305 22.46 5.01 -14.81
CA VAL H 305 21.72 6.25 -14.68
C VAL H 305 21.50 6.49 -13.20
N ALA H 306 21.81 7.70 -12.73
CA ALA H 306 21.62 8.10 -11.34
C ALA H 306 21.07 9.51 -11.29
N ILE H 307 19.97 9.68 -10.56
CA ILE H 307 19.24 10.95 -10.44
C ILE H 307 19.55 11.51 -9.09
N ALA H 308 19.73 12.83 -9.01
CA ALA H 308 19.94 13.50 -7.73
C ALA H 308 19.09 14.75 -7.64
N ALA H 309 18.40 14.93 -6.51
CA ALA H 309 17.61 16.13 -6.26
C ALA H 309 18.18 16.89 -5.07
N ILE H 310 18.45 18.18 -5.26
CA ILE H 310 18.92 19.05 -4.19
C ILE H 310 18.23 20.40 -4.34
N ASP H 311 18.19 21.14 -3.25
CA ASP H 311 17.78 22.55 -3.32
C ASP H 311 19.08 23.25 -3.68
N ASN H 312 19.07 24.17 -4.64
CA ASN H 312 20.34 24.81 -5.07
C ASN H 312 20.78 25.93 -4.12
N LEU H 313 19.96 26.32 -3.16
CA LEU H 313 20.34 27.43 -2.26
C LEU H 313 20.65 26.88 -0.88
N VAL H 314 20.48 25.59 -0.69
CA VAL H 314 20.78 25.00 0.63
C VAL H 314 21.96 24.07 0.44
N LYS H 315 21.71 22.83 0.04
CA LYS H 315 22.80 21.85 -0.20
C LYS H 315 23.66 22.34 -1.35
N GLY H 316 23.18 23.31 -2.14
CA GLY H 316 23.96 23.78 -3.25
C GLY H 316 24.86 24.95 -2.90
N THR H 317 24.45 25.72 -1.91
CA THR H 317 25.29 26.87 -1.51
C THR H 317 25.21 27.08 0.00
N ALA H 318 24.30 27.93 0.48
CA ALA H 318 24.20 28.28 1.91
C ALA H 318 24.16 27.05 2.82
N GLY H 319 23.38 26.03 2.47
CA GLY H 319 23.27 24.85 3.34
C GLY H 319 24.62 24.26 3.63
N ALA H 320 25.40 24.04 2.57
CA ALA H 320 26.76 23.49 2.68
C ALA H 320 27.67 24.49 3.39
N ALA H 321 27.45 25.79 3.22
CA ALA H 321 28.28 26.81 3.88
C ALA H 321 28.05 26.76 5.38
N VAL H 322 26.82 26.54 5.81
CA VAL H 322 26.57 26.45 7.27
C VAL H 322 27.05 25.07 7.73
N GLN H 323 26.86 24.06 6.90
CA GLN H 323 27.32 22.69 7.22
C GLN H 323 28.85 22.71 7.36
N SER H 324 29.55 23.36 6.45
CA SER H 324 31.03 23.46 6.50
C SER H 324 31.44 24.28 7.72
N MET H 325 30.67 25.31 8.05
CA MET H 325 30.98 26.20 9.20
C MET H 325 30.86 25.43 10.50
N ASN H 326 29.92 24.50 10.56
CA ASN H 326 29.75 23.66 11.77
C ASN H 326 31.03 22.83 11.98
N LEU H 327 31.52 22.19 10.93
CA LEU H 327 32.72 21.37 11.08
C LEU H 327 33.92 22.21 11.48
N ALA H 328 34.01 23.44 10.96
CA ALA H 328 35.12 24.31 11.29
C ALA H 328 35.04 24.86 12.70
N LEU H 329 33.87 24.79 13.33
CA LEU H 329 33.75 25.22 14.71
C LEU H 329 33.74 24.05 15.68
N GLY H 330 33.69 22.82 15.20
CA GLY H 330 33.62 21.72 16.16
C GLY H 330 32.22 21.56 16.68
N TRP H 331 31.27 22.28 16.07
CA TRP H 331 29.83 22.16 16.38
C TRP H 331 29.31 20.94 15.63
N PRO H 332 28.25 20.25 16.09
CA PRO H 332 27.72 19.09 15.35
C PRO H 332 27.38 19.49 13.92
N GLU H 333 27.67 18.59 12.97
CA GLU H 333 27.46 18.85 11.52
C GLU H 333 26.02 19.16 11.15
N THR H 334 25.03 18.62 11.85
CA THR H 334 23.64 18.84 11.42
C THR H 334 22.97 19.97 12.20
N ASP H 335 23.67 21.01 12.58
CA ASP H 335 22.99 22.04 13.41
C ASP H 335 22.23 23.08 12.56
N GLY H 336 20.94 23.21 12.77
CA GLY H 336 20.13 24.17 11.99
C GLY H 336 19.94 23.74 10.55
N LEU H 337 20.30 22.49 10.25
CA LEU H 337 20.22 21.95 8.88
C LEU H 337 19.21 20.79 8.81
N SER H 338 18.02 21.08 8.25
CA SER H 338 16.94 20.09 8.18
C SER H 338 17.10 19.16 6.98
N VAL H 339 16.73 17.89 7.17
CA VAL H 339 16.53 16.97 6.06
C VAL H 339 15.09 16.96 5.59
N VAL H 340 14.24 17.79 6.18
CA VAL H 340 12.79 17.76 5.98
C VAL H 340 12.40 18.92 5.08
N GLY H 341 11.83 18.60 3.93
CA GLY H 341 11.58 19.61 2.93
C GLY H 341 10.27 20.34 3.14
N VAL H 342 10.13 21.46 2.45
CA VAL H 342 8.87 22.19 2.39
C VAL H 342 8.20 21.79 1.09
N ALA H 343 7.17 20.97 1.21
CA ALA H 343 6.46 20.40 0.08
C ALA H 343 4.99 20.40 0.44
N PRO H 344 4.08 20.60 -0.53
CA PRO H 344 4.20 20.84 -1.98
C PRO H 344 4.56 22.28 -2.35
CAA MYI I . -1.11 -43.90 9.44
OAB MYI I . -1.26 -47.24 3.69
OAC MYI I . -0.15 -45.46 4.15
CAD MYI I . -1.87 -42.40 7.34
CAE MYI I . -2.06 -41.60 6.23
CAF MYI I . -2.29 -42.60 2.86
CAG MYI I . -1.79 -44.33 5.97
CAH MYI I . -2.01 -45.16 2.83
NAI MYI I . -2.29 -41.67 3.78
OAJ MYI I . -1.53 -44.57 8.30
CAK MYI I . -1.09 -46.01 3.61
CAL MYI I . -1.73 -43.76 7.20
CAM MYI I . -2.08 -43.80 3.49
CAN MYI I . -2.12 -42.19 4.98
CAO MYI I . -1.97 -43.53 4.85
CAA MYI J . -10.24 -10.41 13.84
OAB MYI J . -14.80 -10.93 12.86
OAC MYI J . -14.80 -9.62 11.17
CAD MYI J . -10.41 -13.92 13.31
CAE MYI J . -11.22 -14.83 12.67
CAF MYI J . -14.13 -14.33 10.83
CAG MYI J . -11.83 -12.17 12.59
CAH MYI J . -14.72 -11.91 10.72
NAI MYI J . -13.22 -15.10 11.33
OAJ MYI J . -9.86 -11.73 13.93
CAK MYI J . -14.78 -10.75 11.66
CAL MYI J . -10.72 -12.59 13.27
CAM MYI J . -13.84 -13.05 11.17
CAN MYI J . -12.34 -14.40 11.98
CAO MYI J . -12.67 -13.09 11.93
PA NAP K . -8.15 -42.92 27.87
O1A NAP K . -8.73 -43.70 26.75
O2A NAP K . -7.06 -42.09 27.37
O5B NAP K . -7.55 -43.97 29.05
C5B NAP K . -8.38 -44.36 30.08
C4B NAP K . -7.62 -45.40 31.00
O4B NAP K . -8.49 -46.14 31.64
C3B NAP K . -6.79 -46.37 30.12
O3B NAP K . -5.49 -46.38 30.54
C2B NAP K . -7.44 -47.74 30.32
O2B NAP K . -6.43 -48.83 30.28
C1B NAP K . -7.98 -47.66 31.51
N9A NAP K . -9.10 -48.57 31.60
C8A NAP K . -10.16 -48.65 30.78
N7A NAP K . -10.96 -49.63 31.24
C5A NAP K . -10.40 -50.14 32.34
C6A NAP K . -10.79 -51.15 33.19
N6A NAP K . -11.86 -52.11 33.39
N1A NAP K . -10.03 -51.47 34.23
C2A NAP K . -8.87 -50.81 34.44
N3A NAP K . -8.49 -49.81 33.61
C4A NAP K . -9.25 -49.49 32.56
O3 NAP K . -9.34 -41.93 28.56
PN NAP K . -9.03 -40.72 29.59
O1N NAP K . -7.59 -40.79 30.03
O2N NAP K . -9.27 -39.36 28.90
O5D NAP K . -10.01 -40.84 30.92
C5D NAP K . -9.44 -41.25 32.16
C4D NAP K . -10.25 -40.63 33.36
O4D NAP K . -9.89 -39.39 33.54
C3D NAP K . -11.74 -40.61 33.04
O3D NAP K . -12.46 -41.21 34.03
C2D NAP K . -12.11 -39.11 32.92
O2D NAP K . -13.49 -38.86 33.44
C1D NAP K . -11.24 -38.50 33.65
N1N NAP K . -11.01 -37.17 33.15
C2N NAP K . -10.43 -37.01 31.92
C3N NAP K . -10.21 -35.75 31.44
C7N NAP K . -9.55 -35.56 30.05
O7N NAP K . -9.36 -34.42 29.61
N7N NAP K . -9.17 -36.69 29.29
C4N NAP K . -10.56 -34.64 32.20
C5N NAP K . -11.14 -34.81 33.41
C6N NAP K . -11.37 -36.08 33.90
P2B NAP K . -6.31 -49.72 28.89
O1X NAP K . -7.62 -49.69 28.16
O2X NAP K . -5.24 -49.14 28.01
O3X NAP K . -5.98 -51.12 29.23
CAA MYI L . -16.60 -37.38 22.90
OAB MYI L . -16.46 -36.31 28.09
OAC MYI L . -17.62 -35.06 26.88
CAD MYI L . -14.85 -34.51 22.52
CAE MYI L . -14.01 -33.65 23.18
CAF MYI L . -13.91 -32.80 26.56
CAG MYI L . -15.93 -34.99 24.58
CAH MYI L . -15.71 -34.05 27.81
NAI MYI L . -13.46 -32.69 25.35
OAJ MYI L . -16.64 -36.06 22.50
CAK MYI L . -16.64 -35.20 27.58
CAL MYI L . -15.81 -35.20 23.21
CAM MYI L . -14.93 -33.68 26.57
CAN MYI L . -14.14 -33.45 24.54
CAO MYI L . -15.09 -34.11 25.25
PA NAP M . 10.70 -13.41 15.24
O1A NAP M . 10.22 -12.45 14.21
O2A NAP M . 9.55 -14.02 15.91
O5B NAP M . 11.65 -12.59 16.37
C5B NAP M . 12.35 -11.47 15.97
C4B NAP M . 12.77 -10.63 17.23
O4B NAP M . 13.78 -9.86 16.94
C3B NAP M . 11.61 -9.69 17.65
O3B NAP M . 11.48 -9.66 19.01
C2B NAP M . 12.03 -8.32 17.11
O2B NAP M . 11.49 -7.23 17.97
C1B NAP M . 13.33 -8.33 17.18
N9A NAP M . 13.88 -7.50 16.13
C8A NAP M . 13.54 -7.50 14.83
N7A NAP M . 14.29 -6.57 14.21
C5A NAP M . 15.08 -6.00 15.13
C6A NAP M . 16.03 -5.01 15.04
N6A NAP M . 16.66 -4.12 14.06
N1A NAP M . 16.69 -4.63 16.12
C2A NAP M . 16.43 -5.21 17.32
N3A NAP M . 15.49 -6.18 17.41
C4A NAP M . 14.83 -6.58 16.32
O3 NAP M . 11.62 -14.62 14.49
PN NAP M . 12.58 -15.66 15.31
O1N NAP M . 12.40 -15.45 16.78
O2N NAP M . 12.18 -17.12 14.94
O5D NAP M . 14.17 -15.40 14.90
C5D NAP M . 15.11 -15.16 15.93
C4D NAP M . 16.49 -15.87 15.57
O4D NAP M . 16.52 -17.07 16.08
C3D NAP M . 16.60 -16.02 14.06
O3D NAP M . 17.82 -15.53 13.62
C2D NAP M . 16.50 -17.54 13.80
O2D NAP M . 17.36 -17.94 12.64
C1D NAP M . 16.94 -18.08 14.89
N1N NAP M . 16.31 -19.36 15.08
C2N NAP M . 14.94 -19.45 15.16
C3N NAP M . 14.34 -20.66 15.35
C7N NAP M . 12.81 -20.75 15.44
O7N NAP M . 12.25 -21.83 15.23
N7N NAP M . 12.05 -19.60 15.76
C4N NAP M . 15.12 -21.81 15.46
C5N NAP M . 16.46 -21.73 15.38
C6N NAP M . 17.08 -20.50 15.19
P2B NAP M . 10.23 -6.33 17.38
O1X NAP M . 10.28 -6.33 15.88
O2X NAP M . 10.35 -4.92 17.89
O3X NAP M . 8.94 -6.92 17.84
CAA MYI N . 8.94 -19.84 5.08
OAB MYI N . 14.48 -21.89 8.81
OAC MYI N . 14.23 -21.57 6.68
CAD MYI N . 7.90 -22.44 7.40
CAE MYI N . 8.46 -23.20 8.39
CAF MYI N . 11.76 -22.87 9.65
CAG MYI N . 9.86 -21.20 7.14
CAH MYI N . 12.58 -20.85 8.14
NAI MYI N . 10.60 -23.48 9.69
OAJ MYI N . 8.04 -20.65 5.75
CAK MYI N . 13.86 -21.48 7.84
CAL MYI N . 8.59 -21.43 6.76
CAM MYI N . 11.66 -21.90 8.67
CAN MYI N . 9.77 -22.96 8.79
CAO MYI N . 10.41 -21.97 8.14
#